data_2LH0
#
_entry.id   2LH0
#
_entity_poly.entity_id   1
_entity_poly.type   'polypeptide(L)'
_entity_poly.pdbx_seq_one_letter_code
;GHMMSKLFLDELPESLSRKIGTVVRVLPSSLEIFEELYKYALNENSNDRSEHHKKPRIDDSSDLLKTDEI
;
_entity_poly.pdbx_strand_id   A,B
#
# COMPACT_ATOMS: atom_id res chain seq x y z
N GLY A 1 -11.58 19.31 18.84
CA GLY A 1 -11.37 17.84 18.91
C GLY A 1 -12.67 17.07 19.03
N HIS A 2 -13.74 17.65 18.49
CA HIS A 2 -15.05 17.01 18.54
C HIS A 2 -15.32 16.21 17.26
N MET A 3 -14.85 14.97 17.23
CA MET A 3 -15.03 14.13 16.06
C MET A 3 -15.49 12.73 16.47
N MET A 4 -16.38 12.15 15.69
CA MET A 4 -16.91 10.81 15.97
C MET A 4 -15.90 9.74 15.57
N SER A 5 -15.44 9.79 14.33
CA SER A 5 -14.48 8.82 13.82
C SER A 5 -13.88 9.30 12.51
N LYS A 6 -12.89 10.20 12.61
CA LYS A 6 -12.22 10.73 11.42
C LYS A 6 -10.71 10.75 11.61
N LEU A 7 -9.98 10.53 10.53
CA LEU A 7 -8.53 10.51 10.57
C LEU A 7 -7.94 10.30 9.18
N PHE A 8 -8.56 9.41 8.43
CA PHE A 8 -8.11 9.09 7.08
C PHE A 8 -8.14 10.34 6.19
N LEU A 9 -9.14 11.19 6.41
CA LEU A 9 -9.29 12.42 5.65
C LEU A 9 -8.22 13.44 6.02
N ASP A 10 -7.63 13.28 7.20
CA ASP A 10 -6.59 14.18 7.66
C ASP A 10 -5.20 13.62 7.36
N GLU A 11 -5.10 12.83 6.29
CA GLU A 11 -3.83 12.23 5.90
C GLU A 11 -3.58 12.43 4.40
N LEU A 12 -4.09 13.53 3.86
CA LEU A 12 -3.93 13.83 2.44
C LEU A 12 -4.34 15.27 2.14
N PRO A 13 -3.92 15.81 0.98
CA PRO A 13 -4.25 17.18 0.59
C PRO A 13 -5.74 17.50 0.74
N GLU A 14 -6.05 18.78 0.91
CA GLU A 14 -7.43 19.21 1.07
C GLU A 14 -8.24 18.94 -0.19
N SER A 15 -7.57 18.99 -1.35
CA SER A 15 -8.23 18.75 -2.62
C SER A 15 -8.85 17.36 -2.66
N LEU A 16 -8.15 16.38 -2.10
CA LEU A 16 -8.63 15.00 -2.08
C LEU A 16 -9.64 14.80 -0.94
N SER A 17 -9.30 15.33 0.23
CA SER A 17 -10.17 15.22 1.39
C SER A 17 -11.54 15.82 1.12
N ARG A 18 -11.59 16.77 0.19
CA ARG A 18 -12.84 17.43 -0.16
C ARG A 18 -13.72 16.52 -1.02
N LYS A 19 -13.14 15.96 -2.07
CA LYS A 19 -13.87 15.08 -2.97
C LYS A 19 -14.25 13.78 -2.28
N ILE A 20 -13.44 13.37 -1.31
CA ILE A 20 -13.69 12.14 -0.57
C ILE A 20 -14.74 12.36 0.52
N GLY A 21 -14.57 13.41 1.30
CA GLY A 21 -15.51 13.71 2.37
C GLY A 21 -16.92 13.91 1.87
N THR A 22 -17.07 14.32 0.61
CA THR A 22 -18.38 14.55 0.02
C THR A 22 -19.03 13.24 -0.39
N VAL A 23 -18.22 12.33 -0.93
CA VAL A 23 -18.73 11.02 -1.38
C VAL A 23 -18.89 10.07 -0.19
N VAL A 24 -17.96 10.16 0.76
CA VAL A 24 -17.99 9.29 1.93
C VAL A 24 -19.30 9.46 2.69
N ARG A 25 -19.83 10.68 2.70
CA ARG A 25 -21.09 10.96 3.40
C ARG A 25 -22.17 9.96 3.00
N VAL A 26 -22.11 9.51 1.74
CA VAL A 26 -23.07 8.55 1.23
C VAL A 26 -22.73 7.13 1.67
N LEU A 27 -21.45 6.79 1.58
CA LEU A 27 -20.98 5.45 1.96
C LEU A 27 -19.89 5.53 3.03
N PRO A 28 -20.28 5.83 4.28
CA PRO A 28 -19.34 5.91 5.39
C PRO A 28 -18.78 4.55 5.78
N SER A 29 -19.37 3.49 5.22
CA SER A 29 -18.94 2.13 5.50
C SER A 29 -18.10 1.59 4.35
N SER A 30 -18.41 2.01 3.13
CA SER A 30 -17.66 1.56 1.96
C SER A 30 -16.23 2.08 1.99
N LEU A 31 -16.08 3.38 2.23
CA LEU A 31 -14.77 4.00 2.29
C LEU A 31 -13.88 3.34 3.34
N GLU A 32 -14.51 2.63 4.29
CA GLU A 32 -13.78 1.97 5.35
C GLU A 32 -12.99 0.78 4.79
N ILE A 33 -13.63 0.03 3.89
CA ILE A 33 -12.99 -1.13 3.28
C ILE A 33 -11.81 -0.70 2.40
N PHE A 34 -12.04 0.30 1.56
CA PHE A 34 -11.01 0.81 0.67
C PHE A 34 -9.84 1.39 1.46
N GLU A 35 -10.15 1.92 2.65
CA GLU A 35 -9.12 2.50 3.50
C GLU A 35 -8.05 1.48 3.84
N GLU A 36 -8.48 0.25 4.09
CA GLU A 36 -7.55 -0.83 4.41
C GLU A 36 -6.90 -1.39 3.15
N LEU A 37 -7.58 -1.23 2.01
CA LEU A 37 -7.07 -1.72 0.74
C LEU A 37 -5.83 -0.94 0.32
N TYR A 38 -5.92 0.38 0.34
CA TYR A 38 -4.81 1.22 -0.05
C TYR A 38 -3.62 1.03 0.90
N LYS A 39 -3.92 0.76 2.16
CA LYS A 39 -2.87 0.55 3.16
C LYS A 39 -2.15 -0.77 2.92
N TYR A 40 -2.89 -1.75 2.39
CA TYR A 40 -2.31 -3.06 2.10
C TYR A 40 -1.17 -2.95 1.11
N ALA A 41 -1.41 -2.25 0.01
CA ALA A 41 -0.39 -2.05 -1.02
C ALA A 41 0.72 -1.14 -0.53
N LEU A 42 0.39 -0.23 0.37
CA LEU A 42 1.37 0.70 0.92
C LEU A 42 2.51 -0.05 1.60
N ASN A 43 2.16 -0.98 2.47
CA ASN A 43 3.16 -1.78 3.19
C ASN A 43 3.86 -2.75 2.24
N GLU A 44 3.16 -3.16 1.20
CA GLU A 44 3.73 -4.09 0.22
C GLU A 44 5.00 -3.53 -0.40
N ASN A 45 5.11 -2.21 -0.43
CA ASN A 45 6.29 -1.54 -1.00
C ASN A 45 7.56 -2.00 -0.27
N SER A 46 7.43 -2.31 1.01
CA SER A 46 8.56 -2.75 1.81
C SER A 46 8.20 -3.97 2.65
N ASN A 47 8.95 -5.05 2.48
CA ASN A 47 8.71 -6.28 3.23
C ASN A 47 10.00 -6.83 3.81
N ASP A 48 10.10 -6.83 5.13
CA ASP A 48 11.29 -7.34 5.81
C ASP A 48 11.51 -8.81 5.48
N ARG A 49 12.56 -9.39 6.07
CA ARG A 49 12.89 -10.80 5.85
C ARG A 49 12.54 -11.64 7.07
N SER A 50 11.56 -12.52 6.91
CA SER A 50 11.13 -13.39 8.00
C SER A 50 11.43 -14.85 7.69
N GLU A 51 10.81 -15.36 6.63
CA GLU A 51 11.01 -16.74 6.22
C GLU A 51 10.86 -16.90 4.71
N HIS A 52 11.87 -16.45 3.96
CA HIS A 52 11.85 -16.54 2.51
C HIS A 52 10.69 -15.72 1.93
N HIS A 53 11.03 -14.77 1.07
CA HIS A 53 10.02 -13.92 0.44
C HIS A 53 9.58 -14.50 -0.90
N LYS A 54 8.29 -14.82 -1.01
CA LYS A 54 7.75 -15.38 -2.24
C LYS A 54 6.95 -14.32 -3.01
N LYS A 55 7.14 -14.30 -4.32
CA LYS A 55 6.44 -13.36 -5.19
C LYS A 55 6.88 -13.49 -6.64
N PRO A 56 8.19 -13.34 -6.92
CA PRO A 56 8.72 -13.46 -8.28
C PRO A 56 8.61 -14.88 -8.82
N ARG A 57 7.64 -15.09 -9.71
CA ARG A 57 7.43 -16.41 -10.31
C ARG A 57 8.40 -16.64 -11.47
N ILE A 58 8.77 -17.91 -11.67
CA ILE A 58 9.69 -18.26 -12.75
C ILE A 58 9.13 -19.42 -13.57
N ASP A 59 9.32 -19.34 -14.89
CA ASP A 59 8.84 -20.37 -15.79
C ASP A 59 9.58 -21.69 -15.56
N ASP A 60 10.88 -21.67 -15.81
CA ASP A 60 11.71 -22.86 -15.63
C ASP A 60 12.28 -22.91 -14.21
N SER A 61 12.41 -24.11 -13.67
CA SER A 61 12.95 -24.30 -12.33
C SER A 61 14.10 -25.29 -12.34
N SER A 62 14.79 -25.40 -11.20
CA SER A 62 15.92 -26.32 -11.08
C SER A 62 16.03 -26.86 -9.66
N ASP A 63 15.94 -25.96 -8.68
CA ASP A 63 16.03 -26.35 -7.28
C ASP A 63 15.27 -25.36 -6.39
N LEU A 64 15.37 -25.55 -5.08
CA LEU A 64 14.69 -24.68 -4.12
C LEU A 64 15.64 -23.61 -3.60
N LEU A 65 16.48 -23.08 -4.48
CA LEU A 65 17.44 -22.05 -4.11
C LEU A 65 18.40 -22.55 -3.04
N LYS A 66 19.25 -21.66 -2.55
CA LYS A 66 20.21 -22.02 -1.52
C LYS A 66 19.50 -22.39 -0.21
N THR A 67 19.64 -23.64 0.20
CA THR A 67 19.01 -24.12 1.42
C THR A 67 19.70 -25.38 1.92
N ASP A 68 20.66 -25.21 2.83
CA ASP A 68 21.39 -26.34 3.38
C ASP A 68 20.90 -26.67 4.79
N GLU A 69 20.90 -25.67 5.67
CA GLU A 69 20.46 -25.86 7.04
C GLU A 69 19.53 -24.73 7.48
N ILE A 70 19.11 -24.75 8.73
CA ILE A 70 18.23 -23.73 9.27
C ILE A 70 18.76 -23.17 10.59
N GLY B 1 -23.81 -14.65 -12.54
CA GLY B 1 -23.65 -15.70 -13.58
C GLY B 1 -22.19 -15.94 -13.94
N HIS B 2 -21.32 -15.82 -12.95
CA HIS B 2 -19.89 -16.03 -13.16
C HIS B 2 -19.33 -15.03 -14.16
N MET B 3 -18.44 -14.16 -13.69
CA MET B 3 -17.83 -13.15 -14.54
C MET B 3 -16.58 -13.70 -15.22
N MET B 4 -16.26 -13.15 -16.39
CA MET B 4 -15.08 -13.58 -17.14
C MET B 4 -13.83 -12.89 -16.62
N SER B 5 -13.18 -13.52 -15.63
CA SER B 5 -11.96 -12.96 -15.05
C SER B 5 -12.23 -11.60 -14.42
N LYS B 6 -11.39 -11.21 -13.48
CA LYS B 6 -11.53 -9.92 -12.80
C LYS B 6 -10.18 -9.37 -12.39
N LEU B 7 -10.12 -8.05 -12.20
CA LEU B 7 -8.87 -7.39 -11.81
C LEU B 7 -9.07 -6.55 -10.56
N PHE B 8 -8.02 -6.42 -9.76
CA PHE B 8 -8.07 -5.64 -8.52
C PHE B 8 -9.18 -6.16 -7.60
N LEU B 9 -9.48 -7.45 -7.73
CA LEU B 9 -10.51 -8.07 -6.91
C LEU B 9 -10.19 -9.55 -6.66
N ASP B 10 -9.81 -10.25 -7.73
CA ASP B 10 -9.48 -11.67 -7.63
C ASP B 10 -8.08 -11.86 -7.04
N GLU B 11 -7.17 -10.97 -7.38
CA GLU B 11 -5.80 -11.05 -6.89
C GLU B 11 -5.73 -10.68 -5.41
N LEU B 12 -6.04 -9.42 -5.11
CA LEU B 12 -6.02 -8.94 -3.72
C LEU B 12 -6.85 -9.86 -2.83
N PRO B 13 -6.80 -9.66 -1.50
CA PRO B 13 -7.55 -10.48 -0.55
C PRO B 13 -9.00 -10.68 -0.98
N GLU B 14 -9.25 -11.78 -1.68
CA GLU B 14 -10.59 -12.09 -2.16
C GLU B 14 -11.61 -12.09 -1.03
N SER B 15 -11.13 -12.33 0.19
CA SER B 15 -12.01 -12.35 1.36
C SER B 15 -12.75 -11.03 1.51
N LEU B 16 -12.04 -9.93 1.33
CA LEU B 16 -12.64 -8.60 1.44
C LEU B 16 -13.38 -8.24 0.16
N SER B 17 -12.78 -8.56 -0.98
CA SER B 17 -13.39 -8.26 -2.29
C SER B 17 -14.83 -8.74 -2.35
N ARG B 18 -15.14 -9.78 -1.58
CA ARG B 18 -16.50 -10.34 -1.55
C ARG B 18 -17.51 -9.28 -1.11
N LYS B 19 -17.16 -8.53 -0.07
CA LYS B 19 -18.03 -7.49 0.45
C LYS B 19 -17.94 -6.23 -0.40
N ILE B 20 -16.77 -5.99 -0.99
CA ILE B 20 -16.56 -4.82 -1.82
C ILE B 20 -17.48 -4.83 -3.04
N GLY B 21 -17.48 -5.97 -3.75
CA GLY B 21 -18.31 -6.10 -4.94
C GLY B 21 -19.75 -5.68 -4.71
N THR B 22 -20.35 -6.16 -3.63
CA THR B 22 -21.73 -5.84 -3.31
C THR B 22 -21.90 -4.33 -3.07
N VAL B 23 -20.86 -3.70 -2.52
CA VAL B 23 -20.90 -2.28 -2.24
C VAL B 23 -20.62 -1.46 -3.51
N VAL B 24 -19.67 -1.93 -4.32
CA VAL B 24 -19.31 -1.25 -5.55
C VAL B 24 -20.54 -0.98 -6.42
N ARG B 25 -21.52 -1.87 -6.34
CA ARG B 25 -22.74 -1.74 -7.13
C ARG B 25 -23.42 -0.40 -6.84
N VAL B 26 -23.33 0.05 -5.59
CA VAL B 26 -23.95 1.31 -5.20
C VAL B 26 -23.07 2.50 -5.58
N LEU B 27 -21.78 2.40 -5.30
CA LEU B 27 -20.85 3.48 -5.62
C LEU B 27 -19.81 3.03 -6.64
N PRO B 28 -20.22 2.94 -7.93
CA PRO B 28 -19.32 2.54 -9.01
C PRO B 28 -18.34 3.65 -9.37
N SER B 29 -18.67 4.88 -8.98
CA SER B 29 -17.83 6.03 -9.26
C SER B 29 -16.89 6.32 -8.09
N SER B 30 -17.41 6.13 -6.87
CA SER B 30 -16.61 6.38 -5.67
C SER B 30 -15.34 5.55 -5.68
N LEU B 31 -15.50 4.25 -5.93
CA LEU B 31 -14.37 3.32 -5.98
C LEU B 31 -13.28 3.85 -6.92
N GLU B 32 -13.69 4.52 -7.98
CA GLU B 32 -12.76 5.07 -8.95
C GLU B 32 -11.80 6.06 -8.29
N ILE B 33 -12.28 6.75 -7.26
CA ILE B 33 -11.47 7.72 -6.54
C ILE B 33 -10.42 7.02 -5.68
N PHE B 34 -10.86 6.05 -4.89
CA PHE B 34 -9.96 5.32 -4.01
C PHE B 34 -8.91 4.56 -4.83
N GLU B 35 -9.29 4.15 -6.04
CA GLU B 35 -8.38 3.42 -6.92
C GLU B 35 -7.15 4.27 -7.23
N GLU B 36 -7.37 5.55 -7.50
CA GLU B 36 -6.28 6.47 -7.80
C GLU B 36 -5.54 6.86 -6.52
N LEU B 37 -6.21 6.75 -5.39
CA LEU B 37 -5.62 7.10 -4.10
C LEU B 37 -4.54 6.09 -3.71
N TYR B 38 -4.88 4.80 -3.78
CA TYR B 38 -3.94 3.75 -3.43
C TYR B 38 -2.73 3.78 -4.37
N LYS B 39 -2.97 4.11 -5.63
CA LYS B 39 -1.90 4.17 -6.62
C LYS B 39 -1.01 5.39 -6.39
N TYR B 40 -1.62 6.47 -5.87
CA TYR B 40 -0.89 7.70 -5.59
C TYR B 40 0.12 7.49 -4.47
N ALA B 41 -0.35 6.91 -3.36
CA ALA B 41 0.51 6.66 -2.21
C ALA B 41 1.69 5.76 -2.60
N LEU B 42 1.46 4.88 -3.56
CA LEU B 42 2.50 3.95 -4.01
C LEU B 42 3.69 4.72 -4.56
N ASN B 43 3.42 5.67 -5.46
CA ASN B 43 4.49 6.48 -6.05
C ASN B 43 5.17 7.34 -5.00
N GLU B 44 4.46 7.63 -3.91
CA GLU B 44 5.00 8.45 -2.83
C GLU B 44 6.21 7.78 -2.19
N ASN B 45 6.38 6.49 -2.43
CA ASN B 45 7.50 5.74 -1.86
C ASN B 45 8.81 6.48 -2.05
N SER B 46 8.89 7.28 -3.12
CA SER B 46 10.10 8.04 -3.42
C SER B 46 10.02 9.43 -2.80
N ASN B 47 11.17 10.08 -2.67
CA ASN B 47 11.23 11.41 -2.09
C ASN B 47 12.11 12.33 -2.93
N ASP B 48 12.09 13.62 -2.61
CA ASP B 48 12.88 14.61 -3.35
C ASP B 48 14.25 14.78 -2.69
N ARG B 49 15.03 13.70 -2.67
CA ARG B 49 16.37 13.72 -2.09
C ARG B 49 17.30 14.60 -2.91
N SER B 50 18.60 14.49 -2.62
CA SER B 50 19.60 15.27 -3.33
C SER B 50 19.39 16.77 -3.12
N GLU B 51 20.33 17.41 -2.44
CA GLU B 51 20.25 18.84 -2.17
C GLU B 51 21.33 19.61 -2.94
N HIS B 52 22.59 19.19 -2.74
CA HIS B 52 23.70 19.83 -3.41
C HIS B 52 24.12 19.05 -4.66
N HIS B 53 23.16 18.36 -5.27
CA HIS B 53 23.42 17.57 -6.46
C HIS B 53 24.40 16.43 -6.18
N LYS B 54 24.59 16.12 -4.89
CA LYS B 54 25.50 15.05 -4.49
C LYS B 54 26.93 15.36 -4.91
N LYS B 55 27.86 15.21 -3.97
CA LYS B 55 29.27 15.46 -4.25
C LYS B 55 30.12 15.17 -3.02
N PRO B 56 29.90 15.90 -1.91
CA PRO B 56 30.65 15.71 -0.67
C PRO B 56 30.21 14.47 0.09
N ARG B 57 31.14 13.86 0.81
CA ARG B 57 30.86 12.65 1.58
C ARG B 57 31.84 12.51 2.74
N ILE B 58 31.57 13.23 3.82
CA ILE B 58 32.43 13.19 5.00
C ILE B 58 31.63 12.84 6.25
N ASP B 59 32.23 12.02 7.12
CA ASP B 59 31.57 11.61 8.35
C ASP B 59 32.52 11.71 9.53
N ASP B 60 33.72 11.15 9.37
CA ASP B 60 34.72 11.17 10.43
C ASP B 60 36.12 11.34 9.84
N SER B 61 36.21 12.05 8.72
CA SER B 61 37.49 12.28 8.05
C SER B 61 37.77 13.78 7.95
N SER B 62 38.57 14.29 8.89
CA SER B 62 38.92 15.70 8.91
C SER B 62 40.42 15.89 8.70
N ASP B 63 40.81 16.27 7.48
CA ASP B 63 42.20 16.49 7.17
C ASP B 63 43.00 15.20 7.29
N LEU B 64 43.74 14.85 6.23
CA LEU B 64 44.55 13.64 6.24
C LEU B 64 45.87 13.86 5.50
N LEU B 65 46.37 15.09 5.57
CA LEU B 65 47.63 15.44 4.92
C LEU B 65 48.82 15.08 5.82
N LYS B 66 50.01 15.09 5.23
CA LYS B 66 51.22 14.78 5.97
C LYS B 66 52.42 15.57 5.42
N THR B 67 52.64 15.44 4.11
CA THR B 67 53.74 16.14 3.47
C THR B 67 53.61 17.65 3.62
N ASP B 68 52.40 18.16 3.40
CA ASP B 68 52.13 19.59 3.51
C ASP B 68 51.23 19.88 4.70
N GLU B 69 51.60 20.87 5.49
CA GLU B 69 50.83 21.26 6.67
C GLU B 69 51.10 22.71 7.06
N ILE B 70 52.32 22.97 7.52
CA ILE B 70 52.70 24.32 7.92
C ILE B 70 51.88 24.80 9.11
N GLY A 1 -14.67 14.52 27.46
CA GLY A 1 -13.83 14.79 26.26
C GLY A 1 -14.19 13.91 25.08
N HIS A 2 -13.55 14.16 23.94
CA HIS A 2 -13.81 13.37 22.74
C HIS A 2 -12.51 12.83 22.15
N MET A 3 -12.61 11.73 21.41
CA MET A 3 -11.45 11.11 20.79
C MET A 3 -11.84 10.38 19.51
N MET A 4 -12.85 10.88 18.83
CA MET A 4 -13.32 10.27 17.59
C MET A 4 -13.76 11.34 16.59
N SER A 5 -12.82 11.73 15.72
CA SER A 5 -13.11 12.75 14.71
C SER A 5 -12.62 12.29 13.34
N LYS A 6 -12.76 11.00 13.06
CA LYS A 6 -12.32 10.44 11.79
C LYS A 6 -10.82 10.64 11.59
N LEU A 7 -10.24 9.80 10.75
CA LEU A 7 -8.81 9.88 10.46
C LEU A 7 -8.52 9.50 9.02
N PHE A 8 -9.45 9.80 8.12
CA PHE A 8 -9.30 9.49 6.71
C PHE A 8 -9.21 10.76 5.88
N LEU A 9 -9.99 11.77 6.26
CA LEU A 9 -9.99 13.04 5.56
C LEU A 9 -9.12 14.07 6.27
N ASP A 10 -8.11 13.59 6.99
CA ASP A 10 -7.20 14.46 7.72
C ASP A 10 -5.76 14.21 7.30
N GLU A 11 -5.40 12.95 7.15
CA GLU A 11 -4.04 12.58 6.76
C GLU A 11 -3.74 13.05 5.35
N LEU A 12 -4.57 12.64 4.39
CA LEU A 12 -4.39 13.03 3.00
C LEU A 12 -4.48 14.55 2.85
N PRO A 13 -3.95 15.10 1.74
CA PRO A 13 -3.97 16.53 1.48
C PRO A 13 -5.37 17.13 1.65
N GLU A 14 -5.42 18.43 1.90
CA GLU A 14 -6.70 19.13 2.08
C GLU A 14 -7.43 19.30 0.76
N SER A 15 -6.66 19.48 -0.31
CA SER A 15 -7.23 19.66 -1.64
C SER A 15 -8.06 18.45 -2.05
N LEU A 16 -7.46 17.26 -1.90
CA LEU A 16 -8.14 16.02 -2.25
C LEU A 16 -9.25 15.71 -1.26
N SER A 17 -9.07 16.12 -0.02
CA SER A 17 -10.05 15.88 1.04
C SER A 17 -11.41 16.45 0.65
N ARG A 18 -11.41 17.46 -0.21
CA ARG A 18 -12.65 18.08 -0.65
C ARG A 18 -13.43 17.17 -1.59
N LYS A 19 -12.72 16.53 -2.52
CA LYS A 19 -13.34 15.62 -3.48
C LYS A 19 -13.67 14.29 -2.83
N ILE A 20 -12.84 13.87 -1.88
CA ILE A 20 -13.06 12.61 -1.18
C ILE A 20 -14.16 12.74 -0.13
N GLY A 21 -14.25 13.93 0.47
CA GLY A 21 -15.26 14.17 1.49
C GLY A 21 -16.66 14.20 0.93
N THR A 22 -16.79 14.64 -0.32
CA THR A 22 -18.10 14.71 -0.97
C THR A 22 -18.63 13.32 -1.30
N VAL A 23 -17.73 12.43 -1.71
CA VAL A 23 -18.11 11.07 -2.05
C VAL A 23 -18.26 10.20 -0.80
N VAL A 24 -17.30 10.31 0.10
CA VAL A 24 -17.32 9.53 1.34
C VAL A 24 -18.57 9.83 2.16
N ARG A 25 -19.03 11.09 2.11
CA ARG A 25 -20.21 11.49 2.85
C ARG A 25 -21.39 10.56 2.55
N VAL A 26 -21.39 10.00 1.36
CA VAL A 26 -22.46 9.08 0.94
C VAL A 26 -22.23 7.68 1.51
N LEU A 27 -20.99 7.23 1.46
CA LEU A 27 -20.62 5.91 1.97
C LEU A 27 -19.61 6.00 3.10
N PRO A 28 -20.06 6.40 4.30
CA PRO A 28 -19.19 6.53 5.47
C PRO A 28 -18.77 5.17 6.03
N SER A 29 -19.35 4.11 5.47
CA SER A 29 -19.03 2.75 5.91
C SER A 29 -18.25 2.00 4.84
N SER A 30 -18.44 2.37 3.58
CA SER A 30 -17.75 1.73 2.48
C SER A 30 -16.26 2.08 2.47
N LEU A 31 -15.96 3.38 2.57
CA LEU A 31 -14.58 3.84 2.58
C LEU A 31 -13.71 3.01 3.52
N GLU A 32 -14.33 2.48 4.58
CA GLU A 32 -13.62 1.66 5.55
C GLU A 32 -12.99 0.45 4.86
N ILE A 33 -13.78 -0.24 4.05
CA ILE A 33 -13.31 -1.42 3.33
C ILE A 33 -12.13 -1.06 2.43
N PHE A 34 -12.18 0.14 1.86
CA PHE A 34 -11.13 0.61 0.97
C PHE A 34 -9.87 0.94 1.77
N GLU A 35 -10.05 1.40 3.00
CA GLU A 35 -8.93 1.74 3.86
C GLU A 35 -8.03 0.53 4.09
N GLU A 36 -8.64 -0.66 4.10
CA GLU A 36 -7.89 -1.89 4.30
C GLU A 36 -6.99 -2.18 3.10
N LEU A 37 -7.58 -2.12 1.90
CA LEU A 37 -6.83 -2.35 0.67
C LEU A 37 -5.91 -1.18 0.37
N TYR A 38 -6.30 0.00 0.85
CA TYR A 38 -5.51 1.21 0.64
C TYR A 38 -4.22 1.16 1.46
N LYS A 39 -4.35 0.78 2.72
CA LYS A 39 -3.20 0.67 3.62
C LYS A 39 -2.44 -0.63 3.38
N TYR A 40 -3.18 -1.69 3.10
CA TYR A 40 -2.58 -3.00 2.85
C TYR A 40 -1.64 -2.95 1.66
N ALA A 41 -2.12 -2.39 0.55
CA ALA A 41 -1.31 -2.29 -0.65
C ALA A 41 -0.03 -1.49 -0.39
N LEU A 42 -0.10 -0.57 0.55
CA LEU A 42 1.05 0.26 0.90
C LEU A 42 2.05 -0.52 1.76
N ASN A 43 1.52 -1.44 2.57
CA ASN A 43 2.37 -2.25 3.44
C ASN A 43 3.27 -3.17 2.62
N GLU A 44 2.79 -3.58 1.44
CA GLU A 44 3.55 -4.45 0.57
C GLU A 44 4.88 -3.81 0.18
N ASN A 45 4.92 -2.49 0.18
CA ASN A 45 6.13 -1.76 -0.18
C ASN A 45 7.30 -2.17 0.72
N SER A 46 6.98 -2.54 1.96
CA SER A 46 8.01 -2.96 2.92
C SER A 46 7.74 -4.38 3.41
N ASN A 47 8.81 -5.14 3.60
CA ASN A 47 8.70 -6.52 4.07
C ASN A 47 9.78 -6.83 5.10
N ASP A 48 10.16 -5.82 5.87
CA ASP A 48 11.18 -5.99 6.90
C ASP A 48 10.55 -6.35 8.24
N ARG A 49 11.15 -7.31 8.94
CA ARG A 49 10.64 -7.75 10.23
C ARG A 49 11.26 -6.92 11.36
N SER A 50 12.55 -6.60 11.22
CA SER A 50 13.25 -5.81 12.23
C SER A 50 13.61 -4.43 11.69
N GLU A 51 12.74 -3.46 11.93
CA GLU A 51 12.96 -2.09 11.48
C GLU A 51 12.91 -1.11 12.64
N HIS A 52 11.92 -1.29 13.50
CA HIS A 52 11.75 -0.41 14.66
C HIS A 52 11.12 -1.17 15.82
N HIS A 53 11.95 -1.52 16.80
CA HIS A 53 11.47 -2.25 17.98
C HIS A 53 12.25 -1.84 19.22
N LYS A 54 11.59 -1.09 20.11
CA LYS A 54 12.22 -0.63 21.34
C LYS A 54 11.25 -0.69 22.51
N LYS A 55 10.29 -1.61 22.44
CA LYS A 55 9.28 -1.76 23.49
C LYS A 55 8.64 -3.14 23.42
N PRO A 56 8.12 -3.63 24.57
CA PRO A 56 7.48 -4.96 24.64
C PRO A 56 6.14 -4.98 23.90
N ARG A 57 5.91 -6.05 23.14
CA ARG A 57 4.68 -6.20 22.38
C ARG A 57 4.03 -7.56 22.66
N ILE A 58 2.98 -7.55 23.46
CA ILE A 58 2.26 -8.77 23.80
C ILE A 58 1.65 -9.42 22.57
N ASP A 59 2.07 -10.65 22.28
CA ASP A 59 1.56 -11.39 21.13
C ASP A 59 0.72 -12.58 21.58
N ASP A 60 1.31 -13.45 22.38
CA ASP A 60 0.63 -14.64 22.86
C ASP A 60 0.26 -15.57 21.72
N SER A 61 0.48 -16.86 21.91
CA SER A 61 0.16 -17.86 20.89
C SER A 61 -1.09 -18.65 21.27
N SER A 62 -1.05 -19.26 22.45
CA SER A 62 -2.18 -20.06 22.93
C SER A 62 -2.18 -20.14 24.45
N ASP A 63 -1.03 -20.48 25.02
CA ASP A 63 -0.89 -20.59 26.47
C ASP A 63 0.55 -20.40 26.90
N LEU A 64 1.47 -21.09 26.20
CA LEU A 64 2.89 -21.00 26.51
C LEU A 64 3.70 -21.82 25.52
N LEU A 65 3.29 -21.79 24.25
CA LEU A 65 3.99 -22.53 23.21
C LEU A 65 4.45 -21.60 22.10
N LYS A 66 5.31 -22.10 21.22
CA LYS A 66 5.83 -21.31 20.11
C LYS A 66 5.48 -21.95 18.77
N THR A 67 5.56 -21.16 17.70
CA THR A 67 5.26 -21.65 16.36
C THR A 67 5.98 -20.83 15.31
N ASP A 68 5.93 -19.52 15.43
CA ASP A 68 6.58 -18.62 14.49
C ASP A 68 8.06 -18.45 14.84
N GLU A 69 8.81 -17.87 13.91
CA GLU A 69 10.24 -17.65 14.11
C GLU A 69 10.56 -16.15 14.18
N ILE A 70 11.84 -15.83 14.32
CA ILE A 70 12.27 -14.44 14.40
C ILE A 70 13.12 -14.06 13.20
N GLY B 1 -23.68 -9.45 -18.66
CA GLY B 1 -22.25 -9.05 -18.61
C GLY B 1 -21.66 -8.88 -20.00
N HIS B 2 -21.95 -7.75 -20.63
CA HIS B 2 -21.44 -7.46 -21.97
C HIS B 2 -20.11 -6.73 -21.90
N MET B 3 -19.02 -7.48 -22.05
CA MET B 3 -17.69 -6.90 -22.00
C MET B 3 -17.42 -6.23 -20.65
N MET B 4 -16.85 -7.00 -19.73
CA MET B 4 -16.55 -6.47 -18.40
C MET B 4 -15.04 -6.38 -18.18
N SER B 5 -14.56 -5.16 -17.97
CA SER B 5 -13.14 -4.94 -17.74
C SER B 5 -12.83 -4.77 -16.26
N LYS B 6 -12.15 -5.76 -15.69
CA LYS B 6 -11.80 -5.73 -14.27
C LYS B 6 -10.35 -6.18 -14.06
N LEU B 7 -9.53 -5.26 -13.54
CA LEU B 7 -8.12 -5.56 -13.29
C LEU B 7 -7.67 -4.98 -11.96
N PHE B 8 -8.57 -4.99 -10.98
CA PHE B 8 -8.26 -4.47 -9.66
C PHE B 8 -8.87 -5.34 -8.56
N LEU B 9 -10.15 -5.66 -8.71
CA LEU B 9 -10.85 -6.49 -7.75
C LEU B 9 -10.39 -7.94 -7.82
N ASP B 10 -9.72 -8.29 -8.91
CA ASP B 10 -9.24 -9.66 -9.11
C ASP B 10 -7.78 -9.79 -8.68
N GLU B 11 -7.37 -8.96 -7.73
CA GLU B 11 -6.00 -8.98 -7.24
C GLU B 11 -5.95 -8.75 -5.73
N LEU B 12 -6.64 -7.70 -5.28
CA LEU B 12 -6.68 -7.37 -3.86
C LEU B 12 -7.10 -8.59 -3.04
N PRO B 13 -6.87 -8.55 -1.71
CA PRO B 13 -7.24 -9.66 -0.83
C PRO B 13 -8.61 -10.25 -1.16
N GLU B 14 -8.60 -11.30 -1.98
CA GLU B 14 -9.83 -11.97 -2.39
C GLU B 14 -10.76 -12.22 -1.20
N SER B 15 -10.16 -12.40 -0.02
CA SER B 15 -10.93 -12.65 1.18
C SER B 15 -11.83 -11.46 1.49
N LEU B 16 -11.27 -10.26 1.40
CA LEU B 16 -12.03 -9.04 1.66
C LEU B 16 -12.88 -8.66 0.46
N SER B 17 -12.38 -8.97 -0.74
CA SER B 17 -13.09 -8.65 -1.98
C SER B 17 -14.55 -9.10 -1.90
N ARG B 18 -14.81 -10.14 -1.12
CA ARG B 18 -16.17 -10.66 -0.96
C ARG B 18 -17.11 -9.57 -0.45
N LYS B 19 -16.64 -8.80 0.53
CA LYS B 19 -17.44 -7.73 1.11
C LYS B 19 -17.40 -6.48 0.22
N ILE B 20 -16.44 -6.43 -0.70
CA ILE B 20 -16.31 -5.29 -1.60
C ILE B 20 -17.31 -5.36 -2.75
N GLY B 21 -17.37 -6.51 -3.41
CA GLY B 21 -18.28 -6.69 -4.53
C GLY B 21 -19.72 -6.39 -4.16
N THR B 22 -20.06 -6.52 -2.89
CA THR B 22 -21.42 -6.27 -2.43
C THR B 22 -21.68 -4.77 -2.25
N VAL B 23 -20.69 -4.06 -1.74
CA VAL B 23 -20.81 -2.62 -1.51
C VAL B 23 -20.58 -1.84 -2.81
N VAL B 24 -19.63 -2.29 -3.61
CA VAL B 24 -19.33 -1.63 -4.87
C VAL B 24 -20.56 -1.51 -5.76
N ARG B 25 -21.48 -2.47 -5.62
CA ARG B 25 -22.71 -2.48 -6.40
C ARG B 25 -23.45 -1.16 -6.24
N VAL B 26 -23.38 -0.58 -5.04
CA VAL B 26 -24.03 0.69 -4.76
C VAL B 26 -23.22 1.86 -5.29
N LEU B 27 -21.90 1.82 -5.06
CA LEU B 27 -21.01 2.87 -5.51
C LEU B 27 -19.99 2.33 -6.51
N PRO B 28 -20.45 2.00 -7.73
CA PRO B 28 -19.59 1.47 -8.79
C PRO B 28 -18.74 2.57 -9.44
N SER B 29 -18.96 3.81 -9.03
CA SER B 29 -18.21 4.94 -9.58
C SER B 29 -17.28 5.54 -8.53
N SER B 30 -17.71 5.52 -7.28
CA SER B 30 -16.92 6.07 -6.19
C SER B 30 -15.68 5.21 -5.93
N LEU B 31 -15.84 3.91 -6.05
CA LEU B 31 -14.74 2.98 -5.83
C LEU B 31 -13.58 3.25 -6.79
N GLU B 32 -13.87 3.97 -7.89
CA GLU B 32 -12.85 4.30 -8.87
C GLU B 32 -11.90 5.36 -8.33
N ILE B 33 -12.41 6.23 -7.46
CA ILE B 33 -11.60 7.28 -6.86
C ILE B 33 -10.60 6.70 -5.86
N PHE B 34 -11.04 5.67 -5.13
CA PHE B 34 -10.19 5.02 -4.13
C PHE B 34 -9.13 4.16 -4.81
N GLU B 35 -9.47 3.61 -5.96
CA GLU B 35 -8.54 2.77 -6.70
C GLU B 35 -7.28 3.55 -7.08
N GLU B 36 -7.49 4.73 -7.66
CA GLU B 36 -6.37 5.58 -8.06
C GLU B 36 -5.66 6.16 -6.83
N LEU B 37 -6.40 6.28 -5.73
CA LEU B 37 -5.86 6.81 -4.50
C LEU B 37 -4.80 5.88 -3.93
N TYR B 38 -5.13 4.60 -3.81
CA TYR B 38 -4.20 3.61 -3.27
C TYR B 38 -2.99 3.45 -4.20
N LYS B 39 -3.21 3.67 -5.50
CA LYS B 39 -2.15 3.55 -6.48
C LYS B 39 -1.25 4.79 -6.47
N TYR B 40 -1.85 5.94 -6.19
CA TYR B 40 -1.11 7.19 -6.14
C TYR B 40 -0.09 7.18 -5.02
N ALA B 41 -0.53 6.81 -3.82
CA ALA B 41 0.35 6.75 -2.66
C ALA B 41 1.50 5.79 -2.89
N LEU B 42 1.31 4.83 -3.79
CA LEU B 42 2.33 3.85 -4.10
C LEU B 42 3.47 4.47 -4.90
N ASN B 43 3.16 5.49 -5.67
CA ASN B 43 4.16 6.18 -6.49
C ASN B 43 5.10 7.00 -5.62
N GLU B 44 4.52 7.74 -4.68
CA GLU B 44 5.31 8.59 -3.78
C GLU B 44 6.16 7.74 -2.84
N ASN B 45 5.65 6.56 -2.50
CA ASN B 45 6.36 5.65 -1.60
C ASN B 45 7.55 5.01 -2.31
N SER B 46 7.41 4.80 -3.61
CA SER B 46 8.47 4.20 -4.42
C SER B 46 9.30 5.27 -5.12
N ASN B 47 10.63 5.15 -5.00
CA ASN B 47 11.53 6.11 -5.63
C ASN B 47 11.33 7.51 -5.05
N ASP B 48 12.39 8.07 -4.49
CA ASP B 48 12.34 9.40 -3.90
C ASP B 48 13.30 10.35 -4.61
N ARG B 49 14.51 9.89 -4.85
CA ARG B 49 15.53 10.69 -5.51
C ARG B 49 16.30 9.87 -6.53
N SER B 50 17.32 10.48 -7.13
CA SER B 50 18.15 9.80 -8.12
C SER B 50 17.34 9.46 -9.36
N GLU B 51 17.93 9.67 -10.54
CA GLU B 51 17.26 9.39 -11.80
C GLU B 51 18.22 9.54 -12.97
N HIS B 52 19.37 8.88 -12.87
CA HIS B 52 20.38 8.94 -13.92
C HIS B 52 20.43 7.63 -14.70
N HIS B 53 21.15 7.64 -15.82
CA HIS B 53 21.29 6.46 -16.65
C HIS B 53 22.74 6.17 -16.98
N LYS B 54 23.38 5.34 -16.17
CA LYS B 54 24.77 4.98 -16.37
C LYS B 54 25.66 6.22 -16.29
N LYS B 55 26.98 6.00 -16.31
CA LYS B 55 27.93 7.10 -16.23
C LYS B 55 28.68 7.26 -17.56
N PRO B 56 28.20 8.19 -18.42
CA PRO B 56 28.83 8.44 -19.73
C PRO B 56 30.33 8.70 -19.60
N ARG B 57 30.96 9.01 -20.73
CA ARG B 57 32.38 9.29 -20.75
C ARG B 57 32.66 10.78 -20.96
N ILE B 58 33.86 11.21 -20.59
CA ILE B 58 34.24 12.61 -20.73
C ILE B 58 35.74 12.79 -20.51
N ASP B 59 36.36 13.59 -21.38
CA ASP B 59 37.79 13.86 -21.29
C ASP B 59 38.06 15.14 -20.52
N ASP B 60 39.34 15.49 -20.38
CA ASP B 60 39.73 16.70 -19.66
C ASP B 60 40.99 17.31 -20.27
N SER B 61 41.45 18.40 -19.69
CA SER B 61 42.64 19.09 -20.17
C SER B 61 43.87 18.67 -19.37
N SER B 62 43.83 18.90 -18.07
CA SER B 62 44.94 18.55 -17.19
C SER B 62 44.53 17.45 -16.21
N ASP B 63 45.08 16.26 -16.40
CA ASP B 63 44.77 15.13 -15.54
C ASP B 63 45.93 14.13 -15.52
N LEU B 64 45.72 13.01 -14.85
CA LEU B 64 46.75 11.97 -14.75
C LEU B 64 48.00 12.52 -14.07
N LEU B 65 47.80 13.40 -13.09
CA LEU B 65 48.92 13.99 -12.37
C LEU B 65 48.87 13.61 -10.89
N LYS B 66 47.73 13.89 -10.25
CA LYS B 66 47.56 13.58 -8.84
C LYS B 66 46.43 12.58 -8.63
N THR B 67 46.15 12.24 -7.38
CA THR B 67 45.08 11.30 -7.05
C THR B 67 44.46 11.63 -5.70
N ASP B 68 43.21 12.10 -5.73
CA ASP B 68 42.50 12.46 -4.51
C ASP B 68 42.08 11.20 -3.74
N GLU B 69 41.75 10.14 -4.48
CA GLU B 69 41.32 8.89 -3.86
C GLU B 69 39.99 9.06 -3.14
N ILE B 70 40.05 9.68 -1.96
CA ILE B 70 38.85 9.90 -1.17
C ILE B 70 38.89 11.25 -0.48
N GLY A 1 -25.14 10.25 20.31
CA GLY A 1 -24.17 9.16 19.99
C GLY A 1 -23.28 9.50 18.81
N HIS A 2 -22.92 10.77 18.70
CA HIS A 2 -22.06 11.22 17.60
C HIS A 2 -20.59 11.17 18.00
N MET A 3 -20.01 9.98 17.97
CA MET A 3 -18.61 9.80 18.33
C MET A 3 -17.90 8.91 17.32
N MET A 4 -17.74 9.42 16.10
CA MET A 4 -17.09 8.66 15.03
C MET A 4 -15.75 9.31 14.67
N SER A 5 -14.81 8.49 14.21
CA SER A 5 -13.50 8.98 13.81
C SER A 5 -13.51 9.48 12.37
N LYS A 6 -12.51 10.28 12.01
CA LYS A 6 -12.40 10.82 10.66
C LYS A 6 -10.97 10.75 10.15
N LEU A 7 -10.24 9.74 10.61
CA LEU A 7 -8.84 9.56 10.20
C LEU A 7 -8.76 8.93 8.82
N PHE A 8 -8.80 9.78 7.79
CA PHE A 8 -8.73 9.31 6.41
C PHE A 8 -8.50 10.48 5.46
N LEU A 9 -9.21 11.58 5.69
CA LEU A 9 -9.09 12.76 4.84
C LEU A 9 -7.96 13.66 5.33
N ASP A 10 -7.71 13.64 6.64
CA ASP A 10 -6.67 14.46 7.24
C ASP A 10 -5.31 14.14 6.63
N GLU A 11 -5.13 12.89 6.21
CA GLU A 11 -3.87 12.46 5.60
C GLU A 11 -3.80 12.87 4.14
N LEU A 12 -4.96 12.90 3.48
CA LEU A 12 -5.03 13.28 2.07
C LEU A 12 -4.96 14.80 1.92
N PRO A 13 -4.60 15.28 0.71
CA PRO A 13 -4.49 16.72 0.44
C PRO A 13 -5.78 17.46 0.75
N GLU A 14 -5.88 18.70 0.27
CA GLU A 14 -7.06 19.52 0.51
C GLU A 14 -7.95 19.56 -0.73
N SER A 15 -7.33 19.47 -1.90
CA SER A 15 -8.06 19.49 -3.16
C SER A 15 -8.89 18.23 -3.33
N LEU A 16 -8.31 17.09 -2.94
CA LEU A 16 -9.00 15.80 -3.05
C LEU A 16 -10.03 15.65 -1.94
N SER A 17 -9.63 15.95 -0.71
CA SER A 17 -10.53 15.83 0.43
C SER A 17 -11.84 16.57 0.19
N ARG A 18 -11.79 17.60 -0.67
CA ARG A 18 -12.98 18.38 -0.99
C ARG A 18 -13.97 17.56 -1.82
N LYS A 19 -13.44 16.84 -2.81
CA LYS A 19 -14.28 16.02 -3.68
C LYS A 19 -14.63 14.70 -3.01
N ILE A 20 -13.64 14.09 -2.37
CA ILE A 20 -13.85 12.82 -1.68
C ILE A 20 -14.82 12.97 -0.52
N GLY A 21 -14.83 14.16 0.08
CA GLY A 21 -15.71 14.42 1.20
C GLY A 21 -17.17 14.31 0.83
N THR A 22 -17.55 14.92 -0.28
CA THR A 22 -18.94 14.89 -0.74
C THR A 22 -19.40 13.46 -0.99
N VAL A 23 -18.47 12.61 -1.42
CA VAL A 23 -18.79 11.21 -1.70
C VAL A 23 -18.84 10.38 -0.43
N VAL A 24 -17.85 10.58 0.45
CA VAL A 24 -17.78 9.85 1.70
C VAL A 24 -19.05 10.05 2.52
N ARG A 25 -19.67 11.21 2.38
CA ARG A 25 -20.90 11.52 3.11
C ARG A 25 -21.96 10.44 2.86
N VAL A 26 -21.92 9.85 1.68
CA VAL A 26 -22.87 8.79 1.32
C VAL A 26 -22.45 7.46 1.92
N LEU A 27 -21.18 7.09 1.71
CA LEU A 27 -20.66 5.83 2.22
C LEU A 27 -19.64 6.08 3.34
N PRO A 28 -20.12 6.44 4.54
CA PRO A 28 -19.25 6.68 5.69
C PRO A 28 -18.74 5.39 6.31
N SER A 29 -19.26 4.26 5.86
CA SER A 29 -18.85 2.96 6.37
C SER A 29 -18.02 2.19 5.34
N SER A 30 -18.39 2.33 4.07
CA SER A 30 -17.68 1.64 2.99
C SER A 30 -16.23 2.10 2.92
N LEU A 31 -16.01 3.38 3.21
CA LEU A 31 -14.66 3.94 3.18
C LEU A 31 -13.74 3.20 4.15
N GLU A 32 -14.32 2.66 5.22
CA GLU A 32 -13.56 1.92 6.21
C GLU A 32 -12.78 0.78 5.56
N ILE A 33 -13.42 0.12 4.59
CA ILE A 33 -12.79 -0.98 3.88
C ILE A 33 -11.70 -0.47 2.93
N PHE A 34 -11.96 0.68 2.32
CA PHE A 34 -11.00 1.29 1.41
C PHE A 34 -9.80 1.86 2.17
N GLU A 35 -10.08 2.45 3.33
CA GLU A 35 -9.03 3.02 4.16
C GLU A 35 -8.04 1.94 4.59
N GLU A 36 -8.57 0.77 4.95
CA GLU A 36 -7.76 -0.35 5.38
C GLU A 36 -7.09 -1.01 4.17
N LEU A 37 -7.77 -0.96 3.03
CA LEU A 37 -7.25 -1.56 1.80
C LEU A 37 -5.93 -0.90 1.42
N TYR A 38 -5.92 0.43 1.39
CA TYR A 38 -4.73 1.18 1.03
C TYR A 38 -3.67 1.08 2.13
N LYS A 39 -4.12 0.84 3.36
CA LYS A 39 -3.22 0.73 4.50
C LYS A 39 -2.37 -0.54 4.41
N TYR A 40 -3.02 -1.67 4.19
CA TYR A 40 -2.32 -2.96 4.09
C TYR A 40 -1.50 -3.02 2.82
N ALA A 41 -1.98 -2.35 1.77
CA ALA A 41 -1.28 -2.34 0.49
C ALA A 41 0.12 -1.78 0.63
N LEU A 42 0.30 -0.87 1.58
CA LEU A 42 1.60 -0.26 1.83
C LEU A 42 2.59 -1.28 2.37
N ASN A 43 2.09 -2.20 3.20
CA ASN A 43 2.92 -3.23 3.79
C ASN A 43 3.56 -4.10 2.71
N GLU A 44 2.85 -4.26 1.60
CA GLU A 44 3.35 -5.07 0.48
C GLU A 44 4.59 -4.43 -0.13
N ASN A 45 4.65 -3.11 -0.10
CA ASN A 45 5.79 -2.37 -0.65
C ASN A 45 7.06 -2.65 0.15
N SER A 46 6.89 -2.85 1.45
CA SER A 46 8.02 -3.12 2.33
C SER A 46 8.13 -4.61 2.64
N ASN A 47 9.16 -5.26 2.07
CA ASN A 47 9.37 -6.68 2.28
C ASN A 47 10.80 -7.07 1.92
N ASP A 48 11.50 -7.66 2.87
CA ASP A 48 12.88 -8.08 2.66
C ASP A 48 12.93 -9.49 2.07
N ARG A 49 14.11 -9.90 1.62
CA ARG A 49 14.30 -11.23 1.03
C ARG A 49 14.24 -12.30 2.11
N SER A 50 13.61 -13.43 1.78
CA SER A 50 13.49 -14.53 2.73
C SER A 50 14.63 -15.54 2.54
N GLU A 51 14.63 -16.58 3.35
CA GLU A 51 15.66 -17.62 3.27
C GLU A 51 15.08 -18.93 2.75
N HIS A 52 13.93 -19.31 3.30
CA HIS A 52 13.27 -20.55 2.89
C HIS A 52 11.76 -20.44 3.07
N HIS A 53 11.10 -19.86 2.08
CA HIS A 53 9.64 -19.69 2.12
C HIS A 53 8.98 -20.39 0.94
N LYS A 54 9.52 -21.55 0.57
CA LYS A 54 8.98 -22.31 -0.55
C LYS A 54 8.77 -23.78 -0.16
N LYS A 55 7.52 -24.20 -0.09
CA LYS A 55 7.19 -25.58 0.27
C LYS A 55 6.07 -26.12 -0.62
N PRO A 56 6.17 -27.40 -1.00
CA PRO A 56 5.15 -28.04 -1.86
C PRO A 56 3.87 -28.36 -1.09
N ARG A 57 2.87 -28.87 -1.81
CA ARG A 57 1.59 -29.23 -1.20
C ARG A 57 1.42 -30.73 -1.14
N ILE A 58 1.26 -31.26 0.08
CA ILE A 58 1.09 -32.70 0.27
C ILE A 58 -0.32 -33.01 0.75
N ASP A 59 -1.13 -33.57 -0.14
CA ASP A 59 -2.51 -33.93 0.19
C ASP A 59 -3.08 -34.89 -0.84
N ASP A 60 -3.05 -34.48 -2.10
CA ASP A 60 -3.57 -35.31 -3.19
C ASP A 60 -2.45 -35.78 -4.10
N SER A 61 -2.75 -36.75 -4.95
CA SER A 61 -1.76 -37.29 -5.88
C SER A 61 -2.32 -37.35 -7.30
N SER A 62 -3.36 -38.15 -7.48
CA SER A 62 -3.99 -38.30 -8.78
C SER A 62 -5.48 -38.66 -8.65
N ASP A 63 -6.32 -37.98 -9.42
CA ASP A 63 -7.76 -38.23 -9.38
C ASP A 63 -8.20 -39.06 -10.59
N LEU A 64 -7.63 -38.74 -11.75
CA LEU A 64 -7.96 -39.45 -12.97
C LEU A 64 -7.54 -40.91 -12.90
N LEU A 65 -7.80 -41.66 -13.97
CA LEU A 65 -7.44 -43.07 -14.01
C LEU A 65 -6.29 -43.31 -14.98
N LYS A 66 -5.14 -43.71 -14.43
CA LYS A 66 -3.95 -43.97 -15.25
C LYS A 66 -3.52 -42.70 -16.00
N THR A 67 -2.38 -42.78 -16.67
CA THR A 67 -1.85 -41.65 -17.42
C THR A 67 -2.18 -41.79 -18.90
N ASP A 68 -3.31 -42.40 -19.20
CA ASP A 68 -3.74 -42.60 -20.58
C ASP A 68 -4.46 -41.36 -21.11
N GLU A 69 -5.52 -40.96 -20.40
CA GLU A 69 -6.30 -39.79 -20.80
C GLU A 69 -6.48 -38.84 -19.62
N ILE A 70 -6.98 -37.64 -19.92
CA ILE A 70 -7.21 -36.64 -18.88
C ILE A 70 -8.14 -35.53 -19.38
N GLY B 1 -25.27 -1.99 -20.68
CA GLY B 1 -24.59 -3.26 -20.30
C GLY B 1 -23.09 -3.12 -20.22
N HIS B 2 -22.54 -3.25 -19.03
CA HIS B 2 -21.10 -3.14 -18.82
C HIS B 2 -20.49 -4.49 -18.47
N MET B 3 -19.24 -4.69 -18.86
CA MET B 3 -18.54 -5.93 -18.59
C MET B 3 -17.49 -5.75 -17.49
N MET B 4 -17.95 -5.69 -16.24
CA MET B 4 -17.06 -5.50 -15.10
C MET B 4 -16.29 -4.19 -15.22
N SER B 5 -15.54 -3.86 -14.17
CA SER B 5 -14.75 -2.63 -14.16
C SER B 5 -13.37 -2.88 -13.56
N LYS B 6 -12.33 -2.57 -14.33
CA LYS B 6 -10.96 -2.77 -13.88
C LYS B 6 -10.70 -4.23 -13.54
N LEU B 7 -9.49 -4.52 -13.07
CA LEU B 7 -9.11 -5.88 -12.71
C LEU B 7 -8.27 -5.90 -11.45
N PHE B 8 -8.43 -4.88 -10.61
CA PHE B 8 -7.67 -4.78 -9.36
C PHE B 8 -8.26 -5.69 -8.27
N LEU B 9 -9.46 -6.22 -8.53
CA LEU B 9 -10.13 -7.09 -7.58
C LEU B 9 -9.89 -8.56 -7.92
N ASP B 10 -8.78 -8.83 -8.59
CA ASP B 10 -8.43 -10.20 -8.97
C ASP B 10 -7.09 -10.61 -8.38
N GLU B 11 -6.09 -9.73 -8.54
CA GLU B 11 -4.76 -10.00 -8.02
C GLU B 11 -4.75 -10.00 -6.50
N LEU B 12 -5.15 -8.87 -5.91
CA LEU B 12 -5.20 -8.74 -4.46
C LEU B 12 -6.05 -9.86 -3.85
N PRO B 13 -6.00 -10.02 -2.51
CA PRO B 13 -6.77 -11.07 -1.83
C PRO B 13 -8.20 -11.17 -2.33
N GLU B 14 -8.42 -12.04 -3.30
CA GLU B 14 -9.74 -12.24 -3.88
C GLU B 14 -10.79 -12.49 -2.81
N SER B 15 -10.36 -13.02 -1.68
CA SER B 15 -11.26 -13.30 -0.56
C SER B 15 -11.88 -12.01 -0.02
N LEU B 16 -11.06 -10.95 0.00
CA LEU B 16 -11.52 -9.65 0.50
C LEU B 16 -12.34 -8.92 -0.57
N SER B 17 -11.92 -9.06 -1.82
CA SER B 17 -12.60 -8.40 -2.93
C SER B 17 -14.08 -8.79 -2.96
N ARG B 18 -14.40 -9.97 -2.47
CA ARG B 18 -15.77 -10.45 -2.44
C ARG B 18 -16.65 -9.52 -1.62
N LYS B 19 -16.10 -9.00 -0.54
CA LYS B 19 -16.84 -8.08 0.33
C LYS B 19 -16.87 -6.67 -0.25
N ILE B 20 -15.80 -6.32 -0.98
CA ILE B 20 -15.72 -5.00 -1.59
C ILE B 20 -16.71 -4.87 -2.75
N GLY B 21 -16.89 -5.95 -3.49
CA GLY B 21 -17.81 -5.93 -4.62
C GLY B 21 -19.23 -5.59 -4.21
N THR B 22 -19.73 -6.23 -3.16
CA THR B 22 -21.08 -5.99 -2.69
C THR B 22 -21.26 -4.53 -2.28
N VAL B 23 -20.19 -3.92 -1.78
CA VAL B 23 -20.24 -2.53 -1.35
C VAL B 23 -20.13 -1.58 -2.55
N VAL B 24 -19.21 -1.90 -3.46
CA VAL B 24 -19.00 -1.08 -4.65
C VAL B 24 -20.27 -0.99 -5.48
N ARG B 25 -21.09 -2.04 -5.43
CA ARG B 25 -22.35 -2.06 -6.17
C ARG B 25 -23.19 -0.83 -5.86
N VAL B 26 -23.06 -0.33 -4.63
CA VAL B 26 -23.80 0.84 -4.19
C VAL B 26 -23.13 2.13 -4.69
N LEU B 27 -21.80 2.13 -4.69
CA LEU B 27 -21.03 3.29 -5.14
C LEU B 27 -20.07 2.93 -6.26
N PRO B 28 -20.61 2.66 -7.46
CA PRO B 28 -19.79 2.31 -8.63
C PRO B 28 -18.95 3.49 -9.10
N SER B 29 -19.29 4.69 -8.63
CA SER B 29 -18.58 5.90 -9.00
C SER B 29 -17.53 6.26 -7.95
N SER B 30 -17.88 6.06 -6.67
CA SER B 30 -16.97 6.36 -5.58
C SER B 30 -15.68 5.56 -5.71
N LEU B 31 -15.83 4.26 -5.97
CA LEU B 31 -14.68 3.37 -6.13
C LEU B 31 -13.59 3.99 -7.01
N GLU B 32 -14.02 4.68 -8.07
CA GLU B 32 -13.09 5.33 -8.98
C GLU B 32 -12.15 6.26 -8.24
N ILE B 33 -12.70 7.10 -7.38
CA ILE B 33 -11.91 8.05 -6.60
C ILE B 33 -10.96 7.32 -5.66
N PHE B 34 -11.44 6.20 -5.11
CA PHE B 34 -10.63 5.40 -4.19
C PHE B 34 -9.52 4.65 -4.92
N GLU B 35 -9.78 4.32 -6.19
CA GLU B 35 -8.80 3.61 -7.00
C GLU B 35 -7.49 4.38 -7.09
N GLU B 36 -7.60 5.70 -7.26
CA GLU B 36 -6.42 6.56 -7.34
C GLU B 36 -5.85 6.83 -5.96
N LEU B 37 -6.71 6.76 -4.94
CA LEU B 37 -6.29 7.00 -3.57
C LEU B 37 -5.33 5.92 -3.09
N TYR B 38 -5.72 4.66 -3.28
CA TYR B 38 -4.89 3.54 -2.87
C TYR B 38 -3.62 3.45 -3.72
N LYS B 39 -3.73 3.86 -4.98
CA LYS B 39 -2.59 3.84 -5.88
C LYS B 39 -1.60 4.94 -5.54
N TYR B 40 -2.12 6.05 -5.03
CA TYR B 40 -1.28 7.19 -4.66
C TYR B 40 -0.24 6.78 -3.62
N ALA B 41 -0.68 6.09 -2.57
CA ALA B 41 0.21 5.65 -1.50
C ALA B 41 1.21 4.63 -2.03
N LEU B 42 0.82 3.89 -3.06
CA LEU B 42 1.69 2.87 -3.66
C LEU B 42 2.79 3.53 -4.48
N ASN B 43 2.42 4.55 -5.25
CA ASN B 43 3.39 5.26 -6.09
C ASN B 43 4.54 5.82 -5.26
N GLU B 44 4.27 6.05 -3.97
CA GLU B 44 5.28 6.59 -3.08
C GLU B 44 6.49 5.65 -2.96
N ASN B 45 6.29 4.40 -3.34
CA ASN B 45 7.36 3.40 -3.28
C ASN B 45 8.64 3.92 -3.93
N SER B 46 8.49 4.83 -4.89
CA SER B 46 9.63 5.39 -5.59
C SER B 46 9.43 6.88 -5.87
N ASN B 47 8.54 7.17 -6.82
CA ASN B 47 8.25 8.55 -7.18
C ASN B 47 9.49 9.25 -7.76
N ASP B 48 10.46 8.45 -8.19
CA ASP B 48 11.69 9.00 -8.76
C ASP B 48 12.34 10.01 -7.81
N ARG B 49 13.46 10.57 -8.24
CA ARG B 49 14.19 11.55 -7.43
C ARG B 49 14.66 10.94 -6.11
N SER B 50 15.84 11.34 -5.67
CA SER B 50 16.41 10.84 -4.43
C SER B 50 17.24 11.91 -3.72
N GLU B 51 16.99 13.18 -4.06
CA GLU B 51 17.71 14.29 -3.46
C GLU B 51 19.20 14.20 -3.76
N HIS B 52 19.91 13.39 -2.98
CA HIS B 52 21.34 13.22 -3.16
C HIS B 52 21.79 11.82 -2.73
N HIS B 53 22.69 11.22 -3.49
CA HIS B 53 23.19 9.88 -3.19
C HIS B 53 24.57 9.96 -2.55
N LYS B 54 25.55 10.44 -3.32
CA LYS B 54 26.91 10.56 -2.83
C LYS B 54 27.58 11.81 -3.38
N LYS B 55 28.69 12.21 -2.75
CA LYS B 55 29.43 13.40 -3.19
C LYS B 55 30.85 13.39 -2.62
N PRO B 56 31.76 12.62 -3.23
CA PRO B 56 33.14 12.52 -2.79
C PRO B 56 33.80 13.90 -2.62
N ARG B 57 35.01 13.92 -2.09
CA ARG B 57 35.74 15.16 -1.89
C ARG B 57 37.24 14.94 -2.08
N ILE B 58 37.75 15.36 -3.23
CA ILE B 58 39.16 15.21 -3.55
C ILE B 58 39.65 13.78 -3.30
N ASP B 59 39.36 12.89 -4.24
CA ASP B 59 39.75 11.50 -4.13
C ASP B 59 39.67 10.80 -5.48
N ASP B 60 39.91 11.55 -6.55
CA ASP B 60 39.85 11.00 -7.90
C ASP B 60 40.90 11.66 -8.79
N SER B 61 40.85 11.34 -10.08
CA SER B 61 41.80 11.89 -11.05
C SER B 61 41.10 12.82 -12.03
N SER B 62 41.88 13.52 -12.83
CA SER B 62 41.34 14.45 -13.82
C SER B 62 41.28 13.80 -15.21
N ASP B 63 40.24 14.12 -15.95
CA ASP B 63 40.07 13.56 -17.30
C ASP B 63 39.79 14.67 -18.31
N LEU B 64 40.25 14.47 -19.54
CA LEU B 64 40.03 15.45 -20.61
C LEU B 64 38.65 15.28 -21.23
N LEU B 65 38.16 14.05 -21.26
CA LEU B 65 36.85 13.76 -21.82
C LEU B 65 35.87 13.34 -20.74
N LYS B 66 34.61 13.14 -21.12
CA LYS B 66 33.57 12.75 -20.18
C LYS B 66 32.43 12.03 -20.90
N THR B 67 31.99 12.60 -22.01
CA THR B 67 30.91 12.01 -22.79
C THR B 67 31.45 11.19 -23.96
N ASP B 68 31.62 9.89 -23.73
CA ASP B 68 32.12 8.99 -24.75
C ASP B 68 31.17 7.83 -24.98
N GLU B 69 31.09 7.37 -26.23
CA GLU B 69 30.21 6.26 -26.59
C GLU B 69 30.99 5.16 -27.30
N ILE B 70 32.26 5.00 -26.94
CA ILE B 70 33.11 3.99 -27.54
C ILE B 70 32.69 2.58 -27.11
N GLY A 1 -15.35 3.72 21.85
CA GLY A 1 -15.10 3.72 20.38
C GLY A 1 -14.36 4.97 19.92
N HIS A 2 -14.75 5.49 18.76
CA HIS A 2 -14.13 6.68 18.21
C HIS A 2 -15.15 7.57 17.51
N MET A 3 -15.26 8.81 17.96
CA MET A 3 -16.22 9.74 17.37
C MET A 3 -15.48 10.95 16.78
N MET A 4 -14.47 11.44 17.50
CA MET A 4 -13.69 12.57 17.04
C MET A 4 -12.36 12.13 16.46
N SER A 5 -12.39 11.66 15.21
CA SER A 5 -11.18 11.20 14.53
C SER A 5 -11.47 10.86 13.08
N LYS A 6 -10.81 11.57 12.16
CA LYS A 6 -11.00 11.33 10.73
C LYS A 6 -9.66 11.39 9.99
N LEU A 7 -8.69 10.63 10.49
CA LEU A 7 -7.37 10.60 9.88
C LEU A 7 -7.41 9.85 8.55
N PHE A 8 -7.58 10.58 7.46
CA PHE A 8 -7.64 9.98 6.13
C PHE A 8 -7.53 11.04 5.04
N LEU A 9 -8.45 12.00 5.07
CA LEU A 9 -8.47 13.08 4.10
C LEU A 9 -7.33 14.05 4.34
N ASP A 10 -6.88 14.14 5.59
CA ASP A 10 -5.78 15.04 5.95
C ASP A 10 -4.53 14.74 5.13
N GLU A 11 -4.21 13.44 5.01
CA GLU A 11 -3.04 13.02 4.25
C GLU A 11 -3.15 13.47 2.80
N LEU A 12 -4.11 12.91 2.08
CA LEU A 12 -4.32 13.25 0.67
C LEU A 12 -4.50 14.76 0.50
N PRO A 13 -4.25 15.27 -0.72
CA PRO A 13 -4.39 16.70 -1.01
C PRO A 13 -5.74 17.25 -0.58
N GLU A 14 -5.78 18.55 -0.26
CA GLU A 14 -7.01 19.20 0.16
C GLU A 14 -7.97 19.38 -1.02
N SER A 15 -7.40 19.54 -2.21
CA SER A 15 -8.22 19.73 -3.41
C SER A 15 -9.16 18.55 -3.62
N LEU A 16 -8.64 17.34 -3.49
CA LEU A 16 -9.43 16.14 -3.67
C LEU A 16 -10.25 15.83 -2.41
N SER A 17 -9.66 16.12 -1.25
CA SER A 17 -10.31 15.87 0.03
C SER A 17 -11.70 16.52 0.07
N ARG A 18 -11.88 17.59 -0.70
CA ARG A 18 -13.16 18.29 -0.75
C ARG A 18 -14.25 17.41 -1.34
N LYS A 19 -13.93 16.72 -2.42
CA LYS A 19 -14.88 15.83 -3.08
C LYS A 19 -15.00 14.49 -2.36
N ILE A 20 -13.85 13.95 -1.95
CA ILE A 20 -13.81 12.67 -1.26
C ILE A 20 -14.62 12.73 0.04
N GLY A 21 -14.40 13.78 0.82
CA GLY A 21 -15.12 13.93 2.08
C GLY A 21 -16.61 14.08 1.87
N THR A 22 -17.01 14.59 0.72
CA THR A 22 -18.43 14.78 0.41
C THR A 22 -19.09 13.48 -0.02
N VAL A 23 -18.31 12.58 -0.61
CA VAL A 23 -18.82 11.30 -1.08
C VAL A 23 -18.95 10.29 0.08
N VAL A 24 -18.08 10.43 1.07
CA VAL A 24 -18.10 9.53 2.22
C VAL A 24 -19.49 9.48 2.86
N ARG A 25 -20.20 10.59 2.82
CA ARG A 25 -21.54 10.67 3.38
C ARG A 25 -22.45 9.61 2.78
N VAL A 26 -22.16 9.22 1.54
CA VAL A 26 -22.95 8.22 0.85
C VAL A 26 -22.56 6.81 1.30
N LEU A 27 -21.29 6.64 1.66
CA LEU A 27 -20.80 5.34 2.10
C LEU A 27 -19.73 5.50 3.19
N PRO A 28 -20.15 5.95 4.39
CA PRO A 28 -19.23 6.13 5.52
C PRO A 28 -18.75 4.79 6.08
N SER A 29 -19.37 3.70 5.61
CA SER A 29 -19.02 2.37 6.06
C SER A 29 -18.13 1.66 5.04
N SER A 30 -18.37 1.90 3.75
CA SER A 30 -17.58 1.27 2.70
C SER A 30 -16.14 1.78 2.73
N LEU A 31 -15.99 3.09 2.93
CA LEU A 31 -14.67 3.71 2.97
C LEU A 31 -13.76 2.99 3.97
N GLU A 32 -14.37 2.41 5.00
CA GLU A 32 -13.61 1.69 6.02
C GLU A 32 -12.83 0.53 5.41
N ILE A 33 -13.35 -0.03 4.32
CA ILE A 33 -12.70 -1.14 3.64
C ILE A 33 -11.56 -0.65 2.76
N PHE A 34 -11.82 0.41 2.01
CA PHE A 34 -10.80 0.98 1.12
C PHE A 34 -9.62 1.52 1.91
N GLU A 35 -9.92 2.26 2.98
CA GLU A 35 -8.87 2.83 3.81
C GLU A 35 -7.96 1.75 4.37
N GLU A 36 -8.55 0.65 4.80
CA GLU A 36 -7.80 -0.47 5.35
C GLU A 36 -7.11 -1.27 4.25
N LEU A 37 -7.69 -1.22 3.05
CA LEU A 37 -7.14 -1.94 1.91
C LEU A 37 -5.80 -1.35 1.48
N TYR A 38 -5.77 -0.03 1.30
CA TYR A 38 -4.55 0.66 0.89
C TYR A 38 -3.48 0.59 1.97
N LYS A 39 -3.90 0.76 3.22
CA LYS A 39 -2.98 0.72 4.36
C LYS A 39 -2.32 -0.66 4.45
N TYR A 40 -3.09 -1.71 4.14
CA TYR A 40 -2.57 -3.07 4.19
C TYR A 40 -1.49 -3.28 3.13
N ALA A 41 -1.80 -2.90 1.90
CA ALA A 41 -0.86 -3.06 0.79
C ALA A 41 0.42 -2.25 1.03
N LEU A 42 0.31 -1.21 1.85
CA LEU A 42 1.45 -0.35 2.14
C LEU A 42 2.40 -1.03 3.14
N ASN A 43 1.85 -1.88 3.99
CA ASN A 43 2.65 -2.58 4.99
C ASN A 43 3.49 -3.68 4.34
N GLU A 44 2.92 -4.33 3.33
CA GLU A 44 3.61 -5.41 2.63
C GLU A 44 4.86 -4.87 1.90
N ASN A 45 4.82 -3.59 1.54
CA ASN A 45 5.93 -2.96 0.84
C ASN A 45 7.23 -3.09 1.64
N SER A 46 7.09 -3.11 2.97
CA SER A 46 8.25 -3.23 3.84
C SER A 46 8.88 -4.62 3.73
N ASN A 47 10.00 -4.82 4.43
CA ASN A 47 10.70 -6.10 4.41
C ASN A 47 10.19 -7.01 5.53
N ASP A 48 10.21 -8.31 5.27
CA ASP A 48 9.76 -9.28 6.26
C ASP A 48 10.72 -10.47 6.34
N ARG A 49 11.31 -10.66 7.51
CA ARG A 49 12.26 -11.75 7.72
C ARG A 49 12.28 -12.18 9.18
N SER A 50 13.14 -13.14 9.50
CA SER A 50 13.25 -13.65 10.86
C SER A 50 11.89 -14.06 11.41
N GLU A 51 11.42 -15.23 10.99
CA GLU A 51 10.13 -15.74 11.43
C GLU A 51 10.30 -17.05 12.19
N HIS A 52 11.18 -17.91 11.67
CA HIS A 52 11.43 -19.22 12.29
C HIS A 52 12.84 -19.71 11.95
N HIS A 53 13.15 -20.93 12.37
CA HIS A 53 14.45 -21.52 12.12
C HIS A 53 14.64 -21.81 10.63
N LYS A 54 15.72 -22.50 10.29
CA LYS A 54 16.01 -22.83 8.91
C LYS A 54 15.58 -24.26 8.58
N LYS A 55 14.58 -24.38 7.70
CA LYS A 55 14.07 -25.69 7.31
C LYS A 55 13.92 -25.78 5.79
N PRO A 56 14.73 -26.63 5.13
CA PRO A 56 14.68 -26.80 3.68
C PRO A 56 13.27 -27.08 3.19
N ARG A 57 12.94 -26.57 2.00
CA ARG A 57 11.63 -26.77 1.41
C ARG A 57 11.62 -27.99 0.49
N ILE A 58 11.81 -29.16 1.07
CA ILE A 58 11.83 -30.41 0.30
C ILE A 58 11.46 -31.60 1.19
N ASP A 59 10.34 -32.25 0.85
CA ASP A 59 9.88 -33.41 1.61
C ASP A 59 10.45 -34.69 1.03
N ASP A 60 10.63 -34.72 -0.29
CA ASP A 60 11.17 -35.89 -0.95
C ASP A 60 12.70 -35.93 -0.85
N SER A 61 13.25 -37.14 -0.72
CA SER A 61 14.70 -37.31 -0.62
C SER A 61 15.36 -37.17 -1.99
N SER A 62 16.62 -37.56 -2.08
CA SER A 62 17.37 -37.48 -3.32
C SER A 62 17.68 -36.04 -3.70
N ASP A 63 16.63 -35.24 -3.90
CA ASP A 63 16.79 -33.83 -4.26
C ASP A 63 17.20 -33.68 -5.72
N LEU A 64 18.41 -34.15 -6.04
CA LEU A 64 18.92 -34.08 -7.40
C LEU A 64 19.21 -32.63 -7.79
N LEU A 65 18.15 -31.83 -7.92
CA LEU A 65 18.29 -30.43 -8.29
C LEU A 65 19.01 -29.65 -7.20
N LYS A 66 19.66 -28.55 -7.59
CA LYS A 66 20.39 -27.71 -6.65
C LYS A 66 19.57 -26.49 -6.26
N THR A 67 20.15 -25.63 -5.43
CA THR A 67 19.48 -24.42 -4.98
C THR A 67 20.49 -23.32 -4.65
N ASP A 68 20.24 -22.13 -5.17
CA ASP A 68 21.13 -20.99 -4.94
C ASP A 68 20.37 -19.83 -4.31
N GLU A 69 19.18 -19.56 -4.83
CA GLU A 69 18.36 -18.46 -4.33
C GLU A 69 17.14 -19.01 -3.60
N ILE A 70 16.56 -18.19 -2.73
CA ILE A 70 15.39 -18.58 -1.95
C ILE A 70 14.19 -18.81 -2.87
N GLY B 1 -13.00 1.13 -28.61
CA GLY B 1 -14.40 1.47 -28.22
C GLY B 1 -14.90 0.62 -27.07
N HIS B 2 -14.55 1.00 -25.85
CA HIS B 2 -14.97 0.26 -24.66
C HIS B 2 -14.44 -1.16 -24.69
N MET B 3 -13.17 -1.32 -24.33
CA MET B 3 -12.54 -2.64 -24.31
C MET B 3 -11.32 -2.65 -23.39
N MET B 4 -11.39 -1.84 -22.33
CA MET B 4 -10.29 -1.76 -21.37
C MET B 4 -10.76 -1.11 -20.07
N SER B 5 -11.01 -1.93 -19.07
CA SER B 5 -11.46 -1.45 -17.76
C SER B 5 -11.52 -2.58 -16.75
N LYS B 6 -11.70 -2.22 -15.48
CA LYS B 6 -11.78 -3.21 -14.42
C LYS B 6 -10.49 -4.01 -14.32
N LEU B 7 -9.52 -3.48 -13.58
CA LEU B 7 -8.23 -4.14 -13.41
C LEU B 7 -7.67 -3.90 -12.02
N PHE B 8 -8.55 -3.69 -11.06
CA PHE B 8 -8.14 -3.44 -9.68
C PHE B 8 -8.98 -4.27 -8.71
N LEU B 9 -9.52 -5.39 -9.19
CA LEU B 9 -10.34 -6.26 -8.37
C LEU B 9 -9.94 -7.73 -8.54
N ASP B 10 -8.79 -7.96 -9.18
CA ASP B 10 -8.30 -9.31 -9.41
C ASP B 10 -6.93 -9.51 -8.77
N GLU B 11 -6.07 -8.50 -8.89
CA GLU B 11 -4.73 -8.57 -8.31
C GLU B 11 -4.78 -8.52 -6.80
N LEU B 12 -5.31 -7.42 -6.27
CA LEU B 12 -5.42 -7.23 -4.82
C LEU B 12 -6.06 -8.46 -4.16
N PRO B 13 -5.93 -8.59 -2.84
CA PRO B 13 -6.50 -9.73 -2.10
C PRO B 13 -7.92 -10.05 -2.53
N GLU B 14 -8.05 -10.97 -3.48
CA GLU B 14 -9.35 -11.38 -3.99
C GLU B 14 -10.28 -11.83 -2.87
N SER B 15 -9.68 -12.25 -1.75
CA SER B 15 -10.46 -12.71 -0.61
C SER B 15 -11.41 -11.62 -0.12
N LEU B 16 -10.91 -10.38 -0.09
CA LEU B 16 -11.72 -9.25 0.35
C LEU B 16 -12.64 -8.77 -0.77
N SER B 17 -12.19 -8.93 -2.01
CA SER B 17 -12.98 -8.52 -3.17
C SER B 17 -14.42 -9.04 -3.08
N ARG B 18 -14.59 -10.17 -2.40
CA ARG B 18 -15.92 -10.76 -2.25
C ARG B 18 -16.87 -9.81 -1.53
N LYS B 19 -16.38 -9.21 -0.45
CA LYS B 19 -17.18 -8.27 0.33
C LYS B 19 -17.22 -6.89 -0.33
N ILE B 20 -16.15 -6.56 -1.03
CA ILE B 20 -16.06 -5.26 -1.72
C ILE B 20 -17.07 -5.20 -2.86
N GLY B 21 -17.15 -6.27 -3.64
CA GLY B 21 -18.07 -6.30 -4.76
C GLY B 21 -19.49 -5.95 -4.37
N THR B 22 -19.96 -6.52 -3.26
CA THR B 22 -21.31 -6.25 -2.77
C THR B 22 -21.47 -4.79 -2.38
N VAL B 23 -20.39 -4.18 -1.92
CA VAL B 23 -20.42 -2.78 -1.52
C VAL B 23 -20.32 -1.85 -2.73
N VAL B 24 -19.50 -2.25 -3.70
CA VAL B 24 -19.30 -1.45 -4.91
C VAL B 24 -20.64 -1.16 -5.60
N ARG B 25 -21.52 -2.15 -5.60
CA ARG B 25 -22.84 -2.02 -6.23
C ARG B 25 -23.55 -0.76 -5.74
N VAL B 26 -23.23 -0.34 -4.52
CA VAL B 26 -23.84 0.85 -3.94
C VAL B 26 -23.19 2.13 -4.46
N LEU B 27 -21.86 2.17 -4.41
CA LEU B 27 -21.12 3.34 -4.89
C LEU B 27 -20.16 2.96 -6.01
N PRO B 28 -20.69 2.68 -7.21
CA PRO B 28 -19.87 2.31 -8.37
C PRO B 28 -19.07 3.49 -8.90
N SER B 29 -19.38 4.69 -8.40
CA SER B 29 -18.69 5.91 -8.84
C SER B 29 -17.69 6.37 -7.77
N SER B 30 -18.01 6.12 -6.51
CA SER B 30 -17.15 6.51 -5.40
C SER B 30 -15.84 5.73 -5.43
N LEU B 31 -15.95 4.42 -5.67
CA LEU B 31 -14.79 3.55 -5.71
C LEU B 31 -13.74 4.08 -6.69
N GLU B 32 -14.20 4.81 -7.70
CA GLU B 32 -13.29 5.37 -8.71
C GLU B 32 -12.27 6.28 -8.06
N ILE B 33 -12.68 7.01 -7.03
CA ILE B 33 -11.80 7.92 -6.31
C ILE B 33 -10.91 7.17 -5.33
N PHE B 34 -11.46 6.10 -4.74
CA PHE B 34 -10.71 5.31 -3.77
C PHE B 34 -9.69 4.41 -4.47
N GLU B 35 -10.10 3.79 -5.58
CA GLU B 35 -9.21 2.92 -6.33
C GLU B 35 -7.93 3.65 -6.73
N GLU B 36 -8.08 4.91 -7.15
CA GLU B 36 -6.94 5.71 -7.54
C GLU B 36 -6.21 6.26 -6.33
N LEU B 37 -6.88 6.25 -5.17
CA LEU B 37 -6.30 6.74 -3.94
C LEU B 37 -5.30 5.74 -3.37
N TYR B 38 -5.70 4.49 -3.26
CA TYR B 38 -4.83 3.44 -2.73
C TYR B 38 -3.58 3.28 -3.59
N LYS B 39 -3.76 3.37 -4.91
CA LYS B 39 -2.65 3.24 -5.85
C LYS B 39 -1.71 4.43 -5.74
N TYR B 40 -2.26 5.60 -5.40
CA TYR B 40 -1.47 6.81 -5.26
C TYR B 40 -0.41 6.65 -4.18
N ALA B 41 -0.83 6.19 -3.01
CA ALA B 41 0.09 5.99 -1.90
C ALA B 41 0.98 4.78 -2.12
N LEU B 42 0.46 3.78 -2.86
CA LEU B 42 1.21 2.57 -3.14
C LEU B 42 2.50 2.90 -3.91
N ASN B 43 2.41 3.88 -4.79
CA ASN B 43 3.57 4.30 -5.58
C ASN B 43 4.57 5.06 -4.73
N GLU B 44 4.07 5.78 -3.73
CA GLU B 44 4.91 6.55 -2.83
C GLU B 44 5.88 5.65 -2.07
N ASN B 45 5.41 4.46 -1.71
CA ASN B 45 6.22 3.50 -0.98
C ASN B 45 7.16 2.75 -1.93
N SER B 46 6.69 2.49 -3.14
CA SER B 46 7.49 1.79 -4.14
C SER B 46 8.52 2.71 -4.76
N ASN B 47 8.05 3.70 -5.50
CA ASN B 47 8.94 4.66 -6.16
C ASN B 47 9.59 5.58 -5.14
N ASP B 48 10.35 6.56 -5.63
CA ASP B 48 11.03 7.51 -4.76
C ASP B 48 12.02 6.79 -3.84
N ARG B 49 12.54 5.66 -4.31
CA ARG B 49 13.50 4.88 -3.52
C ARG B 49 14.90 5.45 -3.68
N SER B 50 15.32 6.25 -2.70
CA SER B 50 16.66 6.85 -2.73
C SER B 50 16.81 7.76 -3.94
N GLU B 51 16.80 9.07 -3.70
CA GLU B 51 16.95 10.05 -4.77
C GLU B 51 18.41 10.18 -5.21
N HIS B 52 19.31 9.48 -4.52
CA HIS B 52 20.73 9.53 -4.86
C HIS B 52 21.28 10.94 -4.65
N HIS B 53 20.76 11.63 -3.65
CA HIS B 53 21.20 12.99 -3.33
C HIS B 53 22.40 12.98 -2.39
N LYS B 54 22.45 11.95 -1.53
CA LYS B 54 23.54 11.82 -0.57
C LYS B 54 23.83 10.34 -0.28
N LYS B 55 24.75 10.09 0.63
CA LYS B 55 25.11 8.73 1.00
C LYS B 55 25.72 8.67 2.40
N PRO B 56 26.82 9.42 2.65
CA PRO B 56 27.46 9.43 3.97
C PRO B 56 26.49 9.80 5.08
N ARG B 57 26.82 9.40 6.31
CA ARG B 57 25.97 9.69 7.46
C ARG B 57 26.36 11.03 8.09
N ILE B 58 25.56 12.06 7.81
CA ILE B 58 25.82 13.39 8.35
C ILE B 58 24.82 13.73 9.45
N ASP B 59 25.23 14.60 10.36
CA ASP B 59 24.38 15.01 11.47
C ASP B 59 24.87 16.31 12.09
N ASP B 60 26.18 16.44 12.25
CA ASP B 60 26.79 17.63 12.83
C ASP B 60 26.57 17.67 14.33
N SER B 61 27.63 17.38 15.08
CA SER B 61 27.56 17.38 16.54
C SER B 61 28.89 17.81 17.15
N SER B 62 28.98 17.75 18.47
CA SER B 62 30.20 18.13 19.18
C SER B 62 30.35 17.33 20.47
N ASP B 63 30.92 16.13 20.35
CA ASP B 63 31.13 15.27 21.50
C ASP B 63 32.58 14.82 21.60
N LEU B 64 33.27 15.27 22.64
CA LEU B 64 34.67 14.92 22.84
C LEU B 64 34.80 13.48 23.38
N LEU B 65 36.00 13.13 23.81
CA LEU B 65 36.26 11.80 24.35
C LEU B 65 35.45 11.56 25.62
N LYS B 66 35.64 10.40 26.23
CA LYS B 66 34.93 10.04 27.45
C LYS B 66 35.89 9.95 28.64
N THR B 67 35.33 9.77 29.83
CA THR B 67 36.14 9.66 31.03
C THR B 67 36.26 8.20 31.48
N ASP B 68 37.22 7.48 30.90
CA ASP B 68 37.43 6.08 31.24
C ASP B 68 38.91 5.78 31.44
N GLU B 69 39.73 6.26 30.51
CA GLU B 69 41.18 6.06 30.58
C GLU B 69 41.93 7.38 30.43
N ILE B 70 43.03 7.51 31.16
CA ILE B 70 43.85 8.72 31.11
C ILE B 70 45.18 8.46 30.43
N GLY A 1 -18.59 12.45 20.81
CA GLY A 1 -19.67 13.04 19.97
C GLY A 1 -19.13 13.78 18.76
N HIS A 2 -17.91 14.32 18.91
CA HIS A 2 -17.29 15.06 17.81
C HIS A 2 -15.88 14.52 17.54
N MET A 3 -15.73 13.20 17.61
CA MET A 3 -14.44 12.57 17.37
C MET A 3 -14.59 11.37 16.42
N MET A 4 -13.56 11.14 15.62
CA MET A 4 -13.58 10.03 14.67
C MET A 4 -12.16 9.55 14.36
N SER A 5 -12.04 8.31 13.92
CA SER A 5 -10.73 7.74 13.58
C SER A 5 -10.46 7.85 12.09
N LYS A 6 -9.97 9.01 11.67
CA LYS A 6 -9.65 9.24 10.26
C LYS A 6 -8.19 9.65 10.09
N LEU A 7 -7.30 8.68 10.15
CA LEU A 7 -5.88 8.94 9.99
C LEU A 7 -5.42 8.65 8.56
N PHE A 8 -6.34 8.75 7.62
CA PHE A 8 -6.03 8.51 6.21
C PHE A 8 -6.32 9.74 5.36
N LEU A 9 -7.44 10.40 5.65
CA LEU A 9 -7.83 11.58 4.91
C LEU A 9 -6.88 12.75 5.20
N ASP A 10 -6.38 12.80 6.42
CA ASP A 10 -5.46 13.86 6.83
C ASP A 10 -4.20 13.86 5.96
N GLU A 11 -3.84 12.69 5.46
CA GLU A 11 -2.65 12.55 4.61
C GLU A 11 -3.04 12.56 3.14
N LEU A 12 -4.02 13.40 2.79
CA LEU A 12 -4.48 13.51 1.42
C LEU A 12 -4.69 14.97 1.02
N PRO A 13 -4.53 15.29 -0.27
CA PRO A 13 -4.70 16.66 -0.77
C PRO A 13 -6.05 17.26 -0.35
N GLU A 14 -6.15 18.59 -0.44
CA GLU A 14 -7.37 19.28 -0.07
C GLU A 14 -8.37 19.29 -1.24
N SER A 15 -7.84 19.30 -2.46
CA SER A 15 -8.68 19.30 -3.64
C SER A 15 -9.55 18.05 -3.70
N LEU A 16 -8.92 16.89 -3.52
CA LEU A 16 -9.64 15.62 -3.54
C LEU A 16 -10.50 15.44 -2.28
N SER A 17 -9.91 15.77 -1.13
CA SER A 17 -10.61 15.64 0.15
C SER A 17 -11.98 16.31 0.09
N ARG A 18 -12.12 17.31 -0.76
CA ARG A 18 -13.38 18.03 -0.91
C ARG A 18 -14.44 17.15 -1.56
N LYS A 19 -14.07 16.50 -2.66
CA LYS A 19 -14.99 15.62 -3.37
C LYS A 19 -15.21 14.32 -2.61
N ILE A 20 -14.14 13.78 -2.04
CA ILE A 20 -14.22 12.55 -1.28
C ILE A 20 -15.09 12.72 -0.05
N GLY A 21 -14.80 13.77 0.73
CA GLY A 21 -15.57 14.04 1.92
C GLY A 21 -17.05 14.21 1.65
N THR A 22 -17.37 14.63 0.42
CA THR A 22 -18.75 14.84 0.01
C THR A 22 -19.42 13.52 -0.36
N VAL A 23 -18.65 12.60 -0.93
CA VAL A 23 -19.17 11.31 -1.34
C VAL A 23 -19.27 10.34 -0.15
N VAL A 24 -18.35 10.48 0.79
CA VAL A 24 -18.34 9.62 1.98
C VAL A 24 -19.72 9.55 2.63
N ARG A 25 -20.41 10.70 2.67
CA ARG A 25 -21.74 10.76 3.26
C ARG A 25 -22.65 9.66 2.71
N VAL A 26 -22.37 9.25 1.48
CA VAL A 26 -23.16 8.20 0.84
C VAL A 26 -22.72 6.82 1.32
N LEU A 27 -21.44 6.67 1.62
CA LEU A 27 -20.90 5.39 2.09
C LEU A 27 -19.81 5.59 3.13
N PRO A 28 -20.18 6.05 4.34
CA PRO A 28 -19.23 6.25 5.43
C PRO A 28 -18.67 4.94 5.94
N SER A 29 -19.30 3.84 5.53
CA SER A 29 -18.87 2.50 5.94
C SER A 29 -17.98 1.87 4.88
N SER A 30 -18.35 2.05 3.60
CA SER A 30 -17.56 1.47 2.51
C SER A 30 -16.13 2.01 2.54
N LEU A 31 -16.00 3.31 2.78
CA LEU A 31 -14.68 3.94 2.83
C LEU A 31 -13.77 3.23 3.82
N GLU A 32 -14.35 2.73 4.90
CA GLU A 32 -13.58 2.02 5.93
C GLU A 32 -12.87 0.81 5.34
N ILE A 33 -13.42 0.25 4.27
CA ILE A 33 -12.83 -0.91 3.63
C ILE A 33 -11.57 -0.54 2.85
N PHE A 34 -11.69 0.50 2.02
CA PHE A 34 -10.55 0.95 1.21
C PHE A 34 -9.39 1.38 2.11
N GLU A 35 -9.71 1.94 3.27
CA GLU A 35 -8.70 2.39 4.21
C GLU A 35 -7.78 1.24 4.60
N GLU A 36 -8.38 0.11 5.00
CA GLU A 36 -7.62 -1.06 5.39
C GLU A 36 -6.75 -1.55 4.24
N LEU A 37 -7.32 -1.55 3.03
CA LEU A 37 -6.61 -1.99 1.85
C LEU A 37 -5.45 -1.04 1.54
N TYR A 38 -5.73 0.25 1.57
CA TYR A 38 -4.72 1.27 1.29
C TYR A 38 -3.64 1.26 2.38
N LYS A 39 -4.06 1.01 3.62
CA LYS A 39 -3.14 0.98 4.74
C LYS A 39 -2.39 -0.34 4.80
N TYR A 40 -3.05 -1.42 4.38
CA TYR A 40 -2.45 -2.75 4.37
C TYR A 40 -1.31 -2.82 3.37
N ALA A 41 -1.56 -2.37 2.15
CA ALA A 41 -0.55 -2.39 1.09
C ALA A 41 0.71 -1.62 1.51
N LEU A 42 0.56 -0.72 2.48
CA LEU A 42 1.68 0.08 2.95
C LEU A 42 2.64 -0.77 3.80
N ASN A 43 2.09 -1.79 4.45
CA ASN A 43 2.90 -2.67 5.29
C ASN A 43 3.64 -3.71 4.46
N GLU A 44 2.96 -4.25 3.46
CA GLU A 44 3.56 -5.26 2.59
C GLU A 44 4.60 -4.63 1.66
N ASN A 45 4.42 -3.34 1.35
CA ASN A 45 5.35 -2.64 0.48
C ASN A 45 6.76 -2.64 1.07
N SER A 46 6.84 -2.62 2.39
CA SER A 46 8.13 -2.63 3.08
C SER A 46 8.18 -3.71 4.14
N ASN A 47 9.30 -3.78 4.87
CA ASN A 47 9.47 -4.77 5.92
C ASN A 47 10.22 -4.19 7.11
N ASP A 48 9.54 -4.09 8.25
CA ASP A 48 10.15 -3.55 9.45
C ASP A 48 9.72 -4.34 10.68
N ARG A 49 9.50 -5.64 10.49
CA ARG A 49 9.09 -6.51 11.58
C ARG A 49 10.05 -7.68 11.73
N SER A 50 10.88 -7.64 12.77
CA SER A 50 11.84 -8.70 13.02
C SER A 50 12.08 -8.87 14.52
N GLU A 51 11.27 -9.73 15.14
CA GLU A 51 11.39 -10.00 16.58
C GLU A 51 12.14 -11.30 16.83
N HIS A 52 12.57 -11.49 18.07
CA HIS A 52 13.30 -12.69 18.44
C HIS A 52 12.34 -13.85 18.73
N HIS A 53 12.84 -15.08 18.63
CA HIS A 53 12.04 -16.26 18.88
C HIS A 53 12.25 -16.78 20.30
N LYS A 54 12.32 -15.86 21.26
CA LYS A 54 12.52 -16.23 22.66
C LYS A 54 11.20 -16.59 23.32
N LYS A 55 11.26 -17.43 24.34
CA LYS A 55 10.07 -17.86 25.06
C LYS A 55 10.35 -17.95 26.57
N PRO A 56 9.36 -17.56 27.40
CA PRO A 56 9.50 -17.60 28.85
C PRO A 56 9.41 -19.02 29.41
N ARG A 57 10.54 -19.54 29.88
CA ARG A 57 10.58 -20.88 30.44
C ARG A 57 10.86 -20.85 31.94
N ILE A 58 9.94 -21.42 32.72
CA ILE A 58 10.10 -21.44 34.17
C ILE A 58 10.38 -22.86 34.67
N ASP A 59 9.60 -23.81 34.17
CA ASP A 59 9.77 -25.21 34.55
C ASP A 59 9.55 -25.39 36.05
N ASP A 60 8.50 -26.12 36.41
CA ASP A 60 8.18 -26.38 37.82
C ASP A 60 9.04 -27.50 38.38
N SER A 61 9.38 -28.46 37.52
CA SER A 61 10.20 -29.59 37.93
C SER A 61 11.35 -29.82 36.94
N SER A 62 12.52 -29.30 37.27
CA SER A 62 13.69 -29.44 36.42
C SER A 62 14.56 -30.61 36.88
N ASP A 63 15.11 -31.34 35.92
CA ASP A 63 15.98 -32.48 36.23
C ASP A 63 17.39 -32.25 35.71
N LEU A 64 18.37 -32.65 36.50
CA LEU A 64 19.78 -32.50 36.13
C LEU A 64 20.40 -33.83 35.75
N LEU A 65 19.87 -34.91 36.33
CA LEU A 65 20.38 -36.26 36.06
C LEU A 65 21.82 -36.39 36.54
N LYS A 66 22.17 -37.58 37.02
CA LYS A 66 23.52 -37.85 37.50
C LYS A 66 23.81 -37.07 38.80
N THR A 67 23.87 -35.75 38.68
CA THR A 67 24.13 -34.88 39.83
C THR A 67 25.27 -35.41 40.68
N ASP A 68 25.44 -34.84 41.86
CA ASP A 68 26.51 -35.25 42.77
C ASP A 68 25.94 -35.93 44.01
N GLU A 69 26.81 -36.52 44.81
CA GLU A 69 26.40 -37.20 46.03
C GLU A 69 25.42 -38.33 45.72
N ILE A 70 25.89 -39.31 44.94
CA ILE A 70 25.07 -40.44 44.56
C ILE A 70 25.87 -41.74 44.60
N GLY B 1 -16.93 1.45 -23.73
CA GLY B 1 -18.01 0.55 -24.20
C GLY B 1 -19.11 0.38 -23.16
N HIS B 2 -19.85 -0.72 -23.26
CA HIS B 2 -20.93 -1.00 -22.33
C HIS B 2 -20.39 -1.31 -20.93
N MET B 3 -20.53 -0.35 -20.02
CA MET B 3 -20.05 -0.51 -18.66
C MET B 3 -18.55 -0.76 -18.63
N MET B 4 -17.97 -0.75 -17.44
CA MET B 4 -16.54 -0.96 -17.27
C MET B 4 -16.27 -2.18 -16.38
N SER B 5 -15.41 -3.07 -16.85
CA SER B 5 -15.07 -4.28 -16.10
C SER B 5 -14.07 -3.96 -14.99
N LYS B 6 -13.74 -4.97 -14.20
CA LYS B 6 -12.79 -4.81 -13.10
C LYS B 6 -11.42 -5.36 -13.47
N LEU B 7 -10.48 -5.30 -12.53
CA LEU B 7 -9.13 -5.79 -12.75
C LEU B 7 -8.26 -5.61 -11.52
N PHE B 8 -8.48 -4.51 -10.81
CA PHE B 8 -7.71 -4.21 -9.60
C PHE B 8 -8.27 -4.95 -8.38
N LEU B 9 -9.29 -5.77 -8.60
CA LEU B 9 -9.91 -6.52 -7.50
C LEU B 9 -9.38 -7.95 -7.46
N ASP B 10 -8.97 -8.47 -8.62
CA ASP B 10 -8.45 -9.83 -8.70
C ASP B 10 -7.08 -9.92 -8.06
N GLU B 11 -6.25 -8.92 -8.30
CA GLU B 11 -4.89 -8.89 -7.75
C GLU B 11 -4.93 -8.92 -6.22
N LEU B 12 -5.41 -7.83 -5.62
CA LEU B 12 -5.50 -7.74 -4.17
C LEU B 12 -6.23 -8.95 -3.60
N PRO B 13 -6.25 -9.11 -2.26
CA PRO B 13 -6.92 -10.24 -1.61
C PRO B 13 -8.32 -10.48 -2.16
N GLU B 14 -8.42 -11.34 -3.17
CA GLU B 14 -9.69 -11.65 -3.81
C GLU B 14 -10.73 -12.07 -2.77
N SER B 15 -10.26 -12.62 -1.66
CA SER B 15 -11.16 -13.05 -0.59
C SER B 15 -11.97 -11.89 -0.05
N LEU B 16 -11.33 -10.73 0.08
CA LEU B 16 -12.01 -9.54 0.57
C LEU B 16 -12.81 -8.87 -0.54
N SER B 17 -12.26 -8.90 -1.75
CA SER B 17 -12.92 -8.30 -2.91
C SER B 17 -14.38 -8.77 -3.02
N ARG B 18 -14.64 -9.97 -2.51
CA ARG B 18 -15.99 -10.54 -2.56
C ARG B 18 -16.98 -9.62 -1.85
N LYS B 19 -16.57 -9.09 -0.70
CA LYS B 19 -17.43 -8.21 0.08
C LYS B 19 -17.42 -6.79 -0.50
N ILE B 20 -16.29 -6.42 -1.10
CA ILE B 20 -16.15 -5.09 -1.69
C ILE B 20 -17.03 -4.94 -2.93
N GLY B 21 -17.14 -6.02 -3.70
CA GLY B 21 -17.95 -5.99 -4.90
C GLY B 21 -19.40 -5.64 -4.63
N THR B 22 -19.95 -6.20 -3.55
CA THR B 22 -21.34 -5.94 -3.18
C THR B 22 -21.52 -4.48 -2.76
N VAL B 23 -20.46 -3.88 -2.23
CA VAL B 23 -20.51 -2.49 -1.79
C VAL B 23 -20.36 -1.53 -2.96
N VAL B 24 -19.56 -1.92 -3.95
CA VAL B 24 -19.33 -1.10 -5.13
C VAL B 24 -20.64 -0.81 -5.85
N ARG B 25 -21.56 -1.76 -5.79
CA ARG B 25 -22.86 -1.61 -6.46
C ARG B 25 -23.58 -0.36 -5.96
N VAL B 26 -23.32 0.01 -4.71
CA VAL B 26 -23.94 1.20 -4.12
C VAL B 26 -23.23 2.47 -4.56
N LEU B 27 -21.92 2.41 -4.65
CA LEU B 27 -21.12 3.56 -5.07
C LEU B 27 -20.08 3.18 -6.11
N PRO B 28 -20.52 2.85 -7.34
CA PRO B 28 -19.61 2.48 -8.43
C PRO B 28 -18.80 3.66 -8.93
N SER B 29 -19.32 4.86 -8.72
CA SER B 29 -18.64 6.08 -9.15
C SER B 29 -17.66 6.56 -8.08
N SER B 30 -18.00 6.31 -6.82
CA SER B 30 -17.14 6.71 -5.71
C SER B 30 -15.82 5.95 -5.74
N LEU B 31 -15.91 4.63 -5.92
CA LEU B 31 -14.72 3.78 -5.97
C LEU B 31 -13.67 4.34 -6.93
N GLU B 32 -14.14 5.03 -7.97
CA GLU B 32 -13.24 5.62 -8.96
C GLU B 32 -12.24 6.54 -8.29
N ILE B 33 -12.73 7.43 -7.43
CA ILE B 33 -11.88 8.37 -6.73
C ILE B 33 -10.90 7.63 -5.81
N PHE B 34 -11.40 6.58 -5.15
CA PHE B 34 -10.58 5.78 -4.25
C PHE B 34 -9.59 4.93 -5.02
N GLU B 35 -9.95 4.56 -6.25
CA GLU B 35 -9.09 3.76 -7.09
C GLU B 35 -7.71 4.39 -7.25
N GLU B 36 -7.70 5.70 -7.47
CA GLU B 36 -6.45 6.44 -7.62
C GLU B 36 -5.83 6.73 -6.26
N LEU B 37 -6.66 6.75 -5.22
CA LEU B 37 -6.20 7.03 -3.86
C LEU B 37 -5.37 5.88 -3.33
N TYR B 38 -5.89 4.67 -3.43
CA TYR B 38 -5.19 3.48 -2.95
C TYR B 38 -3.95 3.20 -3.80
N LYS B 39 -4.04 3.54 -5.08
CA LYS B 39 -2.93 3.32 -6.00
C LYS B 39 -1.88 4.43 -5.86
N TYR B 40 -2.34 5.63 -5.52
CA TYR B 40 -1.46 6.77 -5.34
C TYR B 40 -0.45 6.50 -4.24
N ALA B 41 -0.95 6.07 -3.09
CA ALA B 41 -0.09 5.78 -1.94
C ALA B 41 0.96 4.73 -2.28
N LEU B 42 0.70 3.94 -3.33
CA LEU B 42 1.62 2.90 -3.75
C LEU B 42 2.78 3.49 -4.55
N ASN B 43 2.53 4.62 -5.20
CA ASN B 43 3.55 5.28 -6.00
C ASN B 43 4.52 6.09 -5.12
N GLU B 44 3.99 6.64 -4.03
CA GLU B 44 4.80 7.43 -3.11
C GLU B 44 5.95 6.60 -2.54
N ASN B 45 5.82 5.28 -2.59
CA ASN B 45 6.86 4.39 -2.07
C ASN B 45 8.23 4.74 -2.64
N SER B 46 8.24 5.25 -3.86
CA SER B 46 9.49 5.64 -4.52
C SER B 46 9.22 6.60 -5.68
N ASN B 47 9.20 7.90 -5.38
CA ASN B 47 8.96 8.91 -6.39
C ASN B 47 10.14 9.03 -7.34
N ASP B 48 11.33 8.76 -6.83
CA ASP B 48 12.55 8.83 -7.63
C ASP B 48 12.58 7.71 -8.67
N ARG B 49 12.71 8.09 -9.93
CA ARG B 49 12.75 7.12 -11.03
C ARG B 49 14.17 6.63 -11.26
N SER B 50 15.14 7.52 -11.05
CA SER B 50 16.54 7.18 -11.25
C SER B 50 17.45 8.24 -10.63
N GLU B 51 16.98 8.84 -9.53
CA GLU B 51 17.74 9.88 -8.85
C GLU B 51 19.09 9.33 -8.36
N HIS B 52 20.18 9.91 -8.87
CA HIS B 52 21.51 9.49 -8.49
C HIS B 52 22.37 10.68 -8.09
N HIS B 53 22.23 11.09 -6.83
CA HIS B 53 22.99 12.22 -6.31
C HIS B 53 24.12 11.75 -5.40
N LYS B 54 24.64 10.56 -5.68
CA LYS B 54 25.73 10.00 -4.89
C LYS B 54 26.35 8.79 -5.59
N LYS B 55 27.37 9.04 -6.41
CA LYS B 55 28.05 7.98 -7.14
C LYS B 55 29.42 8.44 -7.61
N PRO B 56 30.50 8.06 -6.90
CA PRO B 56 31.87 8.44 -7.26
C PRO B 56 32.32 7.78 -8.56
N ARG B 57 33.07 8.53 -9.37
CA ARG B 57 33.56 8.01 -10.63
C ARG B 57 35.05 8.35 -10.81
N ILE B 58 35.90 7.61 -10.11
CA ILE B 58 37.34 7.82 -10.19
C ILE B 58 38.11 6.51 -10.03
N ASP B 59 39.17 6.35 -10.81
CA ASP B 59 39.98 5.14 -10.76
C ASP B 59 41.47 5.48 -10.93
N ASP B 60 42.31 4.86 -10.11
CA ASP B 60 43.74 5.09 -10.17
C ASP B 60 44.49 3.98 -9.43
N SER B 61 45.80 4.17 -9.31
CA SER B 61 46.64 3.18 -8.63
C SER B 61 46.48 3.27 -7.11
N SER B 62 45.61 2.43 -6.56
CA SER B 62 45.36 2.42 -5.12
C SER B 62 46.62 2.03 -4.36
N ASP B 63 47.27 3.02 -3.76
CA ASP B 63 48.50 2.78 -3.00
C ASP B 63 49.58 2.20 -3.88
N LEU B 64 49.71 2.72 -5.10
CA LEU B 64 50.71 2.24 -6.04
C LEU B 64 50.48 0.77 -6.39
N LEU B 65 51.37 0.21 -7.19
CA LEU B 65 51.27 -1.19 -7.59
C LEU B 65 49.97 -1.44 -8.35
N LYS B 66 49.98 -1.15 -9.65
CA LYS B 66 48.81 -1.34 -10.49
C LYS B 66 48.53 -2.82 -10.69
N THR B 67 47.85 -3.43 -9.73
CA THR B 67 47.52 -4.85 -9.80
C THR B 67 46.12 -5.11 -9.24
N ASP B 68 45.35 -5.94 -9.95
CA ASP B 68 44.00 -6.26 -9.52
C ASP B 68 43.91 -7.73 -9.11
N GLU B 69 43.35 -7.97 -7.92
CA GLU B 69 43.20 -9.31 -7.40
C GLU B 69 44.56 -10.00 -7.24
N ILE B 70 44.54 -11.27 -6.85
CA ILE B 70 45.76 -12.02 -6.68
C ILE B 70 45.66 -13.40 -7.33
N GLY A 1 -24.62 13.79 14.78
CA GLY A 1 -23.28 13.69 15.41
C GLY A 1 -22.18 14.25 14.54
N HIS A 2 -20.96 14.32 15.08
CA HIS A 2 -19.82 14.83 14.35
C HIS A 2 -18.83 13.72 14.03
N MET A 3 -17.94 13.97 13.08
CA MET A 3 -16.94 12.99 12.68
C MET A 3 -15.56 13.41 13.17
N MET A 4 -14.91 12.52 13.93
CA MET A 4 -13.57 12.80 14.44
C MET A 4 -12.60 11.67 14.10
N SER A 5 -12.47 11.40 12.81
CA SER A 5 -11.58 10.34 12.34
C SER A 5 -11.20 10.56 10.87
N LYS A 6 -10.19 11.38 10.63
CA LYS A 6 -9.75 11.67 9.27
C LYS A 6 -8.36 11.07 9.02
N LEU A 7 -8.12 9.89 9.57
CA LEU A 7 -6.84 9.21 9.41
C LEU A 7 -6.56 8.95 7.93
N PHE A 8 -7.62 8.74 7.16
CA PHE A 8 -7.48 8.47 5.73
C PHE A 8 -7.57 9.75 4.91
N LEU A 9 -8.02 10.84 5.55
CA LEU A 9 -8.15 12.12 4.88
C LEU A 9 -6.90 12.98 5.09
N ASP A 10 -5.80 12.35 5.45
CA ASP A 10 -4.54 13.05 5.68
C ASP A 10 -3.47 12.61 4.69
N GLU A 11 -3.62 11.41 4.13
CA GLU A 11 -2.66 10.89 3.18
C GLU A 11 -3.11 11.15 1.74
N LEU A 12 -3.72 12.30 1.52
CA LEU A 12 -4.21 12.66 0.18
C LEU A 12 -4.16 14.17 -0.02
N PRO A 13 -4.18 14.62 -1.29
CA PRO A 13 -4.14 16.04 -1.62
C PRO A 13 -5.18 16.85 -0.87
N GLU A 14 -5.25 18.15 -1.15
CA GLU A 14 -6.21 19.03 -0.50
C GLU A 14 -7.41 19.31 -1.41
N SER A 15 -7.19 19.24 -2.71
CA SER A 15 -8.24 19.48 -3.69
C SER A 15 -9.16 18.27 -3.81
N LEU A 16 -8.59 17.08 -3.65
CA LEU A 16 -9.37 15.84 -3.74
C LEU A 16 -10.12 15.58 -2.45
N SER A 17 -9.55 16.02 -1.32
CA SER A 17 -10.17 15.82 -0.03
C SER A 17 -11.59 16.35 0.00
N ARG A 18 -11.87 17.35 -0.84
CA ARG A 18 -13.19 17.95 -0.91
C ARG A 18 -14.16 17.02 -1.63
N LYS A 19 -13.67 16.32 -2.64
CA LYS A 19 -14.49 15.41 -3.42
C LYS A 19 -14.68 14.08 -2.70
N ILE A 20 -13.69 13.71 -1.90
CA ILE A 20 -13.75 12.46 -1.14
C ILE A 20 -14.61 12.61 0.11
N GLY A 21 -14.36 13.67 0.87
CA GLY A 21 -15.11 13.90 2.09
C GLY A 21 -16.59 14.06 1.84
N THR A 22 -16.97 14.48 0.64
CA THR A 22 -18.37 14.68 0.30
C THR A 22 -19.05 13.36 -0.04
N VAL A 23 -18.34 12.49 -0.75
CA VAL A 23 -18.88 11.20 -1.15
C VAL A 23 -19.00 10.26 0.06
N VAL A 24 -18.09 10.41 1.02
CA VAL A 24 -18.09 9.59 2.21
C VAL A 24 -19.45 9.66 2.91
N ARG A 25 -20.11 10.80 2.79
CA ARG A 25 -21.41 11.00 3.41
C ARG A 25 -22.40 9.94 2.93
N VAL A 26 -22.17 9.43 1.72
CA VAL A 26 -23.04 8.41 1.14
C VAL A 26 -22.74 7.04 1.74
N LEU A 27 -21.46 6.67 1.73
CA LEU A 27 -21.04 5.38 2.27
C LEU A 27 -20.11 5.56 3.47
N PRO A 28 -20.67 5.89 4.64
CA PRO A 28 -19.89 6.08 5.86
C PRO A 28 -19.36 4.76 6.43
N SER A 29 -19.81 3.65 5.85
CA SER A 29 -19.39 2.33 6.31
C SER A 29 -18.50 1.65 5.27
N SER A 30 -18.74 1.95 4.00
CA SER A 30 -17.95 1.37 2.91
C SER A 30 -16.50 1.83 2.98
N LEU A 31 -16.32 3.15 3.13
CA LEU A 31 -14.97 3.73 3.21
C LEU A 31 -14.10 2.95 4.19
N GLU A 32 -14.72 2.35 5.20
CA GLU A 32 -13.98 1.57 6.19
C GLU A 32 -13.18 0.45 5.54
N ILE A 33 -13.72 -0.09 4.45
CA ILE A 33 -13.06 -1.16 3.72
C ILE A 33 -11.97 -0.61 2.80
N PHE A 34 -12.27 0.51 2.15
CA PHE A 34 -11.32 1.15 1.24
C PHE A 34 -10.13 1.74 2.00
N GLU A 35 -10.43 2.45 3.09
CA GLU A 35 -9.38 3.06 3.91
C GLU A 35 -8.37 2.01 4.36
N GLU A 36 -8.86 0.82 4.70
CA GLU A 36 -7.99 -0.26 5.14
C GLU A 36 -7.35 -0.95 3.95
N LEU A 37 -7.97 -0.83 2.78
CA LEU A 37 -7.45 -1.44 1.57
C LEU A 37 -6.18 -0.75 1.10
N TYR A 38 -6.23 0.58 1.01
CA TYR A 38 -5.08 1.36 0.57
C TYR A 38 -3.94 1.27 1.58
N LYS A 39 -4.30 1.13 2.86
CA LYS A 39 -3.32 1.04 3.92
C LYS A 39 -2.57 -0.29 3.87
N TYR A 40 -3.27 -1.33 3.42
CA TYR A 40 -2.69 -2.66 3.31
C TYR A 40 -1.47 -2.64 2.39
N ALA A 41 -1.64 -2.07 1.20
CA ALA A 41 -0.56 -2.00 0.23
C ALA A 41 0.56 -1.06 0.71
N LEU A 42 0.23 -0.19 1.66
CA LEU A 42 1.20 0.75 2.19
C LEU A 42 2.13 0.06 3.20
N ASN A 43 1.61 -0.95 3.87
CA ASN A 43 2.38 -1.70 4.87
C ASN A 43 3.34 -2.67 4.20
N GLU A 44 2.86 -3.34 3.16
CA GLU A 44 3.68 -4.30 2.43
C GLU A 44 4.79 -3.61 1.65
N ASN A 45 4.55 -2.35 1.29
CA ASN A 45 5.54 -1.57 0.54
C ASN A 45 6.86 -1.50 1.30
N SER A 46 6.78 -1.53 2.62
CA SER A 46 7.97 -1.46 3.47
C SER A 46 8.38 -2.86 3.93
N ASN A 47 9.42 -2.91 4.77
CA ASN A 47 9.91 -4.18 5.28
C ASN A 47 10.37 -5.09 4.15
N ASP A 48 10.93 -6.24 4.51
CA ASP A 48 11.41 -7.20 3.52
C ASP A 48 10.46 -8.38 3.40
N ARG A 49 10.54 -9.31 4.36
CA ARG A 49 9.69 -10.49 4.36
C ARG A 49 9.85 -11.27 5.66
N SER A 50 9.58 -10.59 6.78
CA SER A 50 9.68 -11.22 8.09
C SER A 50 11.11 -11.73 8.34
N GLU A 51 11.29 -12.45 9.44
CA GLU A 51 12.59 -13.00 9.78
C GLU A 51 12.47 -14.43 10.28
N HIS A 52 11.71 -14.62 11.36
CA HIS A 52 11.51 -15.95 11.94
C HIS A 52 10.16 -16.52 11.54
N HIS A 53 9.98 -17.82 11.74
CA HIS A 53 8.73 -18.48 11.40
C HIS A 53 8.21 -19.29 12.59
N LYS A 54 7.42 -18.64 13.44
CA LYS A 54 6.86 -19.30 14.62
C LYS A 54 5.38 -18.97 14.76
N LYS A 55 4.55 -19.59 13.91
CA LYS A 55 3.12 -19.36 13.94
C LYS A 55 2.36 -20.69 14.06
N PRO A 56 2.02 -21.11 15.29
CA PRO A 56 1.29 -22.36 15.52
C PRO A 56 -0.14 -22.30 15.00
N ARG A 57 -0.32 -22.63 13.72
CA ARG A 57 -1.63 -22.63 13.10
C ARG A 57 -1.76 -23.74 12.07
N ILE A 58 -2.98 -23.97 11.60
CA ILE A 58 -3.23 -25.00 10.60
C ILE A 58 -4.17 -24.50 9.51
N ASP A 59 -3.60 -24.23 8.33
CA ASP A 59 -4.39 -23.75 7.21
C ASP A 59 -4.44 -24.78 6.09
N ASP A 60 -5.52 -25.55 6.05
CA ASP A 60 -5.69 -26.58 5.03
C ASP A 60 -4.57 -27.61 5.11
N SER A 61 -4.41 -28.21 6.29
CA SER A 61 -3.38 -29.22 6.50
C SER A 61 -3.90 -30.34 7.39
N SER A 62 -4.41 -31.40 6.77
CA SER A 62 -4.94 -32.54 7.51
C SER A 62 -3.86 -33.61 7.69
N ASP A 63 -3.03 -33.44 8.71
CA ASP A 63 -1.96 -34.39 9.00
C ASP A 63 -1.59 -34.36 10.48
N LEU A 64 -1.07 -35.47 10.97
CA LEU A 64 -0.67 -35.57 12.37
C LEU A 64 0.52 -36.51 12.53
N LEU A 65 0.34 -37.77 12.11
CA LEU A 65 1.40 -38.77 12.21
C LEU A 65 2.00 -39.05 10.84
N LYS A 66 2.96 -39.97 10.81
CA LYS A 66 3.62 -40.35 9.56
C LYS A 66 3.50 -41.85 9.30
N THR A 67 3.52 -42.23 8.03
CA THR A 67 3.40 -43.63 7.65
C THR A 67 4.79 -44.29 7.59
N ASP A 68 5.54 -44.17 8.68
CA ASP A 68 6.87 -44.74 8.74
C ASP A 68 6.91 -45.91 9.74
N GLU A 69 6.53 -47.09 9.28
CA GLU A 69 6.52 -48.28 10.12
C GLU A 69 7.92 -48.87 10.25
N ILE A 70 8.04 -49.94 11.04
CA ILE A 70 9.32 -50.61 11.24
C ILE A 70 10.45 -49.61 11.48
N GLY B 1 -15.52 -0.60 -22.22
CA GLY B 1 -15.43 -2.08 -22.06
C GLY B 1 -15.83 -2.55 -20.68
N HIS B 2 -15.38 -3.75 -20.32
CA HIS B 2 -15.69 -4.31 -19.01
C HIS B 2 -14.42 -4.77 -18.30
N MET B 3 -13.83 -5.86 -18.77
CA MET B 3 -12.61 -6.39 -18.19
C MET B 3 -11.38 -5.82 -18.87
N MET B 4 -11.03 -4.58 -18.52
CA MET B 4 -9.87 -3.92 -19.10
C MET B 4 -9.27 -2.92 -18.11
N SER B 5 -10.12 -2.11 -17.50
CA SER B 5 -9.68 -1.10 -16.53
C SER B 5 -10.04 -1.51 -15.11
N LYS B 6 -10.01 -2.82 -14.86
CA LYS B 6 -10.34 -3.35 -13.54
C LYS B 6 -9.20 -4.19 -12.99
N LEU B 7 -8.54 -3.69 -11.95
CA LEU B 7 -7.42 -4.40 -11.33
C LEU B 7 -7.69 -4.66 -9.86
N PHE B 8 -8.24 -3.65 -9.18
CA PHE B 8 -8.54 -3.78 -7.75
C PHE B 8 -9.72 -4.72 -7.53
N LEU B 9 -9.52 -5.99 -7.86
CA LEU B 9 -10.56 -7.00 -7.70
C LEU B 9 -10.05 -8.38 -8.08
N ASP B 10 -9.27 -8.43 -9.16
CA ASP B 10 -8.71 -9.70 -9.63
C ASP B 10 -7.38 -9.99 -8.97
N GLU B 11 -6.64 -8.94 -8.63
CA GLU B 11 -5.34 -9.08 -7.99
C GLU B 11 -5.49 -9.15 -6.46
N LEU B 12 -5.97 -8.05 -5.87
CA LEU B 12 -6.16 -7.98 -4.42
C LEU B 12 -6.86 -9.23 -3.91
N PRO B 13 -6.79 -9.50 -2.59
CA PRO B 13 -7.43 -10.67 -1.99
C PRO B 13 -8.83 -10.92 -2.53
N GLU B 14 -8.91 -11.77 -3.55
CA GLU B 14 -10.19 -12.09 -4.18
C GLU B 14 -11.23 -12.52 -3.14
N SER B 15 -10.75 -13.06 -2.02
CA SER B 15 -11.65 -13.50 -0.95
C SER B 15 -12.48 -12.34 -0.44
N LEU B 16 -11.87 -11.17 -0.37
CA LEU B 16 -12.56 -9.97 0.11
C LEU B 16 -13.42 -9.36 -0.99
N SER B 17 -13.02 -9.60 -2.25
CA SER B 17 -13.76 -9.08 -3.40
C SER B 17 -15.23 -9.51 -3.35
N ARG B 18 -15.47 -10.72 -2.86
CA ARG B 18 -16.83 -11.25 -2.76
C ARG B 18 -17.68 -10.35 -1.87
N LYS B 19 -17.08 -9.85 -0.80
CA LYS B 19 -17.80 -8.97 0.13
C LYS B 19 -17.84 -7.55 -0.40
N ILE B 20 -16.70 -7.07 -0.90
CA ILE B 20 -16.61 -5.73 -1.46
C ILE B 20 -17.51 -5.59 -2.68
N GLY B 21 -17.64 -6.68 -3.43
CA GLY B 21 -18.46 -6.66 -4.64
C GLY B 21 -19.91 -6.28 -4.36
N THR B 22 -20.39 -6.58 -3.15
CA THR B 22 -21.76 -6.28 -2.79
C THR B 22 -21.93 -4.81 -2.40
N VAL B 23 -20.91 -4.25 -1.77
CA VAL B 23 -20.95 -2.85 -1.35
C VAL B 23 -20.64 -1.91 -2.52
N VAL B 24 -19.72 -2.35 -3.38
CA VAL B 24 -19.33 -1.54 -4.54
C VAL B 24 -20.54 -1.23 -5.41
N ARG B 25 -21.55 -2.10 -5.36
CA ARG B 25 -22.77 -1.91 -6.14
C ARG B 25 -23.41 -0.55 -5.84
N VAL B 26 -23.47 -0.21 -4.56
CA VAL B 26 -24.06 1.05 -4.12
C VAL B 26 -23.08 2.21 -4.29
N LEU B 27 -21.79 1.91 -4.24
CA LEU B 27 -20.76 2.93 -4.39
C LEU B 27 -19.72 2.53 -5.43
N PRO B 28 -20.16 2.24 -6.67
CA PRO B 28 -19.27 1.85 -7.76
C PRO B 28 -18.63 3.05 -8.45
N SER B 29 -19.01 4.25 -8.02
CA SER B 29 -18.47 5.47 -8.61
C SER B 29 -17.41 6.10 -7.71
N SER B 30 -17.63 6.03 -6.40
CA SER B 30 -16.68 6.60 -5.44
C SER B 30 -15.36 5.86 -5.46
N LEU B 31 -15.44 4.52 -5.44
CA LEU B 31 -14.24 3.68 -5.46
C LEU B 31 -13.24 4.15 -6.50
N GLU B 32 -13.74 4.76 -7.57
CA GLU B 32 -12.89 5.25 -8.65
C GLU B 32 -11.87 6.26 -8.11
N ILE B 33 -12.30 7.07 -7.15
CA ILE B 33 -11.43 8.06 -6.55
C ILE B 33 -10.43 7.42 -5.60
N PHE B 34 -10.86 6.35 -4.93
CA PHE B 34 -9.99 5.64 -3.99
C PHE B 34 -8.94 4.82 -4.73
N GLU B 35 -9.29 4.36 -5.93
CA GLU B 35 -8.37 3.56 -6.73
C GLU B 35 -7.10 4.36 -7.04
N GLU B 36 -7.28 5.59 -7.52
CA GLU B 36 -6.16 6.45 -7.84
C GLU B 36 -5.48 6.95 -6.57
N LEU B 37 -6.19 6.88 -5.45
CA LEU B 37 -5.65 7.33 -4.17
C LEU B 37 -4.61 6.35 -3.65
N TYR B 38 -4.96 5.06 -3.62
CA TYR B 38 -4.05 4.03 -3.13
C TYR B 38 -2.80 3.96 -3.99
N LYS B 39 -2.93 4.34 -5.26
CA LYS B 39 -1.80 4.32 -6.19
C LYS B 39 -0.89 5.51 -5.96
N TYR B 40 -1.49 6.64 -5.54
CA TYR B 40 -0.73 7.85 -5.28
C TYR B 40 0.18 7.67 -4.07
N ALA B 41 -0.38 7.19 -2.98
CA ALA B 41 0.38 6.98 -1.75
C ALA B 41 1.40 5.85 -1.93
N LEU B 42 1.07 4.89 -2.79
CA LEU B 42 1.95 3.76 -3.05
C LEU B 42 3.25 4.23 -3.69
N ASN B 43 3.17 5.30 -4.48
CA ASN B 43 4.34 5.84 -5.15
C ASN B 43 5.20 6.65 -4.19
N GLU B 44 4.56 7.28 -3.22
CA GLU B 44 5.26 8.08 -2.23
C GLU B 44 6.20 7.22 -1.40
N ASN B 45 5.81 5.96 -1.18
CA ASN B 45 6.62 5.04 -0.40
C ASN B 45 7.84 4.57 -1.20
N SER B 46 7.66 4.45 -2.51
CA SER B 46 8.73 4.02 -3.39
C SER B 46 9.25 5.16 -4.25
N ASN B 47 10.14 5.97 -3.68
CA ASN B 47 10.71 7.10 -4.39
C ASN B 47 12.08 6.76 -4.97
N ASP B 48 12.24 5.50 -5.38
CA ASP B 48 13.50 5.05 -5.96
C ASP B 48 13.38 3.61 -6.48
N ARG B 49 12.87 3.48 -7.70
CA ARG B 49 12.70 2.16 -8.30
C ARG B 49 14.03 1.63 -8.82
N SER B 50 14.91 1.24 -7.90
CA SER B 50 16.22 0.71 -8.26
C SER B 50 16.63 -0.41 -7.32
N GLU B 51 16.60 -1.65 -7.82
CA GLU B 51 16.96 -2.80 -7.02
C GLU B 51 18.47 -2.84 -6.78
N HIS B 52 18.89 -3.67 -5.84
CA HIS B 52 20.31 -3.81 -5.52
C HIS B 52 21.07 -4.44 -6.67
N HIS B 53 21.99 -3.68 -7.27
CA HIS B 53 22.78 -4.17 -8.38
C HIS B 53 24.27 -4.09 -8.07
N LYS B 54 24.68 -3.00 -7.43
CA LYS B 54 26.08 -2.80 -7.08
C LYS B 54 26.41 -3.48 -5.75
N LYS B 55 26.15 -4.78 -5.68
CA LYS B 55 26.42 -5.55 -4.46
C LYS B 55 27.87 -6.03 -4.44
N PRO B 56 28.27 -6.85 -5.43
CA PRO B 56 29.63 -7.37 -5.51
C PRO B 56 30.61 -6.38 -6.11
N ARG B 57 30.68 -5.19 -5.50
CA ARG B 57 31.57 -4.14 -5.98
C ARG B 57 33.03 -4.51 -5.69
N ILE B 58 33.77 -4.79 -6.75
CA ILE B 58 35.18 -5.14 -6.62
C ILE B 58 35.92 -5.03 -7.96
N ASP B 59 37.08 -4.39 -7.92
CA ASP B 59 37.88 -4.20 -9.13
C ASP B 59 38.90 -5.33 -9.29
N ASP B 60 39.24 -5.98 -8.18
CA ASP B 60 40.21 -7.07 -8.20
C ASP B 60 41.60 -6.56 -8.57
N SER B 61 42.53 -6.65 -7.61
CA SER B 61 43.89 -6.19 -7.83
C SER B 61 44.89 -7.25 -7.35
N SER B 62 46.15 -7.08 -7.73
CA SER B 62 47.21 -8.01 -7.34
C SER B 62 47.88 -7.56 -6.04
N ASP B 63 47.36 -8.06 -4.93
CA ASP B 63 47.91 -7.72 -3.61
C ASP B 63 49.21 -8.47 -3.36
N LEU B 64 49.80 -8.24 -2.18
CA LEU B 64 51.05 -8.89 -1.82
C LEU B 64 50.80 -10.34 -1.40
N LEU B 65 49.70 -10.56 -0.68
CA LEU B 65 49.35 -11.89 -0.21
C LEU B 65 48.57 -12.66 -1.27
N LYS B 66 49.08 -13.82 -1.65
CA LYS B 66 48.42 -14.65 -2.67
C LYS B 66 47.98 -15.99 -2.07
N THR B 67 46.84 -16.48 -2.54
CA THR B 67 46.30 -17.75 -2.06
C THR B 67 46.43 -18.84 -3.12
N ASP B 68 47.54 -18.81 -3.85
CA ASP B 68 47.79 -19.80 -4.89
C ASP B 68 46.75 -19.67 -6.01
N GLU B 69 47.23 -19.53 -7.25
CA GLU B 69 46.35 -19.41 -8.40
C GLU B 69 45.59 -20.71 -8.65
N ILE B 70 44.47 -20.60 -9.36
CA ILE B 70 43.66 -21.77 -9.68
C ILE B 70 43.15 -21.72 -11.11
N GLY A 1 -0.32 8.92 18.55
CA GLY A 1 -0.24 10.10 17.64
C GLY A 1 -1.00 9.89 16.34
N HIS A 2 -1.10 8.63 15.93
CA HIS A 2 -1.80 8.30 14.69
C HIS A 2 -3.26 7.95 14.97
N MET A 3 -3.46 6.88 15.73
CA MET A 3 -4.82 6.43 16.08
C MET A 3 -5.61 6.07 14.82
N MET A 4 -6.79 5.50 15.02
CA MET A 4 -7.64 5.11 13.90
C MET A 4 -8.86 6.02 13.81
N SER A 5 -8.70 7.28 14.21
CA SER A 5 -9.79 8.24 14.18
C SER A 5 -9.67 9.16 12.96
N LYS A 6 -10.42 8.85 11.91
CA LYS A 6 -10.38 9.63 10.69
C LYS A 6 -8.99 9.63 10.07
N LEU A 7 -8.39 8.44 9.98
CA LEU A 7 -7.06 8.30 9.42
C LEU A 7 -7.13 7.94 7.94
N PHE A 8 -7.30 8.94 7.08
CA PHE A 8 -7.39 8.72 5.65
C PHE A 8 -7.59 10.04 4.91
N LEU A 9 -8.38 10.93 5.48
CA LEU A 9 -8.66 12.22 4.88
C LEU A 9 -7.49 13.19 5.09
N ASP A 10 -6.67 12.91 6.11
CA ASP A 10 -5.53 13.75 6.41
C ASP A 10 -4.25 13.19 5.78
N GLU A 11 -4.40 12.54 4.64
CA GLU A 11 -3.26 11.96 3.92
C GLU A 11 -3.39 12.21 2.42
N LEU A 12 -3.97 13.35 2.06
CA LEU A 12 -4.15 13.70 0.65
C LEU A 12 -4.30 15.21 0.50
N PRO A 13 -4.10 15.73 -0.73
CA PRO A 13 -4.21 17.17 -1.01
C PRO A 13 -5.52 17.75 -0.50
N GLU A 14 -5.71 19.04 -0.72
CA GLU A 14 -6.92 19.73 -0.28
C GLU A 14 -7.97 19.76 -1.40
N SER A 15 -7.49 19.85 -2.64
CA SER A 15 -8.39 19.89 -3.79
C SER A 15 -9.19 18.60 -3.91
N LEU A 16 -8.52 17.47 -3.70
CA LEU A 16 -9.17 16.17 -3.78
C LEU A 16 -10.06 15.92 -2.56
N SER A 17 -9.50 16.12 -1.38
CA SER A 17 -10.23 15.92 -0.13
C SER A 17 -11.59 16.62 -0.16
N ARG A 18 -11.68 17.69 -0.94
CA ARG A 18 -12.91 18.45 -1.05
C ARG A 18 -14.01 17.62 -1.70
N LYS A 19 -13.65 16.89 -2.75
CA LYS A 19 -14.61 16.05 -3.47
C LYS A 19 -14.85 14.73 -2.73
N ILE A 20 -13.96 14.39 -1.81
CA ILE A 20 -14.10 13.15 -1.05
C ILE A 20 -15.10 13.31 0.09
N GLY A 21 -14.93 14.37 0.88
CA GLY A 21 -15.83 14.61 1.99
C GLY A 21 -17.29 14.64 1.58
N THR A 22 -17.55 14.97 0.32
CA THR A 22 -18.92 15.04 -0.18
C THR A 22 -19.45 13.65 -0.52
N VAL A 23 -18.60 12.81 -1.09
CA VAL A 23 -19.00 11.46 -1.47
C VAL A 23 -18.99 10.52 -0.27
N VAL A 24 -18.10 10.79 0.68
CA VAL A 24 -18.00 9.97 1.89
C VAL A 24 -19.32 9.97 2.65
N ARG A 25 -20.02 11.10 2.61
CA ARG A 25 -21.30 11.24 3.31
C ARG A 25 -22.30 10.19 2.81
N VAL A 26 -22.10 9.73 1.58
CA VAL A 26 -22.98 8.72 1.00
C VAL A 26 -22.62 7.33 1.48
N LEU A 27 -21.33 7.09 1.70
CA LEU A 27 -20.87 5.79 2.15
C LEU A 27 -19.80 5.94 3.25
N PRO A 28 -20.19 6.47 4.42
CA PRO A 28 -19.27 6.65 5.54
C PRO A 28 -18.85 5.32 6.16
N SER A 29 -19.55 4.24 5.76
CA SER A 29 -19.25 2.91 6.27
C SER A 29 -18.36 2.14 5.30
N SER A 30 -18.65 2.28 4.00
CA SER A 30 -17.86 1.58 2.98
C SER A 30 -16.41 2.03 3.03
N LEU A 31 -16.20 3.33 3.28
CA LEU A 31 -14.86 3.88 3.36
C LEU A 31 -13.99 3.12 4.36
N GLU A 32 -14.64 2.55 5.37
CA GLU A 32 -13.93 1.80 6.40
C GLU A 32 -13.16 0.63 5.79
N ILE A 33 -13.77 0.00 4.78
CA ILE A 33 -13.14 -1.13 4.12
C ILE A 33 -11.93 -0.68 3.28
N PHE A 34 -12.14 0.36 2.48
CA PHE A 34 -11.07 0.89 1.64
C PHE A 34 -9.93 1.45 2.49
N GLU A 35 -10.28 1.93 3.68
CA GLU A 35 -9.28 2.50 4.59
C GLU A 35 -8.21 1.47 4.92
N GLU A 36 -8.63 0.23 5.15
CA GLU A 36 -7.71 -0.84 5.48
C GLU A 36 -7.03 -1.38 4.21
N LEU A 37 -7.68 -1.18 3.07
CA LEU A 37 -7.14 -1.64 1.80
C LEU A 37 -5.94 -0.81 1.37
N TYR A 38 -6.06 0.50 1.46
CA TYR A 38 -4.97 1.40 1.08
C TYR A 38 -3.82 1.32 2.07
N LYS A 39 -4.15 1.06 3.33
CA LYS A 39 -3.14 0.95 4.38
C LYS A 39 -2.39 -0.37 4.29
N TYR A 40 -3.09 -1.40 3.81
CA TYR A 40 -2.50 -2.73 3.68
C TYR A 40 -1.35 -2.70 2.67
N ALA A 41 -1.60 -2.14 1.49
CA ALA A 41 -0.59 -2.06 0.45
C ALA A 41 0.58 -1.20 0.89
N LEU A 42 0.31 -0.20 1.73
CA LEU A 42 1.34 0.69 2.22
C LEU A 42 2.25 -0.02 3.23
N ASN A 43 1.67 -0.95 3.98
CA ASN A 43 2.43 -1.71 4.98
C ASN A 43 3.34 -2.72 4.31
N GLU A 44 3.00 -3.13 3.10
CA GLU A 44 3.79 -4.11 2.36
C GLU A 44 5.23 -3.65 2.23
N ASN A 45 5.45 -2.33 2.26
CA ASN A 45 6.79 -1.76 2.14
C ASN A 45 7.69 -2.30 3.25
N SER A 46 7.11 -2.61 4.40
CA SER A 46 7.87 -3.12 5.53
C SER A 46 8.32 -4.56 5.27
N ASN A 47 9.47 -4.93 5.84
CA ASN A 47 10.01 -6.27 5.67
C ASN A 47 9.60 -7.18 6.83
N ASP A 48 8.46 -7.85 6.67
CA ASP A 48 7.96 -8.75 7.71
C ASP A 48 7.05 -9.81 7.11
N ARG A 49 7.60 -10.63 6.22
CA ARG A 49 6.84 -11.68 5.57
C ARG A 49 6.71 -12.90 6.49
N SER A 50 5.97 -12.72 7.58
CA SER A 50 5.77 -13.80 8.55
C SER A 50 4.37 -13.74 9.15
N GLU A 51 3.53 -14.70 8.77
CA GLU A 51 2.16 -14.75 9.28
C GLU A 51 1.64 -16.18 9.28
N HIS A 52 1.13 -16.61 10.43
CA HIS A 52 0.59 -17.96 10.58
C HIS A 52 -0.53 -17.99 11.59
N HIS A 53 -1.76 -18.21 11.12
CA HIS A 53 -2.92 -18.27 11.99
C HIS A 53 -3.39 -19.71 12.19
N LYS A 54 -3.66 -20.08 13.42
CA LYS A 54 -4.12 -21.42 13.74
C LYS A 54 -5.58 -21.63 13.35
N LYS A 55 -5.80 -22.46 12.34
CA LYS A 55 -7.15 -22.73 11.87
C LYS A 55 -7.14 -23.76 10.73
N PRO A 56 -6.32 -23.53 9.69
CA PRO A 56 -6.22 -24.43 8.54
C PRO A 56 -5.63 -25.78 8.93
N ARG A 57 -6.41 -26.59 9.64
CA ARG A 57 -5.96 -27.90 10.08
C ARG A 57 -6.64 -29.01 9.28
N ILE A 58 -6.28 -30.25 9.57
CA ILE A 58 -6.84 -31.40 8.87
C ILE A 58 -7.60 -32.31 9.83
N ASP A 59 -8.81 -32.70 9.45
CA ASP A 59 -9.63 -33.57 10.28
C ASP A 59 -10.51 -34.47 9.41
N ASP A 60 -11.17 -33.87 8.42
CA ASP A 60 -12.05 -34.62 7.53
C ASP A 60 -12.56 -33.73 6.40
N SER A 61 -11.77 -33.62 5.33
CA SER A 61 -12.15 -32.80 4.19
C SER A 61 -11.30 -33.16 2.97
N SER A 62 -10.00 -33.27 3.17
CA SER A 62 -9.09 -33.60 2.08
C SER A 62 -7.79 -34.18 2.62
N ASP A 63 -7.57 -35.47 2.39
CA ASP A 63 -6.37 -36.14 2.85
C ASP A 63 -5.12 -35.55 2.20
N LEU A 64 -5.29 -35.05 0.97
CA LEU A 64 -4.17 -34.46 0.24
C LEU A 64 -3.09 -35.50 -0.04
N LEU A 65 -2.39 -35.32 -1.15
CA LEU A 65 -1.32 -36.24 -1.53
C LEU A 65 -0.04 -35.48 -1.86
N LYS A 66 0.68 -35.07 -0.83
CA LYS A 66 1.94 -34.32 -1.02
C LYS A 66 3.14 -35.19 -0.65
N THR A 67 4.31 -34.56 -0.60
CA THR A 67 5.53 -35.28 -0.26
C THR A 67 5.89 -35.08 1.22
N ASP A 68 4.86 -35.05 2.06
CA ASP A 68 5.05 -34.88 3.50
C ASP A 68 4.99 -36.21 4.22
N GLU A 69 5.58 -37.24 3.63
CA GLU A 69 5.58 -38.57 4.22
C GLU A 69 6.26 -38.55 5.59
N ILE A 70 5.74 -39.36 6.50
CA ILE A 70 6.29 -39.44 7.86
C ILE A 70 5.79 -40.68 8.58
N GLY B 1 -14.03 -2.71 -25.17
CA GLY B 1 -14.48 -3.67 -24.12
C GLY B 1 -14.78 -3.00 -22.80
N HIS B 2 -16.04 -2.62 -22.61
CA HIS B 2 -16.46 -1.97 -21.38
C HIS B 2 -17.90 -2.34 -21.02
N MET B 3 -18.06 -3.13 -19.96
CA MET B 3 -19.38 -3.56 -19.52
C MET B 3 -19.40 -3.77 -18.01
N MET B 4 -19.79 -2.73 -17.28
CA MET B 4 -19.86 -2.80 -15.82
C MET B 4 -18.48 -3.10 -15.23
N SER B 5 -18.43 -3.25 -13.91
CA SER B 5 -17.18 -3.54 -13.22
C SER B 5 -17.01 -5.04 -13.01
N LYS B 6 -15.76 -5.49 -12.96
CA LYS B 6 -15.46 -6.90 -12.76
C LYS B 6 -13.97 -7.14 -12.63
N LEU B 7 -13.19 -6.41 -13.44
CA LEU B 7 -11.74 -6.53 -13.41
C LEU B 7 -11.17 -6.01 -12.10
N PHE B 8 -9.84 -5.97 -12.00
CA PHE B 8 -9.18 -5.50 -10.79
C PHE B 8 -9.38 -6.48 -9.65
N LEU B 9 -10.61 -6.61 -9.19
CA LEU B 9 -10.94 -7.51 -8.08
C LEU B 9 -10.65 -8.95 -8.46
N ASP B 10 -10.68 -9.24 -9.76
CA ASP B 10 -10.43 -10.60 -10.26
C ASP B 10 -9.04 -11.08 -9.83
N GLU B 11 -8.08 -10.16 -9.79
CA GLU B 11 -6.72 -10.49 -9.41
C GLU B 11 -6.50 -10.26 -7.92
N LEU B 12 -7.03 -9.14 -7.42
CA LEU B 12 -6.91 -8.80 -6.01
C LEU B 12 -7.37 -9.96 -5.12
N PRO B 13 -7.03 -9.92 -3.82
CA PRO B 13 -7.41 -10.98 -2.87
C PRO B 13 -8.87 -11.40 -3.04
N GLU B 14 -9.08 -12.46 -3.83
CA GLU B 14 -10.43 -12.97 -4.08
C GLU B 14 -11.23 -13.11 -2.79
N SER B 15 -10.52 -13.34 -1.69
CA SER B 15 -11.17 -13.49 -0.39
C SER B 15 -11.81 -12.17 0.04
N LEU B 16 -11.06 -11.08 -0.12
CA LEU B 16 -11.55 -9.76 0.26
C LEU B 16 -12.47 -9.19 -0.82
N SER B 17 -12.10 -9.40 -2.08
CA SER B 17 -12.89 -8.91 -3.21
C SER B 17 -14.37 -9.30 -3.05
N ARG B 18 -14.62 -10.40 -2.38
CA ARG B 18 -15.98 -10.88 -2.16
C ARG B 18 -16.80 -9.85 -1.40
N LYS B 19 -16.20 -9.28 -0.36
CA LYS B 19 -16.89 -8.27 0.46
C LYS B 19 -16.84 -6.90 -0.22
N ILE B 20 -15.89 -6.71 -1.12
CA ILE B 20 -15.74 -5.44 -1.83
C ILE B 20 -16.74 -5.34 -2.98
N GLY B 21 -16.89 -6.43 -3.73
CA GLY B 21 -17.80 -6.44 -4.86
C GLY B 21 -19.24 -6.15 -4.45
N THR B 22 -19.60 -6.54 -3.23
CA THR B 22 -20.96 -6.33 -2.74
C THR B 22 -21.18 -4.87 -2.36
N VAL B 23 -20.16 -4.25 -1.77
CA VAL B 23 -20.26 -2.85 -1.36
C VAL B 23 -20.04 -1.91 -2.54
N VAL B 24 -19.13 -2.28 -3.43
CA VAL B 24 -18.84 -1.46 -4.60
C VAL B 24 -20.09 -1.26 -5.45
N ARG B 25 -20.96 -2.27 -5.48
CA ARG B 25 -22.20 -2.19 -6.25
C ARG B 25 -22.99 -0.95 -5.88
N VAL B 26 -22.81 -0.47 -4.65
CA VAL B 26 -23.50 0.71 -4.18
C VAL B 26 -22.82 1.99 -4.68
N LEU B 27 -21.50 2.01 -4.60
CA LEU B 27 -20.72 3.16 -5.04
C LEU B 27 -19.62 2.75 -6.02
N PRO B 28 -19.99 2.37 -7.25
CA PRO B 28 -19.02 1.98 -8.28
C PRO B 28 -18.12 3.13 -8.70
N SER B 29 -18.55 4.35 -8.38
CA SER B 29 -17.78 5.55 -8.73
C SER B 29 -16.93 6.02 -7.56
N SER B 30 -17.47 5.92 -6.35
CA SER B 30 -16.75 6.34 -5.16
C SER B 30 -15.47 5.54 -4.98
N LEU B 31 -15.53 4.25 -5.32
CA LEU B 31 -14.38 3.37 -5.20
C LEU B 31 -13.24 3.85 -6.09
N GLU B 32 -13.58 4.38 -7.26
CA GLU B 32 -12.59 4.87 -8.20
C GLU B 32 -11.67 5.90 -7.55
N ILE B 33 -12.22 6.64 -6.58
CA ILE B 33 -11.46 7.66 -5.88
C ILE B 33 -10.42 7.02 -4.96
N PHE B 34 -10.84 5.99 -4.23
CA PHE B 34 -9.96 5.29 -3.31
C PHE B 34 -8.96 4.41 -4.06
N GLU B 35 -9.39 3.90 -5.21
CA GLU B 35 -8.54 3.04 -6.03
C GLU B 35 -7.28 3.79 -6.47
N GLU B 36 -7.46 5.04 -6.90
CA GLU B 36 -6.35 5.87 -7.34
C GLU B 36 -5.61 6.45 -6.15
N LEU B 37 -6.28 6.55 -5.01
CA LEU B 37 -5.69 7.11 -3.80
C LEU B 37 -4.61 6.18 -3.26
N TYR B 38 -4.94 4.91 -3.11
CA TYR B 38 -3.99 3.93 -2.59
C TYR B 38 -2.77 3.81 -3.50
N LYS B 39 -3.01 3.82 -4.80
CA LYS B 39 -1.93 3.72 -5.78
C LYS B 39 -1.05 4.96 -5.75
N TYR B 40 -1.65 6.11 -5.41
CA TYR B 40 -0.93 7.36 -5.34
C TYR B 40 0.03 7.38 -4.15
N ALA B 41 -0.49 7.04 -2.98
CA ALA B 41 0.30 7.01 -1.77
C ALA B 41 1.47 6.03 -1.88
N LEU B 42 1.34 5.06 -2.78
CA LEU B 42 2.37 4.07 -2.99
C LEU B 42 3.53 4.65 -3.80
N ASN B 43 3.24 5.64 -4.64
CA ASN B 43 4.25 6.27 -5.46
C ASN B 43 5.15 7.18 -4.62
N GLU B 44 4.56 7.85 -3.64
CA GLU B 44 5.31 8.75 -2.76
C GLU B 44 6.32 7.98 -1.93
N ASN B 45 6.05 6.70 -1.68
CA ASN B 45 6.94 5.86 -0.89
C ASN B 45 8.32 5.79 -1.54
N SER B 46 8.36 5.86 -2.87
CA SER B 46 9.61 5.81 -3.61
C SER B 46 10.11 7.20 -3.93
N ASN B 47 11.44 7.37 -3.92
CA ASN B 47 12.05 8.67 -4.21
C ASN B 47 13.56 8.53 -4.37
N ASP B 48 14.00 8.32 -5.60
CA ASP B 48 15.43 8.18 -5.89
C ASP B 48 16.01 7.00 -5.12
N ARG B 49 17.27 6.68 -5.41
CA ARG B 49 17.95 5.57 -4.74
C ARG B 49 19.41 5.48 -5.21
N SER B 50 20.26 4.90 -4.35
CA SER B 50 21.67 4.75 -4.66
C SER B 50 22.00 3.32 -5.07
N GLU B 51 22.37 3.14 -6.33
CA GLU B 51 22.70 1.81 -6.85
C GLU B 51 24.19 1.72 -7.19
N HIS B 52 25.01 2.45 -6.43
CA HIS B 52 26.45 2.45 -6.66
C HIS B 52 27.19 1.89 -5.44
N HIS B 53 27.53 0.61 -5.51
CA HIS B 53 28.24 -0.05 -4.42
C HIS B 53 29.51 -0.73 -4.93
N LYS B 54 30.17 -0.10 -5.90
CA LYS B 54 31.39 -0.64 -6.47
C LYS B 54 32.62 -0.05 -5.78
N LYS B 55 33.42 -0.91 -5.16
CA LYS B 55 34.62 -0.48 -4.46
C LYS B 55 35.88 -0.86 -5.25
N PRO B 56 36.47 0.11 -5.98
CA PRO B 56 37.68 -0.14 -6.77
C PRO B 56 38.76 -0.85 -5.96
N ARG B 57 39.56 -1.67 -6.65
CA ARG B 57 40.64 -2.41 -6.01
C ARG B 57 41.99 -1.98 -6.55
N ILE B 58 42.83 -1.42 -5.67
CA ILE B 58 44.15 -0.96 -6.06
C ILE B 58 45.23 -1.83 -5.41
N ASP B 59 44.97 -3.13 -5.34
CA ASP B 59 45.92 -4.06 -4.75
C ASP B 59 46.14 -3.76 -3.28
N ASP B 60 45.19 -4.17 -2.44
CA ASP B 60 45.29 -3.95 -1.00
C ASP B 60 46.40 -4.78 -0.39
N SER B 61 47.61 -4.22 -0.38
CA SER B 61 48.77 -4.92 0.18
C SER B 61 49.98 -3.99 0.26
N SER B 62 50.93 -4.32 1.12
CA SER B 62 52.13 -3.52 1.29
C SER B 62 53.17 -4.27 2.11
N ASP B 63 54.04 -5.01 1.44
CA ASP B 63 55.08 -5.78 2.12
C ASP B 63 56.15 -6.23 1.12
N LEU B 64 57.37 -6.39 1.61
CA LEU B 64 58.48 -6.84 0.77
C LEU B 64 58.19 -8.20 0.16
N LEU B 65 58.22 -9.24 1.00
CA LEU B 65 57.97 -10.60 0.54
C LEU B 65 56.47 -10.89 0.49
N LYS B 66 55.87 -10.74 -0.68
CA LYS B 66 54.45 -10.99 -0.86
C LYS B 66 54.15 -12.48 -0.82
N THR B 67 53.13 -12.87 -0.07
CA THR B 67 52.74 -14.27 0.03
C THR B 67 51.23 -14.43 -0.12
N ASP B 68 50.80 -14.96 -1.26
CA ASP B 68 49.39 -15.17 -1.52
C ASP B 68 49.13 -16.60 -2.02
N GLU B 69 49.25 -17.56 -1.11
CA GLU B 69 49.03 -18.96 -1.44
C GLU B 69 47.72 -19.46 -0.83
N ILE B 70 47.37 -18.92 0.32
CA ILE B 70 46.15 -19.31 1.01
C ILE B 70 45.27 -18.10 1.30
N GLY A 1 -7.74 16.54 21.72
CA GLY A 1 -8.49 16.67 20.43
C GLY A 1 -9.92 16.19 20.54
N HIS A 2 -10.44 15.63 19.46
CA HIS A 2 -11.81 15.12 19.43
C HIS A 2 -11.89 13.80 18.68
N MET A 3 -12.35 12.76 19.37
CA MET A 3 -12.47 11.44 18.76
C MET A 3 -13.62 11.42 17.75
N MET A 4 -13.38 11.98 16.57
CA MET A 4 -14.38 12.02 15.52
C MET A 4 -14.02 11.07 14.38
N SER A 5 -14.85 11.06 13.34
CA SER A 5 -14.62 10.19 12.19
C SER A 5 -14.24 11.01 10.97
N LYS A 6 -13.05 11.58 10.98
CA LYS A 6 -12.57 12.38 9.87
C LYS A 6 -11.04 12.38 9.80
N LEU A 7 -10.44 11.28 10.24
CA LEU A 7 -9.00 11.14 10.23
C LEU A 7 -8.50 10.72 8.85
N PHE A 8 -9.33 9.94 8.15
CA PHE A 8 -8.97 9.47 6.82
C PHE A 8 -8.73 10.64 5.86
N LEU A 9 -9.57 11.66 5.97
CA LEU A 9 -9.44 12.85 5.12
C LEU A 9 -8.25 13.70 5.56
N ASP A 10 -7.94 13.66 6.85
CA ASP A 10 -6.83 14.43 7.39
C ASP A 10 -5.52 14.06 6.70
N GLU A 11 -5.44 12.84 6.20
CA GLU A 11 -4.24 12.36 5.52
C GLU A 11 -4.39 12.48 4.00
N LEU A 12 -5.11 13.50 3.56
CA LEU A 12 -5.32 13.72 2.13
C LEU A 12 -5.28 15.20 1.80
N PRO A 13 -4.97 15.55 0.55
CA PRO A 13 -4.90 16.95 0.11
C PRO A 13 -6.27 17.62 0.08
N GLU A 14 -6.29 18.94 0.27
CA GLU A 14 -7.53 19.69 0.28
C GLU A 14 -8.25 19.58 -1.06
N SER A 15 -7.47 19.42 -2.14
CA SER A 15 -8.04 19.30 -3.47
C SER A 15 -8.95 18.07 -3.56
N LEU A 16 -8.45 16.94 -3.08
CA LEU A 16 -9.22 15.70 -3.12
C LEU A 16 -10.22 15.66 -1.97
N SER A 17 -9.80 16.13 -0.80
CA SER A 17 -10.67 16.14 0.38
C SER A 17 -12.03 16.76 0.07
N ARG A 18 -12.04 17.66 -0.92
CA ARG A 18 -13.27 18.32 -1.33
C ARG A 18 -14.28 17.31 -1.88
N LYS A 19 -13.82 16.46 -2.80
CA LYS A 19 -14.67 15.46 -3.41
C LYS A 19 -14.84 14.25 -2.50
N ILE A 20 -13.74 13.83 -1.88
CA ILE A 20 -13.78 12.68 -0.98
C ILE A 20 -14.72 12.92 0.19
N GLY A 21 -14.57 14.06 0.84
CA GLY A 21 -15.42 14.39 1.97
C GLY A 21 -16.88 14.45 1.60
N THR A 22 -17.16 14.77 0.34
CA THR A 22 -18.53 14.86 -0.14
C THR A 22 -19.10 13.47 -0.45
N VAL A 23 -18.29 12.64 -1.08
CA VAL A 23 -18.72 11.29 -1.44
C VAL A 23 -18.76 10.38 -0.23
N VAL A 24 -17.71 10.43 0.60
CA VAL A 24 -17.64 9.61 1.79
C VAL A 24 -18.88 9.78 2.67
N ARG A 25 -19.51 10.94 2.58
CA ARG A 25 -20.71 11.23 3.35
C ARG A 25 -21.80 10.18 3.06
N VAL A 26 -21.78 9.65 1.85
CA VAL A 26 -22.75 8.65 1.44
C VAL A 26 -22.37 7.28 1.98
N LEU A 27 -21.12 6.88 1.75
CA LEU A 27 -20.62 5.59 2.21
C LEU A 27 -19.48 5.76 3.20
N PRO A 28 -19.77 6.34 4.38
CA PRO A 28 -18.77 6.56 5.42
C PRO A 28 -18.30 5.26 6.05
N SER A 29 -19.17 4.25 6.02
CA SER A 29 -18.84 2.94 6.58
C SER A 29 -18.03 2.11 5.59
N SER A 30 -18.37 2.23 4.31
CA SER A 30 -17.67 1.49 3.27
C SER A 30 -16.24 1.99 3.11
N LEU A 31 -16.04 3.27 3.40
CA LEU A 31 -14.72 3.88 3.30
C LEU A 31 -13.72 3.19 4.22
N GLU A 32 -14.22 2.66 5.33
CA GLU A 32 -13.38 1.96 6.30
C GLU A 32 -12.69 0.77 5.64
N ILE A 33 -13.42 0.05 4.80
CA ILE A 33 -12.88 -1.11 4.11
C ILE A 33 -11.78 -0.71 3.14
N PHE A 34 -12.02 0.36 2.38
CA PHE A 34 -11.05 0.86 1.41
C PHE A 34 -9.79 1.35 2.11
N GLU A 35 -9.96 1.82 3.35
CA GLU A 35 -8.84 2.32 4.13
C GLU A 35 -7.74 1.25 4.26
N GLU A 36 -8.16 0.05 4.64
CA GLU A 36 -7.21 -1.05 4.78
C GLU A 36 -6.74 -1.54 3.41
N LEU A 37 -7.55 -1.29 2.38
CA LEU A 37 -7.22 -1.70 1.03
C LEU A 37 -6.01 -0.92 0.51
N TYR A 38 -6.07 0.40 0.64
CA TYR A 38 -4.99 1.26 0.17
C TYR A 38 -3.73 1.03 1.00
N LYS A 39 -3.92 0.72 2.29
CA LYS A 39 -2.79 0.49 3.18
C LYS A 39 -2.18 -0.89 2.94
N TYR A 40 -3.03 -1.85 2.60
CA TYR A 40 -2.58 -3.22 2.33
C TYR A 40 -1.58 -3.23 1.17
N ALA A 41 -1.96 -2.60 0.06
CA ALA A 41 -1.11 -2.54 -1.12
C ALA A 41 0.13 -1.69 -0.86
N LEU A 42 0.03 -0.78 0.12
CA LEU A 42 1.15 0.08 0.46
C LEU A 42 2.17 -0.64 1.34
N ASN A 43 1.68 -1.59 2.14
CA ASN A 43 2.54 -2.36 3.03
C ASN A 43 3.26 -3.47 2.27
N GLU A 44 2.55 -4.11 1.35
CA GLU A 44 3.11 -5.19 0.55
C GLU A 44 4.23 -4.67 -0.34
N ASN A 45 4.18 -3.39 -0.68
CA ASN A 45 5.20 -2.78 -1.53
C ASN A 45 6.60 -3.00 -0.96
N SER A 46 6.67 -3.19 0.36
CA SER A 46 7.95 -3.41 1.03
C SER A 46 8.83 -2.16 0.94
N ASN A 47 9.58 -1.91 2.01
CA ASN A 47 10.46 -0.75 2.06
C ASN A 47 11.56 -0.95 3.10
N ASP A 48 12.53 -0.04 3.11
CA ASP A 48 13.64 -0.13 4.04
C ASP A 48 13.20 0.29 5.44
N ARG A 49 14.07 0.07 6.42
CA ARG A 49 13.77 0.42 7.81
C ARG A 49 15.03 0.42 8.66
N SER A 50 16.15 0.78 8.04
CA SER A 50 17.43 0.82 8.74
C SER A 50 17.89 2.26 8.93
N GLU A 51 17.77 2.76 10.16
CA GLU A 51 18.19 4.12 10.48
C GLU A 51 19.47 4.12 11.30
N HIS A 52 20.02 5.31 11.51
CA HIS A 52 21.25 5.46 12.28
C HIS A 52 20.96 5.91 13.71
N HIS A 53 21.47 5.17 14.68
CA HIS A 53 21.27 5.50 16.08
C HIS A 53 22.24 4.73 16.97
N LYS A 54 21.98 3.44 17.15
CA LYS A 54 22.83 2.59 17.97
C LYS A 54 23.66 1.63 17.11
N LYS A 55 24.98 1.77 17.18
CA LYS A 55 25.88 0.92 16.41
C LYS A 55 26.21 -0.35 17.17
N PRO A 56 26.68 -0.22 18.42
CA PRO A 56 27.04 -1.38 19.26
C PRO A 56 25.93 -2.41 19.34
N ARG A 57 26.14 -3.45 20.14
CA ARG A 57 25.15 -4.50 20.30
C ARG A 57 25.18 -5.06 21.72
N ILE A 58 24.39 -4.45 22.60
CA ILE A 58 24.32 -4.88 23.99
C ILE A 58 22.87 -5.00 24.45
N ASP A 59 22.61 -5.98 25.32
CA ASP A 59 21.27 -6.21 25.84
C ASP A 59 21.06 -5.45 27.15
N ASP A 60 21.76 -5.88 28.19
CA ASP A 60 21.64 -5.24 29.49
C ASP A 60 22.05 -3.76 29.42
N SER A 61 21.26 -2.91 30.06
CA SER A 61 21.54 -1.48 30.05
C SER A 61 20.54 -0.73 30.93
N SER A 62 20.25 -1.28 32.11
CA SER A 62 19.32 -0.67 33.04
C SER A 62 17.92 -0.57 32.42
N ASP A 63 17.56 -1.58 31.63
CA ASP A 63 16.26 -1.61 30.98
C ASP A 63 15.20 -2.20 31.91
N LEU A 64 14.19 -1.40 32.23
CA LEU A 64 13.11 -1.84 33.11
C LEU A 64 11.86 -2.18 32.30
N LEU A 65 10.79 -2.54 33.00
CA LEU A 65 9.53 -2.88 32.36
C LEU A 65 8.87 -1.64 31.77
N LYS A 66 8.02 -1.86 30.77
CA LYS A 66 7.31 -0.75 30.12
C LYS A 66 5.81 -0.88 30.30
N THR A 67 5.06 0.00 29.65
CA THR A 67 3.60 -0.01 29.76
C THR A 67 3.03 -1.34 29.26
N ASP A 68 1.80 -1.64 29.66
CA ASP A 68 1.14 -2.88 29.25
C ASP A 68 1.01 -2.95 27.74
N GLU A 69 1.44 -4.07 27.17
CA GLU A 69 1.38 -4.28 25.73
C GLU A 69 -0.07 -4.21 25.24
N ILE A 70 -0.92 -5.05 25.80
CA ILE A 70 -2.33 -5.09 25.43
C ILE A 70 -3.10 -3.93 26.06
N GLY B 1 -15.69 -1.06 -22.48
CA GLY B 1 -15.41 -2.42 -23.03
C GLY B 1 -15.16 -3.44 -21.95
N HIS B 2 -13.99 -4.05 -21.98
CA HIS B 2 -13.62 -5.06 -20.99
C HIS B 2 -13.12 -4.42 -19.71
N MET B 3 -14.06 -3.96 -18.88
CA MET B 3 -13.71 -3.33 -17.61
C MET B 3 -14.57 -3.86 -16.47
N MET B 4 -14.96 -5.13 -16.58
CA MET B 4 -15.79 -5.77 -15.57
C MET B 4 -14.98 -6.02 -14.30
N SER B 5 -15.60 -6.69 -13.33
CA SER B 5 -14.95 -7.00 -12.06
C SER B 5 -13.87 -8.05 -12.27
N LYS B 6 -12.79 -7.66 -12.95
CA LYS B 6 -11.69 -8.57 -13.21
C LYS B 6 -10.35 -7.88 -12.99
N LEU B 7 -10.33 -6.90 -12.09
CA LEU B 7 -9.11 -6.16 -11.79
C LEU B 7 -9.19 -5.54 -10.40
N PHE B 8 -8.04 -5.46 -9.72
CA PHE B 8 -7.98 -4.88 -8.38
C PHE B 8 -8.94 -5.60 -7.44
N LEU B 9 -9.28 -6.85 -7.78
CA LEU B 9 -10.19 -7.63 -6.95
C LEU B 9 -9.82 -9.11 -7.01
N ASP B 10 -9.61 -9.61 -8.23
CA ASP B 10 -9.24 -11.02 -8.42
C ASP B 10 -7.85 -11.29 -7.88
N GLU B 11 -6.97 -10.30 -8.01
CA GLU B 11 -5.60 -10.45 -7.53
C GLU B 11 -5.56 -10.56 -6.01
N LEU B 12 -5.87 -9.46 -5.33
CA LEU B 12 -5.88 -9.45 -3.87
C LEU B 12 -6.78 -10.57 -3.35
N PRO B 13 -6.81 -10.78 -2.02
CA PRO B 13 -7.65 -11.83 -1.41
C PRO B 13 -9.06 -11.85 -1.99
N GLU B 14 -9.26 -12.66 -3.03
CA GLU B 14 -10.55 -12.78 -3.69
C GLU B 14 -11.68 -13.02 -2.68
N SER B 15 -11.33 -13.62 -1.54
CA SER B 15 -12.31 -13.91 -0.50
C SER B 15 -12.95 -12.62 0.00
N LEU B 16 -12.17 -11.54 -0.01
CA LEU B 16 -12.66 -10.24 0.44
C LEU B 16 -13.48 -9.57 -0.66
N SER B 17 -13.12 -9.84 -1.92
CA SER B 17 -13.83 -9.26 -3.05
C SER B 17 -15.34 -9.49 -2.95
N ARG B 18 -15.73 -10.56 -2.26
CA ARG B 18 -17.13 -10.88 -2.09
C ARG B 18 -17.87 -9.76 -1.40
N LYS B 19 -17.29 -9.23 -0.31
CA LYS B 19 -17.90 -8.15 0.43
C LYS B 19 -17.65 -6.81 -0.24
N ILE B 20 -16.47 -6.66 -0.84
CA ILE B 20 -16.11 -5.42 -1.52
C ILE B 20 -16.96 -5.23 -2.78
N GLY B 21 -17.02 -6.26 -3.61
CA GLY B 21 -17.80 -6.18 -4.83
C GLY B 21 -19.27 -5.92 -4.56
N THR B 22 -19.72 -6.25 -3.35
CA THR B 22 -21.11 -6.05 -2.98
C THR B 22 -21.37 -4.60 -2.61
N VAL B 23 -20.42 -3.99 -1.91
CA VAL B 23 -20.54 -2.60 -1.49
C VAL B 23 -20.19 -1.64 -2.63
N VAL B 24 -19.16 -2.00 -3.39
CA VAL B 24 -18.73 -1.17 -4.51
C VAL B 24 -19.87 -0.95 -5.51
N ARG B 25 -20.77 -1.93 -5.59
CA ARG B 25 -21.91 -1.85 -6.50
C ARG B 25 -22.72 -0.58 -6.25
N VAL B 26 -22.72 -0.13 -5.00
CA VAL B 26 -23.44 1.08 -4.63
C VAL B 26 -22.65 2.33 -4.99
N LEU B 27 -21.39 2.36 -4.61
CA LEU B 27 -20.52 3.49 -4.89
C LEU B 27 -19.37 3.08 -5.81
N PRO B 28 -19.68 2.69 -7.06
CA PRO B 28 -18.67 2.27 -8.03
C PRO B 28 -17.81 3.44 -8.50
N SER B 29 -18.45 4.59 -8.71
CA SER B 29 -17.74 5.78 -9.16
C SER B 29 -16.83 6.30 -8.04
N SER B 30 -17.25 6.11 -6.81
CA SER B 30 -16.49 6.56 -5.65
C SER B 30 -15.23 5.71 -5.47
N LEU B 31 -15.33 4.45 -5.86
CA LEU B 31 -14.21 3.53 -5.75
C LEU B 31 -13.03 4.02 -6.59
N GLU B 32 -13.33 4.70 -7.69
CA GLU B 32 -12.31 5.24 -8.57
C GLU B 32 -11.38 6.20 -7.81
N ILE B 33 -11.95 6.88 -6.82
CA ILE B 33 -11.19 7.82 -6.02
C ILE B 33 -10.16 7.11 -5.16
N PHE B 34 -10.61 6.08 -4.45
CA PHE B 34 -9.72 5.31 -3.58
C PHE B 34 -8.67 4.57 -4.42
N GLU B 35 -9.07 4.08 -5.58
CA GLU B 35 -8.15 3.37 -6.47
C GLU B 35 -7.01 4.28 -6.89
N GLU B 36 -7.34 5.48 -7.35
CA GLU B 36 -6.35 6.44 -7.77
C GLU B 36 -5.57 6.98 -6.57
N LEU B 37 -6.22 6.98 -5.41
CA LEU B 37 -5.59 7.46 -4.19
C LEU B 37 -4.40 6.59 -3.82
N TYR B 38 -4.61 5.28 -3.81
CA TYR B 38 -3.54 4.34 -3.47
C TYR B 38 -2.48 4.30 -4.57
N LYS B 39 -2.84 4.75 -5.77
CA LYS B 39 -1.93 4.76 -6.90
C LYS B 39 -0.71 5.63 -6.62
N TYR B 40 -0.96 6.85 -6.16
CA TYR B 40 0.13 7.78 -5.87
C TYR B 40 0.77 7.47 -4.51
N ALA B 41 -0.01 6.89 -3.62
CA ALA B 41 0.48 6.53 -2.29
C ALA B 41 1.68 5.60 -2.38
N LEU B 42 1.74 4.80 -3.45
CA LEU B 42 2.83 3.87 -3.65
C LEU B 42 4.08 4.58 -4.16
N ASN B 43 3.87 5.64 -4.95
CA ASN B 43 4.97 6.41 -5.51
C ASN B 43 5.66 7.23 -4.43
N GLU B 44 4.89 7.73 -3.48
CA GLU B 44 5.42 8.53 -2.38
C GLU B 44 6.03 7.64 -1.30
N ASN B 45 5.52 6.42 -1.19
CA ASN B 45 6.01 5.47 -0.20
C ASN B 45 7.51 5.24 -0.35
N SER B 46 7.99 5.30 -1.60
CA SER B 46 9.41 5.10 -1.87
C SER B 46 10.06 6.40 -2.32
N ASN B 47 11.29 6.61 -1.87
CA ASN B 47 12.04 7.82 -2.22
C ASN B 47 13.47 7.50 -2.61
N ASP B 48 13.72 6.25 -2.99
CA ASP B 48 15.05 5.81 -3.39
C ASP B 48 16.05 5.97 -2.24
N ARG B 49 16.58 4.84 -1.77
CA ARG B 49 17.55 4.86 -0.67
C ARG B 49 18.92 4.39 -1.15
N SER B 50 19.69 5.29 -1.73
CA SER B 50 21.02 4.96 -2.22
C SER B 50 22.10 5.46 -1.28
N GLU B 51 21.76 5.55 0.01
CA GLU B 51 22.70 6.01 1.02
C GLU B 51 23.24 7.40 0.67
N HIS B 52 22.33 8.33 0.42
CA HIS B 52 22.71 9.70 0.08
C HIS B 52 21.98 10.71 0.95
N HIS B 53 22.48 10.91 2.16
CA HIS B 53 21.87 11.85 3.10
C HIS B 53 22.92 12.78 3.70
N LYS B 54 23.93 13.11 2.90
CA LYS B 54 25.00 13.99 3.36
C LYS B 54 25.72 13.40 4.57
N LYS B 55 26.93 13.89 4.83
CA LYS B 55 27.72 13.41 5.96
C LYS B 55 27.06 13.79 7.29
N PRO B 56 26.74 12.80 8.13
CA PRO B 56 26.09 13.04 9.43
C PRO B 56 27.06 13.64 10.44
N ARG B 57 26.72 14.82 10.95
CA ARG B 57 27.57 15.50 11.93
C ARG B 57 26.90 15.51 13.29
N ILE B 58 27.56 16.12 14.27
CA ILE B 58 27.03 16.19 15.62
C ILE B 58 27.64 17.37 16.39
N ASP B 59 26.85 18.41 16.58
CA ASP B 59 27.30 19.60 17.29
C ASP B 59 26.76 19.63 18.72
N ASP B 60 27.65 19.63 19.69
CA ASP B 60 27.26 19.65 21.09
C ASP B 60 27.68 20.96 21.76
N SER B 61 26.90 21.38 22.76
CA SER B 61 27.19 22.61 23.48
C SER B 61 27.30 22.35 24.98
N SER B 62 26.36 21.57 25.50
CA SER B 62 26.35 21.24 26.93
C SER B 62 26.29 19.73 27.13
N ASP B 63 27.03 19.24 28.11
CA ASP B 63 27.06 17.81 28.42
C ASP B 63 26.15 17.48 29.59
N LEU B 64 26.30 18.24 30.67
CA LEU B 64 25.48 18.03 31.87
C LEU B 64 24.09 18.61 31.67
N LEU B 65 23.09 17.97 32.28
CA LEU B 65 21.72 18.42 32.18
C LEU B 65 21.56 19.83 32.74
N LYS B 66 20.60 20.57 32.21
CA LYS B 66 20.35 21.94 32.66
C LYS B 66 18.90 22.34 32.41
N THR B 67 17.98 21.43 32.69
CA THR B 67 16.56 21.70 32.50
C THR B 67 15.73 21.14 33.67
N ASP B 68 15.59 19.81 33.69
CA ASP B 68 14.82 19.15 34.75
C ASP B 68 14.60 17.68 34.41
N GLU B 69 15.55 16.84 34.80
CA GLU B 69 15.44 15.40 34.54
C GLU B 69 15.75 14.60 35.81
N ILE B 70 16.81 14.97 36.50
CA ILE B 70 17.21 14.28 37.72
C ILE B 70 16.76 15.07 38.95
N GLY A 1 -17.92 17.97 19.02
CA GLY A 1 -18.01 16.89 20.04
C GLY A 1 -16.69 16.14 20.21
N HIS A 2 -16.30 15.40 19.18
CA HIS A 2 -15.06 14.64 19.22
C HIS A 2 -14.10 15.10 18.13
N MET A 3 -14.56 15.02 16.87
CA MET A 3 -13.76 15.42 15.73
C MET A 3 -12.51 14.55 15.61
N MET A 4 -11.50 14.85 16.41
CA MET A 4 -10.25 14.10 16.38
C MET A 4 -9.59 14.18 15.01
N SER A 5 -8.26 14.02 14.99
CA SER A 5 -7.52 14.07 13.73
C SER A 5 -7.58 12.74 13.00
N LYS A 6 -7.55 12.80 11.67
CA LYS A 6 -7.60 11.59 10.85
C LYS A 6 -6.38 11.49 9.95
N LEU A 7 -5.76 10.31 9.93
CA LEU A 7 -4.58 10.08 9.12
C LEU A 7 -4.94 9.38 7.82
N PHE A 8 -6.16 9.62 7.33
CA PHE A 8 -6.64 9.02 6.10
C PHE A 8 -6.89 10.08 5.04
N LEU A 9 -7.45 11.21 5.47
CA LEU A 9 -7.75 12.31 4.56
C LEU A 9 -6.61 13.33 4.53
N ASP A 10 -5.91 13.44 5.65
CA ASP A 10 -4.79 14.37 5.76
C ASP A 10 -3.67 14.02 4.78
N GLU A 11 -3.69 12.78 4.28
CA GLU A 11 -2.68 12.33 3.34
C GLU A 11 -3.16 12.47 1.90
N LEU A 12 -3.94 13.52 1.64
CA LEU A 12 -4.46 13.77 0.31
C LEU A 12 -4.62 15.27 0.06
N PRO A 13 -4.46 15.72 -1.20
CA PRO A 13 -4.58 17.13 -1.57
C PRO A 13 -5.89 17.74 -1.06
N GLU A 14 -5.86 19.04 -0.81
CA GLU A 14 -7.03 19.75 -0.32
C GLU A 14 -8.19 19.63 -1.32
N SER A 15 -7.85 19.66 -2.60
CA SER A 15 -8.87 19.56 -3.65
C SER A 15 -9.58 18.22 -3.58
N LEU A 16 -8.81 17.14 -3.49
CA LEU A 16 -9.37 15.80 -3.41
C LEU A 16 -10.15 15.60 -2.11
N SER A 17 -9.52 15.97 -1.00
CA SER A 17 -10.15 15.83 0.32
C SER A 17 -11.55 16.43 0.33
N ARG A 18 -11.78 17.43 -0.53
CA ARG A 18 -13.07 18.10 -0.62
C ARG A 18 -14.09 17.21 -1.33
N LYS A 19 -13.61 16.45 -2.30
CA LYS A 19 -14.49 15.55 -3.07
C LYS A 19 -14.75 14.26 -2.30
N ILE A 20 -13.77 13.83 -1.51
CA ILE A 20 -13.91 12.60 -0.73
C ILE A 20 -14.97 12.76 0.36
N GLY A 21 -14.87 13.84 1.12
CA GLY A 21 -15.83 14.09 2.19
C GLY A 21 -17.24 14.23 1.68
N THR A 22 -17.38 14.56 0.40
CA THR A 22 -18.69 14.73 -0.22
C THR A 22 -19.30 13.38 -0.58
N VAL A 23 -18.47 12.46 -1.04
CA VAL A 23 -18.92 11.13 -1.43
C VAL A 23 -19.12 10.22 -0.22
N VAL A 24 -18.33 10.44 0.82
CA VAL A 24 -18.42 9.64 2.04
C VAL A 24 -19.82 9.68 2.62
N ARG A 25 -20.48 10.83 2.49
CA ARG A 25 -21.83 11.00 3.01
C ARG A 25 -22.76 9.91 2.48
N VAL A 26 -22.45 9.42 1.28
CA VAL A 26 -23.25 8.38 0.65
C VAL A 26 -22.92 7.00 1.22
N LEU A 27 -21.64 6.78 1.48
CA LEU A 27 -21.17 5.50 2.02
C LEU A 27 -20.15 5.71 3.13
N PRO A 28 -20.60 6.22 4.30
CA PRO A 28 -19.71 6.44 5.44
C PRO A 28 -19.28 5.12 6.10
N SER A 29 -19.89 4.02 5.65
CA SER A 29 -19.58 2.71 6.19
C SER A 29 -18.71 1.91 5.24
N SER A 30 -18.91 2.08 3.93
CA SER A 30 -18.14 1.36 2.94
C SER A 30 -16.70 1.85 2.91
N LEU A 31 -16.51 3.14 3.18
CA LEU A 31 -15.18 3.74 3.18
C LEU A 31 -14.24 2.98 4.13
N GLU A 32 -14.80 2.49 5.22
CA GLU A 32 -14.02 1.75 6.21
C GLU A 32 -13.35 0.52 5.57
N ILE A 33 -14.03 -0.06 4.58
CA ILE A 33 -13.51 -1.22 3.89
C ILE A 33 -12.24 -0.88 3.12
N PHE A 34 -12.28 0.24 2.41
CA PHE A 34 -11.12 0.69 1.63
C PHE A 34 -10.01 1.18 2.55
N GLU A 35 -10.39 1.63 3.75
CA GLU A 35 -9.42 2.13 4.72
C GLU A 35 -8.37 1.06 5.01
N GLU A 36 -8.81 -0.18 5.13
CA GLU A 36 -7.90 -1.30 5.41
C GLU A 36 -7.20 -1.75 4.13
N LEU A 37 -7.83 -1.50 2.99
CA LEU A 37 -7.27 -1.88 1.69
C LEU A 37 -5.99 -1.09 1.40
N TYR A 38 -6.06 0.23 1.55
CA TYR A 38 -4.90 1.07 1.29
C TYR A 38 -3.77 0.76 2.27
N LYS A 39 -4.14 0.46 3.51
CA LYS A 39 -3.16 0.13 4.55
C LYS A 39 -2.63 -1.29 4.36
N TYR A 40 -3.49 -2.16 3.83
CA TYR A 40 -3.11 -3.55 3.59
C TYR A 40 -1.92 -3.64 2.64
N ALA A 41 -2.02 -2.95 1.50
CA ALA A 41 -0.96 -2.94 0.51
C ALA A 41 0.28 -2.26 1.06
N LEU A 42 0.09 -1.28 1.93
CA LEU A 42 1.20 -0.55 2.52
C LEU A 42 2.04 -1.46 3.41
N ASN A 43 1.38 -2.44 4.03
CA ASN A 43 2.07 -3.39 4.90
C ASN A 43 3.08 -4.21 4.13
N GLU A 44 2.82 -4.42 2.84
CA GLU A 44 3.71 -5.20 1.99
C GLU A 44 5.11 -4.59 1.98
N ASN A 45 5.19 -3.28 2.12
CA ASN A 45 6.47 -2.58 2.14
C ASN A 45 7.31 -3.01 3.32
N SER A 46 6.65 -3.38 4.41
CA SER A 46 7.36 -3.82 5.61
C SER A 46 8.02 -5.17 5.39
N ASN A 47 7.25 -6.12 4.87
CA ASN A 47 7.76 -7.47 4.60
C ASN A 47 6.85 -8.22 3.65
N ASP A 48 5.74 -8.72 4.18
CA ASP A 48 4.77 -9.46 3.37
C ASP A 48 3.40 -9.46 4.03
N ARG A 49 3.33 -9.96 5.25
CA ARG A 49 2.07 -10.01 6.00
C ARG A 49 2.32 -9.92 7.49
N SER A 50 1.24 -9.79 8.26
CA SER A 50 1.34 -9.70 9.71
C SER A 50 0.22 -10.48 10.38
N GLU A 51 0.33 -10.66 11.70
CA GLU A 51 -0.67 -11.40 12.46
C GLU A 51 -1.30 -10.50 13.51
N HIS A 52 -2.17 -11.09 14.33
CA HIS A 52 -2.86 -10.35 15.39
C HIS A 52 -2.85 -11.14 16.70
N HIS A 53 -2.25 -10.55 17.73
CA HIS A 53 -2.18 -11.21 19.03
C HIS A 53 -2.34 -10.19 20.16
N LYS A 54 -2.93 -10.63 21.27
CA LYS A 54 -3.14 -9.76 22.42
C LYS A 54 -1.82 -9.23 22.95
N LYS A 55 -1.88 -8.54 24.08
CA LYS A 55 -0.68 -7.97 24.70
C LYS A 55 -0.95 -7.53 26.13
N PRO A 56 -1.82 -6.51 26.32
CA PRO A 56 -2.17 -6.01 27.65
C PRO A 56 -2.97 -7.01 28.46
N ARG A 57 -2.42 -7.39 29.62
CA ARG A 57 -3.08 -8.35 30.50
C ARG A 57 -2.88 -7.98 31.97
N ILE A 58 -3.68 -7.03 32.44
CA ILE A 58 -3.60 -6.58 33.83
C ILE A 58 -2.17 -6.23 34.21
N ASP A 59 -1.83 -4.95 34.13
CA ASP A 59 -0.49 -4.49 34.48
C ASP A 59 -0.32 -4.39 35.99
N ASP A 60 -0.09 -5.53 36.63
CA ASP A 60 0.09 -5.57 38.07
C ASP A 60 0.95 -6.76 38.48
N SER A 61 1.96 -7.06 37.66
CA SER A 61 2.86 -8.17 37.94
C SER A 61 4.31 -7.76 37.77
N SER A 62 5.13 -8.08 38.77
CA SER A 62 6.55 -7.73 38.73
C SER A 62 7.42 -8.99 38.69
N ASP A 63 8.40 -8.99 37.81
CA ASP A 63 9.30 -10.13 37.67
C ASP A 63 10.75 -9.70 37.83
N LEU A 64 11.42 -10.26 38.84
CA LEU A 64 12.82 -9.93 39.10
C LEU A 64 13.74 -11.01 38.53
N LEU A 65 13.33 -11.60 37.41
CA LEU A 65 14.13 -12.64 36.76
C LEU A 65 13.78 -12.74 35.28
N LYS A 66 12.49 -12.73 34.97
CA LYS A 66 12.03 -12.81 33.59
C LYS A 66 12.59 -11.66 32.75
N THR A 67 12.96 -10.56 33.42
CA THR A 67 13.49 -9.38 32.76
C THR A 67 12.55 -8.86 31.68
N ASP A 68 12.58 -9.48 30.50
CA ASP A 68 11.72 -9.09 29.38
C ASP A 68 11.75 -7.57 29.16
N GLU A 69 12.48 -7.15 28.14
CA GLU A 69 12.59 -5.73 27.81
C GLU A 69 13.29 -4.96 28.93
N ILE A 70 13.78 -3.76 28.61
CA ILE A 70 14.46 -2.93 29.59
C ILE A 70 15.79 -3.56 30.01
N GLY B 1 -16.85 7.42 -22.31
CA GLY B 1 -16.75 6.02 -22.82
C GLY B 1 -16.63 5.00 -21.71
N HIS B 2 -17.43 3.94 -21.78
CA HIS B 2 -17.42 2.89 -20.78
C HIS B 2 -16.48 1.76 -21.18
N MET B 3 -15.43 1.55 -20.39
CA MET B 3 -14.46 0.51 -20.67
C MET B 3 -14.56 -0.62 -19.64
N MET B 4 -14.97 -0.27 -18.43
CA MET B 4 -15.12 -1.25 -17.35
C MET B 4 -13.78 -1.93 -17.06
N SER B 5 -12.92 -1.23 -16.33
CA SER B 5 -11.61 -1.76 -15.97
C SER B 5 -11.54 -2.11 -14.49
N LYS B 6 -11.15 -3.34 -14.19
CA LYS B 6 -11.04 -3.80 -12.81
C LYS B 6 -9.87 -4.75 -12.64
N LEU B 7 -8.67 -4.19 -12.54
CA LEU B 7 -7.46 -5.00 -12.37
C LEU B 7 -7.05 -5.06 -10.91
N PHE B 8 -7.27 -3.97 -10.19
CA PHE B 8 -6.93 -3.91 -8.77
C PHE B 8 -7.68 -4.98 -7.98
N LEU B 9 -8.87 -5.32 -8.44
CA LEU B 9 -9.69 -6.32 -7.78
C LEU B 9 -9.05 -7.71 -7.88
N ASP B 10 -8.31 -7.93 -8.96
CA ASP B 10 -7.65 -9.21 -9.18
C ASP B 10 -6.40 -9.32 -8.32
N GLU B 11 -5.61 -8.24 -8.28
CA GLU B 11 -4.39 -8.22 -7.49
C GLU B 11 -4.69 -8.32 -6.00
N LEU B 12 -5.31 -7.28 -5.46
CA LEU B 12 -5.66 -7.25 -4.04
C LEU B 12 -6.39 -8.53 -3.64
N PRO B 13 -6.51 -8.80 -2.32
CA PRO B 13 -7.19 -9.99 -1.82
C PRO B 13 -8.51 -10.27 -2.56
N GLU B 14 -8.43 -11.09 -3.60
CA GLU B 14 -9.61 -11.43 -4.39
C GLU B 14 -10.70 -12.02 -3.52
N SER B 15 -10.31 -12.68 -2.44
CA SER B 15 -11.26 -13.29 -1.51
C SER B 15 -12.17 -12.23 -0.91
N LEU B 16 -11.61 -11.07 -0.62
CA LEU B 16 -12.36 -9.96 -0.04
C LEU B 16 -13.16 -9.22 -1.11
N SER B 17 -12.67 -9.28 -2.35
CA SER B 17 -13.34 -8.61 -3.46
C SER B 17 -14.80 -9.05 -3.57
N ARG B 18 -15.06 -10.30 -3.18
CA ARG B 18 -16.41 -10.85 -3.23
C ARG B 18 -17.37 -10.02 -2.37
N LYS B 19 -16.90 -9.64 -1.17
CA LYS B 19 -17.71 -8.84 -0.27
C LYS B 19 -17.73 -7.39 -0.69
N ILE B 20 -16.58 -6.89 -1.14
CA ILE B 20 -16.47 -5.51 -1.56
C ILE B 20 -17.35 -5.25 -2.79
N GLY B 21 -17.50 -6.27 -3.62
CA GLY B 21 -18.32 -6.15 -4.81
C GLY B 21 -19.75 -5.76 -4.50
N THR B 22 -20.34 -6.42 -3.52
CA THR B 22 -21.72 -6.14 -3.12
C THR B 22 -21.85 -4.70 -2.64
N VAL B 23 -20.77 -4.16 -2.07
CA VAL B 23 -20.77 -2.80 -1.56
C VAL B 23 -20.56 -1.80 -2.69
N VAL B 24 -19.74 -2.18 -3.66
CA VAL B 24 -19.45 -1.31 -4.80
C VAL B 24 -20.73 -0.95 -5.55
N ARG B 25 -21.64 -1.91 -5.65
CA ARG B 25 -22.91 -1.69 -6.33
C ARG B 25 -23.60 -0.43 -5.83
N VAL B 26 -23.32 -0.07 -4.58
CA VAL B 26 -23.90 1.12 -3.98
C VAL B 26 -23.18 2.39 -4.43
N LEU B 27 -21.85 2.34 -4.42
CA LEU B 27 -21.04 3.48 -4.83
C LEU B 27 -20.02 3.09 -5.89
N PRO B 28 -20.48 2.81 -7.13
CA PRO B 28 -19.60 2.45 -8.23
C PRO B 28 -18.69 3.60 -8.63
N SER B 29 -19.08 4.81 -8.24
CA SER B 29 -18.31 6.00 -8.56
C SER B 29 -17.32 6.33 -7.45
N SER B 30 -17.75 6.18 -6.20
CA SER B 30 -16.89 6.46 -5.06
C SER B 30 -15.62 5.62 -5.11
N LEU B 31 -15.78 4.34 -5.43
CA LEU B 31 -14.64 3.42 -5.52
C LEU B 31 -13.55 4.00 -6.44
N GLU B 32 -13.98 4.76 -7.44
CA GLU B 32 -13.05 5.36 -8.39
C GLU B 32 -12.05 6.28 -7.67
N ILE B 33 -12.54 7.01 -6.68
CA ILE B 33 -11.69 7.92 -5.92
C ILE B 33 -10.74 7.14 -5.01
N PHE B 34 -11.22 6.02 -4.49
CA PHE B 34 -10.40 5.18 -3.60
C PHE B 34 -9.39 4.39 -4.41
N GLU B 35 -9.73 4.05 -5.65
CA GLU B 35 -8.84 3.29 -6.51
C GLU B 35 -7.51 4.02 -6.71
N GLU B 36 -7.58 5.33 -6.89
CA GLU B 36 -6.39 6.14 -7.07
C GLU B 36 -5.71 6.44 -5.73
N LEU B 37 -6.50 6.40 -4.66
CA LEU B 37 -5.99 6.67 -3.32
C LEU B 37 -5.03 5.59 -2.87
N TYR B 38 -5.44 4.33 -3.00
CA TYR B 38 -4.61 3.20 -2.61
C TYR B 38 -3.34 3.13 -3.46
N LYS B 39 -3.47 3.52 -4.73
CA LYS B 39 -2.33 3.51 -5.64
C LYS B 39 -1.44 4.73 -5.42
N TYR B 40 -2.06 5.83 -4.99
CA TYR B 40 -1.32 7.07 -4.75
C TYR B 40 -0.21 6.85 -3.72
N ALA B 41 -0.57 6.24 -2.59
CA ALA B 41 0.40 5.97 -1.54
C ALA B 41 1.51 5.04 -2.02
N LEU B 42 1.16 4.13 -2.93
CA LEU B 42 2.12 3.19 -3.47
C LEU B 42 2.97 3.84 -4.57
N ASN B 43 2.39 4.82 -5.26
CA ASN B 43 3.09 5.52 -6.34
C ASN B 43 4.06 6.56 -5.77
N GLU B 44 3.64 7.23 -4.72
CA GLU B 44 4.47 8.25 -4.08
C GLU B 44 5.81 7.67 -3.62
N ASN B 45 5.80 6.38 -3.27
CA ASN B 45 7.00 5.71 -2.82
C ASN B 45 8.09 5.77 -3.87
N SER B 46 7.69 5.72 -5.14
CA SER B 46 8.63 5.78 -6.25
C SER B 46 9.63 4.61 -6.17
N ASN B 47 9.38 3.60 -6.98
CA ASN B 47 10.25 2.42 -7.02
C ASN B 47 10.73 2.13 -8.43
N ASP B 48 10.97 3.19 -9.20
CA ASP B 48 11.43 3.05 -10.58
C ASP B 48 12.94 3.26 -10.67
N ARG B 49 13.64 2.25 -11.19
CA ARG B 49 15.08 2.33 -11.33
C ARG B 49 15.57 1.41 -12.47
N SER B 50 16.87 1.44 -12.72
CA SER B 50 17.46 0.61 -13.77
C SER B 50 18.16 -0.60 -13.18
N GLU B 51 17.88 -1.78 -13.75
CA GLU B 51 18.48 -3.01 -13.28
C GLU B 51 19.56 -3.49 -14.24
N HIS B 52 20.81 -3.15 -13.95
CA HIS B 52 21.93 -3.55 -14.79
C HIS B 52 22.18 -5.05 -14.69
N HIS B 53 22.22 -5.72 -15.84
CA HIS B 53 22.44 -7.16 -15.88
C HIS B 53 23.91 -7.47 -16.15
N LYS B 54 24.51 -8.25 -15.26
CA LYS B 54 25.92 -8.62 -15.40
C LYS B 54 26.05 -10.05 -15.91
N LYS B 55 27.29 -10.52 -16.05
CA LYS B 55 27.54 -11.88 -16.52
C LYS B 55 28.50 -12.60 -15.57
N PRO B 56 28.28 -13.91 -15.35
CA PRO B 56 29.12 -14.72 -14.46
C PRO B 56 30.48 -15.04 -15.08
N ARG B 57 31.26 -15.85 -14.39
CA ARG B 57 32.58 -16.25 -14.88
C ARG B 57 33.06 -17.51 -14.17
N ILE B 58 32.29 -18.58 -14.29
CA ILE B 58 32.63 -19.85 -13.67
C ILE B 58 32.99 -20.89 -14.72
N ASP B 59 33.94 -21.76 -14.38
CA ASP B 59 34.38 -22.80 -15.30
C ASP B 59 33.77 -24.15 -14.92
N ASP B 60 33.94 -24.53 -13.65
CA ASP B 60 33.41 -25.81 -13.16
C ASP B 60 34.02 -26.98 -13.93
N SER B 61 33.84 -28.18 -13.40
CA SER B 61 34.36 -29.38 -14.02
C SER B 61 33.63 -30.63 -13.52
N SER B 62 33.58 -30.77 -12.21
CA SER B 62 32.92 -31.92 -11.59
C SER B 62 31.58 -31.50 -10.98
N ASP B 63 30.91 -32.45 -10.34
CA ASP B 63 29.62 -32.19 -9.71
C ASP B 63 29.35 -33.18 -8.59
N LEU B 64 29.58 -32.74 -7.36
CA LEU B 64 29.35 -33.60 -6.19
C LEU B 64 27.92 -33.45 -5.68
N LEU B 65 27.05 -34.35 -6.09
CA LEU B 65 25.66 -34.33 -5.67
C LEU B 65 25.27 -35.63 -4.98
N LYS B 66 24.63 -35.52 -3.82
CA LYS B 66 24.21 -36.69 -3.06
C LYS B 66 22.87 -36.44 -2.38
N THR B 67 22.86 -35.53 -1.42
CA THR B 67 21.65 -35.19 -0.68
C THR B 67 21.81 -33.89 0.08
N ASP B 68 22.94 -33.74 0.76
CA ASP B 68 23.22 -32.53 1.53
C ASP B 68 24.04 -31.55 0.71
N GLU B 69 23.37 -30.80 -0.15
CA GLU B 69 24.03 -29.81 -1.00
C GLU B 69 24.79 -28.79 -0.17
N ILE B 70 24.10 -28.21 0.81
CA ILE B 70 24.71 -27.21 1.69
C ILE B 70 24.44 -27.54 3.16
N GLY A 1 -16.08 1.24 24.77
CA GLY A 1 -14.87 1.73 24.05
C GLY A 1 -14.96 3.21 23.70
N HIS A 2 -13.81 3.88 23.70
CA HIS A 2 -13.76 5.30 23.39
C HIS A 2 -12.45 5.66 22.71
N MET A 3 -12.36 5.38 21.41
CA MET A 3 -11.15 5.67 20.65
C MET A 3 -11.49 5.92 19.19
N MET A 4 -11.95 7.15 18.89
CA MET A 4 -12.30 7.52 17.52
C MET A 4 -11.41 8.64 17.01
N SER A 5 -11.17 8.65 15.70
CA SER A 5 -10.33 9.66 15.08
C SER A 5 -10.36 9.54 13.56
N LYS A 6 -11.08 10.44 12.91
CA LYS A 6 -11.18 10.44 11.46
C LYS A 6 -9.86 10.85 10.82
N LEU A 7 -8.92 9.92 10.77
CA LEU A 7 -7.60 10.18 10.18
C LEU A 7 -7.60 9.84 8.70
N PHE A 8 -8.19 10.72 7.89
CA PHE A 8 -8.24 10.52 6.45
C PHE A 8 -8.04 11.84 5.70
N LEU A 9 -8.72 12.88 6.16
CA LEU A 9 -8.61 14.20 5.53
C LEU A 9 -7.31 14.89 5.93
N ASP A 10 -6.69 14.42 7.00
CA ASP A 10 -5.45 15.01 7.48
C ASP A 10 -4.24 14.15 7.08
N GLU A 11 -4.36 13.47 5.95
CA GLU A 11 -3.29 12.61 5.46
C GLU A 11 -3.26 12.61 3.94
N LEU A 12 -3.63 13.73 3.33
CA LEU A 12 -3.65 13.86 1.89
C LEU A 12 -4.09 15.27 1.47
N PRO A 13 -3.84 15.65 0.21
CA PRO A 13 -4.21 16.97 -0.31
C PRO A 13 -5.64 17.36 0.06
N GLU A 14 -5.78 18.48 0.77
CA GLU A 14 -7.08 18.96 1.20
C GLU A 14 -8.02 19.15 0.00
N SER A 15 -7.44 19.45 -1.15
CA SER A 15 -8.22 19.65 -2.37
C SER A 15 -9.06 18.43 -2.69
N LEU A 16 -8.50 17.25 -2.42
CA LEU A 16 -9.19 15.99 -2.68
C LEU A 16 -10.20 15.68 -1.58
N SER A 17 -9.81 15.92 -0.33
CA SER A 17 -10.67 15.66 0.81
C SER A 17 -12.02 16.36 0.66
N ARG A 18 -12.03 17.46 -0.09
CA ARG A 18 -13.26 18.22 -0.31
C ARG A 18 -14.25 17.41 -1.14
N LYS A 19 -13.74 16.72 -2.16
CA LYS A 19 -14.60 15.91 -3.02
C LYS A 19 -14.94 14.58 -2.37
N ILE A 20 -14.05 14.08 -1.51
CA ILE A 20 -14.27 12.82 -0.82
C ILE A 20 -15.36 12.95 0.23
N GLY A 21 -15.27 14.00 1.04
CA GLY A 21 -16.25 14.23 2.08
C GLY A 21 -17.69 14.18 1.58
N THR A 22 -17.91 14.71 0.38
CA THR A 22 -19.25 14.72 -0.20
C THR A 22 -19.68 13.32 -0.61
N VAL A 23 -18.72 12.49 -0.99
CA VAL A 23 -19.02 11.12 -1.41
C VAL A 23 -19.18 10.20 -0.19
N VAL A 24 -18.40 10.46 0.85
CA VAL A 24 -18.46 9.65 2.07
C VAL A 24 -19.87 9.66 2.65
N ARG A 25 -20.57 10.77 2.50
CA ARG A 25 -21.92 10.89 3.03
C ARG A 25 -22.82 9.76 2.54
N VAL A 26 -22.54 9.29 1.32
CA VAL A 26 -23.31 8.21 0.73
C VAL A 26 -22.88 6.85 1.27
N LEU A 27 -21.56 6.66 1.40
CA LEU A 27 -21.01 5.40 1.90
C LEU A 27 -19.95 5.65 2.97
N PRO A 28 -20.36 6.16 4.15
CA PRO A 28 -19.44 6.44 5.25
C PRO A 28 -18.77 5.17 5.77
N SER A 29 -19.35 4.02 5.46
CA SER A 29 -18.81 2.73 5.90
C SER A 29 -17.94 2.11 4.81
N SER A 30 -18.38 2.24 3.56
CA SER A 30 -17.63 1.68 2.44
C SER A 30 -16.22 2.26 2.38
N LEU A 31 -16.12 3.56 2.61
CA LEU A 31 -14.84 4.25 2.58
C LEU A 31 -13.88 3.65 3.61
N GLU A 32 -14.40 3.34 4.79
CA GLU A 32 -13.59 2.76 5.86
C GLU A 32 -12.90 1.48 5.40
N ILE A 33 -13.53 0.79 4.45
CA ILE A 33 -12.98 -0.45 3.92
C ILE A 33 -11.77 -0.19 3.04
N PHE A 34 -11.86 0.89 2.25
CA PHE A 34 -10.77 1.25 1.34
C PHE A 34 -9.58 1.82 2.11
N GLU A 35 -9.87 2.45 3.24
CA GLU A 35 -8.84 3.04 4.08
C GLU A 35 -7.82 1.98 4.50
N GLU A 36 -8.32 0.86 5.01
CA GLU A 36 -7.45 -0.23 5.45
C GLU A 36 -6.82 -0.92 4.24
N LEU A 37 -7.50 -0.86 3.10
CA LEU A 37 -7.01 -1.47 1.88
C LEU A 37 -5.72 -0.80 1.41
N TYR A 38 -5.75 0.53 1.33
CA TYR A 38 -4.58 1.29 0.90
C TYR A 38 -3.46 1.20 1.94
N LYS A 39 -3.84 1.01 3.20
CA LYS A 39 -2.86 0.92 4.28
C LYS A 39 -2.21 -0.46 4.30
N TYR A 40 -3.04 -1.50 4.19
CA TYR A 40 -2.55 -2.87 4.20
C TYR A 40 -1.68 -3.14 2.97
N ALA A 41 -2.19 -2.79 1.79
CA ALA A 41 -1.47 -3.00 0.55
C ALA A 41 -0.15 -2.23 0.54
N LEU A 42 -0.09 -1.16 1.32
CA LEU A 42 1.12 -0.33 1.40
C LEU A 42 2.27 -1.13 2.01
N ASN A 43 1.94 -2.08 2.89
CA ASN A 43 2.95 -2.90 3.54
C ASN A 43 3.41 -4.03 2.62
N GLU A 44 2.45 -4.69 1.98
CA GLU A 44 2.76 -5.79 1.08
C GLU A 44 3.33 -5.27 -0.24
N ASN A 45 3.13 -3.99 -0.52
CA ASN A 45 3.62 -3.38 -1.75
C ASN A 45 5.11 -3.65 -1.93
N SER A 46 5.82 -3.81 -0.82
CA SER A 46 7.26 -4.05 -0.87
C SER A 46 7.55 -5.47 -1.38
N ASN A 47 7.21 -5.70 -2.65
CA ASN A 47 7.43 -7.02 -3.26
C ASN A 47 7.02 -7.00 -4.73
N ASP A 48 6.95 -8.17 -5.33
CA ASP A 48 6.57 -8.29 -6.74
C ASP A 48 5.80 -9.59 -6.98
N ARG A 49 4.90 -9.56 -7.97
CA ARG A 49 4.10 -10.73 -8.31
C ARG A 49 3.85 -10.80 -9.81
N SER A 50 4.76 -10.22 -10.59
CA SER A 50 4.62 -10.22 -12.04
C SER A 50 3.30 -9.59 -12.48
N GLU A 51 2.83 -8.62 -11.70
CA GLU A 51 1.58 -7.93 -12.00
C GLU A 51 1.66 -7.22 -13.34
N HIS A 52 0.52 -7.08 -14.00
CA HIS A 52 0.45 -6.41 -15.30
C HIS A 52 -0.16 -5.02 -15.17
N HIS A 53 0.03 -4.20 -16.20
CA HIS A 53 -0.49 -2.84 -16.20
C HIS A 53 -1.92 -2.81 -16.75
N LYS A 54 -2.04 -3.11 -18.04
CA LYS A 54 -3.35 -3.13 -18.70
C LYS A 54 -3.45 -4.29 -19.67
N LYS A 55 -4.24 -5.30 -19.29
CA LYS A 55 -4.43 -6.48 -20.13
C LYS A 55 -3.12 -7.24 -20.31
N PRO A 56 -3.14 -8.57 -20.17
CA PRO A 56 -1.94 -9.40 -20.32
C PRO A 56 -1.50 -9.52 -21.78
N ARG A 57 -0.22 -9.81 -21.99
CA ARG A 57 0.32 -9.95 -23.33
C ARG A 57 0.62 -11.41 -23.64
N ILE A 58 -0.43 -12.18 -23.93
CA ILE A 58 -0.28 -13.59 -24.24
C ILE A 58 0.49 -13.79 -25.54
N ASP A 59 0.80 -15.05 -25.85
CA ASP A 59 1.54 -15.37 -27.06
C ASP A 59 1.38 -16.85 -27.43
N ASP A 60 0.98 -17.10 -28.67
CA ASP A 60 0.78 -18.46 -29.14
C ASP A 60 2.11 -19.11 -29.53
N SER A 61 2.18 -20.43 -29.43
CA SER A 61 3.39 -21.17 -29.78
C SER A 61 3.16 -22.04 -31.01
N SER A 62 1.96 -22.62 -31.11
CA SER A 62 1.62 -23.47 -32.24
C SER A 62 2.53 -24.70 -32.29
N ASP A 63 2.54 -25.39 -33.43
CA ASP A 63 3.36 -26.57 -33.61
C ASP A 63 2.85 -27.73 -32.77
N LEU A 64 2.65 -28.87 -33.41
CA LEU A 64 2.15 -30.06 -32.72
C LEU A 64 2.99 -31.29 -33.08
N LEU A 65 2.63 -32.44 -32.50
CA LEU A 65 3.34 -33.68 -32.77
C LEU A 65 4.75 -33.63 -32.16
N LYS A 66 5.61 -32.81 -32.73
CA LYS A 66 6.98 -32.67 -32.25
C LYS A 66 7.05 -31.70 -31.08
N THR A 67 6.31 -32.01 -30.02
CA THR A 67 6.29 -31.17 -28.83
C THR A 67 7.14 -31.78 -27.71
N ASP A 68 7.09 -33.10 -27.61
CA ASP A 68 7.85 -33.81 -26.58
C ASP A 68 9.32 -33.91 -26.96
N GLU A 69 10.13 -33.07 -26.34
CA GLU A 69 11.57 -33.05 -26.62
C GLU A 69 12.33 -33.82 -25.54
N ILE A 70 11.73 -34.89 -25.05
CA ILE A 70 12.36 -35.72 -24.02
C ILE A 70 12.39 -37.19 -24.44
N GLY B 1 -20.56 -16.48 -25.09
CA GLY B 1 -19.30 -16.29 -24.34
C GLY B 1 -19.44 -15.33 -23.19
N HIS B 2 -18.42 -15.27 -22.33
CA HIS B 2 -18.44 -14.38 -21.18
C HIS B 2 -17.43 -13.25 -21.34
N MET B 3 -17.21 -12.49 -20.26
CA MET B 3 -16.27 -11.39 -20.28
C MET B 3 -15.36 -11.42 -19.06
N MET B 4 -14.07 -11.17 -19.26
CA MET B 4 -13.10 -11.17 -18.17
C MET B 4 -12.28 -9.90 -18.18
N SER B 5 -12.51 -9.04 -17.18
CA SER B 5 -11.78 -7.78 -17.07
C SER B 5 -11.69 -7.33 -15.63
N LYS B 6 -11.37 -8.26 -14.74
CA LYS B 6 -11.25 -7.97 -13.31
C LYS B 6 -9.81 -8.14 -12.84
N LEU B 7 -9.17 -7.04 -12.46
CA LEU B 7 -7.79 -7.07 -11.99
C LEU B 7 -7.69 -6.59 -10.55
N PHE B 8 -8.48 -5.57 -10.22
CA PHE B 8 -8.47 -5.02 -8.87
C PHE B 8 -9.00 -6.03 -7.86
N LEU B 9 -10.13 -6.66 -8.19
CA LEU B 9 -10.73 -7.66 -7.31
C LEU B 9 -10.28 -9.07 -7.67
N ASP B 10 -9.17 -9.16 -8.41
CA ASP B 10 -8.64 -10.46 -8.82
C ASP B 10 -7.27 -10.70 -8.18
N GLU B 11 -6.48 -9.64 -8.04
CA GLU B 11 -5.16 -9.74 -7.45
C GLU B 11 -5.25 -9.74 -5.93
N LEU B 12 -5.78 -8.67 -5.36
CA LEU B 12 -5.94 -8.55 -3.92
C LEU B 12 -6.63 -9.79 -3.35
N PRO B 13 -6.67 -9.94 -2.01
CA PRO B 13 -7.30 -11.09 -1.36
C PRO B 13 -8.66 -11.42 -1.98
N GLU B 14 -8.65 -12.33 -2.94
CA GLU B 14 -9.88 -12.75 -3.63
C GLU B 14 -11.00 -13.05 -2.64
N SER B 15 -10.62 -13.48 -1.44
CA SER B 15 -11.59 -13.80 -0.41
C SER B 15 -12.28 -12.53 0.09
N LEU B 16 -11.50 -11.46 0.25
CA LEU B 16 -12.03 -10.19 0.72
C LEU B 16 -12.70 -9.43 -0.42
N SER B 17 -12.20 -9.64 -1.64
CA SER B 17 -12.76 -8.97 -2.81
C SER B 17 -14.24 -9.26 -2.96
N ARG B 18 -14.67 -10.42 -2.46
CA ARG B 18 -16.07 -10.81 -2.53
C ARG B 18 -16.97 -9.79 -1.84
N LYS B 19 -16.52 -9.32 -0.68
CA LYS B 19 -17.28 -8.33 0.08
C LYS B 19 -17.08 -6.93 -0.49
N ILE B 20 -15.89 -6.66 -1.00
CA ILE B 20 -15.57 -5.36 -1.57
C ILE B 20 -16.32 -5.16 -2.89
N GLY B 21 -16.22 -6.14 -3.78
CA GLY B 21 -16.89 -6.05 -5.06
C GLY B 21 -18.39 -5.94 -4.93
N THR B 22 -18.92 -6.34 -3.77
CA THR B 22 -20.36 -6.28 -3.52
C THR B 22 -20.81 -4.87 -3.15
N VAL B 23 -19.93 -4.14 -2.47
CA VAL B 23 -20.25 -2.78 -2.04
C VAL B 23 -20.08 -1.78 -3.18
N VAL B 24 -19.14 -2.06 -4.08
CA VAL B 24 -18.88 -1.18 -5.21
C VAL B 24 -20.16 -0.90 -6.01
N ARG B 25 -21.03 -1.89 -6.06
CA ARG B 25 -22.30 -1.75 -6.78
C ARG B 25 -23.08 -0.55 -6.27
N VAL B 26 -22.86 -0.20 -5.00
CA VAL B 26 -23.54 0.93 -4.39
C VAL B 26 -22.89 2.25 -4.79
N LEU B 27 -21.56 2.22 -4.98
CA LEU B 27 -20.83 3.42 -5.36
C LEU B 27 -19.72 3.10 -6.35
N PRO B 28 -20.09 2.73 -7.59
CA PRO B 28 -19.11 2.41 -8.63
C PRO B 28 -18.27 3.63 -8.99
N SER B 29 -18.75 4.81 -8.61
CA SER B 29 -18.05 6.05 -8.87
C SER B 29 -17.10 6.39 -7.72
N SER B 30 -17.57 6.18 -6.49
CA SER B 30 -16.75 6.46 -5.31
C SER B 30 -15.46 5.64 -5.36
N LEU B 31 -15.60 4.34 -5.59
CA LEU B 31 -14.44 3.45 -5.65
C LEU B 31 -13.43 3.94 -6.68
N GLU B 32 -13.92 4.55 -7.75
CA GLU B 32 -13.05 5.07 -8.80
C GLU B 32 -12.07 6.09 -8.24
N ILE B 33 -12.57 6.96 -7.36
CA ILE B 33 -11.73 7.99 -6.75
C ILE B 33 -10.71 7.36 -5.81
N PHE B 34 -11.18 6.44 -4.96
CA PHE B 34 -10.31 5.76 -4.02
C PHE B 34 -9.27 4.91 -4.73
N GLU B 35 -9.65 4.39 -5.90
CA GLU B 35 -8.74 3.56 -6.68
C GLU B 35 -7.46 4.31 -7.02
N GLU B 36 -7.61 5.60 -7.33
CA GLU B 36 -6.46 6.44 -7.64
C GLU B 36 -5.75 6.89 -6.37
N LEU B 37 -6.51 7.01 -5.29
CA LEU B 37 -5.98 7.43 -4.01
C LEU B 37 -4.98 6.39 -3.48
N TYR B 38 -5.40 5.14 -3.48
CA TYR B 38 -4.55 4.05 -3.00
C TYR B 38 -3.44 3.73 -3.98
N LYS B 39 -3.58 4.21 -5.22
CA LYS B 39 -2.59 3.96 -6.26
C LYS B 39 -1.40 4.91 -6.11
N TYR B 40 -1.69 6.20 -5.99
CA TYR B 40 -0.64 7.20 -5.84
C TYR B 40 0.08 7.05 -4.51
N ALA B 41 -0.64 6.59 -3.50
CA ALA B 41 -0.07 6.39 -2.17
C ALA B 41 1.09 5.41 -2.22
N LEU B 42 0.95 4.36 -3.01
CA LEU B 42 1.99 3.35 -3.14
C LEU B 42 3.07 3.81 -4.09
N ASN B 43 2.67 4.55 -5.13
CA ASN B 43 3.61 5.06 -6.12
C ASN B 43 4.66 5.95 -5.47
N GLU B 44 4.29 6.60 -4.37
CA GLU B 44 5.20 7.49 -3.66
C GLU B 44 6.46 6.75 -3.23
N ASN B 45 6.32 5.45 -2.98
CA ASN B 45 7.46 4.64 -2.57
C ASN B 45 8.51 4.57 -3.67
N SER B 46 8.06 4.63 -4.92
CA SER B 46 8.96 4.58 -6.06
C SER B 46 8.35 5.28 -7.27
N ASN B 47 8.84 6.46 -7.58
CA ASN B 47 8.34 7.24 -8.71
C ASN B 47 9.49 7.85 -9.49
N ASP B 48 10.64 7.20 -9.48
CA ASP B 48 11.82 7.69 -10.20
C ASP B 48 12.97 6.69 -10.09
N ARG B 49 13.28 6.02 -11.20
CA ARG B 49 14.36 5.05 -11.23
C ARG B 49 15.56 5.60 -11.99
N SER B 50 15.50 5.55 -13.32
CA SER B 50 16.59 6.05 -14.16
C SER B 50 17.94 5.49 -13.70
N GLU B 51 17.92 4.29 -13.12
CA GLU B 51 19.14 3.66 -12.64
C GLU B 51 19.45 2.40 -13.46
N HIS B 52 20.67 1.89 -13.29
CA HIS B 52 21.10 0.70 -14.00
C HIS B 52 22.43 0.18 -13.45
N HIS B 53 23.35 1.09 -13.19
CA HIS B 53 24.66 0.73 -12.66
C HIS B 53 24.63 0.71 -11.13
N LYS B 54 25.56 -0.04 -10.54
CA LYS B 54 25.64 -0.15 -9.09
C LYS B 54 26.66 0.85 -8.53
N LYS B 55 26.36 1.39 -7.36
CA LYS B 55 27.25 2.35 -6.71
C LYS B 55 28.58 1.69 -6.35
N PRO B 56 29.62 2.51 -6.08
CA PRO B 56 30.95 2.00 -5.72
C PRO B 56 30.97 1.37 -4.33
N ARG B 57 30.77 0.06 -4.28
CA ARG B 57 30.77 -0.67 -3.01
C ARG B 57 32.10 -1.38 -2.78
N ILE B 58 32.95 -0.78 -1.96
CA ILE B 58 34.25 -1.36 -1.66
C ILE B 58 34.47 -1.47 -0.15
N ASP B 59 34.69 -2.70 0.32
CA ASP B 59 34.91 -2.95 1.73
C ASP B 59 36.21 -2.31 2.19
N ASP B 60 36.46 -2.36 3.50
CA ASP B 60 37.68 -1.78 4.07
C ASP B 60 37.72 -1.98 5.58
N SER B 61 36.56 -1.86 6.22
CA SER B 61 36.45 -2.02 7.67
C SER B 61 36.75 -3.46 8.08
N SER B 62 38.00 -3.86 7.98
CA SER B 62 38.42 -5.21 8.35
C SER B 62 37.60 -6.25 7.61
N ASP B 63 37.85 -7.53 7.90
CA ASP B 63 37.13 -8.62 7.27
C ASP B 63 36.79 -9.71 8.28
N LEU B 64 35.82 -10.55 7.93
CA LEU B 64 35.39 -11.63 8.82
C LEU B 64 35.31 -12.95 8.07
N LEU B 65 34.86 -14.00 8.76
CA LEU B 65 34.74 -15.32 8.16
C LEU B 65 36.10 -15.84 7.70
N LYS B 66 36.21 -17.15 7.53
CA LYS B 66 37.45 -17.77 7.10
C LYS B 66 38.55 -17.58 8.14
N THR B 67 39.55 -18.47 8.10
CA THR B 67 40.66 -18.40 9.03
C THR B 67 41.87 -17.72 8.40
N ASP B 68 42.97 -17.65 9.15
CA ASP B 68 44.19 -17.02 8.66
C ASP B 68 45.30 -17.11 9.71
N GLU B 69 44.93 -16.95 10.98
CA GLU B 69 45.88 -17.01 12.07
C GLU B 69 47.16 -16.24 11.75
N ILE B 70 47.16 -14.94 12.07
CA ILE B 70 48.31 -14.09 11.82
C ILE B 70 48.81 -13.44 13.11
N GLY A 1 -22.45 6.80 18.48
CA GLY A 1 -23.43 7.02 17.37
C GLY A 1 -22.75 7.09 16.01
N HIS A 2 -23.46 7.65 15.03
CA HIS A 2 -22.92 7.77 13.68
C HIS A 2 -22.57 9.22 13.37
N MET A 3 -21.28 9.51 13.30
CA MET A 3 -20.81 10.85 13.00
C MET A 3 -20.23 10.93 11.59
N MET A 4 -19.60 12.06 11.27
CA MET A 4 -19.00 12.26 9.96
C MET A 4 -17.62 11.62 9.89
N SER A 5 -17.10 11.46 8.68
CA SER A 5 -15.78 10.87 8.47
C SER A 5 -14.68 11.85 8.90
N LYS A 6 -14.07 11.57 10.04
CA LYS A 6 -13.00 12.41 10.56
C LYS A 6 -11.74 11.59 10.85
N LEU A 7 -10.67 12.28 11.22
CA LEU A 7 -9.41 11.62 11.52
C LEU A 7 -8.89 10.85 10.31
N PHE A 8 -9.16 11.37 9.12
CA PHE A 8 -8.72 10.72 7.89
C PHE A 8 -8.50 11.76 6.78
N LEU A 9 -9.55 12.49 6.45
CA LEU A 9 -9.47 13.52 5.41
C LEU A 9 -8.63 14.71 5.86
N ASP A 10 -8.30 14.76 7.15
CA ASP A 10 -7.50 15.85 7.69
C ASP A 10 -6.02 15.64 7.39
N GLU A 11 -5.63 14.38 7.24
CA GLU A 11 -4.24 14.04 6.96
C GLU A 11 -3.87 14.40 5.51
N LEU A 12 -4.42 13.63 4.57
CA LEU A 12 -4.15 13.86 3.15
C LEU A 12 -4.55 15.28 2.74
N PRO A 13 -4.04 15.76 1.60
CA PRO A 13 -4.34 17.10 1.09
C PRO A 13 -5.84 17.39 1.10
N GLU A 14 -6.17 18.66 1.33
CA GLU A 14 -7.57 19.08 1.37
C GLU A 14 -8.17 19.13 -0.04
N SER A 15 -7.31 19.41 -1.03
CA SER A 15 -7.75 19.50 -2.41
C SER A 15 -8.44 18.21 -2.85
N LEU A 16 -7.86 17.07 -2.46
CA LEU A 16 -8.43 15.78 -2.82
C LEU A 16 -9.59 15.42 -1.90
N SER A 17 -9.45 15.72 -0.61
CA SER A 17 -10.50 15.44 0.36
C SER A 17 -11.83 16.05 -0.05
N ARG A 18 -11.76 17.11 -0.86
CA ARG A 18 -12.96 17.78 -1.34
C ARG A 18 -13.81 16.86 -2.21
N LYS A 19 -13.16 16.23 -3.19
CA LYS A 19 -13.85 15.33 -4.10
C LYS A 19 -14.13 13.99 -3.42
N ILE A 20 -13.26 13.61 -2.49
CA ILE A 20 -13.43 12.35 -1.77
C ILE A 20 -14.52 12.47 -0.72
N GLY A 21 -14.43 13.51 0.11
CA GLY A 21 -15.42 13.72 1.14
C GLY A 21 -16.82 13.88 0.58
N THR A 22 -16.89 14.25 -0.70
CA THR A 22 -18.18 14.43 -1.37
C THR A 22 -18.86 13.09 -1.62
N VAL A 23 -18.11 12.14 -2.15
CA VAL A 23 -18.64 10.81 -2.45
C VAL A 23 -18.69 9.95 -1.18
N VAL A 24 -17.71 10.12 -0.30
CA VAL A 24 -17.65 9.37 0.93
C VAL A 24 -18.94 9.55 1.74
N ARG A 25 -19.56 10.73 1.60
CA ARG A 25 -20.80 11.02 2.30
C ARG A 25 -21.84 9.94 2.03
N VAL A 26 -21.76 9.35 0.84
CA VAL A 26 -22.68 8.30 0.44
C VAL A 26 -22.35 7.00 1.17
N LEU A 27 -21.08 6.62 1.15
CA LEU A 27 -20.64 5.40 1.80
C LEU A 27 -19.58 5.69 2.87
N PRO A 28 -19.97 6.38 3.95
CA PRO A 28 -19.06 6.70 5.05
C PRO A 28 -18.54 5.44 5.74
N SER A 29 -19.24 4.34 5.55
CA SER A 29 -18.85 3.06 6.15
C SER A 29 -17.93 2.29 5.22
N SER A 30 -18.24 2.31 3.92
CA SER A 30 -17.42 1.60 2.94
C SER A 30 -16.00 2.17 2.93
N LEU A 31 -15.88 3.46 3.21
CA LEU A 31 -14.57 4.11 3.24
C LEU A 31 -13.62 3.42 4.21
N GLU A 32 -14.17 2.98 5.35
CA GLU A 32 -13.37 2.31 6.37
C GLU A 32 -12.59 1.13 5.78
N ILE A 33 -13.23 0.40 4.87
CA ILE A 33 -12.59 -0.75 4.24
C ILE A 33 -11.51 -0.32 3.25
N PHE A 34 -11.75 0.81 2.59
CA PHE A 34 -10.80 1.33 1.61
C PHE A 34 -9.56 1.90 2.30
N GLU A 35 -9.77 2.66 3.37
CA GLU A 35 -8.66 3.26 4.10
C GLU A 35 -7.69 2.18 4.57
N GLU A 36 -8.23 1.07 5.06
CA GLU A 36 -7.41 -0.04 5.53
C GLU A 36 -6.81 -0.81 4.36
N LEU A 37 -7.54 -0.81 3.23
CA LEU A 37 -7.08 -1.50 2.04
C LEU A 37 -5.78 -0.90 1.52
N TYR A 38 -5.76 0.43 1.38
CA TYR A 38 -4.58 1.12 0.89
C TYR A 38 -3.45 1.07 1.92
N LYS A 39 -3.82 1.03 3.20
CA LYS A 39 -2.85 0.98 4.28
C LYS A 39 -2.22 -0.41 4.37
N TYR A 40 -3.01 -1.43 4.05
CA TYR A 40 -2.54 -2.80 4.10
C TYR A 40 -1.50 -3.06 3.01
N ALA A 41 -1.76 -2.55 1.81
CA ALA A 41 -0.85 -2.73 0.69
C ALA A 41 0.35 -1.80 0.80
N LEU A 42 0.16 -0.67 1.46
CA LEU A 42 1.25 0.30 1.64
C LEU A 42 2.42 -0.32 2.37
N ASN A 43 2.12 -1.21 3.31
CA ASN A 43 3.16 -1.89 4.09
C ASN A 43 3.84 -2.97 3.26
N GLU A 44 3.09 -3.55 2.33
CA GLU A 44 3.64 -4.60 1.47
C GLU A 44 4.84 -4.10 0.68
N ASN A 45 4.84 -2.82 0.34
CA ASN A 45 5.93 -2.22 -0.40
C ASN A 45 7.14 -1.97 0.50
N SER A 46 6.87 -1.67 1.77
CA SER A 46 7.93 -1.41 2.73
C SER A 46 7.37 -1.26 4.14
N ASN A 47 8.15 -1.66 5.13
CA ASN A 47 7.73 -1.57 6.52
C ASN A 47 8.61 -0.61 7.30
N ASP A 48 9.12 0.41 6.61
CA ASP A 48 9.98 1.41 7.24
C ASP A 48 9.52 2.82 6.91
N ARG A 49 10.16 3.82 7.52
CA ARG A 49 9.81 5.22 7.28
C ARG A 49 10.36 5.69 5.94
N SER A 50 11.68 5.77 5.83
CA SER A 50 12.32 6.21 4.60
C SER A 50 11.89 7.63 4.24
N GLU A 51 12.68 8.60 4.68
CA GLU A 51 12.39 10.01 4.40
C GLU A 51 13.49 10.64 3.56
N HIS A 52 13.39 10.48 2.25
CA HIS A 52 14.38 11.04 1.33
C HIS A 52 14.16 12.54 1.12
N HIS A 53 15.23 13.24 0.76
CA HIS A 53 15.16 14.68 0.53
C HIS A 53 16.50 15.22 0.07
N LYS A 54 16.65 15.38 -1.24
CA LYS A 54 17.90 15.89 -1.81
C LYS A 54 17.65 17.16 -2.60
N LYS A 55 18.39 18.21 -2.26
CA LYS A 55 18.25 19.50 -2.95
C LYS A 55 16.83 20.04 -2.84
N PRO A 56 16.53 20.80 -1.78
CA PRO A 56 15.20 21.37 -1.57
C PRO A 56 14.88 22.49 -2.55
N ARG A 57 13.61 22.89 -2.60
CA ARG A 57 13.18 23.94 -3.50
C ARG A 57 13.44 23.56 -4.95
N ILE A 58 13.30 22.27 -5.26
CA ILE A 58 13.52 21.78 -6.61
C ILE A 58 12.27 21.94 -7.47
N ASP A 59 12.45 22.40 -8.69
CA ASP A 59 11.34 22.60 -9.61
C ASP A 59 11.84 22.78 -11.05
N ASP A 60 11.41 21.89 -11.93
CA ASP A 60 11.81 21.94 -13.33
C ASP A 60 13.32 21.84 -13.47
N SER A 61 13.81 21.92 -14.71
CA SER A 61 15.24 21.82 -14.97
C SER A 61 15.76 23.12 -15.59
N SER A 62 17.08 23.27 -15.63
CA SER A 62 17.70 24.46 -16.20
C SER A 62 18.39 24.14 -17.52
N ASP A 63 18.31 25.07 -18.46
CA ASP A 63 18.92 24.89 -19.77
C ASP A 63 20.45 24.97 -19.68
N LEU A 64 20.94 25.96 -18.94
CA LEU A 64 22.38 26.14 -18.77
C LEU A 64 22.94 25.12 -17.80
N LEU A 65 24.22 25.24 -17.48
CA LEU A 65 24.89 24.34 -16.56
C LEU A 65 24.83 24.87 -15.13
N LYS A 66 25.13 24.00 -14.17
CA LYS A 66 25.12 24.39 -12.76
C LYS A 66 26.36 23.87 -12.05
N THR A 67 27.04 24.77 -11.33
CA THR A 67 28.25 24.40 -10.60
C THR A 67 27.90 23.77 -9.26
N ASP A 68 27.56 22.49 -9.28
CA ASP A 68 27.21 21.75 -8.07
C ASP A 68 28.01 20.47 -7.95
N GLU A 69 27.72 19.69 -6.92
CA GLU A 69 28.41 18.42 -6.69
C GLU A 69 27.43 17.33 -6.31
N ILE A 70 26.82 17.46 -5.14
CA ILE A 70 25.85 16.47 -4.67
C ILE A 70 24.42 17.01 -4.75
N GLY B 1 -16.64 -4.97 -23.85
CA GLY B 1 -16.97 -3.55 -24.15
C GLY B 1 -18.39 -3.19 -23.77
N HIS B 2 -18.93 -3.86 -22.76
CA HIS B 2 -20.29 -3.61 -22.30
C HIS B 2 -20.31 -2.52 -21.24
N MET B 3 -21.46 -2.36 -20.59
CA MET B 3 -21.61 -1.34 -19.55
C MET B 3 -20.97 -1.80 -18.24
N MET B 4 -20.68 -0.84 -17.36
CA MET B 4 -20.07 -1.14 -16.08
C MET B 4 -18.68 -1.75 -16.26
N SER B 5 -18.64 -3.04 -16.56
CA SER B 5 -17.39 -3.75 -16.76
C SER B 5 -16.52 -3.69 -15.50
N LYS B 6 -16.83 -4.55 -14.55
CA LYS B 6 -16.09 -4.60 -13.29
C LYS B 6 -14.85 -5.49 -13.43
N LEU B 7 -13.69 -4.87 -13.63
CA LEU B 7 -12.45 -5.61 -13.76
C LEU B 7 -11.37 -5.04 -12.85
N PHE B 8 -11.31 -5.57 -11.63
CA PHE B 8 -10.32 -5.12 -10.65
C PHE B 8 -10.31 -6.03 -9.43
N LEU B 9 -11.50 -6.38 -8.93
CA LEU B 9 -11.63 -7.24 -7.77
C LEU B 9 -11.17 -8.66 -8.10
N ASP B 10 -11.32 -9.04 -9.37
CA ASP B 10 -10.92 -10.38 -9.81
C ASP B 10 -9.41 -10.58 -9.64
N GLU B 11 -8.65 -9.53 -9.88
CA GLU B 11 -7.19 -9.60 -9.76
C GLU B 11 -6.78 -9.61 -8.29
N LEU B 12 -7.03 -8.50 -7.60
CA LEU B 12 -6.67 -8.39 -6.18
C LEU B 12 -7.17 -9.59 -5.40
N PRO B 13 -6.77 -9.74 -4.12
CA PRO B 13 -7.20 -10.87 -3.29
C PRO B 13 -8.70 -11.13 -3.40
N GLU B 14 -9.05 -12.05 -4.29
CA GLU B 14 -10.46 -12.40 -4.52
C GLU B 14 -11.16 -12.75 -3.20
N SER B 15 -10.38 -13.21 -2.23
CA SER B 15 -10.92 -13.57 -0.93
C SER B 15 -11.56 -12.35 -0.25
N LEU B 16 -10.84 -11.23 -0.27
CA LEU B 16 -11.32 -10.00 0.33
C LEU B 16 -12.29 -9.29 -0.60
N SER B 17 -12.01 -9.35 -1.90
CA SER B 17 -12.87 -8.71 -2.90
C SER B 17 -14.31 -9.18 -2.76
N ARG B 18 -14.50 -10.36 -2.20
CA ARG B 18 -15.84 -10.92 -1.99
C ARG B 18 -16.68 -9.99 -1.11
N LYS B 19 -16.07 -9.49 -0.04
CA LYS B 19 -16.75 -8.60 0.88
C LYS B 19 -16.80 -7.18 0.33
N ILE B 20 -15.74 -6.80 -0.39
CA ILE B 20 -15.67 -5.47 -0.97
C ILE B 20 -16.61 -5.34 -2.18
N GLY B 21 -16.85 -6.46 -2.85
CA GLY B 21 -17.71 -6.46 -4.01
C GLY B 21 -19.15 -6.13 -3.67
N THR B 22 -19.62 -6.59 -2.51
CA THR B 22 -20.99 -6.34 -2.09
C THR B 22 -21.19 -4.88 -1.69
N VAL B 23 -20.17 -4.28 -1.09
CA VAL B 23 -20.24 -2.88 -0.67
C VAL B 23 -19.99 -1.94 -1.85
N VAL B 24 -19.01 -2.28 -2.67
CA VAL B 24 -18.67 -1.46 -3.83
C VAL B 24 -19.87 -1.32 -4.76
N ARG B 25 -20.73 -2.34 -4.77
CA ARG B 25 -21.92 -2.33 -5.62
C ARG B 25 -22.70 -1.03 -5.39
N VAL B 26 -22.69 -0.56 -4.16
CA VAL B 26 -23.38 0.68 -3.79
C VAL B 26 -22.54 1.90 -4.19
N LEU B 27 -21.22 1.71 -4.25
CA LEU B 27 -20.30 2.77 -4.61
C LEU B 27 -19.28 2.29 -5.64
N PRO B 28 -19.73 1.90 -6.84
CA PRO B 28 -18.84 1.43 -7.91
C PRO B 28 -18.14 2.58 -8.62
N SER B 29 -18.93 3.58 -9.00
CA SER B 29 -18.39 4.75 -9.69
C SER B 29 -17.37 5.48 -8.81
N SER B 30 -17.58 5.42 -7.50
CA SER B 30 -16.68 6.09 -6.57
C SER B 30 -15.35 5.33 -6.44
N LEU B 31 -15.43 4.01 -6.56
CA LEU B 31 -14.24 3.16 -6.46
C LEU B 31 -13.07 3.73 -7.26
N GLU B 32 -13.38 4.26 -8.44
CA GLU B 32 -12.36 4.84 -9.30
C GLU B 32 -11.53 5.88 -8.56
N ILE B 33 -12.13 6.50 -7.55
CA ILE B 33 -11.45 7.51 -6.76
C ILE B 33 -10.50 6.86 -5.74
N PHE B 34 -10.95 5.76 -5.15
CA PHE B 34 -10.14 5.05 -4.16
C PHE B 34 -9.01 4.28 -4.82
N GLU B 35 -9.26 3.82 -6.05
CA GLU B 35 -8.25 3.07 -6.79
C GLU B 35 -6.99 3.90 -7.00
N GLU B 36 -7.17 5.15 -7.43
CA GLU B 36 -6.05 6.05 -7.65
C GLU B 36 -5.47 6.52 -6.33
N LEU B 37 -6.30 6.50 -5.27
CA LEU B 37 -5.86 6.93 -3.95
C LEU B 37 -4.83 5.96 -3.37
N TYR B 38 -5.13 4.66 -3.43
CA TYR B 38 -4.23 3.66 -2.91
C TYR B 38 -2.94 3.60 -3.72
N LYS B 39 -3.05 3.83 -5.02
CA LYS B 39 -1.89 3.82 -5.90
C LYS B 39 -1.01 5.04 -5.66
N TYR B 40 -1.63 6.14 -5.26
CA TYR B 40 -0.92 7.37 -5.00
C TYR B 40 0.12 7.18 -3.88
N ALA B 41 -0.33 6.60 -2.77
CA ALA B 41 0.55 6.36 -1.64
C ALA B 41 1.65 5.35 -1.99
N LEU B 42 1.25 4.27 -2.65
CA LEU B 42 2.19 3.23 -3.05
C LEU B 42 3.26 3.80 -3.99
N ASN B 43 2.82 4.63 -4.94
CA ASN B 43 3.74 5.24 -5.89
C ASN B 43 4.78 6.10 -5.18
N GLU B 44 4.39 6.68 -4.05
CA GLU B 44 5.30 7.52 -3.28
C GLU B 44 6.52 6.73 -2.84
N ASN B 45 6.34 5.43 -2.61
CA ASN B 45 7.43 4.56 -2.18
C ASN B 45 8.47 4.41 -3.28
N SER B 46 8.05 4.61 -4.53
CA SER B 46 8.95 4.48 -5.67
C SER B 46 10.16 5.38 -5.51
N ASN B 47 11.17 5.17 -6.35
CA ASN B 47 12.40 5.97 -6.29
C ASN B 47 13.09 5.80 -4.95
N ASP B 48 13.71 4.63 -4.76
CA ASP B 48 14.42 4.35 -3.52
C ASP B 48 15.19 3.04 -3.62
N ARG B 49 16.50 3.11 -3.39
CA ARG B 49 17.35 1.94 -3.46
C ARG B 49 17.06 0.97 -2.31
N SER B 50 16.32 -0.09 -2.61
CA SER B 50 15.98 -1.09 -1.60
C SER B 50 15.27 -2.28 -2.24
N GLU B 51 15.92 -3.43 -2.22
CA GLU B 51 15.36 -4.65 -2.79
C GLU B 51 15.28 -5.76 -1.75
N HIS B 52 14.08 -6.01 -1.24
CA HIS B 52 13.88 -7.05 -0.24
C HIS B 52 12.45 -7.57 -0.28
N HIS B 53 12.30 -8.89 -0.21
CA HIS B 53 10.99 -9.52 -0.24
C HIS B 53 10.73 -10.31 1.04
N LYS B 54 11.74 -11.03 1.49
CA LYS B 54 11.62 -11.83 2.72
C LYS B 54 12.99 -12.22 3.24
N LYS B 55 13.03 -12.70 4.49
CA LYS B 55 14.28 -13.10 5.10
C LYS B 55 14.84 -14.37 4.44
N PRO B 56 16.18 -14.48 4.35
CA PRO B 56 16.83 -15.64 3.73
C PRO B 56 16.75 -16.88 4.61
N ARG B 57 16.26 -17.97 4.04
CA ARG B 57 16.14 -19.23 4.77
C ARG B 57 17.40 -20.07 4.63
N ILE B 58 17.51 -21.11 5.45
CA ILE B 58 18.67 -21.99 5.41
C ILE B 58 18.42 -23.26 6.23
N ASP B 59 18.89 -24.40 5.71
CA ASP B 59 18.72 -25.67 6.39
C ASP B 59 19.60 -25.75 7.62
N ASP B 60 19.30 -26.69 8.51
CA ASP B 60 20.07 -26.87 9.74
C ASP B 60 20.95 -28.11 9.64
N SER B 61 22.23 -27.96 10.01
CA SER B 61 23.18 -29.05 9.97
C SER B 61 24.33 -28.82 10.95
N SER B 62 25.12 -29.86 11.17
CA SER B 62 26.26 -29.77 12.08
C SER B 62 25.79 -29.41 13.49
N ASP B 63 25.53 -30.43 14.30
CA ASP B 63 25.09 -30.24 15.67
C ASP B 63 25.97 -30.98 16.65
N LEU B 64 26.02 -32.31 16.52
CA LEU B 64 26.83 -33.14 17.41
C LEU B 64 27.98 -33.78 16.63
N LEU B 65 29.00 -34.22 17.36
CA LEU B 65 30.15 -34.86 16.74
C LEU B 65 30.95 -35.65 17.77
N LYS B 66 31.65 -36.69 17.31
CA LYS B 66 32.45 -37.52 18.18
C LYS B 66 33.61 -36.74 18.79
N THR B 67 34.08 -37.17 19.95
CA THR B 67 35.18 -36.49 20.63
C THR B 67 36.17 -37.51 21.18
N ASP B 68 37.03 -38.02 20.31
CA ASP B 68 38.03 -39.00 20.71
C ASP B 68 39.00 -38.40 21.72
N GLU B 69 39.36 -37.15 21.52
CA GLU B 69 40.28 -36.46 22.42
C GLU B 69 39.74 -35.08 22.79
N ILE B 70 39.64 -34.20 21.80
CA ILE B 70 39.16 -32.85 22.03
C ILE B 70 37.98 -32.53 21.10
N GLY A 1 -15.00 17.26 16.37
CA GLY A 1 -14.63 16.18 15.41
C GLY A 1 -13.68 15.18 16.02
N HIS A 2 -14.01 14.68 17.20
CA HIS A 2 -13.17 13.71 17.89
C HIS A 2 -13.92 12.40 18.12
N MET A 3 -14.24 11.70 17.02
CA MET A 3 -14.95 10.44 17.10
C MET A 3 -14.27 9.38 16.25
N MET A 4 -13.08 8.96 16.66
CA MET A 4 -12.32 7.95 15.93
C MET A 4 -12.04 8.41 14.51
N SER A 5 -11.31 9.51 14.38
CA SER A 5 -10.96 10.06 13.06
C SER A 5 -9.94 9.17 12.36
N LYS A 6 -9.95 9.19 11.04
CA LYS A 6 -9.03 8.40 10.25
C LYS A 6 -7.75 9.19 9.95
N LEU A 7 -6.83 8.55 9.22
CA LEU A 7 -5.57 9.21 8.86
C LEU A 7 -5.28 9.06 7.38
N PHE A 8 -6.28 9.36 6.55
CA PHE A 8 -6.14 9.25 5.10
C PHE A 8 -6.28 10.62 4.43
N LEU A 9 -7.17 11.44 4.99
CA LEU A 9 -7.40 12.78 4.44
C LEU A 9 -6.12 13.61 4.49
N ASP A 10 -5.34 13.43 5.55
CA ASP A 10 -4.10 14.18 5.70
C ASP A 10 -3.15 13.91 4.54
N GLU A 11 -2.93 12.64 4.24
CA GLU A 11 -2.04 12.24 3.15
C GLU A 11 -2.57 12.77 1.81
N LEU A 12 -3.89 12.89 1.71
CA LEU A 12 -4.52 13.38 0.48
C LEU A 12 -4.45 14.90 0.41
N PRO A 13 -4.51 15.47 -0.81
CA PRO A 13 -4.46 16.91 -1.01
C PRO A 13 -5.57 17.64 -0.26
N GLU A 14 -5.83 18.88 -0.66
CA GLU A 14 -6.86 19.69 -0.02
C GLU A 14 -8.13 19.74 -0.88
N SER A 15 -7.94 19.74 -2.20
CA SER A 15 -9.06 19.79 -3.13
C SER A 15 -9.76 18.43 -3.21
N LEU A 16 -8.98 17.37 -3.03
CA LEU A 16 -9.52 16.02 -3.09
C LEU A 16 -10.34 15.71 -1.85
N SER A 17 -9.94 16.28 -0.72
CA SER A 17 -10.64 16.07 0.54
C SER A 17 -12.10 16.51 0.45
N ARG A 18 -12.38 17.40 -0.49
CA ARG A 18 -13.74 17.91 -0.68
C ARG A 18 -14.60 16.91 -1.46
N LYS A 19 -14.08 16.45 -2.59
CA LYS A 19 -14.80 15.49 -3.43
C LYS A 19 -14.97 14.16 -2.72
N ILE A 20 -13.99 13.78 -1.91
CA ILE A 20 -14.04 12.52 -1.18
C ILE A 20 -15.08 12.60 -0.06
N GLY A 21 -15.02 13.66 0.73
CA GLY A 21 -15.96 13.82 1.83
C GLY A 21 -17.40 13.92 1.34
N THR A 22 -17.58 14.26 0.07
CA THR A 22 -18.90 14.38 -0.51
C THR A 22 -19.50 13.01 -0.82
N VAL A 23 -18.65 12.10 -1.30
CA VAL A 23 -19.09 10.76 -1.64
C VAL A 23 -19.20 9.88 -0.40
N VAL A 24 -18.35 10.16 0.59
CA VAL A 24 -18.36 9.40 1.84
C VAL A 24 -19.72 9.45 2.52
N ARG A 25 -20.36 10.61 2.47
CA ARG A 25 -21.68 10.78 3.08
C ARG A 25 -22.62 9.66 2.68
N VAL A 26 -22.46 9.16 1.46
CA VAL A 26 -23.30 8.08 0.96
C VAL A 26 -22.85 6.72 1.49
N LEU A 27 -21.54 6.51 1.53
CA LEU A 27 -20.99 5.24 2.02
C LEU A 27 -19.98 5.47 3.13
N PRO A 28 -20.45 5.86 4.33
CA PRO A 28 -19.59 6.07 5.49
C PRO A 28 -18.95 4.77 5.95
N SER A 29 -19.53 3.66 5.52
CA SER A 29 -19.02 2.34 5.88
C SER A 29 -17.97 1.87 4.88
N SER A 30 -18.21 2.14 3.60
CA SER A 30 -17.27 1.74 2.56
C SER A 30 -15.91 2.40 2.79
N LEU A 31 -15.95 3.71 3.06
CA LEU A 31 -14.73 4.49 3.31
C LEU A 31 -13.75 3.72 4.20
N GLU A 32 -14.26 3.18 5.30
CA GLU A 32 -13.44 2.43 6.24
C GLU A 32 -12.79 1.23 5.55
N ILE A 33 -13.52 0.64 4.61
CA ILE A 33 -13.03 -0.53 3.89
C ILE A 33 -11.95 -0.12 2.88
N PHE A 34 -12.22 0.94 2.13
CA PHE A 34 -11.28 1.43 1.13
C PHE A 34 -10.06 2.05 1.80
N GLU A 35 -10.29 2.81 2.87
CA GLU A 35 -9.20 3.45 3.59
C GLU A 35 -8.20 2.41 4.10
N GLU A 36 -8.72 1.29 4.60
CA GLU A 36 -7.88 0.22 5.11
C GLU A 36 -7.29 -0.58 3.96
N LEU A 37 -7.99 -0.60 2.83
CA LEU A 37 -7.52 -1.33 1.65
C LEU A 37 -6.24 -0.73 1.11
N TYR A 38 -6.23 0.59 0.92
CA TYR A 38 -5.06 1.28 0.40
C TYR A 38 -3.88 1.16 1.38
N LYS A 39 -4.20 1.07 2.66
CA LYS A 39 -3.17 0.95 3.70
C LYS A 39 -2.61 -0.47 3.73
N TYR A 40 -3.47 -1.46 3.50
CA TYR A 40 -3.06 -2.85 3.50
C TYR A 40 -1.98 -3.10 2.44
N ALA A 41 -2.25 -2.65 1.22
CA ALA A 41 -1.31 -2.81 0.12
C ALA A 41 0.00 -2.10 0.40
N LEU A 42 -0.05 -1.05 1.22
CA LEU A 42 1.12 -0.28 1.57
C LEU A 42 1.94 -0.98 2.65
N ASN A 43 1.26 -1.74 3.51
CA ASN A 43 1.92 -2.47 4.59
C ASN A 43 2.56 -3.76 4.09
N GLU A 44 1.83 -4.47 3.23
CA GLU A 44 2.33 -5.73 2.67
C GLU A 44 3.63 -5.52 1.90
N ASN A 45 3.90 -4.28 1.50
CA ASN A 45 5.10 -3.96 0.75
C ASN A 45 6.35 -4.49 1.46
N SER A 46 6.28 -4.54 2.79
CA SER A 46 7.40 -5.03 3.58
C SER A 46 7.03 -6.35 4.28
N ASN A 47 6.19 -7.14 3.63
CA ASN A 47 5.77 -8.42 4.18
C ASN A 47 6.17 -9.57 3.27
N ASP A 48 6.15 -10.78 3.82
CA ASP A 48 6.53 -11.97 3.05
C ASP A 48 7.99 -11.92 2.64
N ARG A 49 8.53 -13.08 2.25
CA ARG A 49 9.92 -13.17 1.83
C ARG A 49 10.86 -12.78 2.97
N SER A 50 12.16 -12.89 2.73
CA SER A 50 13.16 -12.55 3.74
C SER A 50 13.08 -13.50 4.93
N GLU A 51 12.08 -13.31 5.77
CA GLU A 51 11.90 -14.15 6.95
C GLU A 51 10.51 -13.97 7.55
N HIS A 52 9.97 -15.03 8.11
CA HIS A 52 8.64 -14.99 8.72
C HIS A 52 8.74 -14.88 10.24
N HIS A 53 7.59 -14.85 10.90
CA HIS A 53 7.55 -14.75 12.36
C HIS A 53 6.45 -15.64 12.93
N LYS A 54 6.72 -16.22 14.10
CA LYS A 54 5.75 -17.10 14.74
C LYS A 54 5.43 -18.32 13.88
N LYS A 55 4.81 -19.32 14.48
CA LYS A 55 4.45 -20.54 13.76
C LYS A 55 2.94 -20.62 13.55
N PRO A 56 2.49 -21.21 12.43
CA PRO A 56 1.08 -21.34 12.12
C PRO A 56 0.41 -22.45 12.92
N ARG A 57 0.46 -22.33 14.25
CA ARG A 57 -0.14 -23.32 15.14
C ARG A 57 0.44 -24.71 14.87
N ILE A 58 1.51 -25.05 15.57
CA ILE A 58 2.15 -26.35 15.41
C ILE A 58 1.80 -27.28 16.56
N ASP A 59 1.59 -26.71 17.74
CA ASP A 59 1.24 -27.49 18.93
C ASP A 59 -0.17 -28.06 18.80
N ASP A 60 -0.30 -29.33 19.15
CA ASP A 60 -1.60 -30.01 19.08
C ASP A 60 -1.69 -31.13 20.12
N SER A 61 -2.71 -31.07 20.95
CA SER A 61 -2.91 -32.07 21.99
C SER A 61 -3.66 -33.28 21.44
N SER A 62 -4.91 -33.07 21.06
CA SER A 62 -5.74 -34.14 20.51
C SER A 62 -5.16 -34.66 19.19
N ASP A 63 -4.32 -35.68 19.27
CA ASP A 63 -3.70 -36.25 18.08
C ASP A 63 -3.75 -37.78 18.13
N LEU A 64 -4.87 -38.35 17.69
CA LEU A 64 -5.05 -39.80 17.68
C LEU A 64 -4.96 -40.36 19.10
N LEU A 65 -5.57 -41.53 19.30
CA LEU A 65 -5.56 -42.17 20.61
C LEU A 65 -4.22 -42.83 20.87
N LYS A 66 -3.95 -43.92 20.17
CA LYS A 66 -2.69 -44.66 20.32
C LYS A 66 -1.68 -44.24 19.26
N THR A 67 -0.41 -44.49 19.54
CA THR A 67 0.66 -44.13 18.61
C THR A 67 1.21 -45.39 17.93
N ASP A 68 0.54 -45.83 16.88
CA ASP A 68 0.97 -47.02 16.14
C ASP A 68 0.78 -46.80 14.63
N GLU A 69 -0.48 -46.75 14.21
CA GLU A 69 -0.79 -46.56 12.80
C GLU A 69 -0.40 -45.15 12.33
N ILE A 70 -0.74 -44.83 11.09
CA ILE A 70 -0.42 -43.53 10.53
C ILE A 70 -1.61 -42.58 10.65
N GLY B 1 -18.95 -14.05 -15.94
CA GLY B 1 -20.40 -13.78 -16.13
C GLY B 1 -20.66 -12.83 -17.29
N HIS B 2 -20.58 -11.52 -17.02
CA HIS B 2 -20.81 -10.51 -18.04
C HIS B 2 -19.51 -9.79 -18.39
N MET B 3 -18.64 -9.63 -17.40
CA MET B 3 -17.36 -8.96 -17.61
C MET B 3 -17.57 -7.51 -18.04
N MET B 4 -17.53 -6.60 -17.08
CA MET B 4 -17.72 -5.18 -17.36
C MET B 4 -16.40 -4.41 -17.24
N SER B 5 -16.46 -3.10 -17.45
CA SER B 5 -15.27 -2.26 -17.37
C SER B 5 -14.87 -2.05 -15.91
N LYS B 6 -14.15 -3.01 -15.35
CA LYS B 6 -13.71 -2.92 -13.96
C LYS B 6 -12.71 -4.03 -13.64
N LEU B 7 -11.46 -3.64 -13.39
CA LEU B 7 -10.41 -4.60 -13.07
C LEU B 7 -9.53 -4.08 -11.93
N PHE B 8 -9.69 -4.68 -10.76
CA PHE B 8 -8.91 -4.29 -9.59
C PHE B 8 -9.17 -5.22 -8.41
N LEU B 9 -10.44 -5.52 -8.19
CA LEU B 9 -10.84 -6.40 -7.09
C LEU B 9 -10.92 -7.85 -7.57
N ASP B 10 -11.25 -8.04 -8.84
CA ASP B 10 -11.36 -9.37 -9.42
C ASP B 10 -10.03 -10.12 -9.32
N GLU B 11 -8.93 -9.37 -9.37
CA GLU B 11 -7.60 -9.96 -9.28
C GLU B 11 -7.17 -10.14 -7.83
N LEU B 12 -7.44 -9.14 -7.01
CA LEU B 12 -7.09 -9.18 -5.60
C LEU B 12 -7.66 -10.44 -4.95
N PRO B 13 -7.21 -10.76 -3.71
CA PRO B 13 -7.68 -11.94 -2.99
C PRO B 13 -9.19 -12.13 -3.10
N GLU B 14 -9.61 -12.95 -4.07
CA GLU B 14 -11.02 -13.21 -4.30
C GLU B 14 -11.77 -13.49 -3.00
N SER B 15 -11.05 -14.03 -2.01
CA SER B 15 -11.65 -14.35 -0.73
C SER B 15 -12.07 -13.08 0.02
N LEU B 16 -11.14 -12.13 0.12
CA LEU B 16 -11.42 -10.87 0.81
C LEU B 16 -12.17 -9.91 -0.12
N SER B 17 -11.78 -9.89 -1.39
CA SER B 17 -12.41 -9.02 -2.37
C SER B 17 -13.93 -9.21 -2.36
N ARG B 18 -14.37 -10.39 -1.93
CA ARG B 18 -15.79 -10.71 -1.88
C ARG B 18 -16.54 -9.70 -1.00
N LYS B 19 -15.97 -9.39 0.17
CA LYS B 19 -16.59 -8.45 1.10
C LYS B 19 -16.61 -7.06 0.50
N ILE B 20 -15.53 -6.68 -0.17
CA ILE B 20 -15.44 -5.36 -0.79
C ILE B 20 -16.29 -5.29 -2.06
N GLY B 21 -16.46 -6.44 -2.71
CA GLY B 21 -17.25 -6.50 -3.92
C GLY B 21 -18.72 -6.25 -3.69
N THR B 22 -19.18 -6.56 -2.48
CA THR B 22 -20.58 -6.37 -2.13
C THR B 22 -20.87 -4.91 -1.79
N VAL B 23 -19.90 -4.23 -1.18
CA VAL B 23 -20.06 -2.83 -0.81
C VAL B 23 -19.81 -1.92 -2.01
N VAL B 24 -18.76 -2.22 -2.76
CA VAL B 24 -18.42 -1.42 -3.94
C VAL B 24 -19.54 -1.48 -4.98
N ARG B 25 -20.21 -2.63 -5.05
CA ARG B 25 -21.31 -2.81 -6.00
C ARG B 25 -22.28 -1.63 -5.92
N VAL B 26 -22.37 -1.02 -4.75
CA VAL B 26 -23.24 0.11 -4.53
C VAL B 26 -22.60 1.39 -5.05
N LEU B 27 -21.35 1.63 -4.65
CA LEU B 27 -20.62 2.81 -5.08
C LEU B 27 -19.47 2.45 -6.01
N PRO B 28 -19.80 2.06 -7.26
CA PRO B 28 -18.79 1.70 -8.26
C PRO B 28 -18.03 2.93 -8.76
N SER B 29 -18.67 4.09 -8.64
CA SER B 29 -18.06 5.33 -9.08
C SER B 29 -17.17 5.93 -7.98
N SER B 30 -17.58 5.72 -6.74
CA SER B 30 -16.80 6.23 -5.60
C SER B 30 -15.45 5.54 -5.52
N LEU B 31 -15.45 4.22 -5.71
CA LEU B 31 -14.22 3.44 -5.66
C LEU B 31 -13.16 4.02 -6.59
N GLU B 32 -13.60 4.52 -7.74
CA GLU B 32 -12.70 5.11 -8.72
C GLU B 32 -11.86 6.22 -8.10
N ILE B 33 -12.45 6.93 -7.13
CA ILE B 33 -11.76 8.02 -6.46
C ILE B 33 -10.63 7.49 -5.59
N PHE B 34 -10.88 6.37 -4.93
CA PHE B 34 -9.87 5.75 -4.06
C PHE B 34 -8.75 5.12 -4.89
N GLU B 35 -9.10 4.66 -6.09
CA GLU B 35 -8.13 4.04 -6.98
C GLU B 35 -6.99 5.00 -7.31
N GLU B 36 -7.33 6.28 -7.45
CA GLU B 36 -6.34 7.30 -7.77
C GLU B 36 -5.38 7.51 -6.61
N LEU B 37 -5.92 7.69 -5.41
CA LEU B 37 -5.10 7.89 -4.21
C LEU B 37 -4.38 6.60 -3.83
N TYR B 38 -4.95 5.46 -4.23
CA TYR B 38 -4.36 4.16 -3.93
C TYR B 38 -2.91 4.09 -4.40
N LYS B 39 -2.69 4.47 -5.66
CA LYS B 39 -1.35 4.45 -6.24
C LYS B 39 -0.53 5.65 -5.77
N TYR B 40 -1.21 6.78 -5.56
CA TYR B 40 -0.54 8.00 -5.12
C TYR B 40 0.13 7.80 -3.77
N ALA B 41 -0.61 7.25 -2.81
CA ALA B 41 -0.09 7.01 -1.48
C ALA B 41 1.07 6.02 -1.51
N LEU B 42 1.06 5.12 -2.49
CA LEU B 42 2.11 4.12 -2.63
C LEU B 42 3.47 4.79 -2.82
N ASN B 43 3.47 5.91 -3.54
CA ASN B 43 4.70 6.65 -3.79
C ASN B 43 5.11 7.50 -2.59
N GLU B 44 4.11 7.92 -1.81
CA GLU B 44 4.35 8.73 -0.63
C GLU B 44 5.29 8.02 0.35
N ASN B 45 5.37 6.70 0.24
CA ASN B 45 6.23 5.90 1.12
C ASN B 45 7.66 6.43 1.11
N SER B 46 8.15 6.78 -0.07
CA SER B 46 9.50 7.29 -0.21
C SER B 46 9.81 7.61 -1.67
N ASN B 47 11.05 8.02 -1.93
CA ASN B 47 11.48 8.35 -3.29
C ASN B 47 12.36 7.25 -3.87
N ASP B 48 12.83 7.45 -5.10
CA ASP B 48 13.68 6.48 -5.76
C ASP B 48 15.12 6.98 -5.83
N ARG B 49 15.58 7.60 -4.75
CA ARG B 49 16.94 8.12 -4.69
C ARG B 49 17.95 6.99 -4.63
N SER B 50 19.21 7.30 -4.93
CA SER B 50 20.27 6.30 -4.91
C SER B 50 21.64 6.97 -4.72
N GLU B 51 22.50 6.33 -3.93
CA GLU B 51 23.82 6.86 -3.67
C GLU B 51 24.79 5.75 -3.30
N HIS B 52 24.57 4.56 -3.86
CA HIS B 52 25.41 3.41 -3.58
C HIS B 52 26.51 3.28 -4.63
N HIS B 53 27.75 3.57 -4.23
CA HIS B 53 28.88 3.49 -5.14
C HIS B 53 30.03 2.72 -4.50
N LYS B 54 30.82 2.04 -5.33
CA LYS B 54 31.95 1.26 -4.86
C LYS B 54 33.15 1.41 -5.78
N LYS B 55 33.28 2.59 -6.39
CA LYS B 55 34.38 2.87 -7.29
C LYS B 55 35.23 4.03 -6.79
N PRO B 56 36.33 3.75 -6.07
CA PRO B 56 37.21 4.79 -5.54
C PRO B 56 37.94 5.55 -6.64
N ARG B 57 37.70 6.85 -6.70
CA ARG B 57 38.33 7.71 -7.70
C ARG B 57 39.59 8.34 -7.15
N ILE B 58 40.74 7.79 -7.53
CA ILE B 58 42.03 8.31 -7.08
C ILE B 58 43.03 8.37 -8.22
N ASP B 59 43.12 7.28 -8.97
CA ASP B 59 44.03 7.20 -10.11
C ASP B 59 45.48 7.35 -9.63
N ASP B 60 45.76 6.89 -8.42
CA ASP B 60 47.10 6.97 -7.86
C ASP B 60 48.01 5.89 -8.44
N SER B 61 49.19 6.29 -8.89
CA SER B 61 50.15 5.36 -9.47
C SER B 61 51.29 5.09 -8.50
N SER B 62 52.22 4.23 -8.92
CA SER B 62 53.37 3.89 -8.09
C SER B 62 54.52 4.87 -8.31
N ASP B 63 54.74 5.24 -9.57
CA ASP B 63 55.81 6.18 -9.93
C ASP B 63 57.17 5.59 -9.59
N LEU B 64 58.16 5.91 -10.41
CA LEU B 64 59.52 5.41 -10.19
C LEU B 64 59.56 3.89 -10.21
N LEU B 65 58.63 3.29 -10.96
CA LEU B 65 58.56 1.84 -11.06
C LEU B 65 57.79 1.41 -12.32
N LYS B 66 58.19 0.29 -12.89
CA LYS B 66 57.54 -0.22 -14.10
C LYS B 66 56.99 -1.63 -13.87
N THR B 67 57.80 -2.48 -13.24
CA THR B 67 57.40 -3.84 -12.96
C THR B 67 57.11 -4.04 -11.47
N ASP B 68 55.84 -3.99 -11.12
CA ASP B 68 55.44 -4.16 -9.71
C ASP B 68 54.49 -5.35 -9.56
N GLU B 69 54.66 -6.09 -8.48
CA GLU B 69 53.82 -7.26 -8.21
C GLU B 69 53.44 -7.33 -6.73
N ILE B 70 52.46 -6.54 -6.35
CA ILE B 70 51.99 -6.52 -4.96
C ILE B 70 50.63 -5.85 -4.84
N GLY A 1 -17.48 17.16 21.58
CA GLY A 1 -16.21 16.66 20.99
C GLY A 1 -15.53 15.62 21.86
N HIS A 2 -15.16 14.49 21.25
CA HIS A 2 -14.51 13.41 21.99
C HIS A 2 -14.02 12.33 21.03
N MET A 3 -14.86 11.99 20.05
CA MET A 3 -14.52 10.96 19.07
C MET A 3 -14.79 11.46 17.66
N MET A 4 -13.79 11.32 16.79
CA MET A 4 -13.91 11.75 15.40
C MET A 4 -12.82 11.12 14.54
N SER A 5 -13.14 10.92 13.26
CA SER A 5 -12.18 10.32 12.33
C SER A 5 -12.22 11.04 10.99
N LYS A 6 -11.22 11.90 10.75
CA LYS A 6 -11.14 12.65 9.51
C LYS A 6 -9.70 13.05 9.21
N LEU A 7 -8.77 12.19 9.59
CA LEU A 7 -7.35 12.44 9.37
C LEU A 7 -6.88 11.81 8.05
N PHE A 8 -7.46 10.66 7.72
CA PHE A 8 -7.10 9.97 6.49
C PHE A 8 -7.37 10.83 5.26
N LEU A 9 -8.30 11.78 5.40
CA LEU A 9 -8.64 12.68 4.31
C LEU A 9 -7.70 13.87 4.26
N ASP A 10 -7.12 14.21 5.40
CA ASP A 10 -6.20 15.34 5.49
C ASP A 10 -4.88 15.02 4.80
N GLU A 11 -4.47 13.76 4.83
CA GLU A 11 -3.24 13.34 4.20
C GLU A 11 -3.26 13.64 2.71
N LEU A 12 -4.39 13.38 2.07
CA LEU A 12 -4.54 13.63 0.64
C LEU A 12 -4.86 15.10 0.38
N PRO A 13 -4.57 15.59 -0.83
CA PRO A 13 -4.83 16.98 -1.20
C PRO A 13 -6.25 17.42 -0.85
N GLU A 14 -6.38 18.63 -0.32
CA GLU A 14 -7.67 19.17 0.06
C GLU A 14 -8.60 19.29 -1.15
N SER A 15 -8.02 19.51 -2.32
CA SER A 15 -8.78 19.64 -3.55
C SER A 15 -9.67 18.42 -3.78
N LEU A 16 -9.08 17.23 -3.67
CA LEU A 16 -9.82 15.98 -3.85
C LEU A 16 -10.60 15.62 -2.60
N SER A 17 -10.04 15.94 -1.44
CA SER A 17 -10.69 15.65 -0.17
C SER A 17 -12.10 16.22 -0.12
N ARG A 18 -12.30 17.32 -0.84
CA ARG A 18 -13.61 17.97 -0.89
C ARG A 18 -14.64 17.08 -1.58
N LYS A 19 -14.21 16.38 -2.62
CA LYS A 19 -15.08 15.50 -3.37
C LYS A 19 -15.27 14.16 -2.65
N ILE A 20 -14.21 13.71 -1.98
CA ILE A 20 -14.27 12.45 -1.25
C ILE A 20 -15.15 12.57 -0.01
N GLY A 21 -14.90 13.62 0.79
CA GLY A 21 -15.68 13.82 2.00
C GLY A 21 -17.17 14.02 1.70
N THR A 22 -17.48 14.36 0.45
CA THR A 22 -18.86 14.59 0.04
C THR A 22 -19.57 13.26 -0.22
N VAL A 23 -18.85 12.32 -0.83
CA VAL A 23 -19.41 11.01 -1.15
C VAL A 23 -19.42 10.10 0.08
N VAL A 24 -18.47 10.32 0.98
CA VAL A 24 -18.36 9.52 2.19
C VAL A 24 -19.67 9.53 2.98
N ARG A 25 -20.41 10.62 2.88
CA ARG A 25 -21.69 10.75 3.57
C ARG A 25 -22.64 9.63 3.15
N VAL A 26 -22.47 9.14 1.93
CA VAL A 26 -23.30 8.07 1.41
C VAL A 26 -22.86 6.70 1.95
N LEU A 27 -21.54 6.52 2.01
CA LEU A 27 -20.97 5.26 2.50
C LEU A 27 -19.88 5.51 3.54
N PRO A 28 -20.27 5.98 4.74
CA PRO A 28 -19.33 6.25 5.83
C PRO A 28 -18.67 4.98 6.33
N SER A 29 -19.38 3.86 6.20
CA SER A 29 -18.86 2.57 6.64
C SER A 29 -17.97 1.93 5.56
N SER A 30 -18.36 2.11 4.31
CA SER A 30 -17.59 1.56 3.20
C SER A 30 -16.18 2.10 3.19
N LEU A 31 -16.05 3.40 3.43
CA LEU A 31 -14.74 4.06 3.46
C LEU A 31 -13.74 3.26 4.29
N GLU A 32 -14.18 2.77 5.45
CA GLU A 32 -13.33 1.99 6.34
C GLU A 32 -12.68 0.83 5.60
N ILE A 33 -13.37 0.33 4.59
CA ILE A 33 -12.87 -0.79 3.78
C ILE A 33 -11.70 -0.34 2.91
N PHE A 34 -11.86 0.81 2.26
CA PHE A 34 -10.82 1.36 1.39
C PHE A 34 -9.65 1.89 2.21
N GLU A 35 -9.96 2.45 3.38
CA GLU A 35 -8.93 2.99 4.26
C GLU A 35 -7.96 1.90 4.70
N GLU A 36 -8.51 0.73 4.99
CA GLU A 36 -7.69 -0.40 5.42
C GLU A 36 -7.05 -1.09 4.22
N LEU A 37 -7.68 -0.93 3.06
CA LEU A 37 -7.17 -1.54 1.83
C LEU A 37 -5.85 -0.90 1.41
N TYR A 38 -5.81 0.42 1.37
CA TYR A 38 -4.61 1.14 0.99
C TYR A 38 -3.47 0.88 1.98
N LYS A 39 -3.81 0.80 3.26
CA LYS A 39 -2.83 0.53 4.30
C LYS A 39 -2.22 -0.85 4.15
N TYR A 40 -3.03 -1.79 3.65
CA TYR A 40 -2.57 -3.16 3.45
C TYR A 40 -1.57 -3.24 2.30
N ALA A 41 -1.94 -2.65 1.15
CA ALA A 41 -1.08 -2.67 -0.02
C ALA A 41 0.29 -2.06 0.30
N LEU A 42 0.32 -1.13 1.24
CA LEU A 42 1.56 -0.48 1.64
C LEU A 42 2.58 -1.50 2.14
N ASN A 43 2.09 -2.55 2.78
CA ASN A 43 2.96 -3.60 3.31
C ASN A 43 3.56 -4.42 2.18
N GLU A 44 2.83 -4.51 1.06
CA GLU A 44 3.30 -5.27 -0.09
C GLU A 44 4.66 -4.75 -0.58
N ASN A 45 4.96 -3.50 -0.24
CA ASN A 45 6.22 -2.89 -0.64
C ASN A 45 7.41 -3.75 -0.23
N SER A 46 7.25 -4.49 0.86
CA SER A 46 8.31 -5.36 1.36
C SER A 46 8.20 -6.75 0.76
N ASN A 47 9.30 -7.50 0.82
CA ASN A 47 9.33 -8.86 0.27
C ASN A 47 9.06 -8.84 -1.23
N ASP A 48 10.07 -9.21 -2.02
CA ASP A 48 9.94 -9.24 -3.46
C ASP A 48 10.14 -10.65 -4.00
N ARG A 49 9.22 -11.08 -4.86
CA ARG A 49 9.30 -12.42 -5.44
C ARG A 49 8.44 -12.51 -6.70
N SER A 50 7.22 -12.01 -6.61
CA SER A 50 6.30 -12.03 -7.75
C SER A 50 6.30 -10.69 -8.47
N GLU A 51 7.46 -10.05 -8.54
CA GLU A 51 7.59 -8.76 -9.20
C GLU A 51 8.71 -8.79 -10.23
N HIS A 52 8.43 -9.35 -11.40
CA HIS A 52 9.43 -9.44 -12.46
C HIS A 52 8.80 -9.16 -13.83
N HIS A 53 7.63 -8.52 -13.83
CA HIS A 53 6.93 -8.20 -15.07
C HIS A 53 6.75 -9.45 -15.93
N LYS A 54 6.33 -9.24 -17.18
CA LYS A 54 6.11 -10.35 -18.10
C LYS A 54 4.99 -11.26 -17.61
N LYS A 55 4.10 -11.63 -18.52
CA LYS A 55 2.98 -12.50 -18.18
C LYS A 55 2.11 -11.88 -17.10
N PRO A 56 1.22 -10.95 -17.48
CA PRO A 56 0.32 -10.27 -16.54
C PRO A 56 -0.98 -11.03 -16.31
N ARG A 57 -0.90 -12.37 -16.36
CA ARG A 57 -2.07 -13.20 -16.15
C ARG A 57 -1.70 -14.69 -16.19
N ILE A 58 -2.57 -15.53 -15.64
CA ILE A 58 -2.33 -16.96 -15.61
C ILE A 58 -3.16 -17.68 -16.67
N ASP A 59 -2.53 -18.61 -17.39
CA ASP A 59 -3.21 -19.36 -18.43
C ASP A 59 -3.99 -20.53 -17.83
N ASP A 60 -4.47 -21.42 -18.70
CA ASP A 60 -5.22 -22.58 -18.26
C ASP A 60 -5.01 -23.77 -19.19
N SER A 61 -4.50 -24.86 -18.63
CA SER A 61 -4.24 -26.07 -19.41
C SER A 61 -3.24 -25.79 -20.53
N SER A 62 -2.81 -26.85 -21.21
CA SER A 62 -1.87 -26.72 -22.31
C SER A 62 -2.59 -26.68 -23.65
N ASP A 63 -3.75 -27.33 -23.72
CA ASP A 63 -4.53 -27.37 -24.95
C ASP A 63 -3.79 -28.13 -26.04
N LEU A 64 -4.26 -27.99 -27.27
CA LEU A 64 -3.64 -28.65 -28.41
C LEU A 64 -2.68 -27.72 -29.14
N LEU A 65 -2.02 -26.85 -28.39
CA LEU A 65 -1.07 -25.90 -28.97
C LEU A 65 0.32 -26.09 -28.36
N LYS A 66 1.04 -27.08 -28.87
CA LYS A 66 2.39 -27.37 -28.38
C LYS A 66 3.43 -26.55 -29.14
N THR A 67 3.56 -25.29 -28.76
CA THR A 67 4.52 -24.39 -29.41
C THR A 67 5.63 -24.01 -28.45
N ASP A 68 6.85 -23.86 -28.98
CA ASP A 68 8.00 -23.49 -28.18
C ASP A 68 8.27 -22.00 -28.25
N GLU A 69 7.92 -21.29 -27.18
CA GLU A 69 8.12 -19.85 -27.13
C GLU A 69 8.10 -19.35 -25.68
N ILE A 70 6.97 -19.55 -25.02
CA ILE A 70 6.81 -19.12 -23.63
C ILE A 70 7.37 -20.17 -22.67
N GLY B 1 -10.18 2.65 -28.75
CA GLY B 1 -8.91 3.26 -28.32
C GLY B 1 -9.00 3.87 -26.93
N HIS B 2 -9.88 3.32 -26.11
CA HIS B 2 -10.07 3.82 -24.74
C HIS B 2 -9.59 2.79 -23.73
N MET B 3 -10.34 1.71 -23.58
CA MET B 3 -10.01 0.65 -22.65
C MET B 3 -9.97 1.18 -21.21
N MET B 4 -10.92 0.75 -20.40
CA MET B 4 -11.00 1.18 -19.02
C MET B 4 -10.44 0.11 -18.07
N SER B 5 -10.54 -1.15 -18.49
CA SER B 5 -10.04 -2.26 -17.69
C SER B 5 -10.81 -2.38 -16.38
N LYS B 6 -11.34 -3.57 -16.11
CA LYS B 6 -12.10 -3.81 -14.90
C LYS B 6 -11.34 -4.73 -13.94
N LEU B 7 -10.35 -5.46 -14.47
CA LEU B 7 -9.55 -6.36 -13.66
C LEU B 7 -8.95 -5.65 -12.47
N PHE B 8 -9.65 -5.69 -11.34
CA PHE B 8 -9.19 -5.04 -10.12
C PHE B 8 -9.40 -5.95 -8.91
N LEU B 9 -10.60 -6.53 -8.81
CA LEU B 9 -10.92 -7.42 -7.70
C LEU B 9 -10.23 -8.77 -7.87
N ASP B 10 -10.00 -9.17 -9.12
CA ASP B 10 -9.35 -10.44 -9.41
C ASP B 10 -7.92 -10.47 -8.86
N GLU B 11 -7.21 -9.37 -9.06
CA GLU B 11 -5.82 -9.27 -8.59
C GLU B 11 -5.78 -9.20 -7.06
N LEU B 12 -6.28 -8.10 -6.51
CA LEU B 12 -6.30 -7.92 -5.06
C LEU B 12 -6.90 -9.14 -4.37
N PRO B 13 -6.80 -9.21 -3.02
CA PRO B 13 -7.34 -10.34 -2.26
C PRO B 13 -8.75 -10.71 -2.68
N GLU B 14 -8.87 -11.64 -3.63
CA GLU B 14 -10.16 -12.08 -4.13
C GLU B 14 -11.07 -12.52 -2.99
N SER B 15 -10.47 -12.98 -1.89
CA SER B 15 -11.23 -13.43 -0.74
C SER B 15 -12.08 -12.29 -0.17
N LEU B 16 -11.47 -11.14 0.01
CA LEU B 16 -12.17 -9.97 0.54
C LEU B 16 -12.99 -9.28 -0.55
N SER B 17 -12.52 -9.38 -1.79
CA SER B 17 -13.21 -8.77 -2.93
C SER B 17 -14.68 -9.18 -2.96
N ARG B 18 -14.98 -10.36 -2.45
CA ARG B 18 -16.35 -10.87 -2.42
C ARG B 18 -17.26 -9.92 -1.64
N LYS B 19 -16.78 -9.45 -0.50
CA LYS B 19 -17.56 -8.54 0.33
C LYS B 19 -17.48 -7.11 -0.20
N ILE B 20 -16.37 -6.80 -0.86
CA ILE B 20 -16.18 -5.46 -1.42
C ILE B 20 -17.04 -5.25 -2.66
N GLY B 21 -17.07 -6.26 -3.52
CA GLY B 21 -17.85 -6.18 -4.73
C GLY B 21 -19.31 -5.84 -4.47
N THR B 22 -19.86 -6.41 -3.40
CA THR B 22 -21.25 -6.15 -3.05
C THR B 22 -21.45 -4.71 -2.59
N VAL B 23 -20.45 -4.15 -1.93
CA VAL B 23 -20.50 -2.79 -1.44
C VAL B 23 -20.21 -1.79 -2.57
N VAL B 24 -19.23 -2.12 -3.41
CA VAL B 24 -18.85 -1.27 -4.51
C VAL B 24 -20.05 -0.99 -5.43
N ARG B 25 -20.94 -1.97 -5.55
CA ARG B 25 -22.11 -1.84 -6.39
C ARG B 25 -22.90 -0.58 -6.03
N VAL B 26 -22.83 -0.19 -4.77
CA VAL B 26 -23.54 1.00 -4.29
C VAL B 26 -22.79 2.26 -4.68
N LEU B 27 -21.46 2.23 -4.59
CA LEU B 27 -20.63 3.37 -4.94
C LEU B 27 -19.50 2.97 -5.88
N PRO B 28 -19.84 2.64 -7.14
CA PRO B 28 -18.84 2.25 -8.14
C PRO B 28 -17.91 3.41 -8.52
N SER B 29 -18.46 4.62 -8.47
CA SER B 29 -17.68 5.81 -8.80
C SER B 29 -16.82 6.25 -7.61
N SER B 30 -17.34 6.07 -6.41
CA SER B 30 -16.61 6.44 -5.20
C SER B 30 -15.31 5.67 -5.10
N LEU B 31 -15.38 4.36 -5.33
CA LEU B 31 -14.20 3.50 -5.26
C LEU B 31 -13.13 3.97 -6.26
N GLU B 32 -13.58 4.50 -7.39
CA GLU B 32 -12.66 4.98 -8.42
C GLU B 32 -11.72 6.02 -7.86
N ILE B 33 -12.21 6.81 -6.89
CA ILE B 33 -11.40 7.84 -6.26
C ILE B 33 -10.36 7.24 -5.32
N PHE B 34 -10.77 6.21 -4.59
CA PHE B 34 -9.88 5.54 -3.65
C PHE B 34 -8.82 4.73 -4.40
N GLU B 35 -9.16 4.29 -5.60
CA GLU B 35 -8.23 3.50 -6.42
C GLU B 35 -6.97 4.31 -6.72
N GLU B 36 -7.16 5.53 -7.19
CA GLU B 36 -6.02 6.41 -7.51
C GLU B 36 -5.37 6.93 -6.23
N LEU B 37 -6.18 7.09 -5.18
CA LEU B 37 -5.69 7.58 -3.91
C LEU B 37 -4.67 6.60 -3.32
N TYR B 38 -4.97 5.31 -3.40
CA TYR B 38 -4.07 4.29 -2.88
C TYR B 38 -2.93 4.01 -3.86
N LYS B 39 -3.10 4.41 -5.11
CA LYS B 39 -2.10 4.19 -6.13
C LYS B 39 -0.82 4.96 -5.82
N TYR B 40 -0.96 6.26 -5.52
CA TYR B 40 0.20 7.10 -5.21
C TYR B 40 0.67 6.86 -3.78
N ALA B 41 -0.25 6.48 -2.91
CA ALA B 41 0.08 6.21 -1.51
C ALA B 41 1.18 5.17 -1.39
N LEU B 42 1.25 4.27 -2.37
CA LEU B 42 2.27 3.22 -2.38
C LEU B 42 3.64 3.80 -2.72
N ASN B 43 3.69 4.65 -3.73
CA ASN B 43 4.93 5.27 -4.16
C ASN B 43 5.54 6.09 -3.02
N GLU B 44 4.68 6.63 -2.15
CA GLU B 44 5.14 7.43 -1.03
C GLU B 44 6.10 6.65 -0.14
N ASN B 45 5.89 5.33 -0.07
CA ASN B 45 6.75 4.47 0.73
C ASN B 45 8.17 4.43 0.18
N SER B 46 8.30 4.57 -1.14
CA SER B 46 9.60 4.55 -1.78
C SER B 46 10.15 5.97 -1.92
N ASN B 47 10.70 6.50 -0.83
CA ASN B 47 11.26 7.84 -0.83
C ASN B 47 12.74 7.81 -1.23
N ASP B 48 13.37 8.98 -1.23
CA ASP B 48 14.78 9.09 -1.59
C ASP B 48 15.37 10.40 -1.07
N ARG B 49 16.69 10.43 -0.95
CA ARG B 49 17.38 11.62 -0.47
C ARG B 49 18.81 11.69 -1.02
N SER B 50 18.93 12.10 -2.28
CA SER B 50 20.23 12.20 -2.92
C SER B 50 20.94 13.49 -2.51
N GLU B 51 20.20 14.59 -2.51
CA GLU B 51 20.76 15.89 -2.14
C GLU B 51 19.74 16.72 -1.36
N HIS B 52 20.20 17.83 -0.80
CA HIS B 52 19.32 18.71 -0.04
C HIS B 52 18.57 19.67 -0.96
N HIS B 53 17.77 20.55 -0.37
CA HIS B 53 17.00 21.52 -1.13
C HIS B 53 17.24 22.93 -0.63
N LYS B 54 16.96 23.15 0.65
CA LYS B 54 17.15 24.47 1.26
C LYS B 54 16.30 25.52 0.56
N LYS B 55 16.05 26.63 1.24
CA LYS B 55 15.25 27.71 0.68
C LYS B 55 15.56 29.04 1.37
N PRO B 56 16.59 29.75 0.91
CA PRO B 56 16.99 31.04 1.49
C PRO B 56 15.99 32.15 1.17
N ARG B 57 15.21 32.54 2.17
CA ARG B 57 14.21 33.58 1.98
C ARG B 57 13.18 33.18 0.94
N ILE B 58 12.08 33.92 0.88
CA ILE B 58 11.01 33.65 -0.07
C ILE B 58 11.52 33.78 -1.51
N ASP B 59 10.97 32.95 -2.40
CA ASP B 59 11.37 32.97 -3.80
C ASP B 59 10.23 32.53 -4.69
N ASP B 60 9.00 32.80 -4.27
CA ASP B 60 7.82 32.42 -5.03
C ASP B 60 7.49 33.47 -6.07
N SER B 61 7.45 33.06 -7.34
CA SER B 61 7.15 33.96 -8.44
C SER B 61 5.86 33.56 -9.15
N SER B 62 5.93 32.46 -9.89
CA SER B 62 4.77 31.96 -10.62
C SER B 62 4.27 33.00 -11.62
N ASP B 63 4.53 32.76 -12.90
CA ASP B 63 4.10 33.67 -13.96
C ASP B 63 3.02 33.04 -14.83
N LEU B 64 3.41 32.01 -15.58
CA LEU B 64 2.48 31.31 -16.46
C LEU B 64 3.09 30.02 -16.99
N LEU B 65 2.28 29.21 -17.65
CA LEU B 65 2.74 27.94 -18.21
C LEU B 65 3.86 28.18 -19.22
N LYS B 66 4.89 27.33 -19.16
CA LYS B 66 6.02 27.44 -20.06
C LYS B 66 5.63 27.01 -21.49
N THR B 67 4.77 27.80 -22.12
CA THR B 67 4.32 27.50 -23.47
C THR B 67 4.39 28.75 -24.35
N ASP B 68 4.57 28.54 -25.65
CA ASP B 68 4.66 29.63 -26.60
C ASP B 68 5.84 30.55 -26.27
N GLU B 69 6.24 31.36 -27.24
CA GLU B 69 7.35 32.28 -27.05
C GLU B 69 6.91 33.73 -27.25
N ILE B 70 7.66 34.66 -26.68
CA ILE B 70 7.34 36.08 -26.81
C ILE B 70 8.57 36.88 -27.21
N GLY A 1 -17.91 6.01 23.28
CA GLY A 1 -17.59 7.14 22.37
C GLY A 1 -16.18 7.07 21.81
N HIS A 2 -16.06 6.73 20.54
CA HIS A 2 -14.76 6.62 19.90
C HIS A 2 -14.71 7.44 18.61
N MET A 3 -15.40 8.58 18.62
CA MET A 3 -15.44 9.45 17.45
C MET A 3 -14.06 10.01 17.13
N MET A 4 -13.84 10.34 15.87
CA MET A 4 -12.56 10.89 15.43
C MET A 4 -12.76 12.05 14.47
N SER A 5 -11.78 12.93 14.40
CA SER A 5 -11.84 14.09 13.51
C SER A 5 -10.79 14.01 12.42
N LYS A 6 -11.17 13.41 11.29
CA LYS A 6 -10.27 13.26 10.16
C LYS A 6 -9.06 12.40 10.54
N LEU A 7 -8.55 11.65 9.56
CA LEU A 7 -7.39 10.79 9.78
C LEU A 7 -6.55 10.68 8.52
N PHE A 8 -7.00 9.86 7.59
CA PHE A 8 -6.30 9.66 6.33
C PHE A 8 -6.46 10.87 5.41
N LEU A 9 -7.40 11.75 5.74
CA LEU A 9 -7.64 12.94 4.94
C LEU A 9 -6.60 14.02 5.23
N ASP A 10 -6.10 14.04 6.46
CA ASP A 10 -5.10 15.02 6.86
C ASP A 10 -3.85 14.90 6.00
N GLU A 11 -3.44 13.66 5.73
CA GLU A 11 -2.25 13.41 4.92
C GLU A 11 -2.49 13.80 3.47
N LEU A 12 -3.74 13.72 3.04
CA LEU A 12 -4.10 14.07 1.67
C LEU A 12 -4.24 15.58 1.50
N PRO A 13 -4.11 16.09 0.28
CA PRO A 13 -4.23 17.52 -0.01
C PRO A 13 -5.61 18.07 0.35
N GLU A 14 -5.89 19.29 -0.12
CA GLU A 14 -7.18 19.93 0.15
C GLU A 14 -8.13 19.78 -1.03
N SER A 15 -7.58 19.95 -2.24
CA SER A 15 -8.38 19.84 -3.44
C SER A 15 -9.01 18.45 -3.57
N LEU A 16 -8.19 17.42 -3.37
CA LEU A 16 -8.67 16.05 -3.47
C LEU A 16 -9.54 15.70 -2.26
N SER A 17 -9.10 16.09 -1.07
CA SER A 17 -9.84 15.81 0.15
C SER A 17 -11.25 16.39 0.08
N ARG A 18 -11.41 17.44 -0.72
CA ARG A 18 -12.72 18.09 -0.87
C ARG A 18 -13.68 17.21 -1.66
N LYS A 19 -13.17 16.59 -2.72
CA LYS A 19 -13.99 15.72 -3.56
C LYS A 19 -14.28 14.40 -2.87
N ILE A 20 -13.40 14.00 -1.96
CA ILE A 20 -13.58 12.74 -1.23
C ILE A 20 -14.56 12.91 -0.09
N GLY A 21 -14.62 14.12 0.46
CA GLY A 21 -15.54 14.40 1.55
C GLY A 21 -16.98 14.41 1.11
N THR A 22 -17.22 14.71 -0.16
CA THR A 22 -18.57 14.75 -0.70
C THR A 22 -19.08 13.34 -1.02
N VAL A 23 -18.18 12.48 -1.48
CA VAL A 23 -18.53 11.11 -1.81
C VAL A 23 -18.62 10.24 -0.55
N VAL A 24 -17.64 10.40 0.34
CA VAL A 24 -17.62 9.64 1.58
C VAL A 24 -18.86 9.91 2.42
N ARG A 25 -19.41 11.11 2.28
CA ARG A 25 -20.60 11.50 3.03
C ARG A 25 -21.74 10.51 2.79
N VAL A 26 -21.80 9.96 1.57
CA VAL A 26 -22.83 9.01 1.22
C VAL A 26 -22.50 7.61 1.73
N LEU A 27 -21.27 7.16 1.46
CA LEU A 27 -20.84 5.83 1.90
C LEU A 27 -19.70 5.93 2.90
N PRO A 28 -19.99 6.48 4.10
CA PRO A 28 -18.98 6.61 5.16
C PRO A 28 -18.60 5.27 5.75
N SER A 29 -19.38 4.23 5.44
CA SER A 29 -19.12 2.89 5.94
C SER A 29 -18.30 2.08 4.93
N SER A 30 -18.62 2.24 3.65
CA SER A 30 -17.89 1.53 2.60
C SER A 30 -16.45 2.01 2.52
N LEU A 31 -16.25 3.28 2.83
CA LEU A 31 -14.92 3.87 2.80
C LEU A 31 -13.95 3.09 3.70
N GLU A 32 -14.42 2.71 4.88
CA GLU A 32 -13.60 1.96 5.82
C GLU A 32 -13.01 0.72 5.16
N ILE A 33 -13.73 0.18 4.19
CA ILE A 33 -13.27 -1.00 3.48
C ILE A 33 -12.03 -0.69 2.64
N PHE A 34 -12.06 0.46 1.98
CA PHE A 34 -10.93 0.89 1.15
C PHE A 34 -9.80 1.43 2.02
N GLU A 35 -10.16 2.02 3.15
CA GLU A 35 -9.17 2.58 4.06
C GLU A 35 -8.19 1.50 4.51
N GLU A 36 -8.74 0.37 4.97
CA GLU A 36 -7.91 -0.73 5.42
C GLU A 36 -7.22 -1.40 4.23
N LEU A 37 -7.81 -1.24 3.05
CA LEU A 37 -7.27 -1.83 1.84
C LEU A 37 -5.95 -1.17 1.46
N TYR A 38 -5.94 0.16 1.42
CA TYR A 38 -4.74 0.91 1.07
C TYR A 38 -3.66 0.72 2.14
N LYS A 39 -4.07 0.64 3.40
CA LYS A 39 -3.15 0.46 4.50
C LYS A 39 -2.41 -0.87 4.37
N TYR A 40 -3.17 -1.93 4.09
CA TYR A 40 -2.59 -3.25 3.93
C TYR A 40 -1.61 -3.29 2.75
N ALA A 41 -2.00 -2.66 1.65
CA ALA A 41 -1.18 -2.62 0.45
C ALA A 41 0.19 -1.99 0.74
N LEU A 42 0.27 -1.22 1.81
CA LEU A 42 1.52 -0.57 2.20
C LEU A 42 2.51 -1.58 2.79
N ASN A 43 2.00 -2.43 3.68
CA ASN A 43 2.84 -3.44 4.32
C ASN A 43 3.41 -4.41 3.30
N GLU A 44 2.59 -4.79 2.33
CA GLU A 44 3.01 -5.71 1.28
C GLU A 44 3.82 -5.00 0.20
N ASN A 45 3.68 -3.67 0.14
CA ASN A 45 4.40 -2.88 -0.85
C ASN A 45 5.91 -3.11 -0.74
N SER A 46 6.39 -3.34 0.46
CA SER A 46 7.80 -3.59 0.71
C SER A 46 8.06 -3.95 2.16
N ASN A 47 8.23 -5.25 2.42
CA ASN A 47 8.48 -5.72 3.77
C ASN A 47 8.70 -7.24 3.78
N ASP A 48 7.93 -7.95 2.97
CA ASP A 48 8.03 -9.40 2.89
C ASP A 48 8.99 -9.80 1.77
N ARG A 49 9.59 -10.99 1.91
CA ARG A 49 10.52 -11.49 0.91
C ARG A 49 10.60 -13.01 0.95
N SER A 50 10.72 -13.56 2.16
CA SER A 50 10.80 -15.01 2.34
C SER A 50 10.41 -15.41 3.74
N GLU A 51 11.20 -14.98 4.73
CA GLU A 51 10.94 -15.30 6.12
C GLU A 51 11.35 -14.14 7.03
N HIS A 52 11.24 -14.36 8.34
CA HIS A 52 11.59 -13.33 9.32
C HIS A 52 10.67 -12.12 9.19
N HIS A 53 9.80 -11.94 10.17
CA HIS A 53 8.87 -10.82 10.17
C HIS A 53 8.72 -10.23 11.57
N LYS A 54 8.21 -11.04 12.50
CA LYS A 54 8.01 -10.60 13.88
C LYS A 54 7.02 -9.45 13.94
N LYS A 55 5.98 -9.61 14.76
CA LYS A 55 4.96 -8.59 14.91
C LYS A 55 4.14 -8.82 16.19
N PRO A 56 4.71 -8.47 17.36
CA PRO A 56 4.03 -8.64 18.65
C PRO A 56 2.65 -7.98 18.66
N ARG A 57 1.88 -8.25 19.70
CA ARG A 57 0.55 -7.67 19.83
C ARG A 57 -0.09 -8.06 21.16
N ILE A 58 -1.16 -7.36 21.52
CA ILE A 58 -1.88 -7.63 22.77
C ILE A 58 -0.94 -7.58 23.97
N ASP A 59 -0.33 -8.70 24.31
CA ASP A 59 0.59 -8.77 25.45
C ASP A 59 1.06 -10.20 25.68
N ASP A 60 0.15 -11.05 26.16
CA ASP A 60 0.47 -12.45 26.43
C ASP A 60 -0.77 -13.32 26.31
N SER A 61 -0.85 -14.07 25.21
CA SER A 61 -1.99 -14.95 24.98
C SER A 61 -1.52 -16.38 24.69
N SER A 62 -0.60 -16.52 23.74
CA SER A 62 -0.07 -17.82 23.37
C SER A 62 1.01 -18.27 24.35
N ASP A 63 1.32 -19.56 24.32
CA ASP A 63 2.34 -20.12 25.21
C ASP A 63 3.56 -20.59 24.42
N LEU A 64 4.73 -20.50 25.03
CA LEU A 64 5.96 -20.93 24.39
C LEU A 64 6.25 -22.40 24.68
N LEU A 65 6.74 -22.68 25.88
CA LEU A 65 7.05 -24.04 26.28
C LEU A 65 8.08 -24.67 25.33
N LYS A 66 9.35 -24.58 25.70
CA LYS A 66 10.43 -25.13 24.89
C LYS A 66 10.46 -24.48 23.52
N THR A 67 10.79 -23.19 23.50
CA THR A 67 10.85 -22.44 22.25
C THR A 67 12.30 -22.22 21.81
N ASP A 68 12.51 -22.01 20.52
CA ASP A 68 13.84 -21.79 19.98
C ASP A 68 14.47 -20.54 20.58
N GLU A 69 15.41 -20.73 21.51
CA GLU A 69 16.08 -19.61 22.15
C GLU A 69 17.52 -19.98 22.51
N ILE A 70 18.46 -19.19 22.02
CA ILE A 70 19.88 -19.43 22.28
C ILE A 70 20.74 -18.30 21.73
N GLY B 1 -20.70 -14.00 -21.47
CA GLY B 1 -20.35 -13.21 -20.25
C GLY B 1 -20.32 -11.72 -20.51
N HIS B 2 -20.82 -10.94 -19.55
CA HIS B 2 -20.86 -9.49 -19.68
C HIS B 2 -19.47 -8.89 -19.45
N MET B 3 -18.72 -9.47 -18.51
CA MET B 3 -17.38 -8.99 -18.20
C MET B 3 -16.32 -9.90 -18.81
N MET B 4 -15.14 -9.34 -19.06
CA MET B 4 -14.05 -10.10 -19.65
C MET B 4 -12.73 -9.81 -18.95
N SER B 5 -12.46 -8.52 -18.73
CA SER B 5 -11.24 -8.09 -18.06
C SER B 5 -11.54 -7.44 -16.72
N LYS B 6 -11.61 -8.26 -15.67
CA LYS B 6 -11.91 -7.76 -14.33
C LYS B 6 -10.61 -7.37 -13.62
N LEU B 7 -10.28 -6.08 -13.66
CA LEU B 7 -9.07 -5.57 -13.02
C LEU B 7 -9.39 -4.99 -11.65
N PHE B 8 -8.39 -5.00 -10.77
CA PHE B 8 -8.56 -4.46 -9.42
C PHE B 8 -9.60 -5.25 -8.63
N LEU B 9 -9.93 -6.45 -9.12
CA LEU B 9 -10.90 -7.30 -8.45
C LEU B 9 -10.62 -8.77 -8.73
N ASP B 10 -9.35 -9.07 -8.99
CA ASP B 10 -8.92 -10.43 -9.28
C ASP B 10 -7.48 -10.64 -8.86
N GLU B 11 -6.63 -9.68 -9.22
CA GLU B 11 -5.21 -9.74 -8.87
C GLU B 11 -5.03 -9.66 -7.37
N LEU B 12 -5.46 -8.54 -6.78
CA LEU B 12 -5.37 -8.34 -5.34
C LEU B 12 -6.05 -9.48 -4.59
N PRO B 13 -5.81 -9.60 -3.28
CA PRO B 13 -6.40 -10.66 -2.46
C PRO B 13 -7.89 -10.88 -2.78
N GLU B 14 -8.16 -11.79 -3.70
CA GLU B 14 -9.52 -12.10 -4.10
C GLU B 14 -10.40 -12.42 -2.91
N SER B 15 -9.78 -12.90 -1.83
CA SER B 15 -10.51 -13.26 -0.61
C SER B 15 -11.31 -12.06 -0.10
N LEU B 16 -10.72 -10.88 -0.18
CA LEU B 16 -11.37 -9.65 0.27
C LEU B 16 -12.35 -9.14 -0.78
N SER B 17 -12.01 -9.33 -2.05
CA SER B 17 -12.86 -8.89 -3.15
C SER B 17 -14.29 -9.41 -2.98
N ARG B 18 -14.43 -10.53 -2.29
CA ARG B 18 -15.73 -11.13 -2.06
C ARG B 18 -16.66 -10.16 -1.33
N LYS B 19 -16.13 -9.51 -0.30
CA LYS B 19 -16.90 -8.56 0.49
C LYS B 19 -16.97 -7.21 -0.21
N ILE B 20 -15.95 -6.90 -1.02
CA ILE B 20 -15.92 -5.64 -1.75
C ILE B 20 -16.97 -5.61 -2.84
N GLY B 21 -17.24 -6.77 -3.44
CA GLY B 21 -18.23 -6.86 -4.49
C GLY B 21 -19.61 -6.42 -4.03
N THR B 22 -19.95 -6.71 -2.78
CA THR B 22 -21.24 -6.34 -2.22
C THR B 22 -21.29 -4.85 -1.92
N VAL B 23 -20.14 -4.27 -1.58
CA VAL B 23 -20.07 -2.85 -1.27
C VAL B 23 -20.01 -2.01 -2.54
N VAL B 24 -19.17 -2.42 -3.48
CA VAL B 24 -19.03 -1.70 -4.74
C VAL B 24 -20.35 -1.63 -5.50
N ARG B 25 -21.16 -2.68 -5.37
CA ARG B 25 -22.46 -2.74 -6.03
C ARG B 25 -23.27 -1.48 -5.76
N VAL B 26 -23.12 -0.94 -4.55
CA VAL B 26 -23.83 0.26 -4.15
C VAL B 26 -23.14 1.51 -4.71
N LEU B 27 -21.82 1.57 -4.55
CA LEU B 27 -21.05 2.71 -5.03
C LEU B 27 -20.06 2.29 -6.11
N PRO B 28 -20.56 1.94 -7.30
CA PRO B 28 -19.71 1.53 -8.42
C PRO B 28 -19.02 2.72 -9.08
N SER B 29 -19.35 3.93 -8.63
CA SER B 29 -18.77 5.14 -9.19
C SER B 29 -17.82 5.80 -8.19
N SER B 30 -18.16 5.75 -6.91
CA SER B 30 -17.33 6.35 -5.87
C SER B 30 -15.98 5.64 -5.79
N LEU B 31 -15.99 4.33 -6.06
CA LEU B 31 -14.76 3.55 -6.02
C LEU B 31 -13.67 4.16 -6.87
N GLU B 32 -14.07 4.80 -7.97
CA GLU B 32 -13.13 5.44 -8.88
C GLU B 32 -12.27 6.46 -8.15
N ILE B 33 -12.87 7.20 -7.23
CA ILE B 33 -12.16 8.21 -6.46
C ILE B 33 -11.22 7.55 -5.45
N PHE B 34 -11.67 6.43 -4.88
CA PHE B 34 -10.87 5.70 -3.90
C PHE B 34 -9.74 4.93 -4.58
N GLU B 35 -9.98 4.51 -5.82
CA GLU B 35 -8.99 3.76 -6.59
C GLU B 35 -7.69 4.55 -6.69
N GLU B 36 -7.80 5.84 -7.00
CA GLU B 36 -6.63 6.69 -7.12
C GLU B 36 -6.09 7.07 -5.74
N LEU B 37 -6.97 7.06 -4.75
CA LEU B 37 -6.60 7.40 -3.38
C LEU B 37 -5.62 6.38 -2.81
N TYR B 38 -5.97 5.10 -2.93
CA TYR B 38 -5.12 4.02 -2.43
C TYR B 38 -3.85 3.90 -3.26
N LYS B 39 -3.97 4.13 -4.56
CA LYS B 39 -2.83 4.06 -5.47
C LYS B 39 -1.89 5.24 -5.26
N TYR B 40 -2.47 6.42 -5.02
CA TYR B 40 -1.70 7.63 -4.81
C TYR B 40 -0.76 7.46 -3.61
N ALA B 41 -1.30 6.92 -2.52
CA ALA B 41 -0.51 6.71 -1.31
C ALA B 41 0.52 5.60 -1.50
N LEU B 42 0.25 4.70 -2.45
CA LEU B 42 1.15 3.59 -2.73
C LEU B 42 2.42 4.08 -3.42
N ASN B 43 2.30 5.16 -4.18
CA ASN B 43 3.43 5.72 -4.90
C ASN B 43 4.43 6.36 -3.94
N GLU B 44 3.90 6.99 -2.89
CA GLU B 44 4.75 7.65 -1.90
C GLU B 44 5.43 6.62 -0.99
N ASN B 45 4.79 5.47 -0.82
CA ASN B 45 5.34 4.41 0.01
C ASN B 45 6.52 3.74 -0.65
N SER B 46 6.54 3.75 -1.99
CA SER B 46 7.62 3.13 -2.74
C SER B 46 8.64 4.18 -3.18
N ASN B 47 8.79 5.23 -2.38
CA ASN B 47 9.73 6.30 -2.67
C ASN B 47 10.91 6.28 -1.71
N ASP B 48 11.95 5.53 -2.07
CA ASP B 48 13.14 5.42 -1.24
C ASP B 48 14.07 6.61 -1.45
N ARG B 49 14.16 7.48 -0.44
CA ARG B 49 15.01 8.66 -0.52
C ARG B 49 16.46 8.27 -0.73
N SER B 50 17.25 9.18 -1.29
CA SER B 50 18.66 8.93 -1.55
C SER B 50 19.50 10.18 -1.29
N GLU B 51 20.06 10.28 -0.09
CA GLU B 51 20.88 11.41 0.28
C GLU B 51 22.12 11.51 -0.60
N HIS B 52 23.03 12.40 -0.25
CA HIS B 52 24.26 12.59 -1.02
C HIS B 52 25.44 12.89 -0.09
N HIS B 53 26.47 12.07 -0.18
CA HIS B 53 27.66 12.24 0.65
C HIS B 53 28.93 12.18 -0.20
N LYS B 54 30.09 12.29 0.45
CA LYS B 54 31.37 12.24 -0.25
C LYS B 54 32.50 11.97 0.74
N LYS B 55 33.54 11.31 0.25
CA LYS B 55 34.70 10.99 1.08
C LYS B 55 35.78 10.30 0.25
N PRO B 56 37.07 10.61 0.51
CA PRO B 56 38.19 10.01 -0.21
C PRO B 56 38.44 8.57 0.19
N ARG B 57 39.34 7.91 -0.52
CA ARG B 57 39.67 6.52 -0.24
C ARG B 57 41.17 6.27 -0.38
N ILE B 58 41.96 6.93 0.47
CA ILE B 58 43.41 6.79 0.44
C ILE B 58 43.95 6.42 1.81
N ASP B 59 44.59 5.27 1.90
CA ASP B 59 45.16 4.79 3.15
C ASP B 59 46.67 4.57 3.03
N ASP B 60 47.43 5.14 3.97
CA ASP B 60 48.88 5.00 3.94
C ASP B 60 49.47 5.31 5.33
N SER B 61 49.81 4.25 6.05
CA SER B 61 50.39 4.39 7.39
C SER B 61 51.88 4.11 7.37
N SER B 62 52.24 2.90 6.96
CA SER B 62 53.65 2.50 6.90
C SER B 62 53.80 1.15 6.20
N ASP B 63 55.04 0.68 6.08
CA ASP B 63 55.31 -0.59 5.43
C ASP B 63 56.74 -1.07 5.75
N LEU B 64 56.84 -2.05 6.65
CA LEU B 64 58.13 -2.58 7.03
C LEU B 64 58.59 -3.67 6.07
N LEU B 65 59.90 -3.91 6.00
CA LEU B 65 60.44 -4.93 5.13
C LEU B 65 60.11 -4.63 3.67
N LYS B 66 60.85 -5.24 2.76
CA LYS B 66 60.62 -5.04 1.33
C LYS B 66 61.17 -6.20 0.52
N THR B 67 62.40 -6.60 0.82
CA THR B 67 63.04 -7.71 0.12
C THR B 67 62.40 -9.04 0.50
N ASP B 68 61.31 -9.37 -0.16
CA ASP B 68 60.60 -10.62 0.11
C ASP B 68 61.26 -11.79 -0.62
N GLU B 69 61.55 -12.85 0.12
CA GLU B 69 62.18 -14.03 -0.46
C GLU B 69 61.51 -15.31 0.05
N ILE B 70 61.35 -16.28 -0.84
CA ILE B 70 60.71 -17.55 -0.48
C ILE B 70 61.56 -18.31 0.54
N GLY A 1 -9.90 0.44 21.75
CA GLY A 1 -10.64 1.05 20.61
C GLY A 1 -11.67 2.06 21.06
N HIS A 2 -11.20 3.25 21.45
CA HIS A 2 -12.09 4.31 21.90
C HIS A 2 -11.64 5.67 21.36
N MET A 3 -12.56 6.62 21.35
CA MET A 3 -12.26 7.96 20.86
C MET A 3 -11.84 7.92 19.40
N MET A 4 -12.78 8.22 18.50
CA MET A 4 -12.50 8.22 17.08
C MET A 4 -12.03 9.59 16.61
N SER A 5 -11.07 9.61 15.69
CA SER A 5 -10.53 10.86 15.17
C SER A 5 -10.57 10.86 13.64
N LYS A 6 -10.11 11.96 13.05
CA LYS A 6 -10.10 12.10 11.60
C LYS A 6 -8.67 11.99 11.06
N LEU A 7 -8.38 10.88 10.39
CA LEU A 7 -7.05 10.66 9.83
C LEU A 7 -7.13 10.11 8.41
N PHE A 8 -8.34 10.03 7.86
CA PHE A 8 -8.54 9.53 6.51
C PHE A 8 -8.26 10.62 5.48
N LEU A 9 -8.99 11.74 5.60
CA LEU A 9 -8.83 12.85 4.68
C LEU A 9 -7.68 13.76 5.12
N ASP A 10 -7.46 13.82 6.43
CA ASP A 10 -6.40 14.65 6.98
C ASP A 10 -5.04 14.27 6.40
N GLU A 11 -4.91 13.02 5.98
CA GLU A 11 -3.66 12.53 5.39
C GLU A 11 -3.73 12.57 3.87
N LEU A 12 -4.48 13.53 3.33
CA LEU A 12 -4.62 13.67 1.89
C LEU A 12 -4.56 15.14 1.48
N PRO A 13 -4.24 15.41 0.20
CA PRO A 13 -4.15 16.77 -0.32
C PRO A 13 -5.41 17.58 -0.05
N GLU A 14 -5.47 18.79 -0.61
CA GLU A 14 -6.62 19.66 -0.43
C GLU A 14 -7.69 19.37 -1.47
N SER A 15 -7.26 18.97 -2.66
CA SER A 15 -8.18 18.66 -3.76
C SER A 15 -8.87 17.32 -3.52
N LEU A 16 -8.09 16.33 -3.09
CA LEU A 16 -8.63 15.00 -2.83
C LEU A 16 -9.67 15.03 -1.72
N SER A 17 -9.31 15.68 -0.61
CA SER A 17 -10.22 15.79 0.54
C SER A 17 -11.57 16.37 0.12
N ARG A 18 -11.57 17.15 -0.96
CA ARG A 18 -12.79 17.76 -1.46
C ARG A 18 -13.63 16.77 -2.25
N LYS A 19 -12.98 16.02 -3.13
CA LYS A 19 -13.67 15.03 -3.95
C LYS A 19 -14.01 13.79 -3.13
N ILE A 20 -13.14 13.44 -2.20
CA ILE A 20 -13.35 12.27 -1.35
C ILE A 20 -14.33 12.60 -0.22
N GLY A 21 -14.12 13.75 0.41
CA GLY A 21 -14.98 14.18 1.50
C GLY A 21 -16.44 14.32 1.09
N THR A 22 -16.65 14.59 -0.21
CA THR A 22 -18.01 14.77 -0.72
C THR A 22 -18.67 13.42 -0.96
N VAL A 23 -17.90 12.46 -1.45
CA VAL A 23 -18.43 11.13 -1.72
C VAL A 23 -18.53 10.30 -0.45
N VAL A 24 -17.52 10.42 0.41
CA VAL A 24 -17.50 9.67 1.66
C VAL A 24 -18.76 9.92 2.47
N ARG A 25 -19.35 11.10 2.30
CA ARG A 25 -20.57 11.45 3.02
C ARG A 25 -21.67 10.43 2.77
N VAL A 26 -21.65 9.85 1.58
CA VAL A 26 -22.65 8.85 1.19
C VAL A 26 -22.31 7.48 1.78
N LEU A 27 -21.06 7.05 1.58
CA LEU A 27 -20.60 5.76 2.08
C LEU A 27 -19.52 5.93 3.13
N PRO A 28 -19.90 6.39 4.34
CA PRO A 28 -18.96 6.58 5.44
C PRO A 28 -18.55 5.26 6.09
N SER A 29 -19.35 4.22 5.89
CA SER A 29 -19.08 2.92 6.45
C SER A 29 -18.29 2.05 5.47
N SER A 30 -18.61 2.18 4.19
CA SER A 30 -17.91 1.42 3.15
C SER A 30 -16.42 1.74 3.15
N LEU A 31 -16.09 3.01 3.36
CA LEU A 31 -14.70 3.45 3.38
C LEU A 31 -13.89 2.64 4.38
N GLU A 32 -14.56 2.16 5.43
CA GLU A 32 -13.89 1.36 6.46
C GLU A 32 -13.22 0.14 5.84
N ILE A 33 -13.92 -0.52 4.93
CA ILE A 33 -13.38 -1.70 4.26
C ILE A 33 -12.23 -1.33 3.34
N PHE A 34 -12.29 -0.12 2.78
CA PHE A 34 -11.26 0.37 1.88
C PHE A 34 -10.04 0.85 2.66
N GLU A 35 -10.28 1.29 3.90
CA GLU A 35 -9.19 1.78 4.75
C GLU A 35 -8.16 0.69 4.99
N GLU A 36 -8.64 -0.49 5.39
CA GLU A 36 -7.75 -1.63 5.65
C GLU A 36 -6.94 -1.96 4.41
N LEU A 37 -7.64 -2.11 3.29
CA LEU A 37 -6.99 -2.42 2.02
C LEU A 37 -6.09 -1.26 1.59
N TYR A 38 -6.57 -0.04 1.85
CA TYR A 38 -5.81 1.16 1.51
C TYR A 38 -4.49 1.19 2.27
N LYS A 39 -4.55 0.88 3.55
CA LYS A 39 -3.36 0.88 4.39
C LYS A 39 -2.55 -0.40 4.18
N TYR A 40 -3.25 -1.48 3.85
CA TYR A 40 -2.60 -2.77 3.62
C TYR A 40 -1.58 -2.66 2.48
N ALA A 41 -2.02 -2.11 1.36
CA ALA A 41 -1.15 -1.95 0.20
C ALA A 41 0.03 -1.04 0.52
N LEU A 42 -0.17 -0.12 1.46
CA LEU A 42 0.88 0.81 1.85
C LEU A 42 1.99 0.10 2.62
N ASN A 43 1.61 -0.97 3.32
CA ASN A 43 2.58 -1.75 4.10
C ASN A 43 3.63 -2.39 3.19
N GLU A 44 3.25 -2.66 1.95
CA GLU A 44 4.15 -3.28 0.99
C GLU A 44 5.42 -2.45 0.83
N ASN A 45 5.30 -1.13 0.97
CA ASN A 45 6.44 -0.23 0.85
C ASN A 45 7.29 -0.25 2.11
N SER A 46 6.61 -0.24 3.26
CA SER A 46 7.30 -0.27 4.55
C SER A 46 8.27 0.91 4.67
N ASN A 47 7.86 1.92 5.43
CA ASN A 47 8.70 3.10 5.64
C ASN A 47 9.54 2.96 6.91
N ASP A 48 10.74 3.53 6.88
CA ASP A 48 11.65 3.47 8.02
C ASP A 48 12.28 4.83 8.29
N ARG A 49 11.95 5.40 9.46
CA ARG A 49 12.49 6.70 9.84
C ARG A 49 12.10 7.78 8.83
N SER A 50 12.59 8.98 9.05
CA SER A 50 12.29 10.10 8.16
C SER A 50 13.45 11.10 8.14
N GLU A 51 13.93 11.46 9.32
CA GLU A 51 15.03 12.41 9.44
C GLU A 51 16.30 11.71 9.91
N HIS A 52 16.99 11.06 8.97
CA HIS A 52 18.23 10.35 9.29
C HIS A 52 19.35 11.33 9.62
N HIS A 53 19.43 12.41 8.85
CA HIS A 53 20.46 13.42 9.07
C HIS A 53 21.86 12.82 8.91
N LYS A 54 22.25 12.53 7.68
CA LYS A 54 23.55 11.95 7.39
C LYS A 54 24.02 12.33 5.99
N LYS A 55 25.31 12.19 5.74
CA LYS A 55 25.89 12.51 4.45
C LYS A 55 26.22 11.24 3.67
N PRO A 56 25.97 11.24 2.34
CA PRO A 56 26.24 10.08 1.50
C PRO A 56 27.69 9.60 1.61
N ARG A 57 27.91 8.32 1.37
CA ARG A 57 29.25 7.74 1.45
C ARG A 57 30.11 8.21 0.28
N ILE A 58 31.43 8.18 0.48
CA ILE A 58 32.36 8.60 -0.56
C ILE A 58 33.45 7.56 -0.77
N ASP A 59 33.93 7.44 -2.00
CA ASP A 59 34.98 6.48 -2.33
C ASP A 59 36.31 6.90 -1.72
N ASP A 60 36.76 6.14 -0.72
CA ASP A 60 38.01 6.43 -0.04
C ASP A 60 38.52 5.20 0.71
N SER A 61 39.83 5.11 0.87
CA SER A 61 40.44 3.98 1.57
C SER A 61 41.30 4.47 2.73
N SER A 62 40.91 5.59 3.32
CA SER A 62 41.64 6.16 4.45
C SER A 62 40.75 6.27 5.68
N ASP A 63 39.82 5.33 5.82
CA ASP A 63 38.90 5.32 6.95
C ASP A 63 38.87 3.95 7.61
N LEU A 64 38.75 2.90 6.79
CA LEU A 64 38.71 1.54 7.30
C LEU A 64 39.70 0.65 6.54
N LEU A 65 39.68 -0.65 6.85
CA LEU A 65 40.57 -1.60 6.20
C LEU A 65 40.02 -3.01 6.32
N LYS A 66 39.07 -3.36 5.45
CA LYS A 66 38.48 -4.68 5.46
C LYS A 66 39.21 -5.62 4.50
N THR A 67 39.19 -5.27 3.21
CA THR A 67 39.86 -6.08 2.19
C THR A 67 40.67 -5.20 1.26
N ASP A 68 41.66 -5.81 0.60
CA ASP A 68 42.52 -5.08 -0.32
C ASP A 68 41.82 -4.88 -1.67
N GLU A 69 42.45 -4.10 -2.55
CA GLU A 69 41.89 -3.84 -3.87
C GLU A 69 42.97 -3.38 -4.84
N ILE A 70 44.17 -3.93 -4.69
CA ILE A 70 45.29 -3.58 -5.55
C ILE A 70 45.27 -4.41 -6.84
N GLY B 1 -20.70 2.14 -24.86
CA GLY B 1 -19.79 2.56 -23.76
C GLY B 1 -20.43 3.56 -22.82
N HIS B 2 -20.11 3.45 -21.55
CA HIS B 2 -20.66 4.36 -20.54
C HIS B 2 -19.68 4.57 -19.39
N MET B 3 -19.16 3.47 -18.86
CA MET B 3 -18.21 3.53 -17.76
C MET B 3 -16.79 3.32 -18.26
N MET B 4 -15.82 3.48 -17.37
CA MET B 4 -14.41 3.31 -17.72
C MET B 4 -13.90 1.95 -17.28
N SER B 5 -14.79 0.96 -17.27
CA SER B 5 -14.43 -0.40 -16.88
C SER B 5 -13.95 -0.43 -15.42
N LYS B 6 -13.99 -1.62 -14.82
CA LYS B 6 -13.57 -1.78 -13.43
C LYS B 6 -12.83 -3.09 -13.25
N LEU B 7 -11.56 -3.11 -13.64
CA LEU B 7 -10.73 -4.31 -13.53
C LEU B 7 -9.74 -4.18 -12.38
N PHE B 8 -9.93 -4.98 -11.34
CA PHE B 8 -9.04 -4.96 -10.18
C PHE B 8 -9.45 -6.03 -9.17
N LEU B 9 -10.75 -6.22 -9.01
CA LEU B 9 -11.27 -7.22 -8.08
C LEU B 9 -10.97 -8.64 -8.58
N ASP B 10 -10.66 -8.77 -9.86
CA ASP B 10 -10.37 -10.07 -10.45
C ASP B 10 -8.90 -10.47 -10.23
N GLU B 11 -8.16 -9.64 -9.50
CA GLU B 11 -6.75 -9.93 -9.22
C GLU B 11 -6.47 -9.85 -7.72
N LEU B 12 -6.80 -8.71 -7.12
CA LEU B 12 -6.59 -8.52 -5.68
C LEU B 12 -7.19 -9.67 -4.89
N PRO B 13 -6.80 -9.82 -3.61
CA PRO B 13 -7.31 -10.90 -2.74
C PRO B 13 -8.81 -11.12 -2.91
N GLU B 14 -9.16 -12.06 -3.78
CA GLU B 14 -10.57 -12.37 -4.04
C GLU B 14 -11.34 -12.62 -2.75
N SER B 15 -10.61 -13.06 -1.71
CA SER B 15 -11.23 -13.33 -0.42
C SER B 15 -11.99 -12.11 0.09
N LEU B 16 -11.36 -10.95 -0.02
CA LEU B 16 -11.97 -9.70 0.44
C LEU B 16 -12.97 -9.17 -0.60
N SER B 17 -12.71 -9.47 -1.86
CA SER B 17 -13.57 -9.03 -2.95
C SER B 17 -15.02 -9.45 -2.71
N ARG B 18 -15.20 -10.58 -2.02
CA ARG B 18 -16.52 -11.09 -1.72
C ARG B 18 -17.33 -10.08 -0.90
N LYS B 19 -16.70 -9.51 0.11
CA LYS B 19 -17.36 -8.53 0.97
C LYS B 19 -17.37 -7.15 0.30
N ILE B 20 -16.28 -6.82 -0.39
CA ILE B 20 -16.17 -5.54 -1.07
C ILE B 20 -17.18 -5.45 -2.22
N GLY B 21 -17.28 -6.51 -3.00
CA GLY B 21 -18.19 -6.53 -4.12
C GLY B 21 -19.60 -6.07 -3.76
N THR B 22 -20.14 -6.62 -2.68
CA THR B 22 -21.48 -6.25 -2.23
C THR B 22 -21.56 -4.76 -1.93
N VAL B 23 -20.46 -4.20 -1.42
CA VAL B 23 -20.40 -2.78 -1.09
C VAL B 23 -20.17 -1.93 -2.33
N VAL B 24 -19.27 -2.39 -3.20
CA VAL B 24 -18.96 -1.66 -4.42
C VAL B 24 -20.19 -1.48 -5.29
N ARG B 25 -21.06 -2.49 -5.30
CA ARG B 25 -22.29 -2.44 -6.09
C ARG B 25 -23.06 -1.14 -5.82
N VAL B 26 -22.90 -0.61 -4.62
CA VAL B 26 -23.58 0.62 -4.24
C VAL B 26 -22.84 1.84 -4.80
N LEU B 27 -21.53 1.88 -4.60
CA LEU B 27 -20.71 2.99 -5.08
C LEU B 27 -19.68 2.52 -6.10
N PRO B 28 -20.13 2.11 -7.29
CA PRO B 28 -19.25 1.64 -8.36
C PRO B 28 -18.46 2.78 -9.00
N SER B 29 -18.81 4.01 -8.63
CA SER B 29 -18.15 5.19 -9.17
C SER B 29 -17.18 5.79 -8.15
N SER B 30 -17.56 5.76 -6.88
CA SER B 30 -16.70 6.30 -5.82
C SER B 30 -15.40 5.51 -5.72
N LEU B 31 -15.50 4.20 -5.87
CA LEU B 31 -14.33 3.33 -5.79
C LEU B 31 -13.24 3.78 -6.76
N GLU B 32 -13.64 4.36 -7.88
CA GLU B 32 -12.69 4.84 -8.88
C GLU B 32 -11.73 5.87 -8.29
N ILE B 33 -12.25 6.68 -7.36
CA ILE B 33 -11.44 7.70 -6.72
C ILE B 33 -10.36 7.08 -5.84
N PHE B 34 -10.76 6.09 -5.03
CA PHE B 34 -9.82 5.41 -4.15
C PHE B 34 -8.80 4.60 -4.94
N GLU B 35 -9.19 4.18 -6.14
CA GLU B 35 -8.31 3.40 -7.01
C GLU B 35 -7.01 4.16 -7.28
N GLU B 36 -7.14 5.43 -7.62
CA GLU B 36 -5.98 6.26 -7.90
C GLU B 36 -5.31 6.72 -6.60
N LEU B 37 -6.02 6.59 -5.48
CA LEU B 37 -5.49 6.98 -4.19
C LEU B 37 -4.46 5.98 -3.68
N TYR B 38 -4.81 4.70 -3.71
CA TYR B 38 -3.91 3.66 -3.25
C TYR B 38 -2.62 3.65 -4.07
N LYS B 39 -2.76 3.85 -5.38
CA LYS B 39 -1.62 3.87 -6.27
C LYS B 39 -0.78 5.13 -6.05
N TYR B 40 -1.43 6.20 -5.63
CA TYR B 40 -0.74 7.47 -5.38
C TYR B 40 0.10 7.37 -4.12
N ALA B 41 -0.51 6.90 -3.03
CA ALA B 41 0.19 6.75 -1.76
C ALA B 41 1.39 5.83 -1.90
N LEU B 42 1.24 4.78 -2.70
CA LEU B 42 2.31 3.82 -2.92
C LEU B 42 3.53 4.50 -3.52
N ASN B 43 3.30 5.36 -4.50
CA ASN B 43 4.39 6.08 -5.17
C ASN B 43 5.07 7.04 -4.20
N GLU B 44 4.30 7.57 -3.26
CA GLU B 44 4.83 8.51 -2.27
C GLU B 44 5.96 7.87 -1.47
N ASN B 45 5.77 6.61 -1.10
CA ASN B 45 6.78 5.89 -0.33
C ASN B 45 7.90 5.39 -1.23
N SER B 46 7.53 4.82 -2.36
CA SER B 46 8.49 4.30 -3.32
C SER B 46 9.36 3.20 -2.68
N ASN B 47 9.92 2.34 -3.52
CA ASN B 47 10.77 1.25 -3.05
C ASN B 47 11.32 0.45 -4.22
N ASP B 48 12.58 0.72 -4.57
CA ASP B 48 13.24 0.02 -5.67
C ASP B 48 13.67 -1.38 -5.25
N ARG B 49 14.14 -2.16 -6.21
CA ARG B 49 14.59 -3.53 -5.93
C ARG B 49 15.71 -3.93 -6.89
N SER B 50 16.63 -3.00 -7.15
CA SER B 50 17.75 -3.26 -8.04
C SER B 50 18.58 -4.44 -7.54
N GLU B 51 19.25 -5.12 -8.47
CA GLU B 51 20.08 -6.26 -8.13
C GLU B 51 21.26 -5.84 -7.26
N HIS B 52 21.83 -6.79 -6.53
CA HIS B 52 22.96 -6.50 -5.66
C HIS B 52 23.78 -7.77 -5.42
N HIS B 53 25.11 -7.62 -5.46
CA HIS B 53 26.01 -8.75 -5.25
C HIS B 53 26.65 -8.69 -3.87
N LYS B 54 26.40 -9.72 -3.07
CA LYS B 54 26.95 -9.78 -1.71
C LYS B 54 27.63 -11.12 -1.46
N LYS B 55 28.77 -11.09 -0.77
CA LYS B 55 29.52 -12.30 -0.46
C LYS B 55 30.01 -12.97 -1.75
N PRO B 56 31.23 -13.55 -1.72
CA PRO B 56 31.81 -14.23 -2.88
C PRO B 56 31.16 -15.59 -3.14
N ARG B 57 31.70 -16.32 -4.11
CA ARG B 57 31.18 -17.64 -4.45
C ARG B 57 32.30 -18.54 -4.95
N ILE B 58 31.95 -19.79 -5.28
CA ILE B 58 32.92 -20.76 -5.78
C ILE B 58 34.13 -20.84 -4.86
N ASP B 59 34.06 -21.74 -3.88
CA ASP B 59 35.14 -21.92 -2.93
C ASP B 59 36.29 -22.70 -3.56
N ASP B 60 37.37 -22.00 -3.89
CA ASP B 60 38.54 -22.62 -4.51
C ASP B 60 39.75 -21.71 -4.42
N SER B 61 40.86 -22.26 -3.93
CA SER B 61 42.10 -21.49 -3.79
C SER B 61 43.08 -21.83 -4.90
N SER B 62 43.23 -23.12 -5.16
CA SER B 62 44.15 -23.58 -6.21
C SER B 62 45.58 -23.15 -5.92
N ASP B 63 46.38 -24.07 -5.40
CA ASP B 63 47.77 -23.80 -5.07
C ASP B 63 48.72 -24.56 -5.98
N LEU B 64 48.64 -25.88 -5.93
CA LEU B 64 49.48 -26.74 -6.75
C LEU B 64 48.74 -28.00 -7.18
N LEU B 65 49.33 -28.75 -8.10
CA LEU B 65 48.73 -29.98 -8.59
C LEU B 65 49.69 -31.15 -8.47
N LYS B 66 50.94 -30.93 -8.86
CA LYS B 66 51.97 -31.96 -8.78
C LYS B 66 53.34 -31.36 -8.54
N THR B 67 54.18 -32.08 -7.80
CA THR B 67 55.53 -31.61 -7.50
C THR B 67 56.32 -32.69 -6.77
N ASP B 68 57.51 -32.99 -7.30
CA ASP B 68 58.38 -34.01 -6.70
C ASP B 68 57.75 -35.40 -6.81
N GLU B 69 56.76 -35.66 -5.98
CA GLU B 69 56.07 -36.95 -5.99
C GLU B 69 54.69 -36.84 -5.36
N ILE B 70 54.64 -36.25 -4.17
CA ILE B 70 53.38 -36.09 -3.46
C ILE B 70 53.06 -34.61 -3.23
N GLY A 1 -20.10 12.68 22.59
CA GLY A 1 -20.55 13.91 21.88
C GLY A 1 -19.73 14.20 20.64
N HIS A 2 -18.65 14.97 20.80
CA HIS A 2 -17.78 15.31 19.69
C HIS A 2 -16.62 14.35 19.59
N MET A 3 -16.11 14.16 18.37
CA MET A 3 -14.99 13.26 18.14
C MET A 3 -14.08 13.79 17.04
N MET A 4 -12.78 13.61 17.22
CA MET A 4 -11.81 14.08 16.24
C MET A 4 -10.77 13.00 15.95
N SER A 5 -11.25 11.79 15.63
CA SER A 5 -10.37 10.68 15.32
C SER A 5 -10.29 10.45 13.82
N LYS A 6 -10.23 11.55 13.06
CA LYS A 6 -10.14 11.47 11.60
C LYS A 6 -8.69 11.54 11.14
N LEU A 7 -8.13 10.39 10.81
CA LEU A 7 -6.74 10.32 10.36
C LEU A 7 -6.67 9.96 8.88
N PHE A 8 -7.75 9.38 8.34
CA PHE A 8 -7.79 9.00 6.94
C PHE A 8 -8.29 10.15 6.07
N LEU A 9 -7.68 11.31 6.22
CA LEU A 9 -8.06 12.49 5.45
C LEU A 9 -6.93 13.51 5.42
N ASP A 10 -6.32 13.75 6.57
CA ASP A 10 -5.22 14.70 6.67
C ASP A 10 -3.98 14.20 5.93
N GLU A 11 -3.85 12.88 5.84
CA GLU A 11 -2.71 12.27 5.16
C GLU A 11 -2.64 12.75 3.71
N LEU A 12 -3.75 12.67 3.00
CA LEU A 12 -3.81 13.10 1.60
C LEU A 12 -4.03 14.60 1.50
N PRO A 13 -3.71 15.20 0.34
CA PRO A 13 -3.87 16.64 0.12
C PRO A 13 -5.26 17.13 0.51
N GLU A 14 -5.38 18.44 0.66
CA GLU A 14 -6.66 19.05 1.04
C GLU A 14 -7.64 19.04 -0.14
N SER A 15 -7.14 19.38 -1.32
CA SER A 15 -7.97 19.40 -2.52
C SER A 15 -8.57 18.03 -2.80
N LEU A 16 -7.84 16.98 -2.45
CA LEU A 16 -8.31 15.62 -2.66
C LEU A 16 -9.29 15.21 -1.55
N SER A 17 -9.09 15.77 -0.37
CA SER A 17 -9.95 15.46 0.78
C SER A 17 -11.40 15.88 0.51
N ARG A 18 -11.59 17.12 0.07
CA ARG A 18 -12.92 17.64 -0.21
C ARG A 18 -13.65 16.77 -1.23
N LYS A 19 -12.90 16.16 -2.15
CA LYS A 19 -13.47 15.31 -3.18
C LYS A 19 -13.94 13.99 -2.57
N ILE A 20 -13.20 13.49 -1.59
CA ILE A 20 -13.54 12.25 -0.92
C ILE A 20 -14.69 12.45 0.05
N GLY A 21 -14.59 13.50 0.86
CA GLY A 21 -15.63 13.80 1.84
C GLY A 21 -16.99 13.96 1.19
N THR A 22 -17.03 14.63 0.04
CA THR A 22 -18.29 14.84 -0.66
C THR A 22 -18.93 13.52 -1.06
N VAL A 23 -18.10 12.57 -1.49
CA VAL A 23 -18.58 11.25 -1.89
C VAL A 23 -18.86 10.37 -0.68
N VAL A 24 -18.03 10.52 0.35
CA VAL A 24 -18.18 9.75 1.58
C VAL A 24 -19.55 9.96 2.21
N ARG A 25 -20.05 11.19 2.11
CA ARG A 25 -21.37 11.52 2.67
C ARG A 25 -22.42 10.50 2.24
N VAL A 26 -22.24 9.95 1.05
CA VAL A 26 -23.16 8.95 0.52
C VAL A 26 -22.86 7.58 1.10
N LEU A 27 -21.58 7.24 1.21
CA LEU A 27 -21.16 5.96 1.74
C LEU A 27 -20.19 6.14 2.91
N PRO A 28 -20.70 6.57 4.08
CA PRO A 28 -19.87 6.77 5.28
C PRO A 28 -19.37 5.45 5.84
N SER A 29 -19.92 4.33 5.36
CA SER A 29 -19.54 3.01 5.82
C SER A 29 -18.64 2.32 4.80
N SER A 30 -18.91 2.53 3.53
CA SER A 30 -18.12 1.91 2.47
C SER A 30 -16.67 2.38 2.53
N LEU A 31 -16.48 3.66 2.85
CA LEU A 31 -15.15 4.23 2.95
C LEU A 31 -14.31 3.48 3.98
N GLU A 32 -14.95 3.00 5.03
CA GLU A 32 -14.27 2.26 6.08
C GLU A 32 -13.54 1.05 5.52
N ILE A 33 -14.09 0.47 4.46
CA ILE A 33 -13.51 -0.71 3.83
C ILE A 33 -12.33 -0.31 2.94
N PHE A 34 -12.55 0.69 2.10
CA PHE A 34 -11.50 1.16 1.18
C PHE A 34 -10.34 1.76 1.95
N GLU A 35 -10.64 2.35 3.10
CA GLU A 35 -9.60 2.97 3.93
C GLU A 35 -8.57 1.93 4.36
N GLU A 36 -9.05 0.82 4.90
CA GLU A 36 -8.17 -0.25 5.34
C GLU A 36 -7.53 -0.96 4.15
N LEU A 37 -8.15 -0.83 2.98
CA LEU A 37 -7.64 -1.46 1.77
C LEU A 37 -6.39 -0.77 1.27
N TYR A 38 -6.45 0.56 1.15
CA TYR A 38 -5.32 1.33 0.68
C TYR A 38 -4.14 1.25 1.66
N LYS A 39 -4.45 1.06 2.93
CA LYS A 39 -3.43 0.97 3.96
C LYS A 39 -2.76 -0.41 3.95
N TYR A 40 -3.52 -1.43 3.55
CA TYR A 40 -3.00 -2.78 3.48
C TYR A 40 -1.98 -2.93 2.36
N ALA A 41 -2.35 -2.47 1.17
CA ALA A 41 -1.47 -2.55 0.00
C ALA A 41 -0.28 -1.61 0.16
N LEU A 42 -0.43 -0.58 0.99
CA LEU A 42 0.64 0.39 1.20
C LEU A 42 1.83 -0.26 1.89
N ASN A 43 1.57 -1.30 2.67
CA ASN A 43 2.64 -2.00 3.39
C ASN A 43 3.38 -2.97 2.45
N GLU A 44 2.68 -3.46 1.44
CA GLU A 44 3.27 -4.40 0.49
C GLU A 44 4.48 -3.77 -0.20
N ASN A 45 4.33 -2.52 -0.61
CA ASN A 45 5.41 -1.80 -1.29
C ASN A 45 6.44 -1.27 -0.30
N SER A 46 6.11 -1.34 0.99
CA SER A 46 7.01 -0.85 2.03
C SER A 46 7.84 -2.00 2.61
N ASN A 47 8.26 -2.91 1.75
CA ASN A 47 9.06 -4.05 2.18
C ASN A 47 8.29 -4.92 3.18
N ASP A 48 8.66 -6.19 3.25
CA ASP A 48 8.01 -7.12 4.17
C ASP A 48 8.96 -8.24 4.58
N ARG A 49 9.79 -7.97 5.59
CA ARG A 49 10.75 -8.95 6.07
C ARG A 49 10.04 -10.21 6.56
N SER A 50 10.54 -11.36 6.12
CA SER A 50 9.95 -12.65 6.51
C SER A 50 10.80 -13.33 7.57
N GLU A 51 12.07 -12.97 7.65
CA GLU A 51 12.98 -13.56 8.63
C GLU A 51 13.21 -15.03 8.33
N HIS A 52 14.28 -15.59 8.92
CA HIS A 52 14.61 -16.99 8.72
C HIS A 52 15.29 -17.56 9.97
N HIS A 53 16.08 -18.63 9.78
CA HIS A 53 16.78 -19.27 10.89
C HIS A 53 15.79 -19.87 11.89
N LYS A 54 16.30 -20.67 12.81
CA LYS A 54 15.46 -21.32 13.82
C LYS A 54 14.48 -22.29 13.18
N LYS A 55 14.60 -23.56 13.54
CA LYS A 55 13.72 -24.59 13.00
C LYS A 55 13.16 -25.48 14.11
N PRO A 56 11.98 -26.08 13.88
CA PRO A 56 11.34 -26.96 14.87
C PRO A 56 12.07 -28.28 15.03
N ARG A 57 11.53 -29.17 15.86
CA ARG A 57 12.12 -30.47 16.10
C ARG A 57 11.06 -31.49 16.48
N ILE A 58 11.31 -32.75 16.12
CA ILE A 58 10.38 -33.83 16.43
C ILE A 58 10.81 -34.61 17.67
N ASP A 59 9.85 -34.97 18.50
CA ASP A 59 10.13 -35.71 19.72
C ASP A 59 9.80 -37.19 19.54
N ASP A 60 9.94 -37.68 18.32
CA ASP A 60 9.65 -39.08 18.02
C ASP A 60 10.95 -39.88 17.93
N SER A 61 10.81 -41.17 17.60
CA SER A 61 11.97 -42.05 17.48
C SER A 61 12.87 -41.61 16.33
N SER A 62 14.12 -42.06 16.37
CA SER A 62 15.09 -41.71 15.33
C SER A 62 15.66 -42.96 14.68
N ASP A 63 15.92 -42.88 13.37
CA ASP A 63 16.47 -44.00 12.63
C ASP A 63 17.96 -43.82 12.39
N LEU A 64 18.71 -44.92 12.47
CA LEU A 64 20.14 -44.87 12.27
C LEU A 64 20.59 -45.96 11.29
N LEU A 65 21.87 -45.97 10.96
CA LEU A 65 22.41 -46.96 10.03
C LEU A 65 22.61 -48.30 10.73
N LYS A 66 21.61 -49.17 10.62
CA LYS A 66 21.68 -50.48 11.24
C LYS A 66 21.88 -51.57 10.19
N THR A 67 21.34 -51.34 8.99
CA THR A 67 21.47 -52.30 7.90
C THR A 67 21.05 -51.67 6.57
N ASP A 68 21.67 -52.14 5.49
CA ASP A 68 21.36 -51.63 4.16
C ASP A 68 20.07 -52.23 3.62
N GLU A 69 19.19 -51.38 3.09
CA GLU A 69 17.92 -51.83 2.54
C GLU A 69 17.59 -51.09 1.24
N ILE A 70 17.66 -49.76 1.30
CA ILE A 70 17.37 -48.93 0.14
C ILE A 70 18.45 -47.88 -0.07
N GLY B 1 -8.27 -1.32 -21.21
CA GLY B 1 -9.65 -0.94 -20.83
C GLY B 1 -9.70 0.39 -20.08
N HIS B 2 -8.62 0.72 -19.39
CA HIS B 2 -8.53 1.96 -18.63
C HIS B 2 -9.47 1.93 -17.43
N MET B 3 -10.78 1.93 -17.70
CA MET B 3 -11.77 1.90 -16.63
C MET B 3 -12.94 0.99 -17.02
N MET B 4 -12.66 -0.06 -17.79
CA MET B 4 -13.69 -1.00 -18.22
C MET B 4 -13.17 -2.43 -18.15
N SER B 5 -12.28 -2.70 -17.20
CA SER B 5 -11.72 -4.03 -17.03
C SER B 5 -11.84 -4.48 -15.57
N LYS B 6 -11.33 -5.69 -15.29
CA LYS B 6 -11.38 -6.23 -13.95
C LYS B 6 -9.99 -6.21 -13.30
N LEU B 7 -9.60 -5.04 -12.80
CA LEU B 7 -8.30 -4.89 -12.15
C LEU B 7 -8.46 -4.70 -10.65
N PHE B 8 -7.33 -4.61 -9.95
CA PHE B 8 -7.34 -4.43 -8.50
C PHE B 8 -7.88 -5.66 -7.79
N LEU B 9 -9.17 -5.92 -7.96
CA LEU B 9 -9.81 -7.07 -7.34
C LEU B 9 -9.19 -8.38 -7.81
N ASP B 10 -8.53 -8.33 -8.97
CA ASP B 10 -7.88 -9.52 -9.52
C ASP B 10 -6.60 -9.86 -8.77
N GLU B 11 -5.95 -8.84 -8.23
CA GLU B 11 -4.71 -9.04 -7.48
C GLU B 11 -4.97 -9.08 -5.98
N LEU B 12 -5.53 -8.01 -5.44
CA LEU B 12 -5.83 -7.93 -4.02
C LEU B 12 -6.53 -9.20 -3.53
N PRO B 13 -6.54 -9.44 -2.21
CA PRO B 13 -7.18 -10.62 -1.63
C PRO B 13 -8.55 -10.92 -2.25
N GLU B 14 -8.54 -11.78 -3.26
CA GLU B 14 -9.77 -12.15 -3.95
C GLU B 14 -10.84 -12.63 -2.97
N SER B 15 -10.40 -13.18 -1.84
CA SER B 15 -11.32 -13.67 -0.81
C SER B 15 -12.15 -12.53 -0.25
N LEU B 16 -11.52 -11.37 -0.12
CA LEU B 16 -12.21 -10.18 0.42
C LEU B 16 -13.11 -9.56 -0.65
N SER B 17 -12.74 -9.72 -1.91
CA SER B 17 -13.52 -9.17 -3.02
C SER B 17 -14.96 -9.66 -2.96
N ARG B 18 -15.16 -10.83 -2.36
CA ARG B 18 -16.50 -11.41 -2.24
C ARG B 18 -17.43 -10.47 -1.48
N LYS B 19 -16.95 -9.95 -0.35
CA LYS B 19 -17.74 -9.04 0.46
C LYS B 19 -17.75 -7.64 -0.15
N ILE B 20 -16.63 -7.24 -0.73
CA ILE B 20 -16.51 -5.94 -1.36
C ILE B 20 -17.42 -5.82 -2.58
N GLY B 21 -17.80 -6.97 -3.14
CA GLY B 21 -18.65 -6.97 -4.31
C GLY B 21 -20.06 -6.46 -4.02
N THR B 22 -20.51 -6.66 -2.78
CA THR B 22 -21.85 -6.23 -2.38
C THR B 22 -21.88 -4.74 -2.07
N VAL B 23 -20.80 -4.24 -1.48
CA VAL B 23 -20.71 -2.82 -1.12
C VAL B 23 -20.49 -1.95 -2.35
N VAL B 24 -19.63 -2.40 -3.26
CA VAL B 24 -19.34 -1.66 -4.47
C VAL B 24 -20.61 -1.41 -5.28
N ARG B 25 -21.57 -2.33 -5.16
CA ARG B 25 -22.83 -2.21 -5.87
C ARG B 25 -23.52 -0.88 -5.53
N VAL B 26 -23.24 -0.38 -4.33
CA VAL B 26 -23.82 0.88 -3.88
C VAL B 26 -23.09 2.07 -4.48
N LEU B 27 -21.77 1.96 -4.59
CA LEU B 27 -20.96 3.03 -5.15
C LEU B 27 -19.91 2.49 -6.12
N PRO B 28 -20.34 2.05 -7.31
CA PRO B 28 -19.43 1.52 -8.33
C PRO B 28 -18.64 2.64 -9.00
N SER B 29 -18.96 3.88 -8.67
CA SER B 29 -18.29 5.04 -9.24
C SER B 29 -17.35 5.69 -8.23
N SER B 30 -17.75 5.66 -6.95
CA SER B 30 -16.93 6.26 -5.90
C SER B 30 -15.63 5.48 -5.72
N LEU B 31 -15.72 4.15 -5.79
CA LEU B 31 -14.54 3.30 -5.64
C LEU B 31 -13.44 3.71 -6.60
N GLU B 32 -13.83 4.20 -7.77
CA GLU B 32 -12.88 4.64 -8.78
C GLU B 32 -11.94 5.71 -8.23
N ILE B 33 -12.45 6.53 -7.31
CA ILE B 33 -11.66 7.58 -6.71
C ILE B 33 -10.67 7.01 -5.70
N PHE B 34 -11.09 5.95 -5.00
CA PHE B 34 -10.24 5.30 -4.01
C PHE B 34 -9.18 4.43 -4.68
N GLU B 35 -9.55 3.83 -5.80
CA GLU B 35 -8.63 2.98 -6.55
C GLU B 35 -7.39 3.76 -6.97
N GLU B 36 -7.62 4.92 -7.59
CA GLU B 36 -6.52 5.77 -8.03
C GLU B 36 -5.80 6.38 -6.84
N LEU B 37 -6.54 6.55 -5.74
CA LEU B 37 -5.98 7.13 -4.52
C LEU B 37 -4.87 6.24 -3.95
N TYR B 38 -5.17 4.95 -3.82
CA TYR B 38 -4.21 3.99 -3.29
C TYR B 38 -3.05 3.77 -4.27
N LYS B 39 -3.30 4.08 -5.54
CA LYS B 39 -2.28 3.91 -6.58
C LYS B 39 -1.13 4.88 -6.38
N TYR B 40 -1.45 6.16 -6.21
CA TYR B 40 -0.43 7.18 -6.02
C TYR B 40 0.20 7.09 -4.64
N ALA B 41 -0.57 6.60 -3.68
CA ALA B 41 -0.09 6.46 -2.31
C ALA B 41 1.16 5.57 -2.26
N LEU B 42 1.28 4.67 -3.22
CA LEU B 42 2.42 3.76 -3.27
C LEU B 42 3.64 4.47 -3.87
N ASN B 43 3.42 5.21 -4.94
CA ASN B 43 4.51 5.94 -5.60
C ASN B 43 5.21 6.88 -4.62
N GLU B 44 4.51 7.26 -3.56
CA GLU B 44 5.07 8.16 -2.56
C GLU B 44 6.14 7.46 -1.73
N ASN B 45 5.85 6.24 -1.32
CA ASN B 45 6.78 5.46 -0.51
C ASN B 45 7.87 4.83 -1.38
N SER B 46 7.49 4.41 -2.58
CA SER B 46 8.43 3.79 -3.51
C SER B 46 8.65 4.67 -4.73
N ASN B 47 9.90 4.79 -5.15
CA ASN B 47 10.24 5.61 -6.32
C ASN B 47 11.67 5.34 -6.76
N ASP B 48 11.89 4.20 -7.40
CA ASP B 48 13.22 3.82 -7.87
C ASP B 48 13.22 3.58 -9.38
N ARG B 49 14.41 3.61 -9.98
CA ARG B 49 14.53 3.41 -11.42
C ARG B 49 15.65 2.40 -11.72
N SER B 50 15.81 1.43 -10.83
CA SER B 50 16.83 0.41 -11.00
C SER B 50 16.22 -0.92 -11.43
N GLU B 51 16.84 -1.56 -12.41
CA GLU B 51 16.34 -2.84 -12.92
C GLU B 51 17.49 -3.82 -13.15
N HIS B 52 17.80 -4.62 -12.12
CA HIS B 52 18.88 -5.59 -12.21
C HIS B 52 20.22 -4.90 -12.49
N HIS B 53 21.31 -5.65 -12.30
CA HIS B 53 22.65 -5.10 -12.54
C HIS B 53 23.57 -6.17 -13.09
N LYS B 54 23.64 -6.26 -14.42
CA LYS B 54 24.51 -7.24 -15.07
C LYS B 54 24.94 -6.74 -16.44
N LYS B 55 26.23 -6.50 -16.59
CA LYS B 55 26.78 -6.01 -17.86
C LYS B 55 27.42 -7.14 -18.65
N PRO B 56 26.72 -7.67 -19.67
CA PRO B 56 27.24 -8.77 -20.50
C PRO B 56 28.30 -8.29 -21.51
N ARG B 57 29.37 -7.70 -20.98
CA ARG B 57 30.45 -7.20 -21.83
C ARG B 57 31.73 -7.03 -21.02
N ILE B 58 32.48 -8.12 -20.87
CA ILE B 58 33.73 -8.09 -20.12
C ILE B 58 34.89 -7.70 -21.02
N ASP B 59 35.72 -6.77 -20.53
CA ASP B 59 36.88 -6.31 -21.29
C ASP B 59 38.13 -7.07 -20.89
N ASP B 60 38.00 -8.39 -20.78
CA ASP B 60 39.13 -9.24 -20.41
C ASP B 60 39.65 -8.86 -19.02
N SER B 61 40.67 -9.59 -18.56
CA SER B 61 41.25 -9.33 -17.25
C SER B 61 42.55 -8.52 -17.38
N SER B 62 43.38 -8.92 -18.32
CA SER B 62 44.65 -8.24 -18.55
C SER B 62 44.51 -7.14 -19.60
N ASP B 63 45.60 -6.47 -19.90
CA ASP B 63 45.59 -5.39 -20.89
C ASP B 63 44.66 -4.27 -20.46
N LEU B 64 44.89 -3.74 -19.25
CA LEU B 64 44.05 -2.66 -18.72
C LEU B 64 44.72 -2.03 -17.50
N LEU B 65 45.48 -0.96 -17.74
CA LEU B 65 46.16 -0.26 -16.66
C LEU B 65 45.58 1.14 -16.46
N LYS B 66 44.43 1.20 -15.79
CA LYS B 66 43.76 2.47 -15.53
C LYS B 66 43.18 2.50 -14.12
N THR B 67 43.96 3.01 -13.17
CA THR B 67 43.51 3.10 -11.79
C THR B 67 43.82 4.49 -11.20
N ASP B 68 43.28 4.75 -10.03
CA ASP B 68 43.48 6.03 -9.36
C ASP B 68 42.90 6.01 -7.94
N GLU B 69 41.72 5.41 -7.80
CA GLU B 69 41.05 5.33 -6.51
C GLU B 69 41.92 4.59 -5.50
N ILE B 70 41.72 4.90 -4.22
CA ILE B 70 42.49 4.26 -3.16
C ILE B 70 41.58 3.83 -2.01
N GLY A 1 -21.38 4.16 20.61
CA GLY A 1 -21.12 5.06 19.45
C GLY A 1 -19.88 4.68 18.67
N HIS A 2 -18.74 4.71 19.36
CA HIS A 2 -17.47 4.37 18.73
C HIS A 2 -17.17 5.31 17.56
N MET A 3 -16.34 6.31 17.82
CA MET A 3 -15.97 7.28 16.79
C MET A 3 -14.70 8.03 17.17
N MET A 4 -14.45 9.15 16.50
CA MET A 4 -13.26 9.95 16.78
C MET A 4 -11.99 9.17 16.46
N SER A 5 -11.62 9.17 15.18
CA SER A 5 -10.43 8.47 14.73
C SER A 5 -10.10 8.78 13.28
N LYS A 6 -9.64 10.01 13.04
CA LYS A 6 -9.31 10.44 11.69
C LYS A 6 -7.93 9.93 11.28
N LEU A 7 -7.90 9.10 10.24
CA LEU A 7 -6.65 8.54 9.74
C LEU A 7 -6.74 8.21 8.27
N PHE A 8 -7.50 9.03 7.53
CA PHE A 8 -7.68 8.83 6.10
C PHE A 8 -7.37 10.11 5.32
N LEU A 9 -8.21 11.12 5.50
CA LEU A 9 -8.03 12.39 4.82
C LEU A 9 -6.76 13.09 5.30
N ASP A 10 -6.39 12.84 6.54
CA ASP A 10 -5.19 13.44 7.13
C ASP A 10 -3.96 13.11 6.31
N GLU A 11 -3.96 11.93 5.70
CA GLU A 11 -2.84 11.48 4.89
C GLU A 11 -2.93 12.05 3.48
N LEU A 12 -4.12 12.02 2.91
CA LEU A 12 -4.34 12.54 1.56
C LEU A 12 -4.25 14.07 1.54
N PRO A 13 -4.04 14.66 0.36
CA PRO A 13 -3.94 16.12 0.22
C PRO A 13 -5.21 16.83 0.67
N GLU A 14 -5.27 18.14 0.43
CA GLU A 14 -6.43 18.94 0.82
C GLU A 14 -7.36 19.15 -0.37
N SER A 15 -6.79 19.21 -1.57
CA SER A 15 -7.57 19.42 -2.78
C SER A 15 -8.47 18.23 -3.06
N LEU A 16 -7.90 17.03 -2.99
CA LEU A 16 -8.65 15.80 -3.23
C LEU A 16 -9.49 15.42 -2.02
N SER A 17 -9.02 15.80 -0.83
CA SER A 17 -9.72 15.49 0.41
C SER A 17 -11.15 16.04 0.38
N ARG A 18 -11.34 17.15 -0.32
CA ARG A 18 -12.65 17.77 -0.43
C ARG A 18 -13.58 16.92 -1.29
N LYS A 19 -13.06 16.43 -2.41
CA LYS A 19 -13.84 15.60 -3.32
C LYS A 19 -14.24 14.28 -2.66
N ILE A 20 -13.34 13.73 -1.85
CA ILE A 20 -13.61 12.48 -1.17
C ILE A 20 -14.61 12.67 -0.04
N GLY A 21 -14.64 13.88 0.53
CA GLY A 21 -15.57 14.17 1.61
C GLY A 21 -17.01 14.18 1.15
N THR A 22 -17.24 14.53 -0.11
CA THR A 22 -18.58 14.56 -0.66
C THR A 22 -19.08 13.16 -1.01
N VAL A 23 -18.14 12.29 -1.38
CA VAL A 23 -18.49 10.91 -1.74
C VAL A 23 -18.67 10.05 -0.49
N VAL A 24 -17.70 10.12 0.41
CA VAL A 24 -17.75 9.36 1.65
C VAL A 24 -19.01 9.68 2.45
N ARG A 25 -19.46 10.92 2.35
CA ARG A 25 -20.65 11.37 3.06
C ARG A 25 -21.85 10.47 2.73
N VAL A 26 -21.83 9.89 1.55
CA VAL A 26 -22.91 9.00 1.10
C VAL A 26 -22.76 7.61 1.71
N LEU A 27 -21.53 7.12 1.79
CA LEU A 27 -21.25 5.80 2.33
C LEU A 27 -20.08 5.84 3.31
N PRO A 28 -20.23 6.54 4.44
CA PRO A 28 -19.18 6.64 5.45
C PRO A 28 -18.79 5.26 5.97
N SER A 29 -19.73 4.32 5.88
CA SER A 29 -19.49 2.95 6.33
C SER A 29 -18.70 2.17 5.28
N SER A 30 -19.00 2.41 4.02
CA SER A 30 -18.30 1.73 2.93
C SER A 30 -16.84 2.18 2.87
N LEU A 31 -16.60 3.44 3.21
CA LEU A 31 -15.26 3.99 3.20
C LEU A 31 -14.31 3.14 4.04
N GLU A 32 -14.84 2.56 5.12
CA GLU A 32 -14.05 1.72 6.01
C GLU A 32 -13.41 0.57 5.24
N ILE A 33 -14.11 0.08 4.22
CA ILE A 33 -13.61 -1.01 3.40
C ILE A 33 -12.38 -0.59 2.61
N PHE A 34 -12.50 0.54 1.91
CA PHE A 34 -11.40 1.06 1.11
C PHE A 34 -10.25 1.53 2.01
N GLU A 35 -10.59 1.99 3.19
CA GLU A 35 -9.59 2.46 4.15
C GLU A 35 -8.58 1.36 4.45
N GLU A 36 -9.07 0.14 4.59
CA GLU A 36 -8.22 -1.01 4.87
C GLU A 36 -7.54 -1.50 3.60
N LEU A 37 -8.11 -1.14 2.45
CA LEU A 37 -7.57 -1.53 1.15
C LEU A 37 -6.39 -0.66 0.74
N TYR A 38 -6.57 0.65 0.81
CA TYR A 38 -5.52 1.59 0.43
C TYR A 38 -4.36 1.55 1.42
N LYS A 39 -4.67 1.42 2.70
CA LYS A 39 -3.65 1.38 3.74
C LYS A 39 -2.84 0.09 3.66
N TYR A 40 -3.53 -1.02 3.43
CA TYR A 40 -2.87 -2.32 3.32
C TYR A 40 -1.74 -2.29 2.30
N ALA A 41 -2.04 -1.78 1.11
CA ALA A 41 -1.05 -1.69 0.05
C ALA A 41 0.00 -0.63 0.37
N LEU A 42 -0.40 0.40 1.10
CA LEU A 42 0.50 1.47 1.47
C LEU A 42 1.69 0.93 2.27
N ASN A 43 1.44 -0.06 3.11
CA ASN A 43 2.48 -0.66 3.93
C ASN A 43 3.28 -1.68 3.12
N GLU A 44 2.66 -2.25 2.10
CA GLU A 44 3.32 -3.23 1.24
C GLU A 44 4.59 -2.66 0.65
N ASN A 45 4.54 -1.41 0.23
CA ASN A 45 5.70 -0.74 -0.37
C ASN A 45 6.67 -0.27 0.72
N SER A 46 6.12 0.09 1.88
CA SER A 46 6.94 0.57 2.99
C SER A 46 7.68 -0.59 3.64
N ASN A 47 6.94 -1.48 4.30
CA ASN A 47 7.54 -2.63 4.98
C ASN A 47 6.47 -3.67 5.33
N ASP A 48 6.61 -4.87 4.78
CA ASP A 48 5.67 -5.95 5.03
C ASP A 48 6.21 -6.93 6.06
N ARG A 49 6.97 -6.41 7.01
CA ARG A 49 7.57 -7.24 8.06
C ARG A 49 7.72 -6.46 9.36
N SER A 50 8.47 -5.36 9.31
CA SER A 50 8.69 -4.53 10.48
C SER A 50 9.52 -5.26 11.53
N GLU A 51 8.92 -6.25 12.18
CA GLU A 51 9.61 -7.03 13.20
C GLU A 51 8.71 -8.13 13.74
N HIS A 52 9.24 -9.35 13.77
CA HIS A 52 8.48 -10.50 14.26
C HIS A 52 9.42 -11.57 14.82
N HIS A 53 10.47 -11.88 14.06
CA HIS A 53 11.44 -12.89 14.48
C HIS A 53 12.18 -12.44 15.74
N LYS A 54 11.55 -12.66 16.88
CA LYS A 54 12.16 -12.29 18.16
C LYS A 54 12.62 -13.52 18.93
N LYS A 55 13.77 -13.40 19.59
CA LYS A 55 14.33 -14.50 20.37
C LYS A 55 14.29 -14.20 21.87
N PRO A 56 14.11 -15.24 22.70
CA PRO A 56 14.06 -15.08 24.15
C PRO A 56 15.42 -14.76 24.75
N ARG A 57 15.97 -13.61 24.39
CA ARG A 57 17.27 -13.19 24.89
C ARG A 57 17.46 -11.68 24.72
N ILE A 58 16.37 -10.93 24.75
CA ILE A 58 16.43 -9.49 24.60
C ILE A 58 15.65 -8.79 25.71
N ASP A 59 14.46 -9.29 25.99
CA ASP A 59 13.62 -8.71 27.03
C ASP A 59 14.12 -9.09 28.43
N ASP A 60 14.22 -10.40 28.67
CA ASP A 60 14.70 -10.90 29.96
C ASP A 60 13.97 -10.23 31.12
N SER A 61 12.74 -9.79 30.87
CA SER A 61 11.94 -9.12 31.89
C SER A 61 10.58 -8.70 31.33
N SER A 62 10.57 -7.62 30.56
CA SER A 62 9.34 -7.12 29.96
C SER A 62 8.96 -7.91 28.71
N ASP A 63 7.86 -8.65 28.79
CA ASP A 63 7.40 -9.46 27.67
C ASP A 63 6.03 -10.06 27.96
N LEU A 64 5.29 -10.37 26.90
CA LEU A 64 3.96 -10.96 27.04
C LEU A 64 3.02 -10.00 27.76
N LEU A 65 1.73 -10.08 27.43
CA LEU A 65 0.73 -9.22 28.04
C LEU A 65 -0.38 -10.05 28.69
N LYS A 66 -1.35 -9.37 29.28
CA LYS A 66 -2.47 -10.04 29.93
C LYS A 66 -3.67 -10.14 29.00
N THR A 67 -3.88 -9.09 28.22
CA THR A 67 -5.00 -9.06 27.28
C THR A 67 -4.63 -9.75 25.97
N ASP A 68 -5.62 -10.36 25.33
CA ASP A 68 -5.40 -11.05 24.06
C ASP A 68 -6.50 -10.72 23.06
N GLU A 69 -6.14 -10.71 21.77
CA GLU A 69 -7.10 -10.41 20.72
C GLU A 69 -6.96 -11.38 19.56
N ILE A 70 -7.75 -12.45 19.59
CA ILE A 70 -7.70 -13.46 18.54
C ILE A 70 -9.10 -13.99 18.24
N GLY B 1 -18.55 -15.32 -16.03
CA GLY B 1 -19.91 -15.06 -15.46
C GLY B 1 -19.94 -13.83 -14.58
N HIS B 2 -19.06 -12.87 -14.87
CA HIS B 2 -19.00 -11.63 -14.10
C HIS B 2 -19.51 -10.46 -14.92
N MET B 3 -19.32 -10.52 -16.22
CA MET B 3 -19.76 -9.45 -17.12
C MET B 3 -18.93 -8.19 -16.93
N MET B 4 -19.06 -7.58 -15.75
CA MET B 4 -18.33 -6.36 -15.43
C MET B 4 -16.83 -6.57 -15.61
N SER B 5 -16.37 -7.80 -15.39
CA SER B 5 -14.96 -8.13 -15.53
C SER B 5 -14.10 -7.33 -14.55
N LYS B 6 -13.44 -8.03 -13.64
CA LYS B 6 -12.59 -7.38 -12.64
C LYS B 6 -11.17 -7.23 -13.16
N LEU B 7 -10.31 -6.60 -12.36
CA LEU B 7 -8.92 -6.39 -12.74
C LEU B 7 -8.03 -6.28 -11.50
N PHE B 8 -8.40 -5.37 -10.61
CA PHE B 8 -7.64 -5.16 -9.38
C PHE B 8 -8.12 -6.09 -8.27
N LEU B 9 -9.39 -6.48 -8.34
CA LEU B 9 -9.97 -7.37 -7.34
C LEU B 9 -9.49 -8.80 -7.54
N ASP B 10 -9.14 -9.14 -8.78
CA ASP B 10 -8.66 -10.48 -9.09
C ASP B 10 -7.31 -10.76 -8.41
N GLU B 11 -6.49 -9.73 -8.31
CA GLU B 11 -5.18 -9.86 -7.69
C GLU B 11 -5.28 -9.76 -6.17
N LEU B 12 -5.72 -8.60 -5.68
CA LEU B 12 -5.86 -8.38 -4.25
C LEU B 12 -6.64 -9.53 -3.60
N PRO B 13 -6.64 -9.60 -2.25
CA PRO B 13 -7.34 -10.67 -1.53
C PRO B 13 -8.75 -10.93 -2.08
N GLU B 14 -8.85 -11.89 -2.99
CA GLU B 14 -10.13 -12.24 -3.61
C GLU B 14 -11.20 -12.49 -2.55
N SER B 15 -10.76 -12.95 -1.37
CA SER B 15 -11.68 -13.22 -0.28
C SER B 15 -12.44 -11.96 0.13
N LEU B 16 -11.74 -10.83 0.10
CA LEU B 16 -12.35 -9.56 0.45
C LEU B 16 -13.15 -8.98 -0.71
N SER B 17 -12.70 -9.28 -1.93
CA SER B 17 -13.39 -8.80 -3.13
C SER B 17 -14.87 -9.12 -3.08
N ARG B 18 -15.22 -10.22 -2.41
CA ARG B 18 -16.61 -10.64 -2.30
C ARG B 18 -17.42 -9.61 -1.50
N LYS B 19 -16.86 -9.13 -0.40
CA LYS B 19 -17.54 -8.15 0.43
C LYS B 19 -17.39 -6.75 -0.15
N ILE B 20 -16.27 -6.50 -0.81
CA ILE B 20 -16.03 -5.19 -1.42
C ILE B 20 -16.90 -4.99 -2.66
N GLY B 21 -16.88 -5.99 -3.54
CA GLY B 21 -17.68 -5.91 -4.75
C GLY B 21 -19.17 -5.79 -4.45
N THR B 22 -19.57 -6.30 -3.30
CA THR B 22 -20.97 -6.26 -2.90
C THR B 22 -21.40 -4.84 -2.55
N VAL B 23 -20.54 -4.12 -1.84
CA VAL B 23 -20.82 -2.75 -1.46
C VAL B 23 -20.58 -1.79 -2.62
N VAL B 24 -19.58 -2.09 -3.44
CA VAL B 24 -19.26 -1.27 -4.60
C VAL B 24 -20.48 -1.09 -5.49
N ARG B 25 -21.39 -2.06 -5.44
CA ARG B 25 -22.61 -2.01 -6.23
C ARG B 25 -23.39 -0.72 -5.95
N VAL B 26 -23.36 -0.29 -4.70
CA VAL B 26 -24.04 0.92 -4.28
C VAL B 26 -23.23 2.16 -4.66
N LEU B 27 -21.91 2.02 -4.67
CA LEU B 27 -21.02 3.12 -5.00
C LEU B 27 -19.90 2.65 -5.95
N PRO B 28 -20.25 2.28 -7.18
CA PRO B 28 -19.28 1.82 -8.18
C PRO B 28 -18.38 2.95 -8.67
N SER B 29 -18.96 4.14 -8.79
CA SER B 29 -18.21 5.30 -9.25
C SER B 29 -17.30 5.84 -8.16
N SER B 30 -17.73 5.70 -6.91
CA SER B 30 -16.94 6.17 -5.77
C SER B 30 -15.71 5.29 -5.57
N LEU B 31 -15.84 4.02 -5.89
CA LEU B 31 -14.73 3.07 -5.74
C LEU B 31 -13.51 3.54 -6.54
N GLU B 32 -13.77 4.17 -7.69
CA GLU B 32 -12.71 4.67 -8.54
C GLU B 32 -11.88 5.72 -7.80
N ILE B 33 -12.51 6.41 -6.86
CA ILE B 33 -11.83 7.45 -6.08
C ILE B 33 -10.75 6.83 -5.20
N PHE B 34 -11.13 5.80 -4.44
CA PHE B 34 -10.20 5.13 -3.55
C PHE B 34 -9.14 4.38 -4.34
N GLU B 35 -9.54 3.78 -5.45
CA GLU B 35 -8.63 3.03 -6.30
C GLU B 35 -7.53 3.94 -6.86
N GLU B 36 -7.86 5.21 -7.04
CA GLU B 36 -6.91 6.18 -7.57
C GLU B 36 -5.90 6.59 -6.51
N LEU B 37 -6.39 6.97 -5.34
CA LEU B 37 -5.52 7.39 -4.25
C LEU B 37 -4.66 6.23 -3.77
N TYR B 38 -5.23 5.02 -3.76
CA TYR B 38 -4.51 3.84 -3.32
C TYR B 38 -3.27 3.62 -4.18
N LYS B 39 -3.39 3.89 -5.48
CA LYS B 39 -2.27 3.72 -6.40
C LYS B 39 -1.32 4.91 -6.33
N TYR B 40 -1.87 6.09 -6.09
CA TYR B 40 -1.08 7.31 -6.00
C TYR B 40 -0.12 7.25 -4.80
N ALA B 41 -0.64 6.80 -3.66
CA ALA B 41 0.16 6.70 -2.44
C ALA B 41 1.33 5.74 -2.63
N LEU B 42 1.19 4.79 -3.54
CA LEU B 42 2.24 3.82 -3.80
C LEU B 42 3.54 4.52 -4.19
N ASN B 43 3.44 5.53 -5.03
CA ASN B 43 4.61 6.28 -5.47
C ASN B 43 5.27 7.01 -4.30
N GLU B 44 4.46 7.40 -3.32
CA GLU B 44 4.97 8.11 -2.15
C GLU B 44 5.82 7.19 -1.29
N ASN B 45 5.47 5.91 -1.25
CA ASN B 45 6.20 4.93 -0.46
C ASN B 45 7.53 4.58 -1.13
N SER B 46 7.54 4.60 -2.45
CA SER B 46 8.75 4.29 -3.21
C SER B 46 9.81 5.36 -3.01
N ASN B 47 11.08 4.95 -3.03
CA ASN B 47 12.18 5.88 -2.85
C ASN B 47 12.95 6.07 -4.16
N ASP B 48 13.09 7.33 -4.57
CA ASP B 48 13.79 7.65 -5.81
C ASP B 48 15.30 7.47 -5.64
N ARG B 49 15.78 7.71 -4.43
CA ARG B 49 17.21 7.57 -4.13
C ARG B 49 17.54 6.15 -3.69
N SER B 50 18.74 5.70 -4.04
CA SER B 50 19.18 4.35 -3.69
C SER B 50 20.70 4.30 -3.54
N GLU B 51 21.26 5.34 -2.94
CA GLU B 51 22.71 5.41 -2.73
C GLU B 51 23.45 5.42 -4.07
N HIS B 52 23.92 6.60 -4.47
CA HIS B 52 24.65 6.74 -5.72
C HIS B 52 25.91 5.88 -5.73
N HIS B 53 26.38 5.49 -4.55
CA HIS B 53 27.58 4.67 -4.43
C HIS B 53 28.82 5.46 -4.85
N LYS B 54 29.47 6.09 -3.88
CA LYS B 54 30.67 6.88 -4.14
C LYS B 54 31.26 7.44 -2.84
N LYS B 55 32.58 7.46 -2.76
CA LYS B 55 33.26 7.97 -1.58
C LYS B 55 34.54 8.71 -1.96
N PRO B 56 34.71 9.96 -1.48
CA PRO B 56 35.90 10.76 -1.79
C PRO B 56 37.19 10.04 -1.43
N ARG B 57 38.13 10.01 -2.37
CA ARG B 57 39.41 9.35 -2.16
C ARG B 57 40.49 10.36 -1.80
N ILE B 58 40.73 10.53 -0.50
CA ILE B 58 41.73 11.47 -0.02
C ILE B 58 42.91 10.74 0.62
N ASP B 59 42.62 9.62 1.27
CA ASP B 59 43.65 8.82 1.93
C ASP B 59 44.17 7.73 1.01
N ASP B 60 45.27 7.08 1.41
CA ASP B 60 45.87 6.03 0.61
C ASP B 60 46.97 5.32 1.40
N SER B 61 47.81 6.10 2.06
CA SER B 61 48.91 5.55 2.85
C SER B 61 48.68 5.78 4.34
N SER B 62 48.57 4.70 5.10
CA SER B 62 48.35 4.80 6.54
C SER B 62 49.16 3.75 7.28
N ASP B 63 49.04 2.50 6.85
CA ASP B 63 49.75 1.39 7.47
C ASP B 63 50.16 0.35 6.43
N LEU B 64 51.37 0.48 5.91
CA LEU B 64 51.88 -0.44 4.91
C LEU B 64 53.36 -0.76 5.16
N LEU B 65 53.62 -1.64 6.12
CA LEU B 65 54.98 -2.02 6.45
C LEU B 65 55.11 -3.53 6.56
N LYS B 66 56.32 -4.00 6.88
CA LYS B 66 56.58 -5.43 7.02
C LYS B 66 56.63 -5.83 8.49
N THR B 67 57.22 -4.97 9.32
CA THR B 67 57.34 -5.25 10.74
C THR B 67 57.31 -3.95 11.55
N ASP B 68 57.36 -4.07 12.87
CA ASP B 68 57.34 -2.92 13.75
C ASP B 68 56.06 -2.12 13.56
N GLU B 69 55.69 -1.35 14.58
CA GLU B 69 54.49 -0.53 14.54
C GLU B 69 54.79 0.92 14.92
N ILE B 70 55.06 1.75 13.92
CA ILE B 70 55.37 3.15 14.17
C ILE B 70 54.15 4.03 13.88
N GLY A 1 -2.17 21.02 18.04
CA GLY A 1 -2.73 22.34 17.63
C GLY A 1 -3.33 22.32 16.24
N HIS A 2 -2.81 21.44 15.39
CA HIS A 2 -3.29 21.32 14.02
C HIS A 2 -4.30 20.19 13.90
N MET A 3 -4.11 19.14 14.69
CA MET A 3 -5.00 17.99 14.67
C MET A 3 -6.32 18.32 15.36
N MET A 4 -7.43 17.87 14.76
CA MET A 4 -8.75 18.11 15.32
C MET A 4 -9.59 16.85 15.30
N SER A 5 -9.59 16.15 14.17
CA SER A 5 -10.35 14.92 14.02
C SER A 5 -10.02 14.23 12.71
N LYS A 6 -10.26 12.92 12.66
CA LYS A 6 -9.98 12.13 11.46
C LYS A 6 -8.50 12.16 11.12
N LEU A 7 -7.88 10.99 11.08
CA LEU A 7 -6.45 10.88 10.76
C LEU A 7 -6.26 10.40 9.33
N PHE A 8 -7.17 9.57 8.85
CA PHE A 8 -7.09 9.04 7.50
C PHE A 8 -7.56 10.07 6.47
N LEU A 9 -8.53 10.89 6.87
CA LEU A 9 -9.06 11.93 6.00
C LEU A 9 -8.18 13.17 6.02
N ASP A 10 -7.41 13.33 7.08
CA ASP A 10 -6.52 14.48 7.22
C ASP A 10 -5.10 14.14 6.76
N GLU A 11 -5.00 13.21 5.81
CA GLU A 11 -3.70 12.79 5.29
C GLU A 11 -3.58 13.15 3.81
N LEU A 12 -4.65 12.94 3.06
CA LEU A 12 -4.67 13.24 1.64
C LEU A 12 -4.82 14.74 1.39
N PRO A 13 -4.46 15.21 0.19
CA PRO A 13 -4.55 16.63 -0.16
C PRO A 13 -5.92 17.22 0.15
N GLU A 14 -5.96 18.53 0.36
CA GLU A 14 -7.22 19.22 0.67
C GLU A 14 -8.07 19.40 -0.58
N SER A 15 -7.40 19.54 -1.73
CA SER A 15 -8.10 19.72 -2.99
C SER A 15 -8.92 18.48 -3.34
N LEU A 16 -8.34 17.31 -3.11
CA LEU A 16 -9.02 16.05 -3.41
C LEU A 16 -10.01 15.70 -2.30
N SER A 17 -9.71 16.12 -1.08
CA SER A 17 -10.56 15.84 0.07
C SER A 17 -11.99 16.34 -0.18
N ARG A 18 -12.11 17.38 -0.98
CA ARG A 18 -13.41 17.95 -1.30
C ARG A 18 -14.27 16.96 -2.08
N LYS A 19 -13.61 16.19 -2.95
CA LYS A 19 -14.32 15.20 -3.77
C LYS A 19 -14.63 13.95 -2.97
N ILE A 20 -13.79 13.66 -1.96
CA ILE A 20 -13.99 12.49 -1.13
C ILE A 20 -15.07 12.74 -0.07
N GLY A 21 -14.94 13.85 0.64
CA GLY A 21 -15.90 14.19 1.67
C GLY A 21 -17.32 14.26 1.16
N THR A 22 -17.49 14.52 -0.14
CA THR A 22 -18.81 14.62 -0.73
C THR A 22 -19.39 13.22 -1.02
N VAL A 23 -18.53 12.32 -1.49
CA VAL A 23 -18.95 10.96 -1.81
C VAL A 23 -19.04 10.10 -0.56
N VAL A 24 -18.10 10.29 0.36
CA VAL A 24 -18.08 9.53 1.60
C VAL A 24 -19.39 9.70 2.36
N ARG A 25 -20.02 10.86 2.21
CA ARG A 25 -21.29 11.12 2.88
C ARG A 25 -22.31 10.03 2.56
N VAL A 26 -22.19 9.46 1.37
CA VAL A 26 -23.09 8.40 0.95
C VAL A 26 -22.68 7.06 1.55
N LEU A 27 -21.40 6.72 1.43
CA LEU A 27 -20.88 5.48 1.97
C LEU A 27 -19.83 5.74 3.05
N PRO A 28 -20.27 6.19 4.24
CA PRO A 28 -19.37 6.46 5.36
C PRO A 28 -18.78 5.19 5.95
N SER A 29 -19.53 4.09 5.83
CA SER A 29 -19.08 2.81 6.35
C SER A 29 -18.17 2.11 5.34
N SER A 30 -18.47 2.31 4.05
CA SER A 30 -17.68 1.70 2.99
C SER A 30 -16.22 2.16 3.06
N LEU A 31 -16.04 3.48 3.21
CA LEU A 31 -14.70 4.06 3.29
C LEU A 31 -13.81 3.27 4.25
N GLU A 32 -14.41 2.70 5.27
CA GLU A 32 -13.67 1.91 6.26
C GLU A 32 -12.89 0.79 5.59
N ILE A 33 -13.44 0.28 4.49
CA ILE A 33 -12.80 -0.80 3.74
C ILE A 33 -11.68 -0.27 2.86
N PHE A 34 -11.94 0.86 2.20
CA PHE A 34 -10.95 1.48 1.32
C PHE A 34 -9.79 2.05 2.12
N GLU A 35 -10.10 2.64 3.27
CA GLU A 35 -9.08 3.24 4.12
C GLU A 35 -8.08 2.17 4.57
N GLU A 36 -8.59 1.00 4.93
CA GLU A 36 -7.73 -0.09 5.37
C GLU A 36 -7.06 -0.76 4.19
N LEU A 37 -7.64 -0.61 3.01
CA LEU A 37 -7.10 -1.21 1.79
C LEU A 37 -5.82 -0.50 1.36
N TYR A 38 -5.88 0.83 1.29
CA TYR A 38 -4.72 1.61 0.89
C TYR A 38 -3.57 1.44 1.88
N LYS A 39 -3.92 1.38 3.16
CA LYS A 39 -2.91 1.20 4.22
C LYS A 39 -2.41 -0.23 4.27
N TYR A 40 -3.28 -1.17 3.92
CA TYR A 40 -2.91 -2.58 3.91
C TYR A 40 -1.92 -2.89 2.80
N ALA A 41 -2.17 -2.33 1.61
CA ALA A 41 -1.29 -2.55 0.47
C ALA A 41 0.06 -1.88 0.67
N LEU A 42 0.17 -1.01 1.67
CA LEU A 42 1.41 -0.31 1.96
C LEU A 42 2.40 -1.23 2.67
N ASN A 43 1.86 -2.20 3.42
CA ASN A 43 2.71 -3.13 4.16
C ASN A 43 3.23 -4.25 3.25
N GLU A 44 2.45 -4.58 2.22
CA GLU A 44 2.84 -5.63 1.28
C GLU A 44 4.11 -5.26 0.54
N ASN A 45 4.46 -3.96 0.56
CA ASN A 45 5.66 -3.49 -0.13
C ASN A 45 6.88 -4.32 0.26
N SER A 46 6.85 -4.91 1.45
CA SER A 46 7.96 -5.72 1.93
C SER A 46 9.22 -4.89 2.08
N ASN A 47 10.19 -5.41 2.83
CA ASN A 47 11.44 -4.72 3.06
C ASN A 47 12.49 -5.66 3.65
N ASP A 48 12.49 -6.91 3.18
CA ASP A 48 13.44 -7.90 3.66
C ASP A 48 13.59 -9.04 2.67
N ARG A 49 12.57 -9.89 2.57
CA ARG A 49 12.60 -11.02 1.65
C ARG A 49 11.50 -10.88 0.60
N SER A 50 11.87 -10.41 -0.58
CA SER A 50 10.91 -10.24 -1.67
C SER A 50 11.47 -10.81 -2.97
N GLU A 51 10.86 -11.88 -3.46
CA GLU A 51 11.29 -12.52 -4.69
C GLU A 51 10.66 -11.83 -5.91
N HIS A 52 10.90 -10.52 -6.03
CA HIS A 52 10.37 -9.75 -7.14
C HIS A 52 11.35 -9.70 -8.31
N HIS A 53 11.12 -10.54 -9.31
CA HIS A 53 11.99 -10.58 -10.48
C HIS A 53 11.16 -10.77 -11.76
N LYS A 54 11.71 -10.31 -12.87
CA LYS A 54 11.03 -10.43 -14.17
C LYS A 54 10.77 -11.89 -14.50
N LYS A 55 9.76 -12.13 -15.33
CA LYS A 55 9.41 -13.49 -15.73
C LYS A 55 9.64 -13.70 -17.22
N PRO A 56 10.81 -14.22 -17.61
CA PRO A 56 11.17 -14.47 -19.01
C PRO A 56 10.28 -15.53 -19.64
N ARG A 57 8.99 -15.21 -19.80
CA ARG A 57 8.04 -16.14 -20.40
C ARG A 57 6.88 -15.39 -21.05
N ILE A 58 6.67 -15.64 -22.34
CA ILE A 58 5.60 -14.98 -23.09
C ILE A 58 4.77 -16.00 -23.85
N ASP A 59 5.44 -16.95 -24.49
CA ASP A 59 4.75 -17.97 -25.26
C ASP A 59 4.92 -19.35 -24.60
N ASP A 60 6.15 -19.81 -24.52
CA ASP A 60 6.44 -21.10 -23.91
C ASP A 60 7.14 -20.93 -22.56
N SER A 61 7.48 -22.05 -21.93
CA SER A 61 8.15 -22.01 -20.64
C SER A 61 9.57 -22.58 -20.74
N SER A 62 10.47 -22.02 -19.94
CA SER A 62 11.87 -22.47 -19.95
C SER A 62 12.53 -22.18 -18.61
N ASP A 63 11.76 -22.28 -17.53
CA ASP A 63 12.28 -22.02 -16.19
C ASP A 63 11.88 -23.13 -15.23
N LEU A 64 12.65 -24.22 -15.24
CA LEU A 64 12.37 -25.36 -14.37
C LEU A 64 12.96 -25.13 -12.98
N LEU A 65 12.97 -26.18 -12.16
CA LEU A 65 13.49 -26.09 -10.80
C LEU A 65 14.80 -26.87 -10.69
N LYS A 66 15.79 -26.25 -10.03
CA LYS A 66 17.09 -26.87 -9.85
C LYS A 66 17.68 -26.52 -8.49
N THR A 67 16.81 -26.33 -7.51
CA THR A 67 17.25 -25.98 -6.16
C THR A 67 17.22 -27.21 -5.25
N ASP A 68 16.03 -27.77 -5.05
CA ASP A 68 15.87 -28.94 -4.20
C ASP A 68 14.46 -29.50 -4.31
N GLU A 69 14.36 -30.76 -4.74
CA GLU A 69 13.06 -31.41 -4.88
C GLU A 69 12.70 -32.19 -3.62
N ILE A 70 11.49 -31.96 -3.12
CA ILE A 70 11.02 -32.63 -1.92
C ILE A 70 9.64 -33.26 -2.13
N GLY B 1 -11.67 2.58 -20.86
CA GLY B 1 -10.93 2.48 -22.14
C GLY B 1 -10.94 1.08 -22.72
N HIS B 2 -11.72 0.88 -23.77
CA HIS B 2 -11.83 -0.43 -24.42
C HIS B 2 -12.37 -1.48 -23.44
N MET B 3 -13.59 -1.94 -23.71
CA MET B 3 -14.26 -2.95 -22.88
C MET B 3 -13.91 -2.80 -21.40
N MET B 4 -12.87 -3.48 -20.95
CA MET B 4 -12.45 -3.41 -19.54
C MET B 4 -13.56 -3.93 -18.63
N SER B 5 -13.69 -5.25 -18.57
CA SER B 5 -14.71 -5.88 -17.73
C SER B 5 -14.07 -6.59 -16.54
N LYS B 6 -14.15 -5.95 -15.37
CA LYS B 6 -13.59 -6.52 -14.15
C LYS B 6 -12.08 -6.70 -14.28
N LEU B 7 -11.32 -5.88 -13.56
CA LEU B 7 -9.87 -5.95 -13.59
C LEU B 7 -9.26 -5.29 -12.35
N PHE B 8 -10.00 -5.33 -11.25
CA PHE B 8 -9.54 -4.73 -10.00
C PHE B 8 -9.68 -5.72 -8.84
N LEU B 9 -10.81 -6.41 -8.79
CA LEU B 9 -11.06 -7.39 -7.74
C LEU B 9 -10.52 -8.77 -8.10
N ASP B 10 -9.76 -8.84 -9.20
CA ASP B 10 -9.18 -10.10 -9.64
C ASP B 10 -7.73 -10.20 -9.21
N GLU B 11 -7.05 -9.06 -9.13
CA GLU B 11 -5.65 -9.03 -8.73
C GLU B 11 -5.52 -8.84 -7.22
N LEU B 12 -6.12 -7.77 -6.71
CA LEU B 12 -6.08 -7.48 -5.27
C LEU B 12 -6.61 -8.67 -4.47
N PRO B 13 -6.45 -8.63 -3.13
CA PRO B 13 -6.92 -9.73 -2.27
C PRO B 13 -8.35 -10.16 -2.59
N GLU B 14 -8.47 -11.17 -3.45
CA GLU B 14 -9.77 -11.70 -3.86
C GLU B 14 -10.60 -12.08 -2.65
N SER B 15 -9.95 -12.45 -1.56
CA SER B 15 -10.65 -12.84 -0.34
C SER B 15 -11.55 -11.72 0.15
N LEU B 16 -11.05 -10.49 0.10
CA LEU B 16 -11.82 -9.33 0.54
C LEU B 16 -12.81 -8.90 -0.55
N SER B 17 -12.45 -9.17 -1.81
CA SER B 17 -13.29 -8.80 -2.94
C SER B 17 -14.73 -9.26 -2.73
N ARG B 18 -14.91 -10.32 -1.96
CA ARG B 18 -16.24 -10.85 -1.67
C ARG B 18 -17.11 -9.81 -0.98
N LYS B 19 -16.57 -9.21 0.08
CA LYS B 19 -17.29 -8.19 0.83
C LYS B 19 -17.23 -6.83 0.13
N ILE B 20 -16.20 -6.63 -0.67
CA ILE B 20 -16.03 -5.38 -1.39
C ILE B 20 -16.91 -5.34 -2.63
N GLY B 21 -17.04 -6.47 -3.31
CA GLY B 21 -17.86 -6.55 -4.49
C GLY B 21 -19.33 -6.27 -4.21
N THR B 22 -19.75 -6.51 -2.99
CA THR B 22 -21.15 -6.29 -2.60
C THR B 22 -21.41 -4.81 -2.31
N VAL B 23 -20.43 -4.15 -1.70
CA VAL B 23 -20.55 -2.73 -1.37
C VAL B 23 -20.28 -1.86 -2.59
N VAL B 24 -19.27 -2.23 -3.38
CA VAL B 24 -18.90 -1.47 -4.57
C VAL B 24 -20.09 -1.34 -5.51
N ARG B 25 -20.97 -2.35 -5.50
CA ARG B 25 -22.15 -2.34 -6.35
C ARG B 25 -22.95 -1.05 -6.17
N VAL B 26 -22.90 -0.53 -4.94
CA VAL B 26 -23.61 0.71 -4.63
C VAL B 26 -22.84 1.93 -5.11
N LEU B 27 -21.55 1.98 -4.76
CA LEU B 27 -20.69 3.08 -5.16
C LEU B 27 -19.57 2.61 -6.08
N PRO B 28 -19.92 2.21 -7.32
CA PRO B 28 -18.94 1.74 -8.30
C PRO B 28 -18.10 2.89 -8.85
N SER B 29 -18.65 4.09 -8.81
CA SER B 29 -17.94 5.28 -9.31
C SER B 29 -17.03 5.85 -8.23
N SER B 30 -17.44 5.71 -6.98
CA SER B 30 -16.66 6.22 -5.85
C SER B 30 -15.35 5.46 -5.72
N LEU B 31 -15.41 4.14 -5.86
CA LEU B 31 -14.24 3.29 -5.76
C LEU B 31 -13.08 3.84 -6.59
N GLU B 32 -13.41 4.47 -7.72
CA GLU B 32 -12.40 5.04 -8.60
C GLU B 32 -11.53 6.05 -7.86
N ILE B 33 -12.16 6.88 -7.04
CA ILE B 33 -11.43 7.89 -6.27
C ILE B 33 -10.47 7.23 -5.29
N PHE B 34 -10.88 6.12 -4.71
CA PHE B 34 -10.05 5.40 -3.75
C PHE B 34 -9.00 4.56 -4.48
N GLU B 35 -9.34 4.10 -5.67
CA GLU B 35 -8.41 3.29 -6.46
C GLU B 35 -7.15 4.07 -6.78
N GLU B 36 -7.32 5.29 -7.27
CA GLU B 36 -6.18 6.14 -7.60
C GLU B 36 -5.49 6.66 -6.35
N LEU B 37 -6.23 6.69 -5.24
CA LEU B 37 -5.68 7.18 -3.98
C LEU B 37 -4.65 6.19 -3.42
N TYR B 38 -5.01 4.91 -3.40
CA TYR B 38 -4.12 3.88 -2.88
C TYR B 38 -2.92 3.69 -3.80
N LYS B 39 -3.17 3.60 -5.10
CA LYS B 39 -2.11 3.43 -6.08
C LYS B 39 -1.12 4.58 -6.03
N TYR B 40 -1.64 5.78 -5.77
CA TYR B 40 -0.82 6.98 -5.70
C TYR B 40 0.13 6.92 -4.49
N ALA B 41 -0.44 6.62 -3.33
CA ALA B 41 0.35 6.53 -2.10
C ALA B 41 1.44 5.46 -2.23
N LEU B 42 1.21 4.48 -3.08
CA LEU B 42 2.18 3.41 -3.29
C LEU B 42 3.33 3.87 -4.17
N ASN B 43 3.05 4.81 -5.07
CA ASN B 43 4.07 5.34 -5.97
C ASN B 43 4.99 6.31 -5.25
N GLU B 44 4.41 7.09 -4.33
CA GLU B 44 5.19 8.06 -3.57
C GLU B 44 5.99 7.38 -2.46
N ASN B 45 5.48 6.25 -1.97
CA ASN B 45 6.14 5.51 -0.91
C ASN B 45 7.57 5.13 -1.32
N SER B 46 7.78 4.94 -2.62
CA SER B 46 9.10 4.58 -3.14
C SER B 46 9.57 5.59 -4.18
N ASN B 47 9.91 6.79 -3.71
CA ASN B 47 10.37 7.85 -4.60
C ASN B 47 11.83 8.18 -4.33
N ASP B 48 12.24 8.08 -3.07
CA ASP B 48 13.62 8.36 -2.69
C ASP B 48 14.14 7.32 -1.71
N ARG B 49 15.46 7.31 -1.51
CA ARG B 49 16.08 6.35 -0.60
C ARG B 49 17.30 6.97 0.08
N SER B 50 17.76 6.32 1.14
CA SER B 50 18.93 6.81 1.89
C SER B 50 19.34 5.82 2.97
N GLU B 51 20.59 5.41 2.96
CA GLU B 51 21.11 4.45 3.94
C GLU B 51 22.60 4.67 4.17
N HIS B 52 22.92 5.45 5.19
CA HIS B 52 24.32 5.73 5.53
C HIS B 52 25.03 6.43 4.37
N HIS B 53 24.39 7.48 3.85
CA HIS B 53 24.96 8.23 2.74
C HIS B 53 25.65 9.50 3.24
N LYS B 54 26.79 9.82 2.63
CA LYS B 54 27.54 11.01 3.01
C LYS B 54 28.09 11.73 1.79
N LYS B 55 28.87 12.78 2.02
CA LYS B 55 29.45 13.56 0.94
C LYS B 55 28.37 14.20 0.07
N PRO B 56 27.59 15.13 0.65
CA PRO B 56 26.51 15.81 -0.07
C PRO B 56 27.02 16.52 -1.32
N ARG B 57 26.15 16.63 -2.32
CA ARG B 57 26.50 17.28 -3.58
C ARG B 57 25.51 18.39 -3.92
N ILE B 58 25.99 19.41 -4.62
CA ILE B 58 25.14 20.53 -5.02
C ILE B 58 24.27 20.16 -6.20
N ASP B 59 23.05 20.69 -6.23
CA ASP B 59 22.12 20.42 -7.31
C ASP B 59 22.14 21.55 -8.35
N ASP B 60 22.01 21.17 -9.62
CA ASP B 60 22.01 22.14 -10.70
C ASP B 60 20.63 22.27 -11.33
N SER B 61 20.48 23.21 -12.25
CA SER B 61 19.22 23.44 -12.92
C SER B 61 19.37 24.44 -14.06
N SER B 62 20.49 24.36 -14.76
CA SER B 62 20.78 25.26 -15.88
C SER B 62 20.89 26.70 -15.39
N ASP B 63 21.87 27.43 -15.94
CA ASP B 63 22.08 28.81 -15.56
C ASP B 63 22.70 29.60 -16.71
N LEU B 64 21.98 30.59 -17.22
CA LEU B 64 22.45 31.40 -18.33
C LEU B 64 21.94 32.83 -18.21
N LEU B 65 22.68 33.67 -17.50
CA LEU B 65 22.30 35.07 -17.31
C LEU B 65 22.83 35.93 -18.45
N LYS B 66 22.41 37.20 -18.46
CA LYS B 66 22.85 38.14 -19.50
C LYS B 66 22.42 37.66 -20.87
N THR B 67 21.25 38.09 -21.31
CA THR B 67 20.73 37.70 -22.63
C THR B 67 19.69 38.71 -23.12
N ASP B 68 20.14 39.71 -23.85
CA ASP B 68 19.26 40.74 -24.37
C ASP B 68 19.95 41.56 -25.46
N GLU B 69 19.34 41.62 -26.64
CA GLU B 69 19.91 42.37 -27.76
C GLU B 69 18.80 43.03 -28.58
N ILE B 70 17.77 42.25 -28.91
CA ILE B 70 16.63 42.73 -29.70
C ILE B 70 17.08 43.34 -31.03
N GLY A 1 -8.62 11.12 26.99
CA GLY A 1 -9.79 11.56 26.17
C GLY A 1 -9.37 12.21 24.86
N HIS A 2 -10.34 12.52 24.02
CA HIS A 2 -10.07 13.15 22.74
C HIS A 2 -11.12 14.21 22.42
N MET A 3 -10.68 15.29 21.78
CA MET A 3 -11.58 16.39 21.42
C MET A 3 -12.11 16.21 20.00
N MET A 4 -11.22 15.85 19.08
CA MET A 4 -11.60 15.64 17.69
C MET A 4 -10.96 14.37 17.13
N SER A 5 -11.24 14.10 15.86
CA SER A 5 -10.69 12.91 15.20
C SER A 5 -10.28 13.22 13.77
N LYS A 6 -8.99 13.07 13.49
CA LYS A 6 -8.47 13.34 12.15
C LYS A 6 -8.36 12.06 11.34
N LEU A 7 -9.08 12.00 10.22
CA LEU A 7 -9.06 10.82 9.37
C LEU A 7 -7.83 10.82 8.48
N PHE A 8 -7.57 9.70 7.81
CA PHE A 8 -6.42 9.57 6.94
C PHE A 8 -6.48 10.59 5.79
N LEU A 9 -7.67 10.74 5.22
CA LEU A 9 -7.87 11.68 4.12
C LEU A 9 -7.75 13.13 4.60
N ASP A 10 -7.89 13.33 5.91
CA ASP A 10 -7.79 14.66 6.49
C ASP A 10 -6.44 15.29 6.19
N GLU A 11 -5.42 14.45 6.09
CA GLU A 11 -4.06 14.93 5.80
C GLU A 11 -3.86 15.13 4.30
N LEU A 12 -4.59 14.37 3.50
CA LEU A 12 -4.50 14.46 2.05
C LEU A 12 -4.77 15.88 1.58
N PRO A 13 -4.35 16.23 0.35
CA PRO A 13 -4.55 17.56 -0.22
C PRO A 13 -6.01 18.00 -0.15
N GLU A 14 -6.22 19.27 0.14
CA GLU A 14 -7.57 19.82 0.25
C GLU A 14 -8.34 19.63 -1.05
N SER A 15 -7.61 19.60 -2.17
CA SER A 15 -8.23 19.43 -3.48
C SER A 15 -8.91 18.06 -3.59
N LEU A 16 -8.18 17.01 -3.24
CA LEU A 16 -8.72 15.66 -3.30
C LEU A 16 -9.60 15.36 -2.09
N SER A 17 -9.14 15.80 -0.91
CA SER A 17 -9.89 15.58 0.33
C SER A 17 -11.31 16.09 0.22
N ARG A 18 -11.51 17.11 -0.62
CA ARG A 18 -12.83 17.70 -0.80
C ARG A 18 -13.72 16.79 -1.64
N LYS A 19 -13.16 16.23 -2.71
CA LYS A 19 -13.91 15.34 -3.59
C LYS A 19 -14.24 14.04 -2.89
N ILE A 20 -13.37 13.61 -1.98
CA ILE A 20 -13.57 12.38 -1.24
C ILE A 20 -14.58 12.57 -0.11
N GLY A 21 -14.37 13.61 0.69
CA GLY A 21 -15.27 13.89 1.79
C GLY A 21 -16.72 14.06 1.36
N THR A 22 -16.92 14.54 0.14
CA THR A 22 -18.27 14.75 -0.39
C THR A 22 -18.93 13.41 -0.73
N VAL A 23 -18.16 12.48 -1.27
CA VAL A 23 -18.69 11.17 -1.64
C VAL A 23 -18.79 10.27 -0.42
N VAL A 24 -17.87 10.44 0.53
CA VAL A 24 -17.88 9.64 1.75
C VAL A 24 -19.15 9.87 2.55
N ARG A 25 -19.70 11.08 2.44
CA ARG A 25 -20.93 11.43 3.15
C ARG A 25 -22.04 10.43 2.83
N VAL A 26 -21.96 9.84 1.64
CA VAL A 26 -22.95 8.87 1.20
C VAL A 26 -22.67 7.50 1.81
N LEU A 27 -21.41 7.07 1.75
CA LEU A 27 -21.01 5.78 2.30
C LEU A 27 -19.93 5.94 3.36
N PRO A 28 -20.28 6.54 4.51
CA PRO A 28 -19.35 6.74 5.62
C PRO A 28 -18.86 5.41 6.17
N SER A 29 -19.65 4.35 5.94
CA SER A 29 -19.31 3.02 6.41
C SER A 29 -18.38 2.33 5.43
N SER A 30 -18.63 2.51 4.13
CA SER A 30 -17.80 1.90 3.11
C SER A 30 -16.37 2.40 3.21
N LEU A 31 -16.22 3.70 3.48
CA LEU A 31 -14.90 4.32 3.61
C LEU A 31 -13.98 3.47 4.49
N GLU A 32 -14.55 2.87 5.53
CA GLU A 32 -13.78 2.03 6.45
C GLU A 32 -13.03 0.93 5.70
N ILE A 33 -13.75 0.21 4.85
CA ILE A 33 -13.15 -0.87 4.07
C ILE A 33 -12.02 -0.35 3.19
N PHE A 34 -12.29 0.72 2.44
CA PHE A 34 -11.30 1.31 1.57
C PHE A 34 -10.09 1.79 2.37
N GLU A 35 -10.33 2.24 3.60
CA GLU A 35 -9.26 2.73 4.46
C GLU A 35 -8.21 1.66 4.66
N GLU A 36 -8.64 0.46 5.03
CA GLU A 36 -7.72 -0.65 5.25
C GLU A 36 -7.18 -1.17 3.92
N LEU A 37 -8.00 -1.09 2.89
CA LEU A 37 -7.61 -1.54 1.55
C LEU A 37 -6.53 -0.63 0.98
N TYR A 38 -6.68 0.67 1.20
CA TYR A 38 -5.72 1.65 0.71
C TYR A 38 -4.41 1.54 1.49
N LYS A 39 -4.51 1.38 2.80
CA LYS A 39 -3.34 1.26 3.65
C LYS A 39 -2.71 -0.13 3.51
N TYR A 40 -3.52 -1.11 3.15
CA TYR A 40 -3.04 -2.49 2.98
C TYR A 40 -1.93 -2.54 1.93
N ALA A 41 -2.19 -1.94 0.78
CA ALA A 41 -1.20 -1.93 -0.31
C ALA A 41 0.13 -1.33 0.15
N LEU A 42 0.07 -0.50 1.19
CA LEU A 42 1.27 0.14 1.71
C LEU A 42 2.06 -0.82 2.60
N ASN A 43 1.35 -1.75 3.23
CA ASN A 43 1.99 -2.72 4.12
C ASN A 43 2.63 -3.86 3.33
N GLU A 44 2.09 -4.15 2.15
CA GLU A 44 2.61 -5.22 1.31
C GLU A 44 4.10 -5.04 1.04
N ASN A 45 4.52 -3.77 0.94
CA ASN A 45 5.92 -3.45 0.68
C ASN A 45 6.83 -4.04 1.77
N SER A 46 6.29 -4.19 2.97
CA SER A 46 7.05 -4.75 4.09
C SER A 46 7.34 -6.23 3.87
N ASN A 47 6.32 -7.06 4.08
CA ASN A 47 6.46 -8.50 3.92
C ASN A 47 5.67 -9.00 2.71
N ASP A 48 4.66 -8.23 2.30
CA ASP A 48 3.83 -8.59 1.16
C ASP A 48 2.98 -9.81 1.49
N ARG A 49 2.61 -9.97 2.75
CA ARG A 49 1.81 -11.10 3.18
C ARG A 49 2.50 -12.42 2.88
N SER A 50 3.24 -12.92 3.86
CA SER A 50 3.96 -14.18 3.70
C SER A 50 3.78 -15.08 4.93
N GLU A 51 3.95 -14.49 6.11
CA GLU A 51 3.82 -15.23 7.36
C GLU A 51 3.81 -14.28 8.55
N HIS A 52 2.89 -14.51 9.48
CA HIS A 52 2.78 -13.67 10.67
C HIS A 52 2.49 -14.52 11.90
N HIS A 53 3.48 -14.64 12.79
CA HIS A 53 3.31 -15.43 14.01
C HIS A 53 2.25 -14.81 14.91
N LYS A 54 1.64 -15.65 15.74
CA LYS A 54 0.61 -15.19 16.66
C LYS A 54 -0.57 -14.59 15.89
N LYS A 55 -1.63 -15.39 15.73
CA LYS A 55 -2.81 -14.93 15.01
C LYS A 55 -3.75 -14.17 15.95
N PRO A 56 -4.52 -13.21 15.40
CA PRO A 56 -5.45 -12.40 16.18
C PRO A 56 -6.72 -13.17 16.54
N ARG A 57 -6.70 -13.86 17.68
CA ARG A 57 -7.86 -14.63 18.12
C ARG A 57 -8.86 -13.74 18.86
N ILE A 58 -9.97 -14.34 19.29
CA ILE A 58 -11.00 -13.60 20.01
C ILE A 58 -10.65 -13.46 21.49
N ASP A 59 -10.40 -12.24 21.92
CA ASP A 59 -10.06 -11.96 23.31
C ASP A 59 -11.19 -11.23 24.02
N ASP A 60 -11.54 -11.70 25.20
CA ASP A 60 -12.61 -11.08 25.99
C ASP A 60 -12.60 -11.58 27.43
N SER A 61 -12.56 -10.65 28.37
CA SER A 61 -12.55 -11.00 29.79
C SER A 61 -13.31 -9.97 30.61
N SER A 62 -14.37 -10.42 31.29
CA SER A 62 -15.18 -9.53 32.12
C SER A 62 -14.48 -9.23 33.43
N ASP A 63 -15.08 -8.36 34.24
CA ASP A 63 -14.52 -7.99 35.52
C ASP A 63 -15.62 -7.80 36.56
N LEU A 64 -15.26 -7.96 37.84
CA LEU A 64 -16.22 -7.80 38.93
C LEU A 64 -15.92 -6.54 39.73
N LEU A 65 -14.66 -6.13 39.74
CA LEU A 65 -14.25 -4.94 40.47
C LEU A 65 -15.03 -3.70 40.00
N LYS A 66 -15.91 -3.21 40.86
CA LYS A 66 -16.72 -2.04 40.53
C LYS A 66 -16.30 -0.84 41.38
N THR A 67 -15.01 -0.72 41.63
CA THR A 67 -14.48 0.38 42.42
C THR A 67 -13.52 1.23 41.60
N ASP A 68 -13.78 2.52 41.54
CA ASP A 68 -12.94 3.45 40.79
C ASP A 68 -12.13 4.34 41.74
N GLU A 69 -11.11 4.99 41.19
CA GLU A 69 -10.26 5.88 41.98
C GLU A 69 -9.93 7.16 41.21
N ILE A 70 -10.88 7.59 40.37
CA ILE A 70 -10.69 8.80 39.58
C ILE A 70 -10.92 10.05 40.41
N GLY B 1 -25.32 -8.87 -18.08
CA GLY B 1 -25.22 -8.71 -19.56
C GLY B 1 -23.84 -8.28 -20.02
N HIS B 2 -23.56 -6.98 -19.94
CA HIS B 2 -22.28 -6.45 -20.36
C HIS B 2 -21.25 -6.59 -19.23
N MET B 3 -20.23 -7.41 -19.47
CA MET B 3 -19.18 -7.64 -18.49
C MET B 3 -17.80 -7.36 -19.08
N MET B 4 -17.16 -6.30 -18.62
CA MET B 4 -15.84 -5.93 -19.11
C MET B 4 -14.74 -6.53 -18.23
N SER B 5 -13.49 -6.36 -18.64
CA SER B 5 -12.36 -6.88 -17.89
C SER B 5 -12.22 -6.15 -16.56
N LYS B 6 -12.17 -6.93 -15.47
CA LYS B 6 -12.02 -6.36 -14.14
C LYS B 6 -10.66 -5.71 -13.96
N LEU B 7 -9.63 -6.54 -13.84
CA LEU B 7 -8.28 -6.07 -13.66
C LEU B 7 -8.13 -5.28 -12.37
N PHE B 8 -8.82 -5.75 -11.32
CA PHE B 8 -8.77 -5.10 -10.02
C PHE B 8 -9.16 -6.06 -8.91
N LEU B 9 -10.33 -6.69 -9.06
CA LEU B 9 -10.81 -7.65 -8.07
C LEU B 9 -10.43 -9.08 -8.46
N ASP B 10 -9.43 -9.22 -9.32
CA ASP B 10 -8.98 -10.53 -9.76
C ASP B 10 -7.55 -10.80 -9.30
N GLU B 11 -6.74 -9.75 -9.27
CA GLU B 11 -5.35 -9.88 -8.84
C GLU B 11 -5.26 -9.97 -7.32
N LEU B 12 -5.59 -8.87 -6.64
CA LEU B 12 -5.55 -8.83 -5.19
C LEU B 12 -6.34 -9.99 -4.58
N PRO B 13 -6.25 -10.20 -3.26
CA PRO B 13 -6.97 -11.28 -2.58
C PRO B 13 -8.44 -11.35 -2.99
N GLU B 14 -8.72 -12.12 -4.03
CA GLU B 14 -10.09 -12.27 -4.52
C GLU B 14 -11.03 -12.77 -3.42
N SER B 15 -10.47 -13.48 -2.45
CA SER B 15 -11.25 -14.02 -1.34
C SER B 15 -11.91 -12.88 -0.56
N LEU B 16 -11.11 -11.89 -0.18
CA LEU B 16 -11.62 -10.74 0.56
C LEU B 16 -12.30 -9.74 -0.37
N SER B 17 -11.84 -9.68 -1.61
CA SER B 17 -12.41 -8.78 -2.60
C SER B 17 -13.90 -9.01 -2.75
N ARG B 18 -14.34 -10.22 -2.44
CA ARG B 18 -15.76 -10.57 -2.53
C ARG B 18 -16.60 -9.65 -1.66
N LYS B 19 -16.13 -9.40 -0.44
CA LYS B 19 -16.84 -8.53 0.48
C LYS B 19 -16.89 -7.11 -0.03
N ILE B 20 -15.82 -6.69 -0.70
CA ILE B 20 -15.74 -5.34 -1.26
C ILE B 20 -16.70 -5.20 -2.43
N GLY B 21 -16.89 -6.28 -3.18
CA GLY B 21 -17.78 -6.25 -4.32
C GLY B 21 -19.21 -5.91 -3.94
N THR B 22 -19.68 -6.49 -2.84
CA THR B 22 -21.04 -6.23 -2.38
C THR B 22 -21.20 -4.77 -1.97
N VAL B 23 -20.13 -4.17 -1.48
CA VAL B 23 -20.15 -2.78 -1.05
C VAL B 23 -20.03 -1.84 -2.26
N VAL B 24 -19.08 -2.14 -3.13
CA VAL B 24 -18.85 -1.33 -4.33
C VAL B 24 -20.11 -1.22 -5.17
N ARG B 25 -20.96 -2.25 -5.10
CA ARG B 25 -22.21 -2.27 -5.85
C ARG B 25 -23.06 -1.04 -5.53
N VAL B 26 -22.93 -0.56 -4.30
CA VAL B 26 -23.67 0.60 -3.85
C VAL B 26 -23.01 1.89 -4.34
N LEU B 27 -21.68 1.88 -4.38
CA LEU B 27 -20.92 3.05 -4.81
C LEU B 27 -19.79 2.65 -5.75
N PRO B 28 -20.12 2.12 -6.94
CA PRO B 28 -19.12 1.70 -7.93
C PRO B 28 -18.37 2.89 -8.50
N SER B 29 -19.04 4.04 -8.53
CA SER B 29 -18.44 5.26 -9.06
C SER B 29 -17.49 5.88 -8.04
N SER B 30 -17.88 5.83 -6.76
CA SER B 30 -17.06 6.40 -5.69
C SER B 30 -15.76 5.62 -5.54
N LEU B 31 -15.82 4.32 -5.84
CA LEU B 31 -14.64 3.47 -5.74
C LEU B 31 -13.52 3.99 -6.65
N GLU B 32 -13.90 4.60 -7.76
CA GLU B 32 -12.93 5.15 -8.70
C GLU B 32 -12.08 6.22 -8.04
N ILE B 33 -12.67 6.93 -7.07
CA ILE B 33 -11.95 7.98 -6.36
C ILE B 33 -10.86 7.39 -5.48
N PHE B 34 -11.22 6.36 -4.71
CA PHE B 34 -10.27 5.70 -3.82
C PHE B 34 -9.18 4.98 -4.61
N GLU B 35 -9.52 4.58 -5.84
CA GLU B 35 -8.57 3.88 -6.70
C GLU B 35 -7.31 4.73 -6.91
N GLU B 36 -7.51 5.99 -7.27
CA GLU B 36 -6.39 6.90 -7.49
C GLU B 36 -5.73 7.27 -6.17
N LEU B 37 -6.47 7.14 -5.08
CA LEU B 37 -5.96 7.47 -3.76
C LEU B 37 -4.93 6.46 -3.30
N TYR B 38 -5.26 5.18 -3.40
CA TYR B 38 -4.36 4.12 -2.98
C TYR B 38 -3.10 4.11 -3.86
N LYS B 39 -3.29 4.38 -5.15
CA LYS B 39 -2.18 4.41 -6.10
C LYS B 39 -1.17 5.49 -5.71
N TYR B 40 -1.66 6.58 -5.13
CA TYR B 40 -0.81 7.68 -4.70
C TYR B 40 0.22 7.20 -3.69
N ALA B 41 -0.24 6.47 -2.68
CA ALA B 41 0.65 5.96 -1.64
C ALA B 41 1.52 4.83 -2.17
N LEU B 42 1.01 4.10 -3.17
CA LEU B 42 1.74 2.99 -3.76
C LEU B 42 3.09 3.46 -4.31
N ASN B 43 3.07 4.58 -5.03
CA ASN B 43 4.28 5.13 -5.61
C ASN B 43 5.15 5.79 -4.54
N GLU B 44 4.51 6.31 -3.49
CA GLU B 44 5.21 6.96 -2.40
C GLU B 44 6.20 5.99 -1.73
N ASN B 45 5.89 4.70 -1.80
CA ASN B 45 6.75 3.68 -1.21
C ASN B 45 8.17 3.76 -1.76
N SER B 46 8.31 4.35 -2.94
CA SER B 46 9.62 4.49 -3.57
C SER B 46 10.60 5.21 -2.64
N ASN B 47 10.07 6.07 -1.79
CA ASN B 47 10.91 6.82 -0.85
C ASN B 47 10.05 7.62 0.12
N ASP B 48 10.57 7.85 1.32
CA ASP B 48 9.85 8.60 2.34
C ASP B 48 10.74 9.67 2.96
N ARG B 49 10.16 10.47 3.84
CA ARG B 49 10.91 11.54 4.51
C ARG B 49 11.48 12.53 3.49
N SER B 50 10.92 13.73 3.47
CA SER B 50 11.36 14.77 2.54
C SER B 50 10.66 16.09 2.82
N GLU B 51 9.36 16.01 3.10
CA GLU B 51 8.57 17.20 3.38
C GLU B 51 8.66 17.58 4.86
N HIS B 52 8.48 18.86 5.15
CA HIS B 52 8.54 19.35 6.53
C HIS B 52 7.38 18.79 7.35
N HIS B 53 7.68 18.38 8.58
CA HIS B 53 6.66 17.83 9.47
C HIS B 53 6.06 18.92 10.35
N LYS B 54 4.79 19.23 10.10
CA LYS B 54 4.09 20.25 10.87
C LYS B 54 4.77 21.61 10.71
N LYS B 55 4.23 22.62 11.40
CA LYS B 55 4.79 23.97 11.33
C LYS B 55 4.75 24.50 9.91
N PRO B 56 3.55 24.73 9.36
CA PRO B 56 3.38 25.25 7.99
C PRO B 56 4.08 26.59 7.80
N ARG B 57 5.38 26.54 7.50
CA ARG B 57 6.16 27.75 7.29
C ARG B 57 7.08 27.61 6.07
N ILE B 58 6.68 28.22 4.96
CA ILE B 58 7.46 28.15 3.74
C ILE B 58 6.91 29.12 2.68
N ASP B 59 6.97 30.41 2.99
CA ASP B 59 6.47 31.43 2.07
C ASP B 59 7.55 32.47 1.78
N ASP B 60 7.94 33.24 2.80
CA ASP B 60 8.96 34.26 2.65
C ASP B 60 9.52 34.67 4.00
N SER B 61 10.31 35.74 4.02
CA SER B 61 10.92 36.24 5.24
C SER B 61 11.89 35.22 5.83
N SER B 62 13.18 35.37 5.50
CA SER B 62 14.20 34.47 5.98
C SER B 62 15.24 35.22 6.81
N ASP B 63 14.81 36.27 7.49
CA ASP B 63 15.71 37.08 8.31
C ASP B 63 15.78 36.53 9.73
N LEU B 64 16.88 36.79 10.41
CA LEU B 64 17.07 36.33 11.77
C LEU B 64 17.02 34.81 11.85
N LEU B 65 17.32 34.26 13.02
CA LEU B 65 17.30 32.82 13.22
C LEU B 65 18.28 32.12 12.28
N LYS B 66 19.37 32.81 11.95
CA LYS B 66 20.38 32.26 11.05
C LYS B 66 21.71 33.01 11.21
N THR B 67 21.96 33.50 12.42
CA THR B 67 23.19 34.24 12.70
C THR B 67 23.75 33.84 14.07
N ASP B 68 22.88 33.83 15.08
CA ASP B 68 23.30 33.46 16.43
C ASP B 68 22.36 32.42 17.03
N GLU B 69 21.93 31.48 16.20
CA GLU B 69 21.03 30.41 16.64
C GLU B 69 21.46 29.06 16.08
N ILE B 70 22.27 28.34 16.85
CA ILE B 70 22.75 27.03 16.43
C ILE B 70 23.63 27.14 15.18
N GLY A 1 -10.36 -0.16 18.00
CA GLY A 1 -11.84 -0.27 18.00
C GLY A 1 -12.51 0.95 17.40
N HIS A 2 -12.85 1.91 18.25
CA HIS A 2 -13.51 3.13 17.79
C HIS A 2 -12.57 4.33 17.91
N MET A 3 -11.28 4.07 17.74
CA MET A 3 -10.27 5.12 17.83
C MET A 3 -9.37 5.12 16.60
N MET A 4 -8.61 4.04 16.42
CA MET A 4 -7.72 3.92 15.28
C MET A 4 -8.50 3.81 13.97
N SER A 5 -7.80 3.58 12.88
CA SER A 5 -8.43 3.46 11.57
C SER A 5 -9.11 4.76 11.18
N LYS A 6 -8.55 5.88 11.61
CA LYS A 6 -9.09 7.19 11.30
C LYS A 6 -8.03 8.10 10.71
N LEU A 7 -8.41 9.35 10.46
CA LEU A 7 -7.48 10.33 9.88
C LEU A 7 -7.02 9.90 8.49
N PHE A 8 -7.98 9.71 7.59
CA PHE A 8 -7.68 9.29 6.23
C PHE A 8 -7.78 10.48 5.28
N LEU A 9 -8.82 11.29 5.45
CA LEU A 9 -9.03 12.46 4.61
C LEU A 9 -7.97 13.52 4.87
N ASP A 10 -7.48 13.57 6.11
CA ASP A 10 -6.46 14.54 6.48
C ASP A 10 -5.13 14.21 5.81
N GLU A 11 -4.85 12.91 5.67
CA GLU A 11 -3.61 12.46 5.04
C GLU A 11 -3.49 12.99 3.61
N LEU A 12 -4.47 12.64 2.78
CA LEU A 12 -4.49 13.08 1.39
C LEU A 12 -4.68 14.59 1.30
N PRO A 13 -4.33 15.20 0.15
CA PRO A 13 -4.47 16.64 -0.05
C PRO A 13 -5.85 17.16 0.37
N GLU A 14 -5.99 18.48 0.41
CA GLU A 14 -7.25 19.10 0.79
C GLU A 14 -8.20 19.20 -0.41
N SER A 15 -7.64 19.49 -1.57
CA SER A 15 -8.44 19.60 -2.80
C SER A 15 -9.19 18.31 -3.08
N LEU A 16 -8.51 17.19 -2.89
CA LEU A 16 -9.11 15.88 -3.13
C LEU A 16 -10.06 15.49 -1.99
N SER A 17 -9.69 15.86 -0.78
CA SER A 17 -10.51 15.56 0.39
C SER A 17 -11.92 16.13 0.24
N ARG A 18 -12.02 17.27 -0.44
CA ARG A 18 -13.31 17.92 -0.66
C ARG A 18 -14.23 17.02 -1.48
N LYS A 19 -13.66 16.29 -2.42
CA LYS A 19 -14.44 15.39 -3.27
C LYS A 19 -14.75 14.09 -2.55
N ILE A 20 -13.83 13.66 -1.69
CA ILE A 20 -14.01 12.41 -0.93
C ILE A 20 -15.00 12.62 0.20
N GLY A 21 -14.81 13.67 0.99
CA GLY A 21 -15.69 13.95 2.10
C GLY A 21 -17.15 14.05 1.68
N THR A 22 -17.37 14.48 0.44
CA THR A 22 -18.73 14.62 -0.08
C THR A 22 -19.29 13.26 -0.51
N VAL A 23 -18.41 12.39 -1.01
CA VAL A 23 -18.83 11.07 -1.46
C VAL A 23 -19.00 10.12 -0.28
N VAL A 24 -18.12 10.26 0.71
CA VAL A 24 -18.17 9.42 1.90
C VAL A 24 -19.55 9.47 2.55
N ARG A 25 -20.18 10.63 2.50
CA ARG A 25 -21.51 10.80 3.07
C ARG A 25 -22.47 9.73 2.55
N VAL A 26 -22.22 9.27 1.33
CA VAL A 26 -23.06 8.25 0.71
C VAL A 26 -22.69 6.86 1.22
N LEU A 27 -21.42 6.66 1.55
CA LEU A 27 -20.94 5.37 2.04
C LEU A 27 -19.81 5.53 3.04
N PRO A 28 -20.12 6.05 4.24
CA PRO A 28 -19.12 6.22 5.30
C PRO A 28 -18.53 4.88 5.72
N SER A 29 -19.25 3.80 5.41
CA SER A 29 -18.82 2.46 5.75
C SER A 29 -17.97 1.86 4.64
N SER A 30 -18.40 2.04 3.39
CA SER A 30 -17.66 1.50 2.25
C SER A 30 -16.22 2.00 2.27
N LEU A 31 -16.04 3.28 2.58
CA LEU A 31 -14.72 3.87 2.63
C LEU A 31 -13.86 3.17 3.68
N GLU A 32 -14.50 2.68 4.74
CA GLU A 32 -13.78 1.98 5.80
C GLU A 32 -12.99 0.81 5.26
N ILE A 33 -13.63 -0.01 4.42
CA ILE A 33 -12.97 -1.17 3.82
C ILE A 33 -11.72 -0.76 3.06
N PHE A 34 -11.86 0.25 2.21
CA PHE A 34 -10.74 0.75 1.41
C PHE A 34 -9.63 1.29 2.31
N GLU A 35 -10.00 1.78 3.49
CA GLU A 35 -9.03 2.32 4.43
C GLU A 35 -7.99 1.28 4.80
N GLU A 36 -8.45 0.06 5.07
CA GLU A 36 -7.56 -1.04 5.44
C GLU A 36 -6.90 -1.64 4.20
N LEU A 37 -7.56 -1.49 3.05
CA LEU A 37 -7.05 -2.04 1.80
C LEU A 37 -5.97 -1.13 1.21
N TYR A 38 -6.26 0.16 1.10
CA TYR A 38 -5.30 1.12 0.55
C TYR A 38 -4.01 1.12 1.35
N LYS A 39 -4.13 0.91 2.66
CA LYS A 39 -2.96 0.89 3.54
C LYS A 39 -2.27 -0.47 3.47
N TYR A 40 -3.05 -1.51 3.21
CA TYR A 40 -2.51 -2.87 3.13
C TYR A 40 -1.63 -3.02 1.89
N ALA A 41 -2.16 -2.62 0.73
CA ALA A 41 -1.43 -2.71 -0.52
C ALA A 41 -0.16 -1.87 -0.49
N LEU A 42 -0.16 -0.83 0.34
CA LEU A 42 1.00 0.05 0.46
C LEU A 42 2.25 -0.74 0.86
N ASN A 43 2.05 -1.75 1.70
CA ASN A 43 3.16 -2.58 2.16
C ASN A 43 3.56 -3.62 1.12
N GLU A 44 2.59 -4.02 0.30
CA GLU A 44 2.83 -5.01 -0.74
C GLU A 44 3.96 -4.57 -1.68
N ASN A 45 4.17 -3.25 -1.77
CA ASN A 45 5.22 -2.71 -2.62
C ASN A 45 6.58 -3.30 -2.27
N SER A 46 6.77 -3.63 -1.00
CA SER A 46 8.02 -4.20 -0.53
C SER A 46 8.03 -5.72 -0.72
N ASN A 47 9.23 -6.28 -0.83
CA ASN A 47 9.37 -7.73 -1.01
C ASN A 47 10.79 -8.18 -0.67
N ASP A 48 11.41 -7.48 0.27
CA ASP A 48 12.77 -7.81 0.69
C ASP A 48 12.82 -9.18 1.37
N ARG A 49 13.97 -9.82 1.31
CA ARG A 49 14.15 -11.14 1.92
C ARG A 49 13.22 -12.16 1.29
N SER A 50 13.66 -13.42 1.27
CA SER A 50 12.87 -14.50 0.69
C SER A 50 13.56 -15.84 0.87
N GLU A 51 14.83 -15.91 0.48
CA GLU A 51 15.60 -17.13 0.60
C GLU A 51 16.31 -17.21 1.95
N HIS A 52 16.74 -18.41 2.32
CA HIS A 52 17.44 -18.62 3.58
C HIS A 52 18.91 -18.91 3.36
N HIS A 53 19.63 -19.15 4.46
CA HIS A 53 21.06 -19.45 4.37
C HIS A 53 21.30 -20.79 3.69
N LYS A 54 21.55 -20.73 2.39
CA LYS A 54 21.80 -21.95 1.61
C LYS A 54 23.30 -22.18 1.43
N LYS A 55 23.68 -23.44 1.19
CA LYS A 55 25.08 -23.78 0.98
C LYS A 55 25.24 -25.30 0.79
N PRO A 56 24.82 -26.10 1.77
CA PRO A 56 24.93 -27.57 1.69
C PRO A 56 24.01 -28.16 0.63
N ARG A 57 24.61 -28.69 -0.44
CA ARG A 57 23.85 -29.28 -1.53
C ARG A 57 24.38 -30.66 -1.87
N ILE A 58 24.48 -31.53 -0.86
CA ILE A 58 24.98 -32.88 -1.07
C ILE A 58 26.31 -32.88 -1.80
N ASP A 59 27.39 -32.67 -1.06
CA ASP A 59 28.74 -32.64 -1.64
C ASP A 59 29.80 -32.84 -0.58
N ASP A 60 30.88 -33.53 -0.94
CA ASP A 60 31.98 -33.79 -0.02
C ASP A 60 33.12 -32.81 -0.24
N SER A 61 32.78 -31.60 -0.67
CA SER A 61 33.78 -30.57 -0.93
C SER A 61 33.31 -29.21 -0.41
N SER A 62 33.24 -29.08 0.91
CA SER A 62 32.80 -27.83 1.53
C SER A 62 32.95 -27.90 3.04
N ASP A 63 34.04 -28.52 3.50
CA ASP A 63 34.29 -28.65 4.93
C ASP A 63 35.09 -27.47 5.46
N LEU A 64 34.62 -26.86 6.54
CA LEU A 64 35.30 -25.72 7.14
C LEU A 64 35.32 -25.84 8.66
N LEU A 65 36.44 -25.47 9.27
CA LEU A 65 36.60 -25.53 10.71
C LEU A 65 37.83 -24.75 11.16
N LYS A 66 37.64 -23.87 12.13
CA LYS A 66 38.73 -23.06 12.66
C LYS A 66 38.92 -23.30 14.16
N THR A 67 37.86 -23.08 14.93
CA THR A 67 37.91 -23.28 16.37
C THR A 67 36.78 -24.21 16.82
N ASP A 68 37.06 -25.00 17.85
CA ASP A 68 36.07 -25.93 18.38
C ASP A 68 35.26 -25.29 19.50
N GLU A 69 33.94 -25.35 19.37
CA GLU A 69 33.04 -24.77 20.36
C GLU A 69 31.81 -25.66 20.57
N ILE A 70 30.96 -25.70 19.55
CA ILE A 70 29.73 -26.51 19.62
C ILE A 70 29.01 -26.35 20.96
N GLY B 1 -17.35 -4.96 -28.53
CA GLY B 1 -17.61 -6.37 -28.93
C GLY B 1 -16.67 -7.34 -28.23
N HIS B 2 -16.33 -7.06 -26.98
CA HIS B 2 -15.44 -7.91 -26.21
C HIS B 2 -15.71 -7.76 -24.72
N MET B 3 -15.63 -8.88 -23.99
CA MET B 3 -15.87 -8.87 -22.55
C MET B 3 -14.74 -8.14 -21.82
N MET B 4 -15.07 -6.99 -21.26
CA MET B 4 -14.09 -6.19 -20.52
C MET B 4 -14.45 -6.12 -19.04
N SER B 5 -13.60 -6.72 -18.21
CA SER B 5 -13.81 -6.73 -16.76
C SER B 5 -12.62 -6.14 -16.03
N LYS B 6 -12.89 -5.48 -14.91
CA LYS B 6 -11.83 -4.87 -14.11
C LYS B 6 -10.92 -5.93 -13.51
N LEU B 7 -9.61 -5.73 -13.65
CA LEU B 7 -8.63 -6.67 -13.13
C LEU B 7 -8.08 -6.20 -11.79
N PHE B 8 -8.90 -5.47 -11.04
CA PHE B 8 -8.49 -4.95 -9.74
C PHE B 8 -9.14 -5.76 -8.61
N LEU B 9 -10.34 -6.26 -8.87
CA LEU B 9 -11.06 -7.05 -7.87
C LEU B 9 -10.89 -8.54 -8.13
N ASP B 10 -9.74 -8.91 -8.70
CA ASP B 10 -9.45 -10.31 -8.99
C ASP B 10 -8.06 -10.70 -8.52
N GLU B 11 -7.42 -9.82 -7.74
CA GLU B 11 -6.08 -10.08 -7.22
C GLU B 11 -6.04 -9.90 -5.71
N LEU B 12 -6.41 -8.69 -5.26
CA LEU B 12 -6.41 -8.38 -3.84
C LEU B 12 -7.11 -9.48 -3.04
N PRO B 13 -6.95 -9.49 -1.70
CA PRO B 13 -7.57 -10.49 -0.84
C PRO B 13 -9.02 -10.78 -1.22
N GLU B 14 -9.21 -11.81 -2.04
CA GLU B 14 -10.53 -12.19 -2.51
C GLU B 14 -11.53 -12.27 -1.35
N SER B 15 -11.03 -12.57 -0.16
CA SER B 15 -11.88 -12.65 1.02
C SER B 15 -12.58 -11.33 1.28
N LEU B 16 -11.83 -10.24 1.18
CA LEU B 16 -12.38 -8.90 1.40
C LEU B 16 -13.11 -8.41 0.16
N SER B 17 -12.59 -8.77 -1.01
CA SER B 17 -13.20 -8.36 -2.28
C SER B 17 -14.67 -8.77 -2.33
N ARG B 18 -15.02 -9.82 -1.61
CA ARG B 18 -16.40 -10.29 -1.57
C ARG B 18 -17.34 -9.20 -1.08
N LYS B 19 -16.92 -8.50 -0.02
CA LYS B 19 -17.73 -7.43 0.54
C LYS B 19 -17.60 -6.16 -0.28
N ILE B 20 -16.42 -5.94 -0.84
CA ILE B 20 -16.16 -4.75 -1.66
C ILE B 20 -16.98 -4.81 -2.94
N GLY B 21 -16.91 -5.93 -3.64
CA GLY B 21 -17.66 -6.09 -4.88
C GLY B 21 -19.15 -5.90 -4.67
N THR B 22 -19.61 -6.17 -3.46
CA THR B 22 -21.03 -6.03 -3.13
C THR B 22 -21.37 -4.57 -2.87
N VAL B 23 -20.44 -3.84 -2.26
CA VAL B 23 -20.65 -2.43 -1.95
C VAL B 23 -20.42 -1.54 -3.17
N VAL B 24 -19.56 -1.99 -4.07
CA VAL B 24 -19.25 -1.23 -5.28
C VAL B 24 -20.52 -0.92 -6.07
N ARG B 25 -21.51 -1.81 -5.97
CA ARG B 25 -22.77 -1.62 -6.68
C ARG B 25 -23.39 -0.27 -6.33
N VAL B 26 -23.24 0.13 -5.08
CA VAL B 26 -23.77 1.40 -4.61
C VAL B 26 -22.88 2.56 -5.00
N LEU B 27 -21.58 2.39 -4.80
CA LEU B 27 -20.60 3.42 -5.12
C LEU B 27 -19.51 2.88 -6.04
N PRO B 28 -19.83 2.64 -7.33
CA PRO B 28 -18.87 2.13 -8.30
C PRO B 28 -17.83 3.16 -8.69
N SER B 29 -18.22 4.44 -8.63
CA SER B 29 -17.33 5.53 -8.98
C SER B 29 -16.46 5.91 -7.78
N SER B 30 -17.04 5.81 -6.59
CA SER B 30 -16.31 6.15 -5.36
C SER B 30 -15.07 5.27 -5.21
N LEU B 31 -15.24 3.97 -5.48
CA LEU B 31 -14.13 3.03 -5.36
C LEU B 31 -12.99 3.43 -6.30
N GLU B 32 -13.32 4.09 -7.40
CA GLU B 32 -12.33 4.51 -8.37
C GLU B 32 -11.29 5.43 -7.71
N ILE B 33 -11.77 6.42 -6.97
CA ILE B 33 -10.88 7.37 -6.29
C ILE B 33 -9.93 6.64 -5.34
N PHE B 34 -10.48 5.78 -4.50
CA PHE B 34 -9.67 5.04 -3.54
C PHE B 34 -8.63 4.17 -4.25
N GLU B 35 -8.99 3.69 -5.44
CA GLU B 35 -8.09 2.85 -6.22
C GLU B 35 -6.86 3.64 -6.64
N GLU B 36 -7.05 4.90 -7.00
CA GLU B 36 -5.95 5.76 -7.40
C GLU B 36 -5.21 6.32 -6.18
N LEU B 37 -5.91 6.37 -5.06
CA LEU B 37 -5.32 6.88 -3.82
C LEU B 37 -4.22 5.95 -3.32
N TYR B 38 -4.54 4.65 -3.22
CA TYR B 38 -3.58 3.66 -2.75
C TYR B 38 -2.37 3.59 -3.70
N LYS B 39 -2.62 3.77 -4.99
CA LYS B 39 -1.56 3.73 -5.99
C LYS B 39 -0.75 5.02 -5.96
N TYR B 40 -1.42 6.12 -5.65
CA TYR B 40 -0.77 7.42 -5.59
C TYR B 40 0.11 7.53 -4.35
N ALA B 41 -0.45 7.15 -3.21
CA ALA B 41 0.28 7.19 -1.94
C ALA B 41 1.42 6.18 -1.92
N LEU B 42 1.42 5.25 -2.87
CA LEU B 42 2.46 4.23 -2.94
C LEU B 42 3.76 4.82 -3.50
N ASN B 43 3.64 5.82 -4.36
CA ASN B 43 4.81 6.46 -4.95
C ASN B 43 5.42 7.47 -4.00
N GLU B 44 4.57 8.22 -3.30
CA GLU B 44 5.03 9.22 -2.36
C GLU B 44 5.66 8.57 -1.13
N ASN B 45 5.22 7.35 -0.83
CA ASN B 45 5.75 6.61 0.32
C ASN B 45 7.27 6.46 0.23
N SER B 46 7.79 6.47 -1.00
CA SER B 46 9.21 6.33 -1.23
C SER B 46 9.71 4.98 -0.73
N ASN B 47 10.71 4.44 -1.42
CA ASN B 47 11.29 3.15 -1.06
C ASN B 47 12.74 3.29 -0.61
N ASP B 48 13.45 4.23 -1.24
CA ASP B 48 14.85 4.47 -0.91
C ASP B 48 15.04 5.87 -0.32
N ARG B 49 14.86 6.88 -1.14
CA ARG B 49 15.02 8.27 -0.70
C ARG B 49 16.44 8.53 -0.23
N SER B 50 16.72 9.79 0.10
CA SER B 50 18.06 10.17 0.57
C SER B 50 19.12 9.87 -0.49
N GLU B 51 20.27 10.53 -0.37
CA GLU B 51 21.36 10.33 -1.31
C GLU B 51 22.67 10.07 -0.58
N HIS B 52 22.73 8.96 0.16
CA HIS B 52 23.92 8.60 0.90
C HIS B 52 25.06 8.23 -0.04
N HIS B 53 26.01 9.14 -0.19
CA HIS B 53 27.16 8.92 -1.06
C HIS B 53 28.28 8.22 -0.31
N LYS B 54 28.88 8.92 0.66
CA LYS B 54 29.96 8.36 1.45
C LYS B 54 31.15 8.02 0.57
N LYS B 55 32.35 7.97 1.17
CA LYS B 55 33.56 7.64 0.44
C LYS B 55 33.95 6.18 0.66
N PRO B 56 34.61 5.58 -0.34
CA PRO B 56 35.04 4.18 -0.26
C PRO B 56 36.21 3.98 0.70
N ARG B 57 35.97 4.29 1.98
CA ARG B 57 37.01 4.16 3.01
C ARG B 57 36.40 3.76 4.34
N ILE B 58 36.66 2.53 4.76
CA ILE B 58 36.14 2.03 6.03
C ILE B 58 37.23 1.34 6.85
N ASP B 59 38.02 0.51 6.18
CA ASP B 59 39.10 -0.22 6.83
C ASP B 59 40.45 0.12 6.21
N ASP B 60 40.47 0.19 4.88
CA ASP B 60 41.69 0.52 4.16
C ASP B 60 41.77 2.01 3.85
N SER B 61 42.49 2.74 4.70
CA SER B 61 42.65 4.19 4.51
C SER B 61 44.07 4.63 4.87
N SER B 62 44.65 5.46 4.01
CA SER B 62 46.00 5.96 4.24
C SER B 62 45.97 7.33 4.90
N ASP B 63 46.59 7.42 6.09
CA ASP B 63 46.64 8.68 6.82
C ASP B 63 48.02 9.31 6.73
N LEU B 64 49.05 8.47 6.62
CA LEU B 64 50.42 8.95 6.53
C LEU B 64 51.01 8.63 5.16
N LEU B 65 52.22 9.14 4.91
CA LEU B 65 52.89 8.90 3.64
C LEU B 65 52.07 9.44 2.48
N LYS B 66 52.62 9.34 1.27
CA LYS B 66 51.94 9.82 0.07
C LYS B 66 51.68 11.32 0.16
N THR B 67 52.67 12.06 0.65
CA THR B 67 52.55 13.50 0.79
C THR B 67 53.32 14.21 -0.31
N ASP B 68 54.42 13.61 -0.75
CA ASP B 68 55.24 14.20 -1.80
C ASP B 68 55.91 13.10 -2.63
N GLU B 69 55.16 12.04 -2.92
CA GLU B 69 55.68 10.94 -3.71
C GLU B 69 54.60 10.36 -4.62
N ILE B 70 54.83 10.43 -5.92
CA ILE B 70 53.87 9.92 -6.90
C ILE B 70 53.85 8.39 -6.89
#